data_6DMF
#
_entry.id   6DMF
#
_cell.length_a   228.845
_cell.length_b   228.845
_cell.length_c   246.517
_cell.angle_alpha   90.000
_cell.angle_beta   90.000
_cell.angle_gamma   120.000
#
_symmetry.space_group_name_H-M   'P 61'
#
loop_
_entity.id
_entity.type
_entity.pdbx_description
1 polymer 'mixed-linkage glucan utilization locus (MLGUL) SGBP-B'
2 branched beta-D-glucopyranose-(1-4)-beta-D-glucopyranose-(1-4)-beta-D-glucopyranose-(1-4)-beta-D-glucopyranose-(1-4)-beta-D-glucopyranose
3 branched beta-D-glucopyranose-(1-4)-beta-D-glucopyranose-(1-4)-beta-D-glucopyranose-(1-4)-beta-D-glucopyranose-(1-4)-beta-D-glucopyranose-(1-4)-beta-D-glucopyranose
4 non-polymer 'MAGNESIUM ION'
5 non-polymer 'ACETATE ION'
6 non-polymer DI(HYDROXYETHYL)ETHER
7 non-polymer 1,2-ETHANEDIOL
8 water water
#
_entity_poly.entity_id   1
_entity_poly.type   'polypeptide(L)'
_entity_poly.pdbx_seq_one_letter_code
;IDPNAQLTTAQLQTYGDLSMMEIYRNYHYAFTQQLMGCWNTTNYGGRHTLDNNEMSRIWTSFYTQSLKNIIDAQYRTAED
AEKVNINSVLRIYRVYLMSIITDTYGDAPFSEAGLGFLEGKFNPKYDKQEDIYNAFFLELEDAVNKIDPTKDKVTGDLIY
AGDVTKWQQLANSLRLRFAMRISSVNPTKAQTEFENALAANGGVITDASSDALIKYMTIAFSFGQEAYSDYRGNSLSQLL
FGNDPANNPSYLCSTFFNQLYNSGDPRTFKISRCYYDGLMSATSPDNRVDITQEMIEKGIAFSPRDPGAYSWEPWPTGYD
SDICAELAVNNPSVTATMAREVEPKLANNFLKSDNPGVVMTSAEVKFLMAEATVKKWNVGSVSAEDLYKQGVRAAIDFLT
DNYGCTATTDAEFDAFIQDKGAFGHTDNQKLEAINTQAWILHFTNPAECWANVRRSGYPKLKSPAEYGFGQYLTGGTEIP
VRLCYPVLESSYNKKSYNEAIERMGGTDNWHSLLWWDTEN
;
_entity_poly.pdbx_strand_id   A,B,C,D,E,F,G,H,I,J
#
# COMPACT_ATOMS: atom_id res chain seq x y z
N ILE A 1 -37.48 -29.97 -36.68
CA ILE A 1 -37.48 -30.51 -38.08
C ILE A 1 -36.22 -31.36 -38.29
N ASP A 2 -35.04 -30.75 -38.03
CA ASP A 2 -33.71 -31.32 -38.33
C ASP A 2 -33.48 -32.58 -37.50
N PRO A 3 -33.27 -33.77 -38.14
CA PRO A 3 -33.12 -35.02 -37.40
C PRO A 3 -31.93 -35.10 -36.44
N ASN A 4 -30.88 -34.30 -36.68
CA ASN A 4 -29.69 -34.27 -35.82
C ASN A 4 -30.03 -33.61 -34.48
N ALA A 5 -30.81 -32.52 -34.52
CA ALA A 5 -31.25 -31.84 -33.29
C ALA A 5 -32.24 -32.74 -32.53
N GLN A 6 -33.04 -33.53 -33.27
CA GLN A 6 -33.99 -34.47 -32.66
C GLN A 6 -33.22 -35.48 -31.80
N LEU A 7 -32.07 -35.95 -32.29
CA LEU A 7 -31.25 -36.91 -31.56
C LEU A 7 -30.74 -36.29 -30.25
N THR A 8 -30.27 -35.04 -30.33
CA THR A 8 -29.79 -34.29 -29.17
C THR A 8 -30.84 -34.30 -28.05
N THR A 9 -32.06 -33.87 -28.40
CA THR A 9 -33.17 -33.75 -27.47
C THR A 9 -33.44 -35.11 -26.82
N ALA A 10 -33.52 -36.16 -27.65
CA ALA A 10 -33.83 -37.52 -27.20
C ALA A 10 -32.82 -37.98 -26.14
N GLN A 11 -31.53 -37.71 -26.40
CA GLN A 11 -30.44 -38.08 -25.50
C GLN A 11 -30.54 -37.29 -24.19
N LEU A 12 -30.83 -35.99 -24.29
CA LEU A 12 -30.92 -35.14 -23.11
C LEU A 12 -32.09 -35.58 -22.22
N GLN A 13 -33.24 -35.94 -22.82
CA GLN A 13 -34.47 -36.24 -22.05
C GLN A 13 -34.28 -37.51 -21.21
N THR A 14 -33.43 -38.43 -21.67
CA THR A 14 -33.24 -39.76 -21.08
C THR A 14 -33.01 -39.68 -19.56
N TYR A 15 -32.25 -38.67 -19.12
CA TYR A 15 -32.06 -38.40 -17.69
C TYR A 15 -32.28 -36.92 -17.34
N GLY A 16 -32.64 -36.11 -18.33
CA GLY A 16 -32.79 -34.66 -18.16
C GLY A 16 -34.17 -34.27 -17.67
N ASP A 17 -35.16 -35.10 -17.97
CA ASP A 17 -36.57 -34.83 -17.70
C ASP A 17 -36.83 -35.02 -16.20
N LEU A 18 -37.01 -33.90 -15.48
CA LEU A 18 -37.18 -33.88 -14.01
C LEU A 18 -38.48 -34.61 -13.63
N SER A 19 -39.51 -34.46 -14.47
CA SER A 19 -40.80 -35.14 -14.27
C SER A 19 -40.60 -36.67 -14.28
N MET A 20 -39.87 -37.19 -15.28
CA MET A 20 -39.78 -38.63 -15.52
C MET A 20 -38.95 -39.33 -14.44
N MET A 21 -37.89 -38.68 -13.96
CA MET A 21 -36.93 -39.33 -13.04
C MET A 21 -37.60 -39.68 -11.70
N GLU A 22 -38.74 -39.04 -11.38
CA GLU A 22 -39.54 -39.36 -10.18
C GLU A 22 -39.81 -40.87 -10.10
N ILE A 23 -40.04 -41.48 -11.26
CA ILE A 23 -40.42 -42.88 -11.29
C ILE A 23 -39.29 -43.73 -10.68
N TYR A 24 -38.03 -43.37 -10.96
CA TYR A 24 -36.88 -44.19 -10.57
C TYR A 24 -36.66 -44.13 -9.06
N ARG A 25 -36.77 -42.93 -8.48
CA ARG A 25 -36.62 -42.73 -7.04
C ARG A 25 -37.82 -43.33 -6.28
N ASN A 26 -39.02 -43.27 -6.88
CA ASN A 26 -40.25 -43.77 -6.23
C ASN A 26 -40.29 -45.30 -6.25
N TYR A 27 -39.87 -45.93 -7.36
CA TYR A 27 -40.16 -47.35 -7.60
C TYR A 27 -38.86 -48.15 -7.78
N HIS A 28 -38.13 -47.89 -8.88
CA HIS A 28 -37.01 -48.74 -9.28
C HIS A 28 -36.04 -48.96 -8.12
N TYR A 29 -35.61 -47.87 -7.48
CA TYR A 29 -34.53 -47.93 -6.50
C TYR A 29 -34.93 -48.73 -5.25
N ALA A 30 -36.24 -48.80 -4.97
CA ALA A 30 -36.81 -49.59 -3.86
C ALA A 30 -36.94 -51.06 -4.29
N PHE A 31 -37.41 -51.31 -5.51
CA PHE A 31 -37.58 -52.66 -6.03
C PHE A 31 -36.23 -53.38 -6.14
N THR A 32 -35.15 -52.63 -6.44
CA THR A 32 -33.80 -53.21 -6.56
C THR A 32 -33.11 -53.21 -5.18
N GLN A 33 -33.77 -52.62 -4.18
CA GLN A 33 -33.30 -52.57 -2.77
C GLN A 33 -31.89 -51.95 -2.71
N GLN A 34 -31.70 -50.87 -3.46
CA GLN A 34 -30.47 -50.06 -3.43
C GLN A 34 -30.69 -48.84 -2.52
N LEU A 35 -31.86 -48.17 -2.63
CA LEU A 35 -32.24 -47.06 -1.72
C LEU A 35 -33.55 -47.36 -0.97
N MET A 36 -33.59 -46.87 0.28
CA MET A 36 -34.72 -47.01 1.18
C MET A 36 -34.54 -46.04 2.35
N GLY A 37 -35.65 -45.42 2.80
CA GLY A 37 -35.69 -44.53 3.96
C GLY A 37 -36.29 -43.17 3.64
N CYS A 38 -35.93 -42.65 2.46
CA CYS A 38 -36.53 -41.46 1.88
C CYS A 38 -38.04 -41.67 1.76
N TRP A 39 -38.81 -40.64 2.11
CA TRP A 39 -40.25 -40.78 2.18
C TRP A 39 -40.80 -41.34 0.86
N ASN A 40 -40.31 -40.79 -0.27
CA ASN A 40 -40.87 -41.12 -1.60
C ASN A 40 -40.59 -42.60 -1.91
N THR A 41 -39.34 -43.00 -1.71
CA THR A 41 -38.87 -44.35 -2.04
C THR A 41 -39.63 -45.38 -1.18
N THR A 42 -39.72 -45.12 0.12
CA THR A 42 -40.31 -46.07 1.03
C THR A 42 -41.82 -46.18 0.76
N ASN A 43 -42.49 -45.03 0.65
CA ASN A 43 -43.95 -44.94 0.54
C ASN A 43 -44.43 -45.67 -0.73
N TYR A 44 -43.76 -45.40 -1.86
CA TYR A 44 -44.22 -45.90 -3.16
C TYR A 44 -43.73 -47.32 -3.35
N GLY A 45 -42.46 -47.48 -3.73
CA GLY A 45 -41.89 -48.78 -4.06
C GLY A 45 -41.67 -49.63 -2.82
N GLY A 46 -41.19 -49.01 -1.74
CA GLY A 46 -40.85 -49.72 -0.50
C GLY A 46 -42.05 -50.41 0.15
N ARG A 47 -43.26 -49.88 -0.05
CA ARG A 47 -44.48 -50.41 0.59
C ARG A 47 -45.56 -50.77 -0.44
N HIS A 48 -45.16 -50.85 -1.72
CA HIS A 48 -46.00 -51.35 -2.82
C HIS A 48 -47.30 -50.55 -2.95
N THR A 49 -47.21 -49.21 -2.96
CA THR A 49 -48.36 -48.37 -3.23
C THR A 49 -48.60 -48.31 -4.74
N LEU A 50 -49.74 -48.83 -5.18
CA LEU A 50 -50.25 -48.66 -6.54
C LEU A 50 -50.72 -47.22 -6.73
N ASP A 51 -50.08 -46.50 -7.65
CA ASP A 51 -50.46 -45.14 -8.01
C ASP A 51 -50.24 -45.00 -9.53
N ASN A 52 -51.35 -44.93 -10.27
CA ASN A 52 -51.32 -44.99 -11.74
C ASN A 52 -50.48 -43.84 -12.31
N ASN A 53 -50.66 -42.63 -11.75
CA ASN A 53 -50.02 -41.41 -12.26
C ASN A 53 -48.50 -41.50 -12.09
N GLU A 54 -48.06 -41.96 -10.91
CA GLU A 54 -46.64 -42.14 -10.62
C GLU A 54 -46.03 -43.24 -11.51
N MET A 55 -46.84 -44.24 -11.88
CA MET A 55 -46.39 -45.38 -12.67
C MET A 55 -46.30 -45.03 -14.17
N SER A 56 -46.94 -43.92 -14.58
CA SER A 56 -47.20 -43.61 -16.00
C SER A 56 -46.07 -42.77 -16.63
N ARG A 57 -45.07 -42.39 -15.85
CA ARG A 57 -44.21 -41.25 -16.18
C ARG A 57 -43.33 -41.56 -17.40
N ILE A 58 -42.81 -42.80 -17.47
CA ILE A 58 -41.95 -43.23 -18.60
C ILE A 58 -42.78 -43.19 -19.89
N TRP A 59 -43.94 -43.87 -19.85
CA TRP A 59 -44.89 -43.96 -20.97
C TRP A 59 -45.19 -42.57 -21.53
N THR A 60 -45.64 -41.68 -20.66
CA THR A 60 -46.09 -40.36 -21.08
C THR A 60 -44.89 -39.57 -21.64
N SER A 61 -43.78 -39.55 -20.90
CA SER A 61 -42.67 -38.68 -21.24
C SER A 61 -42.14 -39.02 -22.64
N PHE A 62 -42.00 -40.33 -22.94
CA PHE A 62 -41.35 -40.80 -24.17
C PHE A 62 -42.30 -40.73 -25.38
N TYR A 63 -43.54 -41.21 -25.23
CA TYR A 63 -44.49 -41.26 -26.36
C TYR A 63 -44.90 -39.84 -26.78
N THR A 64 -44.85 -38.85 -25.87
CA THR A 64 -45.24 -37.46 -26.22
C THR A 64 -44.03 -36.64 -26.68
N GLN A 65 -42.80 -37.10 -26.37
CA GLN A 65 -41.59 -36.34 -26.72
C GLN A 65 -40.58 -37.21 -27.48
N SER A 66 -39.56 -37.74 -26.79
CA SER A 66 -38.36 -38.26 -27.45
C SER A 66 -38.72 -39.30 -28.52
N LEU A 67 -39.43 -40.35 -28.10
CA LEU A 67 -39.71 -41.49 -28.97
C LEU A 67 -40.57 -41.05 -30.16
N LYS A 68 -41.50 -40.10 -29.93
CA LYS A 68 -42.33 -39.55 -31.01
C LYS A 68 -41.44 -38.79 -32.01
N ASN A 69 -40.53 -37.97 -31.49
CA ASN A 69 -39.64 -37.13 -32.29
C ASN A 69 -38.67 -38.00 -33.12
N ILE A 70 -38.10 -39.01 -32.46
CA ILE A 70 -37.14 -39.91 -33.08
C ILE A 70 -37.84 -40.69 -34.20
N ILE A 71 -39.02 -41.25 -33.92
CA ILE A 71 -39.77 -42.03 -34.91
C ILE A 71 -39.98 -41.19 -36.17
N ASP A 72 -40.34 -39.91 -35.96
CA ASP A 72 -40.58 -38.96 -37.05
C ASP A 72 -39.28 -38.74 -37.84
N ALA A 73 -38.20 -38.43 -37.11
CA ALA A 73 -36.90 -38.16 -37.70
C ALA A 73 -36.41 -39.37 -38.53
N GLN A 74 -36.62 -40.59 -38.00
CA GLN A 74 -36.26 -41.83 -38.70
C GLN A 74 -37.05 -41.92 -40.02
N TYR A 75 -38.35 -41.57 -39.95
CA TYR A 75 -39.28 -41.73 -41.08
C TYR A 75 -38.94 -40.76 -42.21
N ARG A 76 -38.55 -39.52 -41.85
CA ARG A 76 -38.18 -38.47 -42.82
C ARG A 76 -36.81 -38.78 -43.45
N THR A 77 -36.00 -39.56 -42.73
CA THR A 77 -34.60 -39.83 -43.05
C THR A 77 -34.46 -41.23 -43.70
N ALA A 78 -35.50 -42.05 -43.60
CA ALA A 78 -35.44 -43.52 -43.73
C ALA A 78 -34.70 -43.96 -45.01
N GLU A 79 -35.21 -43.57 -46.18
CA GLU A 79 -34.80 -44.15 -47.47
C GLU A 79 -33.90 -43.18 -48.24
N ASP A 80 -32.88 -42.65 -47.55
CA ASP A 80 -31.98 -41.66 -48.12
C ASP A 80 -30.53 -42.14 -47.96
N ALA A 81 -29.91 -42.47 -49.10
CA ALA A 81 -28.53 -42.93 -49.14
C ALA A 81 -27.59 -41.87 -48.55
N GLU A 82 -27.93 -40.58 -48.73
CA GLU A 82 -27.07 -39.45 -48.34
C GLU A 82 -27.34 -39.03 -46.89
N LYS A 83 -28.16 -39.79 -46.14
CA LYS A 83 -28.49 -39.50 -44.74
C LYS A 83 -28.54 -40.80 -43.93
N VAL A 84 -27.68 -41.76 -44.32
CA VAL A 84 -27.78 -43.14 -43.89
C VAL A 84 -27.25 -43.31 -42.46
N ASN A 85 -26.31 -42.43 -42.05
CA ASN A 85 -25.73 -42.48 -40.69
C ASN A 85 -26.73 -41.96 -39.65
N ILE A 86 -27.23 -40.73 -39.86
CA ILE A 86 -28.16 -40.15 -38.91
C ILE A 86 -29.39 -41.07 -38.80
N ASN A 87 -29.77 -41.69 -39.92
CA ASN A 87 -30.86 -42.66 -39.95
C ASN A 87 -30.56 -43.81 -39.00
N SER A 88 -29.40 -44.44 -39.19
CA SER A 88 -29.02 -45.64 -38.48
C SER A 88 -28.86 -45.38 -36.98
N VAL A 89 -28.37 -44.18 -36.62
CA VAL A 89 -28.17 -43.80 -35.23
C VAL A 89 -29.55 -43.62 -34.56
N LEU A 90 -30.46 -42.93 -35.24
CA LEU A 90 -31.83 -42.77 -34.75
C LEU A 90 -32.45 -44.15 -34.49
N ARG A 91 -32.26 -45.10 -35.43
CA ARG A 91 -32.84 -46.44 -35.32
C ARG A 91 -32.32 -47.13 -34.05
N ILE A 92 -31.03 -46.93 -33.76
CA ILE A 92 -30.36 -47.54 -32.62
C ILE A 92 -30.90 -46.92 -31.32
N TYR A 93 -31.03 -45.59 -31.29
CA TYR A 93 -31.49 -44.91 -30.08
C TYR A 93 -33.01 -45.08 -29.92
N ARG A 94 -33.74 -45.27 -31.02
CA ARG A 94 -35.17 -45.58 -30.96
C ARG A 94 -35.35 -46.91 -30.21
N VAL A 95 -34.53 -47.90 -30.57
CA VAL A 95 -34.56 -49.24 -29.97
C VAL A 95 -34.30 -49.13 -28.46
N TYR A 96 -33.32 -48.30 -28.07
CA TYR A 96 -32.94 -48.17 -26.67
C TYR A 96 -34.12 -47.60 -25.86
N LEU A 97 -34.70 -46.50 -26.34
CA LEU A 97 -35.81 -45.86 -25.65
C LEU A 97 -37.00 -46.83 -25.56
N MET A 98 -37.26 -47.58 -26.65
CA MET A 98 -38.35 -48.55 -26.67
C MET A 98 -38.08 -49.68 -25.68
N SER A 99 -36.80 -50.06 -25.52
CA SER A 99 -36.40 -51.10 -24.57
C SER A 99 -36.81 -50.71 -23.14
N ILE A 100 -36.76 -49.42 -22.82
CA ILE A 100 -37.12 -48.92 -21.49
C ILE A 100 -38.64 -49.05 -21.28
N ILE A 101 -39.41 -48.73 -22.33
CA ILE A 101 -40.86 -48.80 -22.25
C ILE A 101 -41.29 -50.26 -22.04
N THR A 102 -40.85 -51.17 -22.92
CA THR A 102 -41.31 -52.57 -22.89
C THR A 102 -40.82 -53.29 -21.63
N ASP A 103 -39.69 -52.84 -21.05
CA ASP A 103 -39.12 -53.45 -19.85
C ASP A 103 -39.80 -52.92 -18.58
N THR A 104 -40.52 -51.79 -18.70
CA THR A 104 -41.31 -51.23 -17.59
C THR A 104 -42.72 -51.85 -17.62
N TYR A 105 -43.43 -51.56 -18.71
CA TYR A 105 -44.73 -52.11 -19.06
C TYR A 105 -44.46 -53.20 -20.09
N GLY A 106 -45.38 -54.15 -20.31
CA GLY A 106 -45.05 -55.28 -21.21
C GLY A 106 -45.23 -54.93 -22.68
N ASP A 107 -46.24 -55.54 -23.30
CA ASP A 107 -46.64 -55.23 -24.67
C ASP A 107 -46.90 -53.72 -24.77
N ALA A 108 -46.56 -53.10 -25.91
CA ALA A 108 -46.67 -51.65 -26.08
C ALA A 108 -46.57 -51.26 -27.55
N PRO A 109 -47.06 -50.06 -27.95
CA PRO A 109 -46.87 -49.56 -29.31
C PRO A 109 -45.39 -49.43 -29.70
N PHE A 110 -45.04 -49.96 -30.87
CA PHE A 110 -43.72 -49.80 -31.47
C PHE A 110 -43.87 -49.63 -32.99
N SER A 111 -44.24 -50.73 -33.67
CA SER A 111 -44.34 -50.74 -35.12
C SER A 111 -45.19 -49.58 -35.63
N GLU A 112 -46.36 -49.35 -35.01
CA GLU A 112 -47.38 -48.44 -35.56
C GLU A 112 -47.41 -47.09 -34.81
N ALA A 113 -46.51 -46.90 -33.84
CA ALA A 113 -46.47 -45.69 -33.02
C ALA A 113 -45.93 -44.52 -33.84
N GLY A 114 -46.37 -43.30 -33.48
CA GLY A 114 -45.98 -42.06 -34.16
C GLY A 114 -46.87 -41.76 -35.36
N PHE A 122 -53.25 -44.21 -36.15
CA PHE A 122 -53.84 -43.27 -35.18
C PHE A 122 -54.22 -43.98 -33.87
N ASN A 123 -54.61 -45.26 -33.95
CA ASN A 123 -54.90 -46.10 -32.79
C ASN A 123 -53.90 -47.25 -32.76
N PRO A 124 -52.60 -46.99 -32.53
CA PRO A 124 -51.56 -47.99 -32.74
C PRO A 124 -51.75 -49.23 -31.87
N LYS A 125 -51.60 -50.41 -32.48
CA LYS A 125 -51.57 -51.70 -31.81
C LYS A 125 -50.54 -51.68 -30.69
N TYR A 126 -50.76 -52.51 -29.66
CA TYR A 126 -49.75 -52.85 -28.67
C TYR A 126 -49.01 -54.11 -29.17
N ASP A 127 -47.82 -53.90 -29.73
CA ASP A 127 -46.99 -55.01 -30.20
C ASP A 127 -46.67 -55.91 -29.00
N LYS A 128 -46.76 -57.23 -29.20
CA LYS A 128 -46.32 -58.20 -28.20
C LYS A 128 -44.83 -57.98 -27.91
N GLN A 129 -44.46 -58.05 -26.62
CA GLN A 129 -43.09 -57.84 -26.15
C GLN A 129 -42.13 -58.77 -26.91
N GLU A 130 -42.57 -59.98 -27.23
CA GLU A 130 -41.78 -60.96 -27.98
C GLU A 130 -41.34 -60.35 -29.31
N ASP A 131 -42.31 -59.75 -30.00
CA ASP A 131 -42.12 -59.20 -31.35
C ASP A 131 -41.35 -57.87 -31.28
N ILE A 132 -41.49 -57.13 -30.18
CA ILE A 132 -40.72 -55.90 -29.99
C ILE A 132 -39.23 -56.26 -29.91
N TYR A 133 -38.92 -57.34 -29.17
CA TYR A 133 -37.55 -57.82 -28.99
C TYR A 133 -37.02 -58.38 -30.33
N ASN A 134 -37.88 -59.08 -31.07
CA ASN A 134 -37.56 -59.54 -32.43
C ASN A 134 -37.06 -58.34 -33.25
N ALA A 135 -37.80 -57.24 -33.16
CA ALA A 135 -37.53 -56.02 -33.94
C ALA A 135 -36.24 -55.35 -33.45
N PHE A 136 -35.94 -55.42 -32.15
CA PHE A 136 -34.71 -54.84 -31.60
C PHE A 136 -33.49 -55.41 -32.35
N PHE A 137 -33.41 -56.75 -32.42
CA PHE A 137 -32.26 -57.41 -33.05
C PHE A 137 -32.17 -57.02 -34.53
N LEU A 138 -33.31 -57.08 -35.24
CA LEU A 138 -33.36 -56.81 -36.68
C LEU A 138 -32.93 -55.38 -36.97
N GLU A 139 -33.42 -54.45 -36.14
CA GLU A 139 -33.15 -53.02 -36.29
C GLU A 139 -31.66 -52.73 -36.07
N LEU A 140 -31.07 -53.31 -35.01
CA LEU A 140 -29.70 -53.03 -34.63
C LEU A 140 -28.73 -53.61 -35.67
N GLU A 141 -29.12 -54.75 -36.26
CA GLU A 141 -28.32 -55.47 -37.24
C GLU A 141 -28.29 -54.72 -38.58
N ASP A 142 -29.44 -54.17 -38.97
CA ASP A 142 -29.57 -53.44 -40.23
C ASP A 142 -28.81 -52.11 -40.10
N ALA A 143 -28.99 -51.44 -38.95
CA ALA A 143 -28.38 -50.15 -38.64
C ALA A 143 -26.85 -50.27 -38.68
N VAL A 144 -26.34 -51.36 -38.13
CA VAL A 144 -24.90 -51.61 -38.05
C VAL A 144 -24.33 -51.81 -39.46
N ASN A 145 -25.14 -52.37 -40.37
CA ASN A 145 -24.74 -52.74 -41.73
C ASN A 145 -24.90 -51.55 -42.68
N LYS A 146 -25.62 -50.50 -42.25
CA LYS A 146 -25.94 -49.34 -43.08
C LYS A 146 -24.96 -48.19 -42.78
N ILE A 147 -24.51 -48.10 -41.54
CA ILE A 147 -23.50 -47.14 -41.12
C ILE A 147 -22.33 -47.18 -42.13
N ASP A 148 -21.88 -45.98 -42.51
CA ASP A 148 -20.87 -45.78 -43.54
C ASP A 148 -20.24 -44.41 -43.34
N PRO A 149 -19.06 -44.31 -42.68
CA PRO A 149 -18.47 -43.01 -42.32
C PRO A 149 -18.12 -42.05 -43.47
N THR A 150 -18.28 -42.48 -44.72
CA THR A 150 -17.98 -41.63 -45.89
C THR A 150 -19.18 -40.72 -46.20
N LYS A 151 -20.35 -41.03 -45.63
CA LYS A 151 -21.60 -40.34 -45.96
C LYS A 151 -21.84 -39.24 -44.91
N ASP A 152 -23.12 -38.87 -44.70
CA ASP A 152 -23.54 -37.80 -43.79
C ASP A 152 -22.86 -37.94 -42.42
N LYS A 153 -22.42 -36.81 -41.86
CA LYS A 153 -21.85 -36.79 -40.52
C LYS A 153 -22.94 -36.37 -39.51
N VAL A 154 -22.77 -36.80 -38.26
CA VAL A 154 -23.74 -36.59 -37.19
C VAL A 154 -23.24 -35.46 -36.28
N THR A 155 -24.10 -34.46 -36.05
CA THR A 155 -23.70 -33.16 -35.50
C THR A 155 -24.25 -32.93 -34.08
N GLY A 156 -25.25 -33.69 -33.65
CA GLY A 156 -25.96 -33.40 -32.40
C GLY A 156 -25.84 -34.51 -31.37
N ASP A 157 -24.73 -35.24 -31.40
CA ASP A 157 -24.57 -36.49 -30.66
C ASP A 157 -23.80 -36.25 -29.36
N LEU A 158 -24.52 -36.32 -28.23
CA LEU A 158 -23.96 -36.02 -26.89
C LEU A 158 -23.35 -37.27 -26.24
N ILE A 159 -23.42 -38.42 -26.93
CA ILE A 159 -22.81 -39.66 -26.45
C ILE A 159 -21.40 -39.82 -27.07
N TYR A 160 -21.30 -39.92 -28.40
CA TYR A 160 -20.03 -40.26 -29.07
C TYR A 160 -19.55 -39.16 -30.01
N ALA A 161 -20.10 -37.95 -29.88
CA ALA A 161 -19.70 -36.79 -30.70
C ALA A 161 -19.50 -37.20 -32.18
N GLY A 162 -20.44 -38.00 -32.70
CA GLY A 162 -20.52 -38.29 -34.12
C GLY A 162 -19.71 -39.49 -34.55
N ASP A 163 -18.92 -40.09 -33.64
CA ASP A 163 -18.11 -41.28 -33.99
C ASP A 163 -19.08 -42.44 -34.25
N VAL A 164 -19.32 -42.67 -35.54
CA VAL A 164 -20.35 -43.56 -36.02
C VAL A 164 -19.86 -45.02 -35.92
N THR A 165 -18.54 -45.22 -35.83
CA THR A 165 -17.94 -46.51 -35.51
C THR A 165 -18.35 -46.96 -34.10
N LYS A 166 -18.35 -46.00 -33.15
CA LYS A 166 -18.69 -46.28 -31.75
C LYS A 166 -20.19 -46.58 -31.60
N TRP A 167 -21.01 -46.08 -32.53
CA TRP A 167 -22.44 -46.40 -32.56
C TRP A 167 -22.69 -47.86 -32.93
N GLN A 168 -21.82 -48.41 -33.80
CA GLN A 168 -21.84 -49.84 -34.15
C GLN A 168 -21.53 -50.68 -32.90
N GLN A 169 -20.54 -50.24 -32.11
CA GLN A 169 -20.13 -50.92 -30.88
C GLN A 169 -21.29 -50.92 -29.88
N LEU A 170 -21.97 -49.78 -29.76
CA LEU A 170 -23.12 -49.65 -28.86
C LEU A 170 -24.25 -50.58 -29.33
N ALA A 171 -24.55 -50.52 -30.63
CA ALA A 171 -25.65 -51.29 -31.21
C ALA A 171 -25.44 -52.79 -30.98
N ASN A 172 -24.22 -53.26 -31.26
CA ASN A 172 -23.87 -54.67 -31.13
C ASN A 172 -23.82 -55.06 -29.65
N SER A 173 -23.50 -54.10 -28.77
CA SER A 173 -23.50 -54.27 -27.29
C SER A 173 -24.94 -54.39 -26.76
N LEU A 174 -25.84 -53.55 -27.29
CA LEU A 174 -27.26 -53.63 -26.94
C LEU A 174 -27.83 -54.99 -27.38
N ARG A 175 -27.31 -55.52 -28.50
CA ARG A 175 -27.67 -56.84 -29.01
C ARG A 175 -27.28 -57.91 -27.98
N LEU A 176 -26.10 -57.75 -27.38
CA LEU A 176 -25.63 -58.62 -26.32
C LEU A 176 -26.61 -58.56 -25.14
N ARG A 177 -26.98 -57.34 -24.73
CA ARG A 177 -27.84 -57.09 -23.56
C ARG A 177 -29.21 -57.74 -23.75
N PHE A 178 -29.83 -57.52 -24.93
CA PHE A 178 -31.18 -58.02 -25.26
C PHE A 178 -31.18 -59.55 -25.49
N ALA A 179 -30.06 -60.09 -26.00
CA ALA A 179 -29.89 -61.54 -26.20
C ALA A 179 -29.78 -62.25 -24.84
N MET A 180 -29.04 -61.67 -23.91
CA MET A 180 -28.96 -62.20 -22.55
C MET A 180 -30.30 -62.07 -21.83
N ARG A 181 -31.09 -61.03 -22.16
CA ARG A 181 -32.38 -60.78 -21.51
C ARG A 181 -33.35 -61.92 -21.81
N ILE A 182 -33.32 -62.44 -23.03
CA ILE A 182 -34.31 -63.42 -23.50
C ILE A 182 -33.75 -64.84 -23.35
N SER A 183 -32.76 -65.04 -22.49
CA SER A 183 -32.00 -66.31 -22.43
C SER A 183 -32.70 -67.38 -21.57
N SER A 184 -33.75 -67.00 -20.82
CA SER A 184 -34.64 -67.97 -20.10
C SER A 184 -35.82 -68.36 -20.99
N VAL A 185 -36.45 -67.35 -21.60
CA VAL A 185 -37.70 -67.51 -22.35
C VAL A 185 -37.44 -68.28 -23.66
N ASN A 186 -36.29 -67.99 -24.31
CA ASN A 186 -35.95 -68.47 -25.66
C ASN A 186 -34.43 -68.65 -25.77
N PRO A 187 -33.85 -69.69 -25.14
CA PRO A 187 -32.40 -69.88 -25.10
C PRO A 187 -31.68 -69.99 -26.46
N THR A 188 -32.30 -70.70 -27.41
CA THR A 188 -31.73 -70.93 -28.73
C THR A 188 -31.54 -69.61 -29.47
N LYS A 189 -32.56 -68.74 -29.44
CA LYS A 189 -32.47 -67.44 -30.10
C LYS A 189 -31.44 -66.55 -29.37
N ALA A 190 -31.44 -66.62 -28.04
CA ALA A 190 -30.51 -65.85 -27.21
C ALA A 190 -29.07 -66.16 -27.60
N GLN A 191 -28.74 -67.45 -27.73
CA GLN A 191 -27.39 -67.88 -28.08
C GLN A 191 -27.02 -67.34 -29.46
N THR A 192 -27.87 -67.61 -30.45
CA THR A 192 -27.62 -67.24 -31.84
C THR A 192 -27.37 -65.73 -31.95
N GLU A 193 -28.26 -64.92 -31.35
CA GLU A 193 -28.25 -63.45 -31.47
C GLU A 193 -27.02 -62.88 -30.76
N PHE A 194 -26.60 -63.52 -29.67
CA PHE A 194 -25.43 -63.11 -28.90
C PHE A 194 -24.14 -63.36 -29.72
N GLU A 195 -24.05 -64.53 -30.34
CA GLU A 195 -22.87 -64.94 -31.17
C GLU A 195 -22.80 -64.12 -32.46
N ASN A 196 -23.96 -63.80 -33.06
CA ASN A 196 -24.01 -62.95 -34.26
C ASN A 196 -23.47 -61.55 -33.93
N ALA A 197 -23.87 -61.03 -32.75
CA ALA A 197 -23.51 -59.69 -32.34
C ALA A 197 -21.99 -59.55 -32.21
N LEU A 198 -21.32 -60.61 -31.71
CA LEU A 198 -19.86 -60.61 -31.54
C LEU A 198 -19.15 -60.57 -32.90
N ALA A 199 -19.81 -61.10 -33.95
CA ALA A 199 -19.26 -61.24 -35.29
C ALA A 199 -19.69 -60.10 -36.23
N ALA A 200 -20.54 -59.18 -35.75
CA ALA A 200 -21.09 -58.10 -36.58
C ALA A 200 -20.05 -56.98 -36.77
N ASN A 201 -20.28 -56.13 -37.78
CA ASN A 201 -19.37 -55.02 -38.15
C ASN A 201 -19.22 -54.06 -36.96
N GLY A 202 -17.96 -53.77 -36.61
CA GLY A 202 -17.60 -52.83 -35.55
C GLY A 202 -17.27 -53.54 -34.23
N GLY A 203 -17.74 -54.77 -34.08
CA GLY A 203 -17.67 -55.49 -32.81
C GLY A 203 -18.51 -54.82 -31.73
N VAL A 204 -18.13 -55.06 -30.47
CA VAL A 204 -18.82 -54.57 -29.31
C VAL A 204 -17.88 -53.63 -28.53
N ILE A 205 -18.37 -53.12 -27.40
CA ILE A 205 -17.59 -52.26 -26.51
C ILE A 205 -16.60 -53.15 -25.75
N THR A 206 -15.32 -53.08 -26.14
CA THR A 206 -14.29 -53.96 -25.59
C THR A 206 -13.55 -53.27 -24.43
N ASP A 207 -13.59 -51.93 -24.36
CA ASP A 207 -13.00 -51.21 -23.20
C ASP A 207 -13.78 -49.90 -22.95
N ALA A 208 -13.39 -49.21 -21.87
CA ALA A 208 -14.15 -48.08 -21.30
C ALA A 208 -14.19 -46.87 -22.25
N SER A 209 -13.26 -46.78 -23.20
CA SER A 209 -13.15 -45.62 -24.11
C SER A 209 -14.31 -45.57 -25.12
N SER A 210 -15.11 -46.64 -25.18
CA SER A 210 -16.29 -46.68 -26.03
C SER A 210 -17.57 -46.79 -25.19
N ASP A 211 -17.48 -46.43 -23.90
CA ASP A 211 -18.66 -46.40 -23.01
C ASP A 211 -19.66 -45.36 -23.55
N ALA A 212 -20.93 -45.76 -23.55
CA ALA A 212 -22.06 -44.92 -23.99
C ALA A 212 -22.61 -44.12 -22.80
N LEU A 213 -22.15 -42.85 -22.68
CA LEU A 213 -22.51 -41.93 -21.62
C LEU A 213 -23.00 -40.61 -22.22
N ILE A 214 -24.21 -40.19 -21.82
CA ILE A 214 -24.81 -38.91 -22.21
C ILE A 214 -24.12 -37.81 -21.40
N LYS A 215 -23.60 -36.79 -22.09
CA LYS A 215 -22.90 -35.66 -21.48
C LYS A 215 -23.94 -34.60 -21.03
N TYR A 216 -24.05 -34.42 -19.71
CA TYR A 216 -24.89 -33.37 -19.10
C TYR A 216 -24.01 -32.24 -18.56
N MET A 217 -24.54 -31.01 -18.60
CA MET A 217 -23.84 -29.82 -18.13
C MET A 217 -24.12 -29.61 -16.64
N THR A 218 -23.44 -28.63 -16.05
CA THR A 218 -23.65 -28.21 -14.69
C THR A 218 -24.67 -27.07 -14.67
N ILE A 219 -25.92 -27.38 -14.29
CA ILE A 219 -26.90 -26.36 -13.97
C ILE A 219 -27.28 -26.54 -12.49
N ALA A 220 -27.43 -25.41 -11.79
CA ALA A 220 -27.92 -25.38 -10.43
C ALA A 220 -29.27 -26.11 -10.38
N PHE A 221 -29.49 -26.88 -9.33
CA PHE A 221 -30.73 -27.60 -9.13
C PHE A 221 -31.84 -26.59 -8.85
N SER A 222 -32.98 -26.76 -9.54
CA SER A 222 -34.17 -25.93 -9.37
C SER A 222 -35.41 -26.81 -9.52
N PHE A 223 -36.41 -26.58 -8.66
CA PHE A 223 -37.65 -27.33 -8.67
C PHE A 223 -38.83 -26.42 -9.07
N GLY A 224 -38.53 -25.23 -9.60
CA GLY A 224 -39.52 -24.34 -10.21
C GLY A 224 -40.06 -24.89 -11.52
N GLN A 225 -41.09 -24.24 -12.07
CA GLN A 225 -41.81 -24.75 -13.24
C GLN A 225 -40.91 -24.73 -14.49
N GLU A 226 -40.03 -23.72 -14.59
CA GLU A 226 -39.13 -23.57 -15.76
C GLU A 226 -38.14 -24.76 -15.82
N ALA A 227 -37.84 -25.36 -14.66
CA ALA A 227 -36.88 -26.45 -14.53
C ALA A 227 -37.35 -27.71 -15.26
N TYR A 228 -38.67 -27.86 -15.44
CA TYR A 228 -39.28 -29.08 -15.98
C TYR A 228 -39.14 -29.14 -17.52
N SER A 229 -38.77 -28.02 -18.15
CA SER A 229 -38.53 -27.96 -19.61
C SER A 229 -37.02 -27.89 -19.92
N ASP A 230 -36.17 -28.09 -18.91
CA ASP A 230 -34.71 -27.93 -19.01
C ASP A 230 -34.04 -29.31 -18.80
N TYR A 231 -33.62 -29.94 -19.90
CA TYR A 231 -33.05 -31.30 -19.89
C TYR A 231 -31.51 -31.25 -20.01
N ARG A 232 -30.93 -30.06 -19.85
CA ARG A 232 -29.48 -29.87 -20.02
C ARG A 232 -28.70 -30.53 -18.88
N GLY A 233 -29.36 -30.71 -17.72
CA GLY A 233 -28.74 -31.32 -16.54
C GLY A 233 -29.24 -32.73 -16.29
N ASN A 234 -28.43 -33.51 -15.58
CA ASN A 234 -28.83 -34.83 -15.08
C ASN A 234 -29.83 -34.62 -13.94
N SER A 235 -31.11 -34.87 -14.23
CA SER A 235 -32.21 -34.62 -13.31
C SER A 235 -32.40 -35.81 -12.36
N LEU A 236 -31.79 -36.96 -12.67
CA LEU A 236 -31.83 -38.10 -11.76
C LEU A 236 -31.00 -37.77 -10.51
N SER A 237 -29.79 -37.26 -10.75
CA SER A 237 -28.92 -36.80 -9.69
C SER A 237 -29.58 -35.64 -8.94
N GLN A 238 -30.26 -34.73 -9.66
CA GLN A 238 -30.96 -33.61 -9.01
C GLN A 238 -31.93 -34.15 -7.96
N LEU A 239 -32.70 -35.16 -8.34
CA LEU A 239 -33.79 -35.70 -7.53
C LEU A 239 -33.24 -36.53 -6.38
N LEU A 240 -32.13 -37.25 -6.63
CA LEU A 240 -31.50 -38.09 -5.61
C LEU A 240 -30.86 -37.22 -4.51
N PHE A 241 -30.63 -35.94 -4.82
CA PHE A 241 -30.26 -34.97 -3.81
C PHE A 241 -31.51 -34.57 -3.01
N GLY A 242 -32.55 -34.16 -3.74
CA GLY A 242 -33.92 -34.08 -3.21
C GLY A 242 -34.53 -32.70 -3.33
N ASN A 243 -35.85 -32.68 -3.48
CA ASN A 243 -36.70 -31.50 -3.33
C ASN A 243 -36.76 -31.10 -1.85
N ASP A 244 -36.57 -32.10 -0.97
CA ASP A 244 -36.59 -31.96 0.49
C ASP A 244 -35.33 -32.60 1.05
N PRO A 245 -34.13 -32.07 0.70
CA PRO A 245 -32.87 -32.81 0.83
C PRO A 245 -32.38 -33.11 2.27
N ALA A 246 -32.77 -32.26 3.23
CA ALA A 246 -32.34 -32.42 4.62
C ALA A 246 -33.11 -33.58 5.28
N ASN A 247 -34.45 -33.56 5.16
CA ASN A 247 -35.35 -34.51 5.83
C ASN A 247 -35.41 -35.83 5.07
N ASN A 248 -35.37 -35.77 3.73
CA ASN A 248 -35.58 -36.93 2.87
C ASN A 248 -34.49 -37.00 1.80
N PRO A 249 -33.22 -37.28 2.20
CA PRO A 249 -32.14 -37.56 1.25
C PRO A 249 -32.14 -39.03 0.79
N SER A 250 -31.17 -39.38 -0.08
CA SER A 250 -31.04 -40.75 -0.57
C SER A 250 -30.32 -41.61 0.47
N TYR A 251 -31.10 -42.19 1.39
CA TYR A 251 -30.62 -43.20 2.34
C TYR A 251 -30.51 -44.55 1.61
N LEU A 252 -29.43 -45.30 1.90
CA LEU A 252 -29.20 -46.59 1.24
C LEU A 252 -30.01 -47.68 1.94
N CYS A 253 -30.44 -48.65 1.13
CA CYS A 253 -31.11 -49.84 1.60
C CYS A 253 -30.06 -50.82 2.13
N SER A 254 -30.45 -51.57 3.16
CA SER A 254 -29.56 -52.47 3.90
C SER A 254 -29.07 -53.61 3.00
N THR A 255 -29.89 -54.07 2.05
CA THR A 255 -29.52 -55.17 1.15
C THR A 255 -28.23 -54.78 0.40
N PHE A 256 -28.21 -53.54 -0.07
CA PHE A 256 -27.15 -52.97 -0.92
C PHE A 256 -25.94 -52.62 -0.06
N PHE A 257 -26.17 -51.83 1.00
CA PHE A 257 -25.09 -51.44 1.88
C PHE A 257 -24.42 -52.66 2.52
N ASN A 258 -25.23 -53.65 2.94
CA ASN A 258 -24.68 -54.85 3.57
C ASN A 258 -23.90 -55.67 2.55
N GLN A 259 -24.37 -55.75 1.30
CA GLN A 259 -23.64 -56.44 0.22
C GLN A 259 -22.24 -55.82 0.10
N LEU A 260 -22.19 -54.49 -0.01
CA LEU A 260 -20.91 -53.77 -0.18
C LEU A 260 -20.03 -53.99 1.05
N TYR A 261 -20.60 -53.77 2.24
CA TYR A 261 -19.84 -53.74 3.48
C TYR A 261 -19.34 -55.14 3.85
N ASN A 262 -20.21 -56.15 3.79
CA ASN A 262 -19.90 -57.48 4.31
C ASN A 262 -18.97 -58.24 3.34
N SER A 263 -18.94 -57.83 2.07
CA SER A 263 -18.05 -58.44 1.05
C SER A 263 -16.67 -57.76 1.05
N GLY A 264 -16.51 -56.69 1.84
CA GLY A 264 -15.28 -55.90 1.86
C GLY A 264 -15.06 -55.19 0.53
N ASP A 265 -16.16 -54.75 -0.10
CA ASP A 265 -16.12 -54.13 -1.44
C ASP A 265 -15.43 -52.76 -1.33
N PRO A 266 -14.41 -52.49 -2.17
CA PRO A 266 -13.76 -51.17 -2.19
C PRO A 266 -14.66 -49.95 -2.46
N ARG A 267 -15.83 -50.16 -3.07
CA ARG A 267 -16.76 -49.07 -3.41
C ARG A 267 -17.68 -48.70 -2.24
N THR A 268 -17.60 -49.44 -1.11
CA THR A 268 -18.53 -49.28 0.02
C THR A 268 -18.68 -47.81 0.44
N PHE A 269 -17.53 -47.15 0.68
CA PHE A 269 -17.47 -45.76 1.15
C PHE A 269 -17.03 -44.83 0.01
N LYS A 270 -17.20 -45.30 -1.23
CA LYS A 270 -17.18 -44.46 -2.41
C LYS A 270 -18.63 -44.19 -2.86
N ILE A 271 -19.51 -45.19 -2.73
CA ILE A 271 -20.94 -45.03 -3.04
C ILE A 271 -21.65 -44.35 -1.87
N SER A 272 -21.32 -44.72 -0.63
CA SER A 272 -22.05 -44.25 0.54
C SER A 272 -21.12 -43.55 1.53
N ARG A 273 -21.65 -42.49 2.16
CA ARG A 273 -21.04 -41.83 3.31
C ARG A 273 -22.13 -41.60 4.37
N CYS A 274 -21.70 -41.42 5.62
CA CYS A 274 -22.56 -40.90 6.68
C CYS A 274 -22.28 -39.41 6.84
N TYR A 275 -23.33 -38.58 6.67
CA TYR A 275 -23.24 -37.13 6.64
C TYR A 275 -24.12 -36.52 7.73
N TYR A 276 -23.61 -35.46 8.38
CA TYR A 276 -24.44 -34.51 9.13
C TYR A 276 -24.81 -33.33 8.22
N ASP A 277 -26.11 -33.06 8.09
CA ASP A 277 -26.63 -32.18 7.04
C ASP A 277 -27.30 -30.92 7.63
N GLY A 278 -27.12 -30.67 8.93
CA GLY A 278 -27.71 -29.52 9.62
C GLY A 278 -27.30 -28.18 9.01
N LEU A 279 -26.08 -28.09 8.46
CA LEU A 279 -25.51 -26.85 7.90
C LEU A 279 -25.54 -26.86 6.36
N MET A 280 -26.14 -27.90 5.77
CA MET A 280 -26.21 -28.07 4.32
C MET A 280 -27.26 -27.11 3.75
N SER A 281 -26.94 -26.50 2.62
CA SER A 281 -27.87 -25.61 1.92
C SER A 281 -28.90 -26.46 1.16
N ALA A 282 -30.13 -25.96 1.06
CA ALA A 282 -31.04 -26.40 0.02
C ALA A 282 -30.40 -26.02 -1.32
N THR A 283 -30.72 -26.77 -2.38
CA THR A 283 -30.28 -26.46 -3.75
C THR A 283 -28.98 -27.21 -4.13
N SER A 284 -28.16 -27.59 -3.15
CA SER A 284 -26.80 -28.04 -3.42
C SER A 284 -26.28 -28.90 -2.27
N PRO A 285 -25.57 -30.01 -2.56
CA PRO A 285 -25.03 -30.86 -1.50
C PRO A 285 -23.73 -30.32 -0.87
N ASP A 286 -23.66 -29.00 -0.67
CA ASP A 286 -22.47 -28.32 -0.13
C ASP A 286 -22.62 -28.20 1.39
N ASN A 287 -21.49 -28.23 2.11
CA ASN A 287 -21.37 -27.95 3.54
C ASN A 287 -21.90 -29.12 4.38
N ARG A 288 -21.91 -30.33 3.82
CA ARG A 288 -22.24 -31.53 4.56
C ARG A 288 -21.03 -31.92 5.41
N VAL A 289 -21.25 -32.59 6.55
CA VAL A 289 -20.20 -32.99 7.48
C VAL A 289 -20.06 -34.51 7.45
N ASP A 290 -18.95 -34.99 6.89
CA ASP A 290 -18.67 -36.42 6.74
C ASP A 290 -18.22 -36.99 8.09
N ILE A 291 -18.99 -37.93 8.64
CA ILE A 291 -18.72 -38.52 9.97
C ILE A 291 -18.41 -40.03 9.85
N THR A 292 -18.14 -40.49 8.62
CA THR A 292 -17.95 -41.92 8.34
C THR A 292 -16.70 -42.44 9.05
N GLN A 293 -15.56 -41.77 8.84
CA GLN A 293 -14.28 -42.18 9.43
C GLN A 293 -14.40 -42.11 10.95
N GLU A 294 -15.05 -41.06 11.47
CA GLU A 294 -15.28 -40.90 12.91
C GLU A 294 -16.04 -42.12 13.44
N MET A 295 -17.12 -42.50 12.75
CA MET A 295 -17.97 -43.62 13.16
C MET A 295 -17.15 -44.91 13.21
N ILE A 296 -16.32 -45.13 12.18
CA ILE A 296 -15.49 -46.33 12.08
C ILE A 296 -14.51 -46.37 13.27
N GLU A 297 -13.80 -45.25 13.49
CA GLU A 297 -12.78 -45.11 14.56
C GLU A 297 -13.39 -45.39 15.94
N LYS A 298 -14.65 -45.00 16.13
CA LYS A 298 -15.31 -45.03 17.43
C LYS A 298 -16.12 -46.32 17.61
N GLY A 299 -16.36 -47.06 16.51
CA GLY A 299 -16.98 -48.39 16.55
C GLY A 299 -18.50 -48.35 16.47
N ILE A 300 -19.05 -47.30 15.84
CA ILE A 300 -20.50 -47.05 15.78
C ILE A 300 -21.10 -47.86 14.64
N ALA A 301 -22.18 -48.61 14.95
CA ALA A 301 -22.86 -49.41 13.96
C ALA A 301 -23.56 -48.49 12.95
N PHE A 302 -23.45 -48.84 11.66
CA PHE A 302 -24.24 -48.26 10.61
C PHE A 302 -25.65 -48.87 10.68
N SER A 303 -26.69 -48.05 10.39
CA SER A 303 -28.08 -48.52 10.49
C SER A 303 -28.83 -48.28 9.18
N PRO A 304 -28.46 -48.97 8.07
CA PRO A 304 -29.16 -48.81 6.81
C PRO A 304 -30.58 -49.39 6.89
N ARG A 305 -31.45 -48.95 5.97
CA ARG A 305 -32.89 -49.17 6.08
C ARG A 305 -33.31 -50.47 5.37
N ASP A 306 -33.83 -51.40 6.17
CA ASP A 306 -34.46 -52.63 5.66
C ASP A 306 -35.58 -52.25 4.70
N PRO A 307 -35.83 -53.06 3.66
CA PRO A 307 -36.94 -52.80 2.75
C PRO A 307 -38.27 -52.56 3.49
N GLY A 308 -38.90 -51.40 3.22
CA GLY A 308 -40.18 -51.02 3.82
C GLY A 308 -40.03 -50.00 4.94
N ALA A 309 -38.79 -49.76 5.38
CA ALA A 309 -38.53 -48.88 6.50
C ALA A 309 -38.32 -47.45 6.02
N TYR A 310 -38.78 -46.51 6.86
CA TYR A 310 -38.49 -45.08 6.76
C TYR A 310 -37.21 -44.78 7.56
N SER A 311 -36.65 -43.60 7.32
CA SER A 311 -35.47 -43.09 8.05
C SER A 311 -35.77 -42.95 9.55
N TRP A 312 -37.05 -42.78 9.90
CA TRP A 312 -37.43 -42.40 11.27
C TRP A 312 -37.91 -43.61 12.09
N GLU A 313 -38.19 -44.74 11.46
CA GLU A 313 -38.66 -45.97 12.19
C GLU A 313 -38.07 -47.21 11.51
N PRO A 314 -37.24 -48.03 12.19
CA PRO A 314 -36.82 -47.79 13.58
C PRO A 314 -35.81 -46.63 13.70
N TRP A 315 -35.90 -45.87 14.80
CA TRP A 315 -35.05 -44.70 15.05
C TRP A 315 -33.76 -45.15 15.73
N PRO A 316 -32.61 -45.06 15.05
CA PRO A 316 -31.40 -45.76 15.51
C PRO A 316 -30.82 -45.21 16.82
N THR A 317 -30.14 -46.08 17.57
CA THR A 317 -29.14 -45.66 18.51
C THR A 317 -28.07 -44.89 17.74
N GLY A 318 -27.61 -43.78 18.31
CA GLY A 318 -26.53 -43.02 17.72
C GLY A 318 -25.36 -42.90 18.68
N TYR A 319 -24.69 -41.76 18.61
CA TYR A 319 -23.50 -41.46 19.38
C TYR A 319 -23.32 -39.94 19.39
N ASP A 320 -22.34 -39.45 20.17
CA ASP A 320 -21.98 -38.05 20.18
C ASP A 320 -20.75 -37.87 19.28
N SER A 321 -20.91 -37.03 18.25
CA SER A 321 -19.84 -36.70 17.30
C SER A 321 -18.95 -35.61 17.88
N ASP A 322 -17.63 -35.89 17.95
CA ASP A 322 -16.64 -34.92 18.38
C ASP A 322 -16.49 -33.82 17.32
N ILE A 323 -16.52 -34.21 16.03
CA ILE A 323 -16.47 -33.25 14.90
C ILE A 323 -17.63 -32.25 15.05
N CYS A 324 -18.85 -32.76 15.25
CA CYS A 324 -20.04 -31.92 15.33
C CYS A 324 -19.99 -31.05 16.60
N ALA A 325 -19.49 -31.61 17.71
CA ALA A 325 -19.30 -30.87 18.98
C ALA A 325 -18.33 -29.69 18.79
N GLU A 326 -17.35 -29.85 17.90
CA GLU A 326 -16.40 -28.78 17.56
C GLU A 326 -17.13 -27.64 16.86
N LEU A 327 -17.98 -27.99 15.88
CA LEU A 327 -18.75 -27.02 15.08
C LEU A 327 -19.70 -26.22 15.98
N ALA A 328 -20.17 -26.86 17.05
CA ALA A 328 -21.24 -26.38 17.90
C ALA A 328 -20.80 -25.20 18.76
N VAL A 329 -19.51 -25.14 19.14
CA VAL A 329 -19.03 -24.04 20.00
C VAL A 329 -19.14 -22.73 19.24
N ASN A 330 -18.82 -22.75 17.93
CA ASN A 330 -18.77 -21.53 17.12
C ASN A 330 -20.18 -21.16 16.66
N ASN A 331 -21.05 -22.15 16.41
CA ASN A 331 -22.47 -21.87 16.17
C ASN A 331 -23.31 -23.00 16.80
N PRO A 332 -24.01 -22.71 17.93
CA PRO A 332 -24.57 -23.76 18.79
C PRO A 332 -25.94 -24.34 18.39
N SER A 333 -26.42 -24.01 17.18
CA SER A 333 -27.60 -24.65 16.61
C SER A 333 -27.25 -26.04 16.06
N VAL A 334 -25.97 -26.41 16.08
CA VAL A 334 -25.51 -27.77 15.71
C VAL A 334 -25.68 -28.69 16.93
N THR A 335 -26.24 -29.89 16.70
CA THR A 335 -26.22 -30.99 17.67
C THR A 335 -24.97 -31.84 17.48
N ALA A 336 -24.34 -32.22 18.60
CA ALA A 336 -23.26 -33.20 18.63
C ALA A 336 -23.84 -34.62 18.56
N THR A 337 -25.08 -34.80 19.02
CA THR A 337 -25.69 -36.13 19.16
C THR A 337 -26.32 -36.54 17.82
N MET A 338 -25.76 -37.59 17.21
CA MET A 338 -26.19 -38.10 15.91
C MET A 338 -27.21 -39.21 16.13
N ALA A 339 -28.23 -39.26 15.26
CA ALA A 339 -29.22 -40.33 15.26
C ALA A 339 -29.39 -40.88 13.85
N ARG A 340 -30.15 -40.17 13.00
CA ARG A 340 -30.48 -40.66 11.65
C ARG A 340 -29.24 -40.59 10.74
N GLU A 341 -28.20 -39.89 11.20
CA GLU A 341 -26.95 -39.68 10.45
C GLU A 341 -26.10 -40.96 10.39
N VAL A 342 -26.32 -41.92 11.30
CA VAL A 342 -25.60 -43.22 11.24
C VAL A 342 -26.19 -44.12 10.14
N GLU A 343 -27.24 -43.64 9.47
CA GLU A 343 -27.85 -44.30 8.32
C GLU A 343 -27.11 -43.89 7.05
N PRO A 344 -26.46 -44.85 6.33
CA PRO A 344 -25.68 -44.49 5.15
C PRO A 344 -26.51 -43.76 4.08
N LYS A 345 -25.90 -42.75 3.46
CA LYS A 345 -26.50 -42.01 2.36
C LYS A 345 -25.60 -42.07 1.13
N LEU A 346 -26.19 -41.74 -0.03
CA LEU A 346 -25.51 -41.68 -1.31
C LEU A 346 -24.47 -40.55 -1.26
N ALA A 347 -23.24 -40.87 -1.70
CA ALA A 347 -22.11 -39.92 -1.67
C ALA A 347 -22.35 -38.75 -2.63
N ASN A 348 -21.80 -37.59 -2.27
CA ASN A 348 -21.94 -36.35 -3.05
C ASN A 348 -21.53 -36.54 -4.52
N ASN A 349 -20.59 -37.46 -4.77
CA ASN A 349 -20.12 -37.75 -6.13
C ASN A 349 -21.29 -38.11 -7.07
N PHE A 350 -22.40 -38.58 -6.49
CA PHE A 350 -23.54 -39.08 -7.25
C PHE A 350 -24.72 -38.11 -7.18
N LEU A 351 -24.45 -36.84 -6.82
CA LEU A 351 -25.48 -35.81 -6.60
C LEU A 351 -25.12 -34.53 -7.36
N LYS A 352 -24.55 -34.68 -8.57
CA LYS A 352 -24.10 -33.57 -9.42
C LYS A 352 -24.87 -33.62 -10.75
N SER A 353 -25.23 -32.46 -11.29
CA SER A 353 -25.89 -32.38 -12.60
C SER A 353 -24.88 -32.71 -13.71
N ASP A 354 -23.59 -32.69 -13.34
CA ASP A 354 -22.44 -33.09 -14.16
C ASP A 354 -22.55 -34.58 -14.55
N ASN A 355 -23.07 -35.40 -13.62
CA ASN A 355 -23.02 -36.87 -13.71
C ASN A 355 -23.49 -37.32 -15.09
N PRO A 356 -22.85 -38.36 -15.68
CA PRO A 356 -23.23 -38.83 -17.01
C PRO A 356 -24.53 -39.66 -16.98
N GLY A 357 -25.24 -39.67 -18.12
CA GLY A 357 -26.37 -40.57 -18.36
C GLY A 357 -25.90 -41.89 -18.95
N VAL A 358 -25.93 -42.94 -18.12
CA VAL A 358 -25.37 -44.24 -18.46
C VAL A 358 -26.36 -44.99 -19.36
N VAL A 359 -25.88 -45.39 -20.54
CA VAL A 359 -26.65 -46.19 -21.48
C VAL A 359 -26.14 -47.63 -21.42
N MET A 360 -24.83 -47.80 -21.67
CA MET A 360 -24.17 -49.09 -21.61
C MET A 360 -22.66 -48.90 -21.44
N THR A 361 -22.02 -49.82 -20.71
CA THR A 361 -20.61 -49.75 -20.35
C THR A 361 -19.89 -51.04 -20.79
N SER A 362 -18.55 -50.94 -20.88
CA SER A 362 -17.66 -52.08 -21.11
C SER A 362 -17.77 -53.09 -19.95
N ALA A 363 -17.99 -52.60 -18.73
CA ALA A 363 -18.13 -53.44 -17.54
C ALA A 363 -19.29 -54.44 -17.75
N GLU A 364 -20.42 -53.94 -18.27
CA GLU A 364 -21.60 -54.79 -18.50
C GLU A 364 -21.28 -55.86 -19.55
N VAL A 365 -20.64 -55.44 -20.64
CA VAL A 365 -20.27 -56.35 -21.74
C VAL A 365 -19.43 -57.52 -21.20
N LYS A 366 -18.50 -57.20 -20.28
CA LYS A 366 -17.70 -58.23 -19.60
C LYS A 366 -18.58 -59.22 -18.85
N PHE A 367 -19.57 -58.72 -18.08
CA PHE A 367 -20.48 -59.56 -17.31
C PHE A 367 -21.36 -60.39 -18.24
N LEU A 368 -21.87 -59.77 -19.31
CA LEU A 368 -22.63 -60.47 -20.33
C LEU A 368 -21.78 -61.60 -20.94
N MET A 369 -20.50 -61.29 -21.26
CA MET A 369 -19.56 -62.26 -21.85
C MET A 369 -19.31 -63.41 -20.88
N ALA A 370 -19.15 -63.09 -19.59
CA ALA A 370 -18.91 -64.08 -18.55
C ALA A 370 -20.11 -65.04 -18.47
N GLU A 371 -21.33 -64.48 -18.43
CA GLU A 371 -22.56 -65.28 -18.27
C GLU A 371 -22.73 -66.21 -19.48
N ALA A 372 -22.55 -65.67 -20.69
CA ALA A 372 -22.65 -66.44 -21.94
C ALA A 372 -21.67 -67.62 -21.91
N THR A 373 -20.49 -67.38 -21.36
CA THR A 373 -19.45 -68.41 -21.24
C THR A 373 -19.93 -69.50 -20.27
N VAL A 374 -20.48 -69.09 -19.12
CA VAL A 374 -21.03 -70.01 -18.12
C VAL A 374 -22.15 -70.87 -18.76
N LYS A 375 -22.92 -70.28 -19.69
CA LYS A 375 -24.03 -70.98 -20.38
C LYS A 375 -23.55 -71.79 -21.60
N LYS A 376 -22.23 -72.00 -21.73
CA LYS A 376 -21.64 -72.92 -22.71
C LYS A 376 -21.77 -72.36 -24.14
N TRP A 377 -21.97 -71.05 -24.30
CA TRP A 377 -22.05 -70.43 -25.64
C TRP A 377 -20.62 -70.32 -26.22
N ASN A 378 -20.54 -70.09 -27.53
CA ASN A 378 -19.25 -70.02 -28.25
C ASN A 378 -18.91 -68.54 -28.45
N VAL A 379 -18.08 -68.03 -27.53
CA VAL A 379 -18.00 -66.59 -27.28
C VAL A 379 -16.56 -66.07 -27.38
N GLY A 380 -15.59 -66.98 -27.61
CA GLY A 380 -14.18 -66.64 -27.63
C GLY A 380 -13.37 -67.60 -26.77
N SER A 381 -12.12 -67.22 -26.49
CA SER A 381 -11.14 -68.10 -25.86
C SER A 381 -10.81 -67.65 -24.42
N VAL A 382 -11.32 -66.49 -24.01
CA VAL A 382 -11.09 -65.95 -22.65
C VAL A 382 -11.99 -66.72 -21.68
N SER A 383 -11.49 -66.99 -20.48
CA SER A 383 -12.20 -67.82 -19.49
C SER A 383 -13.29 -66.99 -18.80
N ALA A 384 -14.36 -67.67 -18.37
CA ALA A 384 -15.48 -67.02 -17.67
C ALA A 384 -14.95 -66.22 -16.48
N GLU A 385 -14.04 -66.83 -15.71
CA GLU A 385 -13.47 -66.24 -14.50
C GLU A 385 -12.75 -64.93 -14.86
N ASP A 386 -11.93 -64.95 -15.93
CA ASP A 386 -11.18 -63.78 -16.34
C ASP A 386 -12.15 -62.69 -16.79
N LEU A 387 -13.19 -63.08 -17.54
CA LEU A 387 -14.19 -62.11 -18.03
C LEU A 387 -14.86 -61.40 -16.85
N TYR A 388 -15.21 -62.18 -15.82
CA TYR A 388 -15.87 -61.67 -14.59
C TYR A 388 -14.95 -60.68 -13.87
N LYS A 389 -13.68 -61.09 -13.73
CA LYS A 389 -12.65 -60.29 -13.05
C LYS A 389 -12.45 -58.95 -13.79
N GLN A 390 -12.41 -59.00 -15.12
CA GLN A 390 -12.30 -57.79 -15.96
C GLN A 390 -13.54 -56.91 -15.77
N GLY A 391 -14.71 -57.55 -15.67
CA GLY A 391 -15.99 -56.86 -15.39
C GLY A 391 -15.97 -56.09 -14.07
N VAL A 392 -15.48 -56.74 -13.01
CA VAL A 392 -15.45 -56.15 -11.68
C VAL A 392 -14.43 -55.00 -11.65
N ARG A 393 -13.28 -55.21 -12.28
CA ARG A 393 -12.23 -54.19 -12.35
C ARG A 393 -12.79 -52.96 -13.06
N ALA A 394 -13.46 -53.19 -14.18
CA ALA A 394 -14.02 -52.13 -15.01
C ALA A 394 -15.12 -51.36 -14.24
N ALA A 395 -15.97 -52.10 -13.49
CA ALA A 395 -17.07 -51.50 -12.72
C ALA A 395 -16.52 -50.62 -11.58
N ILE A 396 -15.42 -51.05 -10.95
CA ILE A 396 -14.77 -50.27 -9.87
C ILE A 396 -14.12 -49.01 -10.47
N ASP A 397 -13.41 -49.16 -11.59
CA ASP A 397 -12.70 -48.05 -12.24
C ASP A 397 -13.72 -47.08 -12.86
N PHE A 398 -14.95 -47.54 -13.11
CA PHE A 398 -16.03 -46.73 -13.70
C PHE A 398 -16.30 -45.52 -12.80
N LEU A 399 -16.24 -45.75 -11.49
CA LEU A 399 -16.45 -44.73 -10.46
C LEU A 399 -15.28 -43.73 -10.48
N THR A 400 -14.05 -44.24 -10.59
CA THR A 400 -12.85 -43.38 -10.64
C THR A 400 -12.93 -42.42 -11.83
N ASP A 401 -13.30 -42.97 -12.99
CA ASP A 401 -13.18 -42.24 -14.24
C ASP A 401 -14.35 -41.25 -14.41
N ASN A 402 -15.54 -41.56 -13.86
CA ASN A 402 -16.76 -40.82 -14.24
C ASN A 402 -17.41 -40.06 -13.07
N TYR A 403 -17.08 -40.39 -11.81
CA TYR A 403 -17.71 -39.75 -10.64
C TYR A 403 -16.69 -39.13 -9.68
N GLY A 404 -15.42 -39.07 -10.10
CA GLY A 404 -14.35 -38.42 -9.36
C GLY A 404 -14.10 -39.05 -8.00
N CYS A 405 -14.35 -40.36 -7.90
CA CYS A 405 -14.06 -41.14 -6.70
C CYS A 405 -12.56 -41.46 -6.64
N THR A 406 -12.12 -41.88 -5.45
CA THR A 406 -10.76 -42.31 -5.19
C THR A 406 -10.48 -43.59 -6.00
N ALA A 407 -9.26 -43.68 -6.54
CA ALA A 407 -8.81 -44.85 -7.27
C ALA A 407 -8.68 -46.03 -6.31
N THR A 408 -9.13 -47.21 -6.75
CA THR A 408 -8.90 -48.47 -6.07
C THR A 408 -7.57 -49.04 -6.56
N THR A 409 -6.64 -49.28 -5.64
CA THR A 409 -5.30 -49.74 -5.96
C THR A 409 -5.36 -51.22 -6.38
N ASP A 410 -4.33 -51.66 -7.12
CA ASP A 410 -4.21 -53.07 -7.55
C ASP A 410 -4.30 -54.00 -6.33
N ALA A 411 -3.68 -53.59 -5.21
CA ALA A 411 -3.65 -54.34 -3.96
C ALA A 411 -5.06 -54.46 -3.34
N GLU A 412 -5.81 -53.35 -3.29
CA GLU A 412 -7.15 -53.33 -2.71
C GLU A 412 -8.09 -54.24 -3.54
N PHE A 413 -7.92 -54.21 -4.87
CA PHE A 413 -8.75 -54.99 -5.78
C PHE A 413 -8.47 -56.49 -5.57
N ASP A 414 -7.18 -56.85 -5.59
CA ASP A 414 -6.71 -58.23 -5.46
C ASP A 414 -7.24 -58.86 -4.16
N ALA A 415 -7.21 -58.09 -3.06
CA ALA A 415 -7.71 -58.56 -1.74
C ALA A 415 -9.22 -58.87 -1.81
N PHE A 416 -9.98 -58.00 -2.47
CA PHE A 416 -11.41 -58.16 -2.61
C PHE A 416 -11.72 -59.38 -3.48
N ILE A 417 -11.09 -59.46 -4.66
CA ILE A 417 -11.44 -60.45 -5.69
C ILE A 417 -11.06 -61.87 -5.25
N GLN A 418 -10.05 -62.00 -4.39
CA GLN A 418 -9.58 -63.32 -3.93
C GLN A 418 -10.37 -63.79 -2.69
N ASP A 419 -11.19 -62.90 -2.09
CA ASP A 419 -12.01 -63.28 -0.92
C ASP A 419 -13.49 -63.28 -1.31
N LYS A 420 -14.26 -62.25 -0.92
CA LYS A 420 -15.73 -62.31 -0.99
C LYS A 420 -16.21 -61.90 -2.38
N GLY A 421 -15.32 -61.26 -3.16
CA GLY A 421 -15.62 -60.85 -4.53
C GLY A 421 -15.34 -61.96 -5.53
N ALA A 422 -14.94 -63.14 -5.04
CA ALA A 422 -14.49 -64.24 -5.89
C ALA A 422 -15.64 -64.77 -6.74
N PHE A 423 -15.34 -65.07 -8.01
CA PHE A 423 -16.16 -65.92 -8.87
C PHE A 423 -16.38 -67.24 -8.13
N GLY A 424 -17.57 -67.84 -8.26
CA GLY A 424 -17.81 -69.14 -7.65
C GLY A 424 -17.16 -70.28 -8.42
N HIS A 425 -17.65 -71.50 -8.16
CA HIS A 425 -17.23 -72.74 -8.83
C HIS A 425 -18.43 -73.38 -9.55
N THR A 426 -19.53 -73.52 -8.81
CA THR A 426 -20.84 -73.97 -9.32
C THR A 426 -21.35 -72.96 -10.36
N ASP A 427 -22.13 -73.45 -11.32
CA ASP A 427 -22.79 -72.57 -12.29
C ASP A 427 -23.62 -71.51 -11.53
N ASN A 428 -24.48 -71.97 -10.62
CA ASN A 428 -25.35 -71.12 -9.76
C ASN A 428 -24.54 -70.02 -9.05
N GLN A 429 -23.43 -70.41 -8.42
CA GLN A 429 -22.54 -69.47 -7.72
C GLN A 429 -22.00 -68.41 -8.69
N LYS A 430 -21.58 -68.83 -9.89
CA LYS A 430 -21.00 -67.94 -10.91
C LYS A 430 -22.06 -66.94 -11.40
N LEU A 431 -23.29 -67.43 -11.64
CA LEU A 431 -24.39 -66.60 -12.13
C LEU A 431 -24.75 -65.56 -11.07
N GLU A 432 -24.71 -65.98 -9.80
CA GLU A 432 -25.02 -65.12 -8.66
C GLU A 432 -23.97 -64.00 -8.56
N ALA A 433 -22.70 -64.37 -8.70
CA ALA A 433 -21.58 -63.45 -8.58
C ALA A 433 -21.64 -62.42 -9.71
N ILE A 434 -21.71 -62.87 -10.96
CA ILE A 434 -21.77 -61.98 -12.13
C ILE A 434 -22.92 -60.98 -11.93
N ASN A 435 -24.11 -61.49 -11.59
CA ASN A 435 -25.32 -60.69 -11.64
C ASN A 435 -25.45 -59.83 -10.38
N THR A 436 -24.89 -60.28 -9.25
CA THR A 436 -24.83 -59.42 -8.04
C THR A 436 -23.91 -58.24 -8.31
N GLN A 437 -22.74 -58.53 -8.89
CA GLN A 437 -21.76 -57.51 -9.23
C GLN A 437 -22.36 -56.55 -10.29
N ALA A 438 -23.09 -57.09 -11.26
CA ALA A 438 -23.71 -56.24 -12.31
C ALA A 438 -24.74 -55.29 -11.68
N TRP A 439 -25.42 -55.77 -10.63
CA TRP A 439 -26.41 -55.01 -9.87
C TRP A 439 -25.77 -53.77 -9.21
N ILE A 440 -24.56 -53.94 -8.66
CA ILE A 440 -23.78 -52.82 -8.10
C ILE A 440 -23.46 -51.82 -9.21
N LEU A 441 -22.98 -52.32 -10.36
CA LEU A 441 -22.55 -51.49 -11.51
C LEU A 441 -23.70 -50.61 -12.00
N HIS A 442 -24.90 -51.21 -12.04
CA HIS A 442 -26.09 -50.61 -12.64
C HIS A 442 -26.74 -49.57 -11.72
N PHE A 443 -26.18 -49.30 -10.53
CA PHE A 443 -26.79 -48.38 -9.59
C PHE A 443 -27.24 -47.08 -10.27
N THR A 444 -26.40 -46.52 -11.16
CA THR A 444 -26.67 -45.22 -11.82
C THR A 444 -27.48 -45.41 -13.11
N ASN A 445 -27.91 -46.65 -13.38
CA ASN A 445 -28.69 -47.02 -14.55
C ASN A 445 -29.92 -47.79 -14.05
N PRO A 446 -30.84 -47.15 -13.29
CA PRO A 446 -31.92 -47.88 -12.60
C PRO A 446 -32.74 -48.77 -13.55
N ALA A 447 -33.03 -48.25 -14.74
CA ALA A 447 -33.82 -48.97 -15.75
C ALA A 447 -33.21 -50.35 -16.00
N GLU A 448 -31.89 -50.39 -16.20
CA GLU A 448 -31.18 -51.62 -16.52
C GLU A 448 -31.01 -52.48 -15.25
N CYS A 449 -30.79 -51.82 -14.11
CA CYS A 449 -30.67 -52.50 -12.82
C CYS A 449 -31.95 -53.32 -12.54
N TRP A 450 -33.13 -52.73 -12.71
CA TRP A 450 -34.39 -53.45 -12.38
C TRP A 450 -34.64 -54.59 -13.38
N ALA A 451 -34.42 -54.33 -14.68
CA ALA A 451 -34.58 -55.36 -15.71
C ALA A 451 -33.69 -56.57 -15.41
N ASN A 452 -32.41 -56.34 -15.09
CA ASN A 452 -31.46 -57.43 -14.98
C ASN A 452 -31.70 -58.21 -13.68
N VAL A 453 -32.16 -57.52 -12.64
CA VAL A 453 -32.55 -58.17 -11.37
C VAL A 453 -33.72 -59.14 -11.64
N ARG A 454 -34.73 -58.66 -12.37
CA ARG A 454 -35.93 -59.47 -12.65
C ARG A 454 -35.55 -60.67 -13.53
N ARG A 455 -34.64 -60.45 -14.49
CA ARG A 455 -34.32 -61.45 -15.52
C ARG A 455 -33.45 -62.56 -14.91
N SER A 456 -32.33 -62.17 -14.29
CA SER A 456 -31.32 -63.11 -13.78
C SER A 456 -31.79 -63.80 -12.48
N GLY A 457 -32.60 -63.09 -11.67
CA GLY A 457 -33.09 -63.58 -10.37
C GLY A 457 -32.11 -63.33 -9.23
N TYR A 458 -31.10 -62.47 -9.48
CA TYR A 458 -30.02 -62.15 -8.52
C TYR A 458 -29.86 -60.64 -8.43
N PRO A 459 -29.55 -60.08 -7.24
CA PRO A 459 -29.51 -60.84 -6.01
C PRO A 459 -30.91 -61.33 -5.63
N LYS A 460 -30.98 -62.42 -4.85
CA LYS A 460 -32.24 -62.96 -4.36
C LYS A 460 -32.79 -62.00 -3.29
N LEU A 461 -33.74 -61.16 -3.71
CA LEU A 461 -34.35 -60.16 -2.84
C LEU A 461 -35.57 -60.75 -2.12
N LYS A 462 -35.78 -60.30 -0.88
CA LYS A 462 -36.95 -60.68 -0.09
C LYS A 462 -37.90 -59.48 0.03
N SER A 463 -39.20 -59.79 0.09
CA SER A 463 -40.27 -58.81 0.16
C SER A 463 -40.17 -58.02 1.47
N PRO A 464 -40.57 -56.72 1.48
CA PRO A 464 -40.71 -55.97 2.72
C PRO A 464 -41.50 -56.68 3.84
N ALA A 465 -42.41 -57.60 3.47
CA ALA A 465 -43.16 -58.40 4.42
C ALA A 465 -42.22 -59.17 5.35
N GLU A 466 -41.09 -59.66 4.81
CA GLU A 466 -40.16 -60.51 5.55
C GLU A 466 -39.36 -59.69 6.56
N TYR A 467 -39.37 -58.36 6.42
CA TYR A 467 -38.70 -57.43 7.33
C TYR A 467 -39.71 -56.79 8.30
N GLY A 468 -40.95 -57.29 8.32
CA GLY A 468 -41.96 -56.90 9.31
C GLY A 468 -42.75 -55.67 8.91
N PHE A 469 -42.97 -55.48 7.60
CA PHE A 469 -43.76 -54.35 7.06
C PHE A 469 -44.89 -54.85 6.14
N GLY A 470 -45.27 -56.13 6.28
CA GLY A 470 -46.39 -56.73 5.53
C GLY A 470 -47.70 -55.96 5.69
N GLN A 471 -47.91 -55.39 6.88
CA GLN A 471 -49.12 -54.64 7.27
C GLN A 471 -49.33 -53.40 6.39
N TYR A 472 -48.31 -52.97 5.65
CA TYR A 472 -48.35 -51.73 4.87
C TYR A 472 -48.36 -52.02 3.37
N LEU A 473 -48.27 -53.30 2.98
CA LEU A 473 -48.07 -53.69 1.56
C LEU A 473 -49.41 -53.68 0.85
N THR A 474 -49.85 -52.45 0.56
CA THR A 474 -51.20 -52.10 0.20
C THR A 474 -51.56 -52.72 -1.16
N GLY A 475 -50.58 -52.74 -2.09
CA GLY A 475 -50.79 -53.20 -3.46
C GLY A 475 -50.41 -54.66 -3.66
N GLY A 476 -50.21 -55.41 -2.56
CA GLY A 476 -49.81 -56.81 -2.61
C GLY A 476 -48.49 -57.06 -1.90
N THR A 477 -48.26 -58.34 -1.58
CA THR A 477 -47.17 -58.77 -0.71
C THR A 477 -45.86 -58.90 -1.51
N GLU A 478 -45.95 -59.49 -2.71
CA GLU A 478 -44.78 -59.75 -3.57
C GLU A 478 -44.27 -58.43 -4.17
N ILE A 479 -42.96 -58.34 -4.37
CA ILE A 479 -42.38 -57.18 -5.03
C ILE A 479 -42.89 -57.16 -6.46
N PRO A 480 -43.51 -56.05 -6.93
CA PRO A 480 -43.97 -55.95 -8.32
C PRO A 480 -42.88 -56.24 -9.37
N VAL A 481 -43.31 -56.73 -10.54
CA VAL A 481 -42.41 -57.22 -11.58
C VAL A 481 -42.62 -56.44 -12.88
N ARG A 482 -43.57 -55.49 -12.86
CA ARG A 482 -43.77 -54.52 -13.92
C ARG A 482 -44.54 -53.33 -13.34
N LEU A 483 -44.82 -52.32 -14.18
CA LEU A 483 -45.74 -51.22 -13.84
C LEU A 483 -46.93 -51.27 -14.81
N CYS A 484 -48.07 -50.72 -14.36
CA CYS A 484 -49.33 -50.76 -15.10
C CYS A 484 -49.38 -49.65 -16.16
N TYR A 485 -50.17 -49.90 -17.20
CA TYR A 485 -50.43 -48.94 -18.26
C TYR A 485 -51.14 -47.72 -17.68
N PRO A 486 -50.96 -46.50 -18.25
CA PRO A 486 -51.71 -45.33 -17.82
C PRO A 486 -53.20 -45.56 -18.11
N VAL A 487 -54.05 -45.18 -17.14
CA VAL A 487 -55.49 -45.40 -17.22
C VAL A 487 -56.03 -44.74 -18.50
N LEU A 488 -55.46 -43.59 -18.88
CA LEU A 488 -55.97 -42.78 -19.99
C LEU A 488 -55.86 -43.52 -21.33
N GLU A 489 -55.01 -44.54 -21.42
CA GLU A 489 -54.92 -45.40 -22.62
C GLU A 489 -56.27 -46.11 -22.88
N SER A 490 -57.10 -46.22 -21.84
CA SER A 490 -58.42 -46.86 -21.92
C SER A 490 -59.38 -46.07 -22.83
N SER A 491 -59.13 -44.76 -23.02
CA SER A 491 -60.02 -43.90 -23.85
C SER A 491 -59.34 -43.41 -25.15
N TYR A 492 -58.02 -43.20 -25.14
CA TYR A 492 -57.30 -42.78 -26.36
C TYR A 492 -57.13 -43.95 -27.33
N ASN A 493 -56.87 -45.14 -26.79
CA ASN A 493 -56.39 -46.29 -27.58
C ASN A 493 -57.03 -47.59 -27.06
N LYS A 494 -58.37 -47.58 -26.99
CA LYS A 494 -59.19 -48.56 -26.24
C LYS A 494 -59.01 -49.99 -26.78
N LYS A 495 -59.25 -50.20 -28.08
CA LYS A 495 -59.18 -51.54 -28.67
C LYS A 495 -57.82 -52.17 -28.38
N SER A 496 -56.76 -51.44 -28.75
CA SER A 496 -55.38 -51.90 -28.61
C SER A 496 -55.03 -52.11 -27.13
N TYR A 497 -55.50 -51.21 -26.26
CA TYR A 497 -55.31 -51.28 -24.80
C TYR A 497 -55.93 -52.57 -24.24
N ASN A 498 -57.18 -52.86 -24.66
CA ASN A 498 -57.98 -54.00 -24.16
C ASN A 498 -57.35 -55.34 -24.63
N GLU A 499 -56.81 -55.36 -25.85
CA GLU A 499 -56.14 -56.55 -26.40
C GLU A 499 -54.92 -56.93 -25.54
N ALA A 500 -54.12 -55.93 -25.17
CA ALA A 500 -52.95 -56.13 -24.33
C ALA A 500 -53.37 -56.82 -23.03
N ILE A 501 -54.47 -56.31 -22.44
CA ILE A 501 -54.92 -56.71 -21.11
C ILE A 501 -55.57 -58.10 -21.16
N GLU A 502 -56.12 -58.48 -22.33
CA GLU A 502 -56.68 -59.82 -22.54
C GLU A 502 -55.56 -60.89 -22.54
N ARG A 503 -54.36 -60.52 -23.04
CA ARG A 503 -53.20 -61.45 -23.07
C ARG A 503 -52.69 -61.76 -21.65
N MET A 504 -52.87 -60.82 -20.73
CA MET A 504 -52.37 -60.93 -19.35
C MET A 504 -53.34 -61.69 -18.42
N GLY A 505 -54.57 -61.96 -18.90
CA GLY A 505 -55.60 -62.65 -18.11
C GLY A 505 -56.84 -61.80 -17.87
N GLY A 506 -56.84 -60.55 -18.38
CA GLY A 506 -58.00 -59.65 -18.32
C GLY A 506 -57.87 -58.58 -17.25
N THR A 507 -56.70 -58.51 -16.60
CA THR A 507 -56.40 -57.46 -15.60
C THR A 507 -55.02 -56.87 -15.90
N ASP A 508 -54.87 -55.57 -15.60
CA ASP A 508 -53.60 -54.86 -15.65
C ASP A 508 -52.97 -54.93 -14.25
N ASN A 509 -52.24 -56.02 -14.00
CA ASN A 509 -51.69 -56.35 -12.69
C ASN A 509 -50.17 -56.21 -12.72
N TRP A 510 -49.60 -55.59 -11.68
CA TRP A 510 -48.15 -55.34 -11.59
C TRP A 510 -47.41 -56.52 -10.95
N HIS A 511 -48.11 -57.65 -10.73
CA HIS A 511 -47.49 -58.93 -10.39
C HIS A 511 -47.45 -59.86 -11.62
N SER A 512 -47.97 -59.41 -12.78
CA SER A 512 -47.90 -60.16 -14.03
C SER A 512 -46.47 -60.13 -14.57
N LEU A 513 -45.87 -61.31 -14.71
CA LEU A 513 -44.51 -61.45 -15.27
C LEU A 513 -44.52 -60.99 -16.74
N LEU A 514 -43.56 -60.13 -17.08
CA LEU A 514 -43.26 -59.77 -18.45
C LEU A 514 -42.82 -61.04 -19.21
N TRP A 515 -42.98 -61.03 -20.53
CA TRP A 515 -42.67 -62.19 -21.38
C TRP A 515 -41.25 -62.73 -21.13
N TRP A 516 -40.24 -61.84 -20.98
CA TRP A 516 -38.84 -62.31 -20.79
C TRP A 516 -38.54 -62.73 -19.35
N ASP A 517 -39.45 -62.44 -18.42
CA ASP A 517 -39.30 -62.78 -17.00
C ASP A 517 -40.04 -64.08 -16.74
N THR A 518 -39.29 -65.18 -16.57
CA THR A 518 -39.87 -66.53 -16.45
C THR A 518 -40.16 -66.89 -14.98
N GLU A 519 -39.36 -66.37 -14.05
CA GLU A 519 -39.47 -66.66 -12.62
C GLU A 519 -39.58 -65.35 -11.82
N ASN A 520 -40.22 -65.43 -10.65
CA ASN A 520 -40.50 -64.27 -9.81
C ASN A 520 -39.26 -63.94 -8.97
N ASP B 2 15.12 30.95 -72.14
CA ASP B 2 16.58 31.06 -72.47
C ASP B 2 17.40 31.06 -71.17
N PRO B 3 18.32 30.07 -70.96
CA PRO B 3 19.01 29.94 -69.69
C PRO B 3 19.83 31.20 -69.33
N ASN B 4 20.44 31.85 -70.32
CA ASN B 4 21.27 33.02 -70.09
C ASN B 4 20.39 34.23 -69.70
N ALA B 5 19.15 34.27 -70.21
CA ALA B 5 18.20 35.36 -69.90
C ALA B 5 17.68 35.21 -68.47
N GLN B 6 17.51 33.94 -68.02
CA GLN B 6 16.98 33.63 -66.69
C GLN B 6 17.96 34.09 -65.62
N LEU B 7 19.27 33.99 -65.92
CA LEU B 7 20.33 34.41 -65.00
C LEU B 7 20.31 35.94 -64.83
N THR B 8 20.02 36.67 -65.92
CA THR B 8 19.93 38.12 -65.90
C THR B 8 18.85 38.55 -64.88
N THR B 9 17.64 38.03 -65.07
CA THR B 9 16.45 38.33 -64.27
C THR B 9 16.73 38.03 -62.79
N ALA B 10 17.31 36.85 -62.52
CA ALA B 10 17.58 36.41 -61.15
C ALA B 10 18.51 37.40 -60.45
N GLN B 11 19.55 37.84 -61.16
CA GLN B 11 20.53 38.80 -60.61
C GLN B 11 19.82 40.11 -60.28
N LEU B 12 19.01 40.62 -61.21
CA LEU B 12 18.30 41.89 -61.04
C LEU B 12 17.36 41.83 -59.83
N GLN B 13 16.60 40.73 -59.69
CA GLN B 13 15.57 40.59 -58.65
C GLN B 13 16.20 40.65 -57.25
N THR B 14 17.44 40.18 -57.12
CA THR B 14 18.15 40.08 -55.84
C THR B 14 18.00 41.36 -55.01
N TYR B 15 18.26 42.52 -55.62
CA TYR B 15 18.07 43.83 -54.98
C TYR B 15 17.08 44.70 -55.76
N GLY B 16 16.56 44.20 -56.89
CA GLY B 16 15.70 44.99 -57.78
C GLY B 16 14.23 44.89 -57.42
N ASP B 17 13.85 43.83 -56.72
CA ASP B 17 12.45 43.56 -56.36
C ASP B 17 12.03 44.50 -55.23
N LEU B 18 11.26 45.53 -55.59
CA LEU B 18 10.83 46.58 -54.66
C LEU B 18 9.95 45.99 -53.55
N SER B 19 9.10 45.03 -53.89
CA SER B 19 8.25 44.35 -52.91
C SER B 19 9.12 43.69 -51.83
N MET B 20 10.12 42.92 -52.27
CA MET B 20 10.89 42.07 -51.39
C MET B 20 11.75 42.91 -50.43
N MET B 21 12.27 44.04 -50.90
CA MET B 21 13.28 44.83 -50.16
C MET B 21 12.69 45.38 -48.86
N GLU B 22 11.36 45.45 -48.78
CA GLU B 22 10.65 45.86 -47.56
C GLU B 22 11.20 45.13 -46.34
N ILE B 23 11.48 43.84 -46.51
CA ILE B 23 11.83 42.99 -45.40
C ILE B 23 13.13 43.48 -44.77
N TYR B 24 14.08 43.96 -45.57
CA TYR B 24 15.40 44.36 -45.05
C TYR B 24 15.26 45.64 -44.21
N ARG B 25 14.43 46.58 -44.67
CA ARG B 25 14.21 47.84 -43.95
C ARG B 25 13.39 47.59 -42.67
N ASN B 26 12.41 46.68 -42.74
CA ASN B 26 11.50 46.38 -41.62
C ASN B 26 12.24 45.61 -40.51
N TYR B 27 13.02 44.60 -40.91
CA TYR B 27 13.52 43.61 -39.96
C TYR B 27 15.05 43.67 -39.84
N HIS B 28 15.74 43.25 -40.91
CA HIS B 28 17.21 43.04 -40.89
C HIS B 28 17.94 44.24 -40.30
N TYR B 29 17.68 45.44 -40.81
CA TYR B 29 18.45 46.63 -40.43
C TYR B 29 18.26 46.99 -38.97
N ALA B 30 17.10 46.60 -38.39
CA ALA B 30 16.80 46.78 -36.97
C ALA B 30 17.47 45.67 -36.14
N PHE B 31 17.43 44.43 -36.64
CA PHE B 31 18.03 43.31 -35.91
C PHE B 31 19.57 43.44 -35.85
N THR B 32 20.17 44.12 -36.84
CA THR B 32 21.62 44.34 -36.87
C THR B 32 21.99 45.64 -36.16
N GLN B 33 20.97 46.45 -35.81
CA GLN B 33 21.11 47.71 -35.06
C GLN B 33 21.98 48.70 -35.86
N GLN B 34 21.70 48.78 -37.18
CA GLN B 34 22.35 49.70 -38.08
C GLN B 34 21.41 50.88 -38.36
N LEU B 35 20.14 50.61 -38.65
CA LEU B 35 19.11 51.67 -38.78
C LEU B 35 18.03 51.52 -37.70
N MET B 36 17.48 52.68 -37.27
CA MET B 36 16.47 52.77 -36.24
C MET B 36 15.95 54.21 -36.22
N GLY B 37 14.61 54.37 -36.19
CA GLY B 37 13.92 55.69 -36.11
C GLY B 37 12.79 55.81 -37.12
N CYS B 38 13.07 55.37 -38.35
CA CYS B 38 12.09 55.24 -39.41
C CYS B 38 10.91 54.41 -38.89
N TRP B 39 9.69 54.85 -39.20
CA TRP B 39 8.51 54.20 -38.63
C TRP B 39 8.58 52.69 -38.88
N ASN B 40 8.93 52.30 -40.12
CA ASN B 40 8.85 50.91 -40.56
C ASN B 40 9.85 50.05 -39.79
N THR B 41 11.08 50.56 -39.70
CA THR B 41 12.19 49.85 -39.05
C THR B 41 11.88 49.67 -37.55
N THR B 42 11.49 50.76 -36.88
CA THR B 42 11.31 50.72 -35.44
C THR B 42 10.09 49.86 -35.05
N ASN B 43 9.03 49.95 -35.88
CA ASN B 43 7.75 49.32 -35.59
C ASN B 43 7.88 47.80 -35.66
N TYR B 44 8.44 47.31 -36.77
CA TYR B 44 8.48 45.89 -37.04
C TYR B 44 9.65 45.27 -36.29
N GLY B 45 10.87 45.57 -36.74
CA GLY B 45 12.06 44.96 -36.21
C GLY B 45 12.47 45.54 -34.88
N GLY B 46 12.37 46.85 -34.74
CA GLY B 46 12.81 47.56 -33.53
C GLY B 46 12.01 47.16 -32.29
N ARG B 47 10.73 46.80 -32.47
CA ARG B 47 9.82 46.51 -31.36
C ARG B 47 9.26 45.08 -31.45
N HIS B 48 9.88 44.25 -32.29
CA HIS B 48 9.62 42.79 -32.34
C HIS B 48 8.14 42.49 -32.64
N THR B 49 7.60 43.12 -33.68
CA THR B 49 6.24 42.88 -34.14
C THR B 49 6.21 41.65 -35.05
N LEU B 50 5.50 40.60 -34.62
CA LEU B 50 5.22 39.45 -35.46
C LEU B 50 4.18 39.85 -36.50
N ASP B 51 4.52 39.68 -37.78
CA ASP B 51 3.63 39.95 -38.89
C ASP B 51 4.04 38.98 -40.01
N ASN B 52 3.23 37.94 -40.21
CA ASN B 52 3.57 36.82 -41.06
C ASN B 52 3.79 37.27 -42.51
N ASN B 53 2.93 38.18 -42.98
CA ASN B 53 2.96 38.66 -44.37
C ASN B 53 4.31 39.35 -44.63
N GLU B 54 4.70 40.25 -43.72
CA GLU B 54 5.95 40.97 -43.83
C GLU B 54 7.15 40.01 -43.75
N MET B 55 7.03 38.93 -42.96
CA MET B 55 8.10 37.95 -42.81
C MET B 55 8.20 37.00 -44.02
N SER B 56 7.19 36.98 -44.88
CA SER B 56 7.06 35.99 -45.94
C SER B 56 7.75 36.43 -47.24
N ARG B 57 8.31 37.65 -47.27
CA ARG B 57 8.56 38.35 -48.53
C ARG B 57 9.71 37.68 -49.32
N ILE B 58 10.77 37.27 -48.63
CA ILE B 58 11.91 36.60 -49.28
C ILE B 58 11.44 35.25 -49.83
N TRP B 59 10.71 34.48 -49.01
CA TRP B 59 10.17 33.17 -49.37
C TRP B 59 9.34 33.27 -50.67
N THR B 60 8.29 34.09 -50.63
CA THR B 60 7.39 34.29 -51.76
C THR B 60 8.21 34.73 -53.00
N SER B 61 8.96 35.81 -52.88
CA SER B 61 9.65 36.43 -54.01
C SER B 61 10.55 35.41 -54.73
N PHE B 62 11.25 34.56 -53.98
CA PHE B 62 12.28 33.70 -54.58
C PHE B 62 11.66 32.40 -55.12
N TYR B 63 10.72 31.80 -54.39
CA TYR B 63 10.15 30.51 -54.78
C TYR B 63 9.18 30.68 -55.96
N THR B 64 8.69 31.90 -56.21
CA THR B 64 7.75 32.16 -57.33
C THR B 64 8.46 32.77 -58.54
N GLN B 65 9.68 33.27 -58.37
CA GLN B 65 10.45 33.90 -59.47
C GLN B 65 11.87 33.33 -59.54
N SER B 66 12.86 34.05 -58.99
CA SER B 66 14.27 33.83 -59.29
C SER B 66 14.67 32.36 -59.13
N LEU B 67 14.49 31.82 -57.92
CA LEU B 67 14.93 30.48 -57.58
C LEU B 67 14.18 29.43 -58.41
N LYS B 68 12.88 29.65 -58.66
CA LYS B 68 12.10 28.71 -59.50
C LYS B 68 12.68 28.70 -60.91
N ASN B 69 12.90 29.89 -61.47
CA ASN B 69 13.38 30.06 -62.85
C ASN B 69 14.81 29.49 -62.98
N ILE B 70 15.64 29.72 -61.95
CA ILE B 70 17.02 29.24 -61.96
C ILE B 70 17.04 27.71 -61.88
N ILE B 71 16.21 27.12 -61.02
CA ILE B 71 16.06 25.66 -60.92
C ILE B 71 15.70 25.10 -62.30
N ASP B 72 14.83 25.81 -63.02
CA ASP B 72 14.33 25.38 -64.34
C ASP B 72 15.48 25.37 -65.36
N ALA B 73 16.19 26.50 -65.44
CA ALA B 73 17.29 26.69 -66.38
C ALA B 73 18.42 25.68 -66.11
N GLN B 74 18.75 25.45 -64.83
CA GLN B 74 19.80 24.50 -64.45
C GLN B 74 19.37 23.08 -64.88
N TYR B 75 18.08 22.76 -64.77
CA TYR B 75 17.56 21.43 -65.10
C TYR B 75 17.76 21.12 -66.60
N ARG B 76 17.38 22.09 -67.45
CA ARG B 76 17.41 21.93 -68.92
C ARG B 76 18.85 21.93 -69.46
N THR B 77 19.82 22.13 -68.58
CA THR B 77 21.15 22.51 -68.95
C THR B 77 22.17 21.52 -68.36
N ALA B 78 21.70 20.56 -67.54
CA ALA B 78 22.57 19.83 -66.58
C ALA B 78 23.42 18.75 -67.27
N GLU B 79 22.81 18.00 -68.20
CA GLU B 79 23.47 16.88 -68.87
C GLU B 79 23.86 17.27 -70.30
N ASP B 80 24.63 18.36 -70.45
CA ASP B 80 24.94 18.97 -71.76
C ASP B 80 26.36 19.56 -71.70
N ALA B 81 27.29 18.92 -72.43
CA ALA B 81 28.72 19.25 -72.38
C ALA B 81 29.01 20.59 -73.08
N GLU B 82 28.08 21.05 -73.94
CA GLU B 82 28.24 22.29 -74.71
C GLU B 82 27.56 23.48 -74.01
N LYS B 83 26.97 23.25 -72.82
CA LYS B 83 26.30 24.30 -72.04
C LYS B 83 26.87 24.33 -70.62
N VAL B 84 28.09 23.82 -70.46
CA VAL B 84 28.65 23.50 -69.14
C VAL B 84 28.89 24.79 -68.31
N ASN B 85 29.14 25.93 -68.98
CA ASN B 85 29.45 27.18 -68.30
C ASN B 85 28.16 27.83 -67.74
N ILE B 86 27.11 27.92 -68.56
CA ILE B 86 25.85 28.51 -68.10
C ILE B 86 25.26 27.60 -67.00
N ASN B 87 25.38 26.28 -67.15
CA ASN B 87 24.98 25.34 -66.12
C ASN B 87 25.67 25.69 -64.80
N SER B 88 27.01 25.73 -64.82
CA SER B 88 27.80 25.86 -63.62
C SER B 88 27.55 27.21 -62.92
N VAL B 89 27.32 28.27 -63.71
CA VAL B 89 27.01 29.59 -63.16
C VAL B 89 25.63 29.55 -62.49
N LEU B 90 24.66 28.91 -63.16
CA LEU B 90 23.32 28.80 -62.60
C LEU B 90 23.38 28.01 -61.29
N ARG B 91 24.19 26.96 -61.26
CA ARG B 91 24.36 26.18 -60.05
C ARG B 91 24.91 27.08 -58.92
N ILE B 92 25.87 27.95 -59.25
CA ILE B 92 26.51 28.81 -58.25
C ILE B 92 25.51 29.85 -57.74
N TYR B 93 24.69 30.42 -58.62
CA TYR B 93 23.74 31.46 -58.21
C TYR B 93 22.54 30.84 -57.49
N ARG B 94 22.17 29.60 -57.83
CA ARG B 94 21.09 28.89 -57.12
C ARG B 94 21.46 28.75 -55.63
N VAL B 95 22.70 28.32 -55.39
CA VAL B 95 23.24 28.14 -54.07
C VAL B 95 23.20 29.47 -53.31
N TYR B 96 23.55 30.57 -53.98
CA TYR B 96 23.57 31.89 -53.32
C TYR B 96 22.15 32.25 -52.87
N LEU B 97 21.19 32.17 -53.80
CA LEU B 97 19.81 32.52 -53.49
C LEU B 97 19.28 31.59 -52.39
N MET B 98 19.51 30.29 -52.52
CA MET B 98 19.04 29.34 -51.52
C MET B 98 19.60 29.72 -50.14
N SER B 99 20.86 30.17 -50.10
CA SER B 99 21.54 30.56 -48.85
C SER B 99 20.73 31.65 -48.13
N ILE B 100 20.10 32.56 -48.88
CA ILE B 100 19.34 33.65 -48.31
C ILE B 100 18.06 33.09 -47.66
N ILE B 101 17.48 32.06 -48.29
CA ILE B 101 16.25 31.47 -47.82
C ILE B 101 16.51 30.69 -46.52
N THR B 102 17.48 29.78 -46.50
CA THR B 102 17.73 28.95 -45.31
C THR B 102 18.30 29.80 -44.16
N ASP B 103 18.93 30.94 -44.48
CA ASP B 103 19.55 31.81 -43.44
C ASP B 103 18.48 32.72 -42.79
N THR B 104 17.30 32.81 -43.43
CA THR B 104 16.16 33.61 -42.97
C THR B 104 15.17 32.73 -42.17
N TYR B 105 14.66 31.70 -42.85
CA TYR B 105 13.85 30.62 -42.32
C TYR B 105 14.78 29.40 -42.28
N GLY B 106 14.58 28.42 -41.41
CA GLY B 106 15.61 27.34 -41.34
C GLY B 106 15.50 26.31 -42.46
N ASP B 107 14.96 25.13 -42.12
CA ASP B 107 14.67 24.09 -43.08
C ASP B 107 13.76 24.67 -44.16
N ALA B 108 13.95 24.26 -45.41
CA ALA B 108 13.17 24.79 -46.54
C ALA B 108 13.39 23.90 -47.76
N PRO B 109 12.45 23.89 -48.73
CA PRO B 109 12.63 23.11 -49.96
C PRO B 109 13.85 23.57 -50.77
N PHE B 110 14.58 22.60 -51.33
CA PHE B 110 15.77 22.88 -52.14
C PHE B 110 15.94 21.76 -53.18
N SER B 111 16.24 20.56 -52.68
CA SER B 111 16.43 19.39 -53.52
C SER B 111 15.19 19.13 -54.39
N GLU B 112 14.00 19.20 -53.80
CA GLU B 112 12.76 18.83 -54.49
C GLU B 112 11.99 20.07 -54.99
N ALA B 113 12.54 21.27 -54.74
CA ALA B 113 11.85 22.52 -55.04
C ALA B 113 11.82 22.77 -56.56
N GLY B 114 10.74 23.45 -57.00
CA GLY B 114 10.57 23.96 -58.37
C GLY B 114 10.48 22.87 -59.42
N LEU B 115 9.77 21.78 -59.09
CA LEU B 115 9.67 20.60 -59.96
C LEU B 115 8.21 20.23 -60.21
N GLY B 116 7.41 21.21 -60.64
CA GLY B 116 6.05 20.98 -61.11
C GLY B 116 6.04 20.14 -62.39
N PHE B 117 6.68 20.66 -63.43
CA PHE B 117 6.83 19.96 -64.72
C PHE B 117 7.75 18.74 -64.55
N LYS B 121 6.46 16.34 -59.43
CA LYS B 121 6.70 16.45 -57.98
C LYS B 121 6.20 17.80 -57.47
N PHE B 122 4.97 17.81 -56.94
CA PHE B 122 4.46 18.93 -56.13
C PHE B 122 4.67 18.58 -54.66
N ASN B 123 4.36 19.53 -53.77
CA ASN B 123 4.51 19.33 -52.32
C ASN B 123 5.95 18.94 -52.02
N PRO B 124 6.94 19.84 -52.27
CA PRO B 124 8.34 19.52 -52.02
C PRO B 124 8.63 19.49 -50.51
N LYS B 125 9.51 18.57 -50.09
CA LYS B 125 9.88 18.44 -48.69
C LYS B 125 10.82 19.59 -48.30
N TYR B 126 10.80 19.94 -47.03
CA TYR B 126 11.69 20.93 -46.46
C TYR B 126 13.00 20.22 -46.07
N ASP B 127 14.06 20.46 -46.85
CA ASP B 127 15.39 19.93 -46.58
C ASP B 127 15.90 20.51 -45.26
N LYS B 128 16.48 19.67 -44.40
CA LYS B 128 17.15 20.13 -43.19
C LYS B 128 18.26 21.12 -43.60
N GLN B 129 18.42 22.17 -42.79
CA GLN B 129 19.42 23.21 -43.05
C GLN B 129 20.82 22.57 -43.12
N GLU B 130 21.08 21.59 -42.26
CA GLU B 130 22.34 20.86 -42.25
C GLU B 130 22.62 20.29 -43.65
N ASP B 131 21.60 19.67 -44.25
CA ASP B 131 21.71 19.02 -45.54
C ASP B 131 21.79 20.06 -46.64
N ILE B 132 21.11 21.21 -46.46
CA ILE B 132 21.16 22.29 -47.42
C ILE B 132 22.61 22.81 -47.50
N TYR B 133 23.27 22.92 -46.36
CA TYR B 133 24.65 23.41 -46.30
C TYR B 133 25.60 22.33 -46.86
N ASN B 134 25.31 21.06 -46.58
CA ASN B 134 26.06 19.95 -47.19
C ASN B 134 26.03 20.09 -48.71
N ALA B 135 24.86 20.40 -49.26
CA ALA B 135 24.64 20.50 -50.70
C ALA B 135 25.32 21.77 -51.27
N PHE B 136 25.46 22.82 -50.46
CA PHE B 136 26.14 24.04 -50.92
C PHE B 136 27.59 23.73 -51.30
N PHE B 137 28.29 23.00 -50.43
CA PHE B 137 29.70 22.70 -50.64
C PHE B 137 29.85 21.82 -51.88
N LEU B 138 29.01 20.80 -52.02
CA LEU B 138 29.13 19.84 -53.13
C LEU B 138 28.80 20.51 -54.48
N GLU B 139 27.83 21.42 -54.47
CA GLU B 139 27.40 22.09 -55.70
C GLU B 139 28.49 23.07 -56.17
N LEU B 140 29.03 23.87 -55.24
CA LEU B 140 30.01 24.90 -55.57
C LEU B 140 31.32 24.25 -56.04
N GLU B 141 31.72 23.15 -55.39
CA GLU B 141 32.93 22.41 -55.75
C GLU B 141 32.79 21.83 -57.16
N ASP B 142 31.67 21.17 -57.42
CA ASP B 142 31.46 20.49 -58.70
C ASP B 142 31.35 21.53 -59.83
N ALA B 143 30.67 22.65 -59.57
CA ALA B 143 30.50 23.71 -60.59
C ALA B 143 31.86 24.30 -60.98
N VAL B 144 32.72 24.49 -59.98
CA VAL B 144 34.07 25.05 -60.14
C VAL B 144 34.92 24.11 -61.04
N ASN B 145 34.71 22.79 -60.90
CA ASN B 145 35.46 21.76 -61.62
C ASN B 145 34.92 21.56 -63.04
N LYS B 146 33.64 21.87 -63.27
CA LYS B 146 33.01 21.67 -64.58
C LYS B 146 33.34 22.84 -65.50
N ILE B 147 33.45 24.05 -64.92
CA ILE B 147 33.71 25.29 -65.69
C ILE B 147 34.89 25.08 -66.64
N ASP B 148 34.72 25.57 -67.88
CA ASP B 148 35.65 25.34 -68.98
C ASP B 148 35.47 26.43 -70.04
N PRO B 149 36.32 27.47 -70.08
CA PRO B 149 36.15 28.61 -70.98
C PRO B 149 36.20 28.33 -72.49
N THR B 150 36.60 27.11 -72.89
CA THR B 150 36.63 26.74 -74.31
C THR B 150 35.22 26.44 -74.82
N LYS B 151 34.25 26.32 -73.91
CA LYS B 151 32.89 25.94 -74.23
C LYS B 151 32.04 27.20 -74.43
N ASP B 152 30.78 27.15 -73.98
CA ASP B 152 29.75 28.19 -74.23
C ASP B 152 30.12 29.48 -73.51
N LYS B 153 29.85 30.62 -74.15
CA LYS B 153 30.05 31.91 -73.51
C LYS B 153 28.71 32.35 -72.87
N VAL B 154 28.83 33.06 -71.74
CA VAL B 154 27.71 33.47 -70.89
C VAL B 154 27.39 34.95 -71.17
N THR B 155 26.15 35.20 -71.61
CA THR B 155 25.80 36.40 -72.36
C THR B 155 25.11 37.46 -71.48
N GLY B 156 24.38 37.04 -70.45
CA GLY B 156 23.46 37.91 -69.71
C GLY B 156 23.88 38.15 -68.26
N ASP B 157 25.19 37.99 -67.98
CA ASP B 157 25.73 38.07 -66.63
C ASP B 157 26.03 39.53 -66.28
N LEU B 158 25.31 40.05 -65.26
CA LEU B 158 25.41 41.46 -64.82
C LEU B 158 26.44 41.60 -63.70
N ILE B 159 27.06 40.50 -63.28
CA ILE B 159 28.11 40.53 -62.25
C ILE B 159 29.51 40.58 -62.91
N TYR B 160 29.88 39.52 -63.65
CA TYR B 160 31.25 39.36 -64.14
C TYR B 160 31.33 39.44 -65.68
N ALA B 161 30.21 39.80 -66.33
CA ALA B 161 30.13 39.97 -67.80
C ALA B 161 30.61 38.72 -68.53
N GLY B 162 30.34 37.54 -67.96
CA GLY B 162 30.65 36.26 -68.59
C GLY B 162 32.01 35.70 -68.21
N ASP B 163 32.86 36.52 -67.57
CA ASP B 163 34.19 36.08 -67.13
C ASP B 163 34.01 34.96 -66.11
N VAL B 164 34.29 33.75 -66.56
CA VAL B 164 33.84 32.54 -65.94
C VAL B 164 34.89 32.07 -64.92
N THR B 165 36.13 32.55 -65.07
CA THR B 165 37.20 32.40 -64.08
C THR B 165 36.82 33.13 -62.79
N LYS B 166 36.14 34.26 -62.92
CA LYS B 166 35.73 35.05 -61.77
C LYS B 166 34.58 34.35 -61.03
N TRP B 167 33.74 33.60 -61.76
CA TRP B 167 32.70 32.75 -61.16
C TRP B 167 33.34 31.64 -60.32
N GLN B 168 34.49 31.13 -60.77
CA GLN B 168 35.28 30.17 -59.98
C GLN B 168 35.69 30.82 -58.65
N GLN B 169 36.10 32.10 -58.71
CA GLN B 169 36.56 32.86 -57.54
C GLN B 169 35.38 33.12 -56.58
N LEU B 170 34.21 33.46 -57.13
CA LEU B 170 33.01 33.69 -56.33
C LEU B 170 32.62 32.39 -55.62
N ALA B 171 32.50 31.31 -56.40
CA ALA B 171 32.08 30.01 -55.89
C ALA B 171 32.96 29.61 -54.69
N ASN B 172 34.28 29.70 -54.87
CA ASN B 172 35.24 29.26 -53.87
C ASN B 172 35.16 30.19 -52.64
N SER B 173 34.85 31.47 -52.87
CA SER B 173 34.69 32.46 -51.81
C SER B 173 33.38 32.22 -51.03
N LEU B 174 32.33 31.79 -51.74
CA LEU B 174 31.10 31.39 -51.10
C LEU B 174 31.39 30.18 -50.21
N ARG B 175 32.24 29.26 -50.70
CA ARG B 175 32.64 28.09 -49.92
C ARG B 175 33.26 28.55 -48.60
N LEU B 176 34.10 29.60 -48.66
CA LEU B 176 34.71 30.20 -47.48
C LEU B 176 33.61 30.72 -46.52
N ARG B 177 32.65 31.47 -47.07
CA ARG B 177 31.56 32.09 -46.28
C ARG B 177 30.77 31.02 -45.52
N PHE B 178 30.42 29.95 -46.23
CA PHE B 178 29.58 28.88 -45.71
C PHE B 178 30.37 27.98 -44.76
N ALA B 179 31.65 27.78 -45.03
CA ALA B 179 32.55 27.04 -44.13
C ALA B 179 32.63 27.74 -42.78
N MET B 180 32.82 29.06 -42.79
CA MET B 180 32.96 29.84 -41.56
C MET B 180 31.61 29.92 -40.83
N ARG B 181 30.50 29.89 -41.59
CA ARG B 181 29.16 29.91 -41.00
C ARG B 181 28.96 28.68 -40.11
N ILE B 182 29.43 27.50 -40.57
CA ILE B 182 29.16 26.24 -39.88
C ILE B 182 30.29 25.93 -38.88
N SER B 183 31.13 26.92 -38.58
CA SER B 183 32.34 26.73 -37.77
C SER B 183 32.03 26.48 -36.28
N SER B 184 30.87 26.95 -35.79
CA SER B 184 30.46 26.68 -34.39
C SER B 184 29.82 25.28 -34.28
N VAL B 185 28.94 24.96 -35.23
CA VAL B 185 28.11 23.76 -35.17
C VAL B 185 28.90 22.51 -35.60
N ASN B 186 29.87 22.67 -36.50
CA ASN B 186 30.60 21.52 -37.07
C ASN B 186 32.05 21.94 -37.35
N PRO B 187 32.88 22.16 -36.29
CA PRO B 187 34.21 22.74 -36.44
C PRO B 187 35.12 21.97 -37.41
N THR B 188 35.08 20.64 -37.37
CA THR B 188 35.97 19.78 -38.17
C THR B 188 35.66 19.94 -39.65
N LYS B 189 34.37 19.95 -40.02
CA LYS B 189 33.96 20.11 -41.41
C LYS B 189 34.27 21.53 -41.88
N ALA B 190 34.05 22.52 -41.00
CA ALA B 190 34.29 23.92 -41.33
C ALA B 190 35.72 24.12 -41.82
N GLN B 191 36.69 23.59 -41.05
CA GLN B 191 38.11 23.72 -41.36
C GLN B 191 38.42 23.06 -42.71
N THR B 192 37.97 21.81 -42.89
CA THR B 192 38.19 21.04 -44.11
C THR B 192 37.66 21.80 -45.33
N GLU B 193 36.43 22.34 -45.22
CA GLU B 193 35.75 22.95 -46.37
C GLU B 193 36.40 24.29 -46.72
N PHE B 194 36.92 24.99 -45.70
CA PHE B 194 37.60 26.25 -45.88
C PHE B 194 38.94 26.02 -46.61
N GLU B 195 39.70 25.01 -46.17
CA GLU B 195 41.01 24.67 -46.73
C GLU B 195 40.88 24.13 -48.16
N ASN B 196 39.92 23.23 -48.38
CA ASN B 196 39.62 22.71 -49.72
C ASN B 196 39.38 23.88 -50.69
N ALA B 197 38.61 24.88 -50.25
CA ALA B 197 38.22 26.01 -51.11
C ALA B 197 39.47 26.79 -51.56
N LEU B 198 40.41 27.02 -50.65
CA LEU B 198 41.61 27.82 -50.93
C LEU B 198 42.48 27.15 -52.00
N ALA B 199 42.41 25.81 -52.05
CA ALA B 199 43.20 24.98 -52.95
C ALA B 199 42.40 24.60 -54.20
N ALA B 200 41.15 25.05 -54.32
CA ALA B 200 40.30 24.65 -55.44
C ALA B 200 40.67 25.43 -56.72
N ASN B 201 40.23 24.91 -57.86
CA ASN B 201 40.43 25.52 -59.18
C ASN B 201 39.95 26.98 -59.15
N GLY B 202 40.78 27.88 -59.71
CA GLY B 202 40.45 29.29 -59.86
C GLY B 202 40.75 30.11 -58.62
N GLY B 203 40.88 29.45 -57.45
CA GLY B 203 41.14 30.12 -56.18
C GLY B 203 39.95 30.95 -55.74
N VAL B 204 40.20 31.90 -54.83
CA VAL B 204 39.16 32.73 -54.23
C VAL B 204 39.31 34.17 -54.74
N ILE B 205 38.43 35.07 -54.28
CA ILE B 205 38.53 36.51 -54.60
C ILE B 205 39.67 37.11 -53.77
N THR B 206 40.80 37.42 -54.42
CA THR B 206 42.02 37.85 -53.71
C THR B 206 42.17 39.36 -53.72
N ASP B 207 41.42 40.10 -54.56
CA ASP B 207 41.39 41.57 -54.46
C ASP B 207 40.10 42.12 -55.08
N ALA B 208 39.92 43.45 -54.97
CA ALA B 208 38.64 44.15 -55.19
C ALA B 208 38.19 44.12 -56.66
N SER B 209 39.07 43.73 -57.58
CA SER B 209 38.77 43.72 -59.01
C SER B 209 37.92 42.49 -59.36
N SER B 210 37.82 41.52 -58.44
CA SER B 210 37.01 40.33 -58.64
C SER B 210 35.77 40.35 -57.71
N ASP B 211 35.43 41.51 -57.13
CA ASP B 211 34.24 41.64 -56.27
C ASP B 211 33.01 41.30 -57.10
N ALA B 212 32.06 40.59 -56.47
CA ALA B 212 30.80 40.19 -57.09
C ALA B 212 29.73 41.24 -56.76
N LEU B 213 29.46 42.12 -57.73
CA LEU B 213 28.52 43.22 -57.63
C LEU B 213 27.56 43.16 -58.83
N ILE B 214 26.26 43.10 -58.55
CA ILE B 214 25.22 43.21 -59.58
C ILE B 214 25.15 44.68 -59.99
N LYS B 215 25.21 44.93 -61.31
CA LYS B 215 25.15 46.27 -61.88
C LYS B 215 23.67 46.66 -62.06
N TYR B 216 23.30 47.81 -61.47
CA TYR B 216 21.94 48.37 -61.58
C TYR B 216 21.99 49.69 -62.34
N MET B 217 20.89 50.03 -63.03
CA MET B 217 20.77 51.24 -63.83
C MET B 217 20.24 52.38 -62.93
N THR B 218 20.38 53.62 -63.42
CA THR B 218 19.78 54.79 -62.79
C THR B 218 18.37 54.98 -63.34
N ILE B 219 17.39 54.49 -62.59
CA ILE B 219 15.98 54.66 -62.90
C ILE B 219 15.34 55.51 -61.81
N ALA B 220 14.46 56.42 -62.23
CA ALA B 220 13.77 57.32 -61.33
C ALA B 220 13.02 56.49 -60.29
N PHE B 221 13.14 56.88 -59.01
CA PHE B 221 12.36 56.27 -57.94
C PHE B 221 10.88 56.53 -58.21
N SER B 222 10.06 55.51 -57.91
CA SER B 222 8.64 55.54 -58.15
C SER B 222 8.02 54.36 -57.39
N PHE B 223 6.86 54.61 -56.76
CA PHE B 223 6.20 53.66 -55.89
C PHE B 223 4.83 53.26 -56.45
N GLY B 224 4.64 53.45 -57.77
CA GLY B 224 3.41 53.08 -58.48
C GLY B 224 3.38 51.62 -58.86
N GLN B 225 2.22 51.17 -59.37
CA GLN B 225 1.97 49.78 -59.77
C GLN B 225 3.16 49.24 -60.58
N GLU B 226 3.51 49.97 -61.63
CA GLU B 226 4.43 49.50 -62.65
C GLU B 226 5.84 49.32 -62.09
N ALA B 227 6.16 50.01 -60.99
CA ALA B 227 7.47 49.98 -60.37
C ALA B 227 7.78 48.60 -59.76
N TYR B 228 6.73 47.82 -59.45
CA TYR B 228 6.89 46.56 -58.73
C TYR B 228 7.27 45.41 -59.69
N SER B 229 7.26 45.67 -61.01
CA SER B 229 7.68 44.69 -62.01
C SER B 229 9.00 45.11 -62.67
N ASP B 230 9.69 46.09 -62.09
CA ASP B 230 10.88 46.71 -62.69
C ASP B 230 12.08 46.53 -61.75
N TYR B 231 12.96 45.58 -62.10
CA TYR B 231 14.09 45.19 -61.24
C TYR B 231 15.41 45.80 -61.74
N ARG B 232 15.32 46.76 -62.67
CA ARG B 232 16.50 47.33 -63.32
C ARG B 232 17.28 48.24 -62.35
N GLY B 233 16.56 48.81 -61.38
CA GLY B 233 17.15 49.67 -60.38
C GLY B 233 17.37 48.94 -59.07
N ASN B 234 18.28 49.49 -58.25
CA ASN B 234 18.49 49.02 -56.90
C ASN B 234 17.33 49.55 -56.06
N SER B 235 16.40 48.65 -55.72
CA SER B 235 15.18 49.01 -55.02
C SER B 235 15.40 49.02 -53.50
N LEU B 236 16.49 48.42 -53.03
CA LEU B 236 16.84 48.55 -51.62
C LEU B 236 17.15 50.02 -51.36
N SER B 237 17.95 50.62 -52.25
CA SER B 237 18.34 52.01 -52.13
C SER B 237 17.10 52.91 -52.22
N GLN B 238 16.18 52.59 -53.14
CA GLN B 238 14.94 53.34 -53.28
C GLN B 238 14.20 53.38 -51.93
N LEU B 239 14.15 52.23 -51.26
CA LEU B 239 13.35 52.08 -50.07
C LEU B 239 14.03 52.77 -48.87
N LEU B 240 15.36 52.73 -48.82
CA LEU B 240 16.11 53.41 -47.76
C LEU B 240 16.01 54.94 -47.91
N PHE B 241 15.71 55.42 -49.13
CA PHE B 241 15.33 56.81 -49.34
C PHE B 241 13.89 57.01 -48.81
N GLY B 242 12.97 56.18 -49.32
CA GLY B 242 11.69 55.90 -48.69
C GLY B 242 10.49 56.38 -49.49
N ASN B 243 9.36 55.73 -49.24
CA ASN B 243 8.04 56.11 -49.75
C ASN B 243 7.55 57.40 -49.06
N ASP B 244 8.08 57.66 -47.86
CA ASP B 244 7.78 58.83 -47.05
C ASP B 244 9.12 59.43 -46.60
N PRO B 245 9.95 59.94 -47.55
CA PRO B 245 11.35 60.24 -47.28
C PRO B 245 11.64 61.44 -46.35
N ALA B 246 10.71 62.39 -46.28
CA ALA B 246 10.83 63.54 -45.41
C ALA B 246 10.61 63.13 -43.96
N ASN B 247 9.47 62.49 -43.68
CA ASN B 247 9.03 62.17 -42.32
C ASN B 247 9.71 60.89 -41.80
N ASN B 248 10.01 59.94 -42.71
CA ASN B 248 10.56 58.62 -42.32
C ASN B 248 11.72 58.23 -43.25
N PRO B 249 12.87 58.94 -43.15
CA PRO B 249 14.10 58.53 -43.82
C PRO B 249 14.87 57.47 -43.01
N SER B 250 16.05 57.07 -43.53
CA SER B 250 16.93 56.10 -42.87
C SER B 250 17.75 56.79 -41.79
N TYR B 251 17.20 56.85 -40.57
CA TYR B 251 17.94 57.29 -39.39
C TYR B 251 18.84 56.16 -38.94
N LEU B 252 20.04 56.50 -38.45
CA LEU B 252 20.97 55.49 -38.00
C LEU B 252 20.65 55.13 -36.54
N CYS B 253 20.85 53.86 -36.22
CA CYS B 253 20.81 53.33 -34.87
C CYS B 253 22.10 53.71 -34.12
N SER B 254 22.00 53.96 -32.81
CA SER B 254 23.12 54.42 -31.98
C SER B 254 24.25 53.38 -31.93
N THR B 255 23.90 52.09 -31.99
CA THR B 255 24.87 51.02 -31.88
C THR B 255 25.90 51.20 -33.02
N PHE B 256 25.37 51.39 -34.23
CA PHE B 256 26.14 51.52 -35.46
C PHE B 256 26.85 52.87 -35.47
N PHE B 257 26.10 53.95 -35.24
CA PHE B 257 26.69 55.26 -35.30
C PHE B 257 27.79 55.43 -34.24
N ASN B 258 27.54 54.98 -33.00
CA ASN B 258 28.49 55.17 -31.91
C ASN B 258 29.77 54.34 -32.17
N GLN B 259 29.62 53.14 -32.74
CA GLN B 259 30.75 52.30 -33.09
C GLN B 259 31.69 53.11 -34.00
N LEU B 260 31.12 53.70 -35.05
CA LEU B 260 31.88 54.47 -36.01
C LEU B 260 32.49 55.69 -35.33
N TYR B 261 31.64 56.55 -34.77
CA TYR B 261 32.06 57.81 -34.19
C TYR B 261 33.07 57.59 -33.07
N ASN B 262 32.78 56.67 -32.14
CA ASN B 262 33.58 56.51 -30.90
C ASN B 262 34.93 55.82 -31.20
N SER B 263 35.03 55.11 -32.33
CA SER B 263 36.27 54.45 -32.73
C SER B 263 37.10 55.34 -33.68
N GLY B 264 36.61 56.55 -33.99
CA GLY B 264 37.26 57.46 -34.93
C GLY B 264 37.31 56.91 -36.34
N ASP B 265 36.31 56.10 -36.70
CA ASP B 265 36.27 55.44 -38.01
C ASP B 265 36.18 56.52 -39.09
N PRO B 266 37.09 56.50 -40.09
CA PRO B 266 37.00 57.40 -41.25
C PRO B 266 35.68 57.35 -42.03
N ARG B 267 34.92 56.26 -41.91
CA ARG B 267 33.66 56.08 -42.64
C ARG B 267 32.48 56.78 -41.95
N THR B 268 32.68 57.29 -40.73
CA THR B 268 31.59 57.81 -39.89
C THR B 268 30.71 58.78 -40.69
N PHE B 269 31.33 59.79 -41.28
CA PHE B 269 30.61 60.86 -41.99
C PHE B 269 30.68 60.64 -43.51
N LYS B 270 31.02 59.42 -43.92
CA LYS B 270 30.87 58.96 -45.30
C LYS B 270 29.59 58.13 -45.40
N ILE B 271 29.34 57.29 -44.38
CA ILE B 271 28.11 56.50 -44.28
C ILE B 271 26.94 57.37 -43.81
N SER B 272 27.20 58.34 -42.92
CA SER B 272 26.13 59.14 -42.32
C SER B 272 26.42 60.64 -42.47
N ARG B 273 25.35 61.42 -42.64
CA ARG B 273 25.36 62.87 -42.46
C ARG B 273 24.11 63.27 -41.65
N CYS B 274 24.13 64.48 -41.10
CA CYS B 274 22.93 65.16 -40.61
C CYS B 274 22.45 66.13 -41.70
N TYR B 275 21.18 65.98 -42.10
CA TYR B 275 20.56 66.77 -43.16
C TYR B 275 19.32 67.51 -42.63
N TYR B 276 19.09 68.72 -43.16
CA TYR B 276 17.77 69.37 -43.13
C TYR B 276 17.05 69.10 -44.45
N ASP B 277 15.88 68.47 -44.37
CA ASP B 277 15.22 67.92 -45.57
C ASP B 277 13.95 68.73 -45.94
N GLY B 278 13.84 69.96 -45.45
CA GLY B 278 12.68 70.83 -45.69
C GLY B 278 12.46 71.14 -47.16
N LEU B 279 13.53 71.23 -47.95
CA LEU B 279 13.47 71.61 -49.36
C LEU B 279 13.64 70.39 -50.28
N MET B 280 13.79 69.20 -49.70
CA MET B 280 14.08 67.95 -50.44
C MET B 280 12.91 67.62 -51.38
N SER B 281 13.23 67.06 -52.56
CA SER B 281 12.23 66.56 -53.51
C SER B 281 11.45 65.42 -52.88
N ALA B 282 10.37 65.00 -53.57
CA ALA B 282 9.55 63.89 -53.13
C ALA B 282 10.11 62.57 -53.67
N THR B 283 10.84 62.61 -54.78
CA THR B 283 11.21 61.40 -55.53
C THR B 283 12.73 61.20 -55.63
N SER B 284 13.53 62.01 -54.93
CA SER B 284 15.00 61.89 -54.97
C SER B 284 15.63 62.62 -53.79
N PRO B 285 16.86 62.26 -53.36
CA PRO B 285 17.55 63.01 -52.31
C PRO B 285 18.28 64.27 -52.80
N ASP B 286 17.59 65.09 -53.61
CA ASP B 286 18.11 66.36 -54.10
C ASP B 286 17.72 67.47 -53.11
N ASN B 287 18.60 68.47 -52.96
CA ASN B 287 18.35 69.72 -52.21
C ASN B 287 18.18 69.46 -50.70
N ARG B 288 18.93 68.49 -50.17
CA ARG B 288 19.11 68.34 -48.74
C ARG B 288 20.19 69.32 -48.30
N VAL B 289 20.07 69.86 -47.09
CA VAL B 289 21.05 70.77 -46.52
C VAL B 289 21.89 69.99 -45.50
N ASP B 290 23.20 69.89 -45.76
CA ASP B 290 24.12 69.17 -44.91
C ASP B 290 24.55 70.10 -43.76
N ILE B 291 24.22 69.71 -42.52
CA ILE B 291 24.53 70.52 -41.33
C ILE B 291 25.62 69.83 -40.48
N THR B 292 26.16 68.70 -40.96
CA THR B 292 27.07 67.89 -40.16
C THR B 292 28.22 68.75 -39.63
N GLN B 293 28.86 69.51 -40.53
CA GLN B 293 30.04 70.32 -40.20
C GLN B 293 29.65 71.44 -39.23
N GLU B 294 28.50 72.09 -39.48
CA GLU B 294 27.96 73.13 -38.61
C GLU B 294 27.83 72.60 -37.16
N MET B 295 27.23 71.43 -37.01
CA MET B 295 27.00 70.83 -35.70
C MET B 295 28.36 70.63 -34.99
N ILE B 296 29.34 70.10 -35.73
CA ILE B 296 30.68 69.84 -35.19
C ILE B 296 31.30 71.15 -34.72
N GLU B 297 31.29 72.17 -35.59
CA GLU B 297 31.91 73.48 -35.33
C GLU B 297 31.26 74.16 -34.12
N LYS B 298 29.96 73.90 -33.89
CA LYS B 298 29.19 74.57 -32.84
C LYS B 298 29.07 73.68 -31.59
N GLY B 299 29.53 72.43 -31.67
CA GLY B 299 29.57 71.51 -30.52
C GLY B 299 28.21 70.92 -30.16
N ILE B 300 27.35 70.74 -31.18
CA ILE B 300 26.01 70.13 -31.02
C ILE B 300 26.18 68.61 -31.05
N ALA B 301 25.59 67.94 -30.05
CA ALA B 301 25.70 66.49 -29.92
C ALA B 301 24.81 65.81 -30.96
N PHE B 302 25.31 64.68 -31.50
CA PHE B 302 24.52 63.82 -32.35
C PHE B 302 23.61 62.98 -31.45
N SER B 303 22.41 62.67 -31.96
CA SER B 303 21.42 61.94 -31.20
C SER B 303 20.86 60.78 -32.01
N PRO B 304 21.66 59.72 -32.28
CA PRO B 304 21.17 58.56 -33.01
C PRO B 304 20.20 57.77 -32.13
N ARG B 305 19.37 56.94 -32.76
CA ARG B 305 18.24 56.27 -32.11
C ARG B 305 18.67 54.93 -31.51
N ASP B 306 18.49 54.80 -30.20
CA ASP B 306 18.67 53.55 -29.49
C ASP B 306 17.69 52.54 -30.07
N PRO B 307 17.99 51.22 -30.03
CA PRO B 307 17.04 50.21 -30.49
C PRO B 307 15.67 50.37 -29.81
N GLY B 308 14.61 50.42 -30.62
CA GLY B 308 13.23 50.53 -30.16
C GLY B 308 12.68 51.94 -30.26
N ALA B 309 13.55 52.92 -30.51
CA ALA B 309 13.18 54.33 -30.54
C ALA B 309 12.71 54.74 -31.94
N TYR B 310 11.70 55.60 -31.97
CA TYR B 310 11.26 56.31 -33.16
C TYR B 310 12.06 57.61 -33.27
N SER B 311 11.98 58.27 -34.45
CA SER B 311 12.66 59.54 -34.69
C SER B 311 12.11 60.64 -33.77
N TRP B 312 10.83 60.53 -33.41
CA TRP B 312 10.06 61.58 -32.71
C TRP B 312 10.04 61.38 -31.19
N GLU B 313 10.57 60.26 -30.69
CA GLU B 313 10.61 60.01 -29.23
C GLU B 313 11.80 59.11 -28.91
N PRO B 314 12.76 59.55 -28.06
CA PRO B 314 12.78 60.90 -27.49
C PRO B 314 13.05 62.02 -28.51
N TRP B 315 12.34 63.15 -28.33
CA TRP B 315 12.48 64.32 -29.17
C TRP B 315 13.70 65.11 -28.69
N PRO B 316 14.76 65.24 -29.52
CA PRO B 316 16.02 65.82 -29.06
C PRO B 316 15.95 67.35 -28.93
N THR B 317 16.68 67.88 -27.93
CA THR B 317 17.04 69.28 -27.91
C THR B 317 17.96 69.52 -29.10
N GLY B 318 17.53 70.38 -30.01
CA GLY B 318 18.31 70.70 -31.19
C GLY B 318 19.14 71.94 -30.98
N TYR B 319 19.17 72.78 -32.01
CA TYR B 319 19.86 74.06 -31.98
C TYR B 319 19.32 74.91 -33.13
N ASP B 320 19.76 76.18 -33.18
CA ASP B 320 19.43 77.07 -34.28
C ASP B 320 20.56 77.02 -35.32
N SER B 321 20.23 76.50 -36.51
CA SER B 321 21.16 76.37 -37.62
C SER B 321 21.28 77.72 -38.34
N ASP B 322 22.52 78.22 -38.45
CA ASP B 322 22.84 79.47 -39.17
C ASP B 322 22.66 79.27 -40.68
N ILE B 323 23.06 78.10 -41.19
CA ILE B 323 22.91 77.75 -42.61
C ILE B 323 21.43 77.83 -42.98
N CYS B 324 20.58 77.19 -42.17
CA CYS B 324 19.13 77.11 -42.44
C CYS B 324 18.46 78.49 -42.23
N ALA B 325 18.87 79.23 -41.19
CA ALA B 325 18.43 80.62 -40.96
C ALA B 325 18.72 81.49 -42.20
N GLU B 326 19.84 81.24 -42.87
CA GLU B 326 20.22 81.99 -44.08
C GLU B 326 19.26 81.67 -45.23
N LEU B 327 19.03 80.37 -45.45
CA LEU B 327 18.09 79.90 -46.47
C LEU B 327 16.73 80.56 -46.26
N ALA B 328 16.34 80.73 -44.99
CA ALA B 328 15.00 81.12 -44.57
C ALA B 328 14.67 82.57 -44.98
N VAL B 329 15.67 83.44 -45.09
CA VAL B 329 15.36 84.85 -45.39
C VAL B 329 14.71 84.92 -46.78
N ASN B 330 15.13 84.06 -47.72
CA ASN B 330 14.65 84.14 -49.11
C ASN B 330 13.39 83.28 -49.31
N ASN B 331 13.27 82.14 -48.62
CA ASN B 331 11.98 81.45 -48.57
C ASN B 331 11.71 80.97 -47.15
N PRO B 332 10.67 81.53 -46.48
CA PRO B 332 10.51 81.45 -45.03
C PRO B 332 9.70 80.25 -44.51
N SER B 333 9.35 79.31 -45.42
CA SER B 333 8.82 78.02 -45.01
C SER B 333 9.90 77.19 -44.30
N VAL B 334 11.16 77.56 -44.52
CA VAL B 334 12.31 76.93 -43.86
C VAL B 334 12.38 77.40 -42.41
N THR B 335 12.57 76.44 -41.48
CA THR B 335 12.84 76.72 -40.08
C THR B 335 14.35 76.66 -39.84
N ALA B 336 14.84 77.54 -38.96
CA ALA B 336 16.22 77.55 -38.54
C ALA B 336 16.44 76.61 -37.35
N THR B 337 15.34 76.21 -36.69
CA THR B 337 15.45 75.43 -35.46
C THR B 337 15.43 73.95 -35.84
N MET B 338 16.57 73.29 -35.63
CA MET B 338 16.77 71.88 -35.93
C MET B 338 16.36 71.09 -34.69
N ALA B 339 15.74 69.93 -34.92
CA ALA B 339 15.34 69.03 -33.86
C ALA B 339 15.78 67.61 -34.24
N ARG B 340 14.93 66.89 -34.98
CA ARG B 340 15.25 65.51 -35.38
C ARG B 340 16.43 65.49 -36.36
N GLU B 341 16.80 66.66 -36.90
CA GLU B 341 17.87 66.75 -37.88
C GLU B 341 19.24 66.41 -37.24
N VAL B 342 19.34 66.47 -35.91
CA VAL B 342 20.59 66.12 -35.21
C VAL B 342 20.70 64.60 -35.02
N GLU B 343 19.72 63.87 -35.56
CA GLU B 343 19.77 62.41 -35.63
C GLU B 343 20.45 62.01 -36.94
N PRO B 344 21.66 61.38 -36.89
CA PRO B 344 22.39 61.04 -38.11
C PRO B 344 21.55 60.21 -39.08
N LYS B 345 21.63 60.53 -40.38
CA LYS B 345 20.90 59.80 -41.41
C LYS B 345 21.90 59.13 -42.36
N LEU B 346 21.41 58.17 -43.15
CA LEU B 346 22.19 57.52 -44.17
C LEU B 346 22.47 58.54 -45.28
N ALA B 347 23.74 58.61 -45.71
CA ALA B 347 24.19 59.61 -46.67
C ALA B 347 23.66 59.30 -48.07
N ASN B 348 23.52 60.35 -48.88
CA ASN B 348 22.95 60.31 -50.23
C ASN B 348 23.67 59.29 -51.13
N ASN B 349 24.96 59.04 -50.89
CA ASN B 349 25.73 58.11 -51.71
C ASN B 349 25.07 56.73 -51.72
N PHE B 350 24.34 56.39 -50.65
CA PHE B 350 23.75 55.06 -50.48
C PHE B 350 22.25 55.08 -50.82
N LEU B 351 21.79 56.16 -51.46
CA LEU B 351 20.39 56.32 -51.86
C LEU B 351 20.28 56.49 -53.38
N LYS B 352 21.18 55.82 -54.11
CA LYS B 352 21.26 55.91 -55.59
C LYS B 352 20.72 54.61 -56.20
N SER B 353 19.93 54.75 -57.26
CA SER B 353 19.36 53.63 -58.01
C SER B 353 20.48 52.80 -58.68
N ASP B 354 21.62 53.42 -59.00
CA ASP B 354 22.75 52.70 -59.64
C ASP B 354 23.73 52.17 -58.58
N ASN B 355 23.34 52.16 -57.30
CA ASN B 355 24.10 51.47 -56.26
C ASN B 355 24.19 49.98 -56.62
N PRO B 356 25.35 49.32 -56.39
CA PRO B 356 25.51 47.92 -56.76
C PRO B 356 24.76 46.96 -55.83
N GLY B 357 24.43 45.78 -56.35
CA GLY B 357 23.94 44.66 -55.56
C GLY B 357 25.08 43.81 -55.06
N VAL B 358 25.43 43.96 -53.78
CA VAL B 358 26.59 43.31 -53.24
C VAL B 358 26.26 41.84 -52.98
N VAL B 359 27.08 40.95 -53.56
CA VAL B 359 26.99 39.51 -53.34
C VAL B 359 28.10 39.07 -52.40
N MET B 360 29.36 39.37 -52.78
CA MET B 360 30.53 39.08 -51.95
C MET B 360 31.72 39.92 -52.41
N THR B 361 32.61 40.26 -51.46
CA THR B 361 33.72 41.17 -51.67
C THR B 361 35.04 40.58 -51.20
N SER B 362 36.14 41.18 -51.64
CA SER B 362 37.50 40.79 -51.25
C SER B 362 37.73 41.11 -49.78
N ALA B 363 37.15 42.21 -49.31
CA ALA B 363 37.25 42.62 -47.92
C ALA B 363 36.74 41.49 -47.01
N GLU B 364 35.60 40.91 -47.35
CA GLU B 364 35.01 39.80 -46.57
C GLU B 364 35.97 38.62 -46.48
N VAL B 365 36.50 38.19 -47.64
CA VAL B 365 37.43 37.06 -47.75
C VAL B 365 38.62 37.29 -46.81
N LYS B 366 39.09 38.53 -46.74
CA LYS B 366 40.15 38.92 -45.82
C LYS B 366 39.73 38.61 -44.38
N PHE B 367 38.51 39.07 -44.00
CA PHE B 367 38.00 38.84 -42.65
C PHE B 367 37.82 37.33 -42.40
N LEU B 368 37.32 36.59 -43.40
CA LEU B 368 37.21 35.14 -43.27
C LEU B 368 38.59 34.52 -43.01
N MET B 369 39.59 34.93 -43.83
CA MET B 369 40.97 34.45 -43.73
C MET B 369 41.52 34.75 -42.34
N ALA B 370 41.29 35.98 -41.86
CA ALA B 370 41.76 36.43 -40.55
C ALA B 370 41.21 35.52 -39.44
N GLU B 371 39.90 35.25 -39.50
CA GLU B 371 39.23 34.48 -38.46
C GLU B 371 39.77 33.04 -38.50
N ALA B 372 39.85 32.48 -39.72
CA ALA B 372 40.40 31.13 -39.93
C ALA B 372 41.78 31.00 -39.31
N THR B 373 42.57 32.08 -39.36
CA THR B 373 43.94 32.04 -38.86
C THR B 373 43.95 32.13 -37.32
N VAL B 374 43.02 32.93 -36.77
CA VAL B 374 42.82 33.01 -35.31
C VAL B 374 42.39 31.65 -34.77
N LYS B 375 41.73 30.83 -35.60
CA LYS B 375 41.29 29.49 -35.23
C LYS B 375 42.34 28.43 -35.56
N LYS B 376 43.57 28.87 -35.92
CA LYS B 376 44.72 27.99 -36.16
C LYS B 376 44.42 26.95 -37.25
N TRP B 377 43.68 27.34 -38.29
CA TRP B 377 43.53 26.53 -39.50
C TRP B 377 44.77 26.76 -40.38
N ASN B 378 45.00 25.84 -41.33
CA ASN B 378 46.20 25.84 -42.17
C ASN B 378 45.85 26.56 -43.49
N VAL B 379 46.02 27.88 -43.47
CA VAL B 379 45.36 28.80 -44.36
C VAL B 379 46.39 29.66 -45.15
N GLY B 380 47.67 29.35 -45.01
CA GLY B 380 48.75 30.10 -45.66
C GLY B 380 49.69 30.71 -44.64
N SER B 381 50.47 31.70 -45.08
CA SER B 381 51.56 32.22 -44.24
C SER B 381 51.35 33.68 -43.84
N VAL B 382 50.23 34.30 -44.25
CA VAL B 382 49.95 35.67 -43.88
C VAL B 382 49.39 35.66 -42.45
N SER B 383 49.83 36.64 -41.64
CA SER B 383 49.48 36.72 -40.23
C SER B 383 48.02 37.18 -40.09
N ALA B 384 47.35 36.67 -39.06
CA ALA B 384 45.96 37.05 -38.75
C ALA B 384 45.81 38.57 -38.80
N GLU B 385 46.75 39.27 -38.14
CA GLU B 385 46.72 40.73 -38.03
C GLU B 385 46.83 41.39 -39.41
N ASP B 386 47.73 40.91 -40.28
CA ASP B 386 47.89 41.50 -41.61
C ASP B 386 46.60 41.29 -42.42
N LEU B 387 46.03 40.09 -42.34
CA LEU B 387 44.77 39.77 -43.04
C LEU B 387 43.65 40.71 -42.57
N TYR B 388 43.57 40.95 -41.26
CA TYR B 388 42.56 41.84 -40.68
C TYR B 388 42.74 43.26 -41.22
N LYS B 389 43.99 43.75 -41.18
CA LYS B 389 44.32 45.11 -41.62
C LYS B 389 44.04 45.27 -43.12
N GLN B 390 44.31 44.21 -43.89
CA GLN B 390 43.99 44.15 -45.32
C GLN B 390 42.48 44.24 -45.51
N GLY B 391 41.69 43.56 -44.65
CA GLY B 391 40.21 43.56 -44.72
C GLY B 391 39.61 44.93 -44.46
N VAL B 392 40.07 45.57 -43.39
CA VAL B 392 39.60 46.89 -43.00
C VAL B 392 39.88 47.88 -44.14
N ARG B 393 41.13 47.88 -44.64
CA ARG B 393 41.56 48.80 -45.70
C ARG B 393 40.66 48.61 -46.94
N ALA B 394 40.42 47.35 -47.32
CA ALA B 394 39.58 47.04 -48.48
C ALA B 394 38.13 47.49 -48.24
N ALA B 395 37.65 47.31 -47.00
CA ALA B 395 36.30 47.71 -46.62
C ALA B 395 36.12 49.23 -46.78
N ILE B 396 37.15 49.99 -46.38
CA ILE B 396 37.13 51.45 -46.44
C ILE B 396 37.20 51.91 -47.90
N ASP B 397 38.00 51.21 -48.71
CA ASP B 397 38.22 51.57 -50.13
C ASP B 397 36.98 51.18 -50.96
N PHE B 398 36.19 50.23 -50.45
CA PHE B 398 34.95 49.77 -51.09
C PHE B 398 33.98 50.94 -51.28
N LEU B 399 33.95 51.85 -50.29
CA LEU B 399 33.07 53.02 -50.33
C LEU B 399 33.57 54.01 -51.39
N THR B 400 34.89 54.19 -51.46
CA THR B 400 35.51 55.08 -52.46
C THR B 400 35.19 54.57 -53.87
N ASP B 401 35.39 53.27 -54.10
CA ASP B 401 35.36 52.70 -55.44
C ASP B 401 33.90 52.55 -55.93
N ASN B 402 32.95 52.28 -55.04
CA ASN B 402 31.62 51.80 -55.46
C ASN B 402 30.49 52.81 -55.14
N TYR B 403 30.70 53.69 -54.17
CA TYR B 403 29.62 54.59 -53.73
C TYR B 403 30.02 56.06 -53.91
N GLY B 404 31.22 56.31 -54.45
CA GLY B 404 31.68 57.66 -54.77
C GLY B 404 31.96 58.50 -53.55
N CYS B 405 32.35 57.83 -52.45
CA CYS B 405 32.74 58.50 -51.21
C CYS B 405 34.15 59.08 -51.37
N THR B 406 34.45 60.09 -50.56
CA THR B 406 35.78 60.67 -50.44
C THR B 406 36.76 59.56 -50.07
N ALA B 407 37.94 59.58 -50.69
CA ALA B 407 38.99 58.61 -50.43
C ALA B 407 39.56 58.82 -49.02
N THR B 408 40.04 57.73 -48.42
CA THR B 408 40.72 57.76 -47.13
C THR B 408 42.22 57.67 -47.35
N THR B 409 42.95 58.67 -46.83
CA THR B 409 44.41 58.77 -46.96
C THR B 409 45.06 57.69 -46.08
N ASP B 410 46.28 57.29 -46.45
CA ASP B 410 47.05 56.31 -45.70
C ASP B 410 47.21 56.81 -44.25
N ALA B 411 47.39 58.13 -44.10
CA ALA B 411 47.59 58.76 -42.80
C ALA B 411 46.33 58.61 -41.94
N GLU B 412 45.15 58.79 -42.57
CA GLU B 412 43.86 58.63 -41.90
C GLU B 412 43.61 57.17 -41.55
N PHE B 413 44.02 56.26 -42.45
CA PHE B 413 43.88 54.84 -42.20
C PHE B 413 44.80 54.40 -41.05
N ASP B 414 46.07 54.83 -41.13
CA ASP B 414 47.09 54.46 -40.14
C ASP B 414 46.64 54.94 -38.75
N ALA B 415 46.09 56.16 -38.69
CA ALA B 415 45.62 56.76 -37.44
C ALA B 415 44.51 55.92 -36.80
N PHE B 416 43.61 55.40 -37.65
CA PHE B 416 42.50 54.59 -37.19
C PHE B 416 43.01 53.23 -36.71
N ILE B 417 43.73 52.49 -37.57
CA ILE B 417 44.12 51.09 -37.33
C ILE B 417 45.09 50.98 -36.14
N GLN B 418 45.81 52.06 -35.81
CA GLN B 418 46.79 52.03 -34.73
C GLN B 418 46.13 52.40 -33.38
N ASP B 419 44.86 52.84 -33.41
CA ASP B 419 44.12 53.22 -32.20
C ASP B 419 42.91 52.29 -32.04
N LYS B 420 41.68 52.82 -32.12
CA LYS B 420 40.47 52.07 -31.73
C LYS B 420 40.11 51.02 -32.77
N GLY B 421 40.73 51.11 -33.97
CA GLY B 421 40.51 50.16 -35.07
C GLY B 421 41.48 49.00 -35.04
N ALA B 422 42.32 48.93 -34.00
CA ALA B 422 43.39 47.94 -33.94
C ALA B 422 42.81 46.54 -33.69
N PHE B 423 43.47 45.54 -34.30
CA PHE B 423 43.31 44.13 -33.96
C PHE B 423 43.52 43.97 -32.46
N GLY B 424 42.91 42.95 -31.87
CA GLY B 424 43.12 42.69 -30.45
C GLY B 424 44.47 42.04 -30.17
N HIS B 425 44.61 41.57 -28.93
CA HIS B 425 45.71 40.72 -28.49
C HIS B 425 45.19 39.31 -28.21
N THR B 426 44.08 39.25 -27.46
CA THR B 426 43.43 38.02 -27.04
C THR B 426 42.55 37.52 -28.20
N ASP B 427 42.33 36.21 -28.27
CA ASP B 427 41.52 35.58 -29.33
C ASP B 427 40.13 36.23 -29.41
N ASN B 428 39.48 36.42 -28.25
CA ASN B 428 38.16 37.05 -28.17
C ASN B 428 38.20 38.47 -28.74
N GLN B 429 39.25 39.22 -28.41
CA GLN B 429 39.43 40.59 -28.89
C GLN B 429 39.55 40.58 -30.43
N LYS B 430 40.28 39.60 -30.96
CA LYS B 430 40.52 39.48 -32.41
C LYS B 430 39.23 39.09 -33.13
N LEU B 431 38.51 38.09 -32.60
CA LEU B 431 37.23 37.66 -33.16
C LEU B 431 36.23 38.82 -33.16
N GLU B 432 36.24 39.61 -32.08
CA GLU B 432 35.32 40.75 -31.93
C GLU B 432 35.65 41.82 -32.97
N ALA B 433 36.94 42.13 -33.12
CA ALA B 433 37.41 43.16 -34.06
C ALA B 433 37.07 42.76 -35.50
N ILE B 434 37.36 41.51 -35.89
CA ILE B 434 37.11 41.05 -37.25
C ILE B 434 35.62 41.23 -37.58
N ASN B 435 34.77 40.71 -36.68
CA ASN B 435 33.37 40.55 -36.98
C ASN B 435 32.64 41.90 -36.79
N THR B 436 33.11 42.75 -35.87
CA THR B 436 32.59 44.10 -35.77
C THR B 436 32.85 44.83 -37.08
N GLN B 437 34.05 44.63 -37.63
CA GLN B 437 34.48 45.31 -38.87
C GLN B 437 33.71 44.72 -40.05
N ALA B 438 33.57 43.40 -40.07
CA ALA B 438 32.77 42.73 -41.09
C ALA B 438 31.35 43.30 -41.09
N TRP B 439 30.81 43.53 -39.88
CA TRP B 439 29.47 44.08 -39.66
C TRP B 439 29.32 45.44 -40.35
N ILE B 440 30.33 46.31 -40.24
CA ILE B 440 30.33 47.64 -40.91
C ILE B 440 30.32 47.43 -42.44
N LEU B 441 31.13 46.48 -42.90
CA LEU B 441 31.29 46.15 -44.32
C LEU B 441 29.95 45.74 -44.94
N HIS B 442 29.17 44.96 -44.19
CA HIS B 442 27.97 44.31 -44.72
C HIS B 442 26.75 45.24 -44.68
N PHE B 443 26.90 46.52 -44.38
CA PHE B 443 25.76 47.42 -44.28
C PHE B 443 24.89 47.35 -45.56
N THR B 444 25.52 47.30 -46.74
CA THR B 444 24.79 47.31 -48.02
C THR B 444 24.43 45.88 -48.45
N ASN B 445 24.70 44.90 -47.57
CA ASN B 445 24.39 43.50 -47.80
C ASN B 445 23.67 42.97 -46.56
N PRO B 446 22.44 43.43 -46.27
CA PRO B 446 21.79 43.13 -44.99
C PRO B 446 21.62 41.62 -44.71
N ALA B 447 21.34 40.85 -45.76
CA ALA B 447 21.16 39.40 -45.62
C ALA B 447 22.41 38.77 -44.99
N GLU B 448 23.59 39.19 -45.45
CA GLU B 448 24.84 38.62 -44.94
C GLU B 448 25.17 39.22 -43.57
N CYS B 449 24.88 40.51 -43.41
CA CYS B 449 25.08 41.20 -42.14
C CYS B 449 24.40 40.44 -41.01
N TRP B 450 23.11 40.11 -41.19
CA TRP B 450 22.30 39.50 -40.12
C TRP B 450 22.79 38.07 -39.85
N ALA B 451 23.11 37.35 -40.92
CA ALA B 451 23.64 35.98 -40.80
C ALA B 451 24.91 35.99 -39.96
N ASN B 452 25.83 36.91 -40.26
CA ASN B 452 27.15 36.88 -39.64
C ASN B 452 27.08 37.39 -38.19
N VAL B 453 26.19 38.36 -37.93
CA VAL B 453 25.95 38.83 -36.55
C VAL B 453 25.46 37.65 -35.70
N ARG B 454 24.50 36.88 -36.23
CA ARG B 454 23.90 35.76 -35.51
C ARG B 454 24.95 34.66 -35.29
N ARG B 455 25.80 34.42 -36.30
CA ARG B 455 26.74 33.30 -36.30
C ARG B 455 27.90 33.58 -35.32
N SER B 456 28.50 34.77 -35.45
CA SER B 456 29.72 35.14 -34.72
C SER B 456 29.40 35.61 -33.30
N GLY B 457 28.24 36.25 -33.13
CA GLY B 457 27.83 36.80 -31.83
C GLY B 457 28.40 38.19 -31.61
N TYR B 458 28.91 38.79 -32.69
CA TYR B 458 29.57 40.10 -32.67
C TYR B 458 28.94 40.97 -33.76
N PRO B 459 28.73 42.29 -33.53
CA PRO B 459 28.88 42.89 -32.20
C PRO B 459 27.82 42.34 -31.25
N LYS B 460 28.08 42.43 -29.94
CA LYS B 460 27.19 41.94 -28.91
C LYS B 460 26.04 42.94 -28.74
N LEU B 461 24.93 42.63 -29.43
CA LEU B 461 23.76 43.49 -29.45
C LEU B 461 22.87 43.19 -28.24
N LYS B 462 22.34 44.24 -27.62
CA LYS B 462 21.40 44.15 -26.50
C LYS B 462 19.98 44.41 -27.00
N SER B 463 19.01 43.73 -26.38
CA SER B 463 17.60 43.84 -26.71
C SER B 463 17.12 45.26 -26.47
N PRO B 464 16.13 45.76 -27.24
CA PRO B 464 15.55 47.08 -26.99
C PRO B 464 14.96 47.22 -25.58
N ALA B 465 14.76 46.10 -24.88
CA ALA B 465 14.29 46.10 -23.49
C ALA B 465 15.31 46.77 -22.56
N GLU B 466 16.58 46.71 -22.95
CA GLU B 466 17.69 47.24 -22.18
C GLU B 466 17.81 48.76 -22.38
N TYR B 467 17.13 49.29 -23.41
CA TYR B 467 17.12 50.71 -23.74
C TYR B 467 15.81 51.35 -23.29
N GLY B 468 14.99 50.61 -22.54
CA GLY B 468 13.75 51.13 -21.94
C GLY B 468 12.56 51.07 -22.90
N PHE B 469 12.50 50.05 -23.75
CA PHE B 469 11.36 49.88 -24.67
C PHE B 469 10.73 48.49 -24.54
N GLY B 470 10.96 47.83 -23.38
CA GLY B 470 10.36 46.52 -23.06
C GLY B 470 8.85 46.51 -23.21
N GLN B 471 8.20 47.62 -22.79
CA GLN B 471 6.73 47.84 -22.88
C GLN B 471 6.15 47.50 -24.25
N TYR B 472 6.97 47.60 -25.31
CA TYR B 472 6.47 47.55 -26.70
C TYR B 472 6.79 46.22 -27.36
N LEU B 473 7.56 45.35 -26.69
CA LEU B 473 8.17 44.14 -27.31
C LEU B 473 7.13 43.02 -27.39
N THR B 474 6.18 43.27 -28.27
CA THR B 474 4.98 42.50 -28.55
C THR B 474 5.28 41.00 -28.76
N GLY B 475 6.29 40.67 -29.57
CA GLY B 475 6.52 39.31 -30.03
C GLY B 475 7.64 38.62 -29.25
N GLY B 476 8.00 39.19 -28.09
CA GLY B 476 9.05 38.64 -27.25
C GLY B 476 10.16 39.63 -26.99
N THR B 477 10.94 39.34 -25.95
CA THR B 477 11.90 40.27 -25.37
C THR B 477 13.26 40.10 -26.07
N GLU B 478 13.63 38.87 -26.43
CA GLU B 478 14.92 38.60 -27.10
C GLU B 478 14.83 39.05 -28.56
N ILE B 479 15.97 39.45 -29.15
CA ILE B 479 16.00 39.79 -30.55
C ILE B 479 15.78 38.50 -31.31
N PRO B 480 14.79 38.43 -32.24
CA PRO B 480 14.56 37.24 -33.05
C PRO B 480 15.83 36.78 -33.80
N VAL B 481 15.91 35.48 -34.08
CA VAL B 481 17.10 34.86 -34.66
C VAL B 481 16.73 34.13 -35.97
N ARG B 482 15.47 34.23 -36.38
CA ARG B 482 14.98 33.71 -37.67
C ARG B 482 13.64 34.39 -37.95
N LEU B 483 13.05 34.11 -39.11
CA LEU B 483 11.68 34.54 -39.44
C LEU B 483 10.83 33.28 -39.69
N CYS B 484 9.50 33.45 -39.53
CA CYS B 484 8.56 32.34 -39.58
C CYS B 484 8.15 32.05 -41.02
N TYR B 485 7.70 30.82 -41.26
CA TYR B 485 7.22 30.39 -42.54
C TYR B 485 5.93 31.12 -42.89
N PRO B 486 5.68 31.41 -44.18
CA PRO B 486 4.38 31.95 -44.61
C PRO B 486 3.26 30.98 -44.24
N VAL B 487 2.18 31.53 -43.67
CA VAL B 487 1.08 30.77 -43.11
C VAL B 487 0.46 29.86 -44.18
N LEU B 488 0.36 30.34 -45.43
CA LEU B 488 -0.28 29.59 -46.52
C LEU B 488 0.45 28.27 -46.83
N GLU B 489 1.76 28.17 -46.51
CA GLU B 489 2.49 26.90 -46.68
C GLU B 489 1.75 25.77 -45.97
N SER B 490 1.04 26.12 -44.89
CA SER B 490 0.25 25.21 -44.07
C SER B 490 -0.87 24.53 -44.88
N SER B 491 -1.23 25.10 -46.03
CA SER B 491 -2.31 24.57 -46.89
C SER B 491 -1.75 23.98 -48.19
N TYR B 492 -0.77 24.67 -48.80
CA TYR B 492 -0.26 24.29 -50.13
C TYR B 492 0.76 23.16 -50.04
N ASN B 493 1.38 22.98 -48.86
CA ASN B 493 2.48 22.03 -48.68
C ASN B 493 2.43 21.50 -47.24
N LYS B 494 1.26 20.98 -46.86
CA LYS B 494 0.87 20.77 -45.45
C LYS B 494 1.79 19.77 -44.75
N LYS B 495 1.94 18.57 -45.32
CA LYS B 495 2.71 17.50 -44.71
C LYS B 495 4.14 17.98 -44.46
N SER B 496 4.77 18.53 -45.51
CA SER B 496 6.16 18.98 -45.48
C SER B 496 6.34 20.11 -44.44
N TYR B 497 5.36 21.02 -44.39
CA TYR B 497 5.38 22.15 -43.46
C TYR B 497 5.33 21.64 -42.01
N ASN B 498 4.43 20.70 -41.73
CA ASN B 498 4.22 20.17 -40.36
C ASN B 498 5.48 19.41 -39.90
N GLU B 499 6.19 18.78 -40.85
CA GLU B 499 7.45 18.12 -40.55
C GLU B 499 8.45 19.14 -40.00
N ALA B 500 8.67 20.21 -40.76
CA ALA B 500 9.61 21.26 -40.39
C ALA B 500 9.29 21.77 -38.98
N ILE B 501 7.99 21.93 -38.69
CA ILE B 501 7.50 22.44 -37.42
C ILE B 501 7.82 21.42 -36.31
N GLU B 502 7.55 20.14 -36.58
CA GLU B 502 7.78 19.05 -35.60
C GLU B 502 9.25 19.02 -35.17
N ARG B 503 10.17 19.33 -36.10
CA ARG B 503 11.62 19.33 -35.82
C ARG B 503 12.01 20.43 -34.82
N MET B 504 11.27 21.54 -34.82
CA MET B 504 11.56 22.69 -33.93
C MET B 504 10.84 22.53 -32.58
N GLY B 505 10.02 21.49 -32.41
CA GLY B 505 9.30 21.23 -31.15
C GLY B 505 7.81 21.49 -31.24
N GLY B 506 7.30 21.77 -32.45
CA GLY B 506 5.86 21.83 -32.72
C GLY B 506 5.33 23.23 -32.92
N THR B 507 6.19 24.25 -32.79
CA THR B 507 5.82 25.65 -33.06
C THR B 507 6.79 26.24 -34.10
N ASP B 508 6.30 27.22 -34.85
CA ASP B 508 7.09 28.05 -35.75
C ASP B 508 7.42 29.36 -35.04
N ASN B 509 8.54 29.36 -34.31
CA ASN B 509 8.91 30.42 -33.39
C ASN B 509 10.17 31.14 -33.90
N TRP B 510 10.12 32.47 -33.92
CA TRP B 510 11.20 33.27 -34.42
C TRP B 510 12.27 33.50 -33.33
N HIS B 511 12.13 32.81 -32.18
CA HIS B 511 13.20 32.76 -31.17
C HIS B 511 13.97 31.43 -31.26
N SER B 512 13.58 30.53 -32.17
CA SER B 512 14.24 29.24 -32.33
C SER B 512 15.53 29.43 -33.14
N LEU B 513 16.65 29.04 -32.54
CA LEU B 513 17.95 29.10 -33.22
C LEU B 513 17.94 28.25 -34.49
N LEU B 514 18.43 28.84 -35.60
CA LEU B 514 18.80 28.06 -36.78
C LEU B 514 19.94 27.11 -36.41
N TRP B 515 20.08 26.05 -37.22
CA TRP B 515 21.02 24.96 -36.97
C TRP B 515 22.47 25.47 -36.85
N TRP B 516 22.91 26.38 -37.73
CA TRP B 516 24.30 26.91 -37.67
C TRP B 516 24.50 27.95 -36.55
N ASP B 517 23.39 28.47 -35.99
CA ASP B 517 23.44 29.45 -34.91
C ASP B 517 23.36 28.72 -33.56
N THR B 518 24.52 28.53 -32.92
CA THR B 518 24.63 27.70 -31.71
C THR B 518 24.24 28.47 -30.44
N GLU B 519 24.22 29.80 -30.54
CA GLU B 519 24.28 30.67 -29.37
C GLU B 519 23.47 31.94 -29.68
N ASN B 520 22.83 32.49 -28.64
CA ASN B 520 21.78 33.50 -28.78
C ASN B 520 22.42 34.88 -28.93
N ILE C 1 51.81 -22.00 46.56
CA ILE C 1 52.25 -20.56 46.54
C ILE C 1 52.95 -20.26 45.20
N ASP C 2 53.73 -21.21 44.67
CA ASP C 2 54.58 -21.00 43.49
C ASP C 2 53.80 -21.33 42.21
N PRO C 3 54.03 -20.58 41.11
CA PRO C 3 53.15 -20.61 39.93
C PRO C 3 53.17 -21.86 39.03
N ASN C 4 54.28 -22.59 39.01
CA ASN C 4 54.42 -23.77 38.16
C ASN C 4 53.52 -24.90 38.68
N ALA C 5 53.25 -24.90 39.99
CA ALA C 5 52.36 -25.88 40.63
C ALA C 5 50.88 -25.49 40.41
N GLN C 6 50.59 -24.19 40.27
CA GLN C 6 49.23 -23.69 40.04
C GLN C 6 48.76 -24.13 38.65
N LEU C 7 49.68 -24.09 37.68
CA LEU C 7 49.43 -24.58 36.33
C LEU C 7 49.06 -26.07 36.39
N THR C 8 49.90 -26.86 37.09
CA THR C 8 49.71 -28.29 37.26
C THR C 8 48.25 -28.56 37.69
N THR C 9 47.86 -27.97 38.82
CA THR C 9 46.53 -28.14 39.42
C THR C 9 45.44 -27.73 38.43
N ALA C 10 45.62 -26.56 37.80
CA ALA C 10 44.65 -26.01 36.85
C ALA C 10 44.47 -26.96 35.67
N GLN C 11 45.58 -27.50 35.16
CA GLN C 11 45.57 -28.47 34.06
C GLN C 11 44.80 -29.73 34.50
N LEU C 12 45.12 -30.26 35.69
CA LEU C 12 44.56 -31.54 36.17
C LEU C 12 43.06 -31.38 36.44
N GLN C 13 42.64 -30.20 36.92
CA GLN C 13 41.24 -29.95 37.26
C GLN C 13 40.35 -30.01 36.01
N THR C 14 40.93 -29.66 34.85
CA THR C 14 40.22 -29.50 33.58
C THR C 14 39.29 -30.70 33.32
N TYR C 15 39.85 -31.92 33.42
CA TYR C 15 39.09 -33.18 33.25
C TYR C 15 39.19 -34.08 34.50
N GLY C 16 39.90 -33.62 35.55
CA GLY C 16 40.14 -34.43 36.75
C GLY C 16 39.14 -34.17 37.86
N ASP C 17 38.40 -33.07 37.75
CA ASP C 17 37.43 -32.66 38.77
C ASP C 17 36.14 -33.47 38.57
N LEU C 18 35.96 -34.48 39.43
CA LEU C 18 34.87 -35.45 39.34
C LEU C 18 33.54 -34.72 39.50
N SER C 19 33.52 -33.72 40.38
CA SER C 19 32.35 -32.88 40.60
C SER C 19 31.95 -32.20 39.28
N MET C 20 32.93 -31.56 38.63
CA MET C 20 32.68 -30.69 37.48
C MET C 20 32.24 -31.51 36.25
N MET C 21 32.74 -32.75 36.12
CA MET C 21 32.53 -33.52 34.89
C MET C 21 31.07 -33.94 34.72
N GLU C 22 30.33 -33.97 35.84
CA GLU C 22 28.89 -34.26 35.83
C GLU C 22 28.18 -33.41 34.76
N ILE C 23 28.61 -32.15 34.62
CA ILE C 23 27.92 -31.21 33.74
C ILE C 23 27.90 -31.76 32.32
N TYR C 24 29.01 -32.40 31.90
CA TYR C 24 29.21 -32.87 30.52
C TYR C 24 28.34 -34.10 30.24
N ARG C 25 28.29 -35.06 31.17
CA ARG C 25 27.42 -36.21 31.00
C ARG C 25 25.95 -35.78 31.07
N ASN C 26 25.63 -34.81 31.93
CA ASN C 26 24.27 -34.37 32.15
C ASN C 26 23.76 -33.56 30.95
N TYR C 27 24.53 -32.58 30.48
CA TYR C 27 24.03 -31.63 29.49
C TYR C 27 24.72 -31.84 28.13
N HIS C 28 26.00 -31.47 28.04
CA HIS C 28 26.75 -31.36 26.76
C HIS C 28 26.47 -32.55 25.83
N TYR C 29 26.72 -33.77 26.31
CA TYR C 29 26.67 -34.99 25.49
C TYR C 29 25.26 -35.27 24.95
N ALA C 30 24.23 -34.69 25.59
CA ALA C 30 22.84 -34.82 25.16
C ALA C 30 22.49 -33.76 24.12
N PHE C 31 22.94 -32.53 24.37
CA PHE C 31 22.68 -31.42 23.47
C PHE C 31 23.38 -31.65 22.12
N THR C 32 24.52 -32.35 22.12
CA THR C 32 25.25 -32.67 20.86
C THR C 32 24.73 -33.98 20.26
N GLN C 33 23.81 -34.64 20.96
CA GLN C 33 23.14 -35.87 20.53
C GLN C 33 24.17 -36.97 20.23
N GLN C 34 25.15 -37.13 21.13
CA GLN C 34 26.19 -38.16 20.99
C GLN C 34 25.90 -39.31 21.95
N LEU C 35 25.57 -39.01 23.21
CA LEU C 35 25.11 -40.01 24.17
C LEU C 35 23.64 -39.73 24.55
N MET C 36 22.91 -40.80 24.85
CA MET C 36 21.49 -40.73 25.22
C MET C 36 21.06 -42.14 25.68
N GLY C 37 20.35 -42.19 26.82
CA GLY C 37 19.85 -43.44 27.39
C GLY C 37 20.18 -43.59 28.87
N CYS C 38 21.42 -43.26 29.23
CA CYS C 38 21.85 -43.13 30.62
C CYS C 38 20.84 -42.22 31.35
N TRP C 39 20.45 -42.62 32.55
CA TRP C 39 19.42 -41.87 33.28
C TRP C 39 19.80 -40.38 33.33
N ASN C 40 21.09 -40.11 33.61
CA ASN C 40 21.56 -38.75 33.90
C ASN C 40 21.46 -37.88 32.64
N THR C 41 21.98 -38.42 31.51
CA THR C 41 22.01 -37.73 30.23
C THR C 41 20.58 -37.43 29.75
N THR C 42 19.69 -38.42 29.84
CA THR C 42 18.30 -38.25 29.35
C THR C 42 17.50 -37.32 30.27
N ASN C 43 17.67 -37.49 31.59
CA ASN C 43 16.90 -36.74 32.58
C ASN C 43 17.16 -35.23 32.45
N TYR C 44 18.46 -34.87 32.40
CA TYR C 44 18.86 -33.48 32.46
C TYR C 44 18.80 -32.88 31.06
N GLY C 45 19.77 -33.24 30.22
CA GLY C 45 19.96 -32.64 28.90
C GLY C 45 18.97 -33.15 27.86
N GLY C 46 18.70 -34.46 27.90
CA GLY C 46 17.80 -35.12 26.96
C GLY C 46 16.34 -34.67 27.11
N ARG C 47 15.94 -34.16 28.29
CA ARG C 47 14.54 -33.72 28.51
C ARG C 47 14.48 -32.29 29.07
N HIS C 48 15.56 -31.53 28.89
CA HIS C 48 15.59 -30.08 29.13
C HIS C 48 15.13 -29.74 30.56
N THR C 49 15.76 -30.37 31.55
CA THR C 49 15.52 -30.05 32.95
C THR C 49 16.42 -28.89 33.38
N LEU C 50 15.82 -27.73 33.69
CA LEU C 50 16.52 -26.59 34.29
C LEU C 50 16.88 -26.93 35.73
N ASP C 51 18.16 -27.18 35.99
CA ASP C 51 18.63 -27.41 37.34
C ASP C 51 19.86 -26.52 37.55
N ASN C 52 19.72 -25.50 38.40
CA ASN C 52 20.69 -24.44 38.54
C ASN C 52 22.01 -24.96 39.15
N ASN C 53 21.89 -25.80 40.18
CA ASN C 53 23.07 -26.42 40.82
C ASN C 53 23.88 -27.18 39.77
N GLU C 54 23.20 -28.00 38.96
CA GLU C 54 23.86 -28.84 37.94
C GLU C 54 24.49 -27.98 36.84
N MET C 55 23.88 -26.83 36.54
CA MET C 55 24.34 -25.93 35.49
C MET C 55 25.50 -25.07 36.00
N SER C 56 25.67 -25.01 37.33
CA SER C 56 26.61 -24.10 37.98
C SER C 56 28.04 -24.67 38.03
N ARG C 57 28.23 -25.91 37.60
CA ARG C 57 29.38 -26.72 38.05
C ARG C 57 30.70 -26.18 37.45
N ILE C 58 30.67 -25.75 36.18
CA ILE C 58 31.86 -25.16 35.54
C ILE C 58 32.20 -23.83 36.22
N TRP C 59 31.22 -22.93 36.31
CA TRP C 59 31.35 -21.62 36.96
C TRP C 59 31.98 -21.79 38.34
N THR C 60 31.36 -22.62 39.19
CA THR C 60 31.76 -22.78 40.58
C THR C 60 33.16 -23.39 40.65
N SER C 61 33.40 -24.45 39.86
CA SER C 61 34.68 -25.15 39.89
C SER C 61 35.82 -24.18 39.55
N PHE C 62 35.69 -23.47 38.41
CA PHE C 62 36.80 -22.69 37.85
C PHE C 62 37.03 -21.40 38.66
N TYR C 63 35.97 -20.65 38.98
CA TYR C 63 36.11 -19.35 39.67
C TYR C 63 36.62 -19.54 41.11
N THR C 64 36.38 -20.71 41.71
CA THR C 64 36.84 -21.00 43.08
C THR C 64 38.26 -21.57 43.07
N GLN C 65 38.64 -22.33 42.03
CA GLN C 65 39.94 -23.04 42.01
C GLN C 65 40.80 -22.57 40.83
N SER C 66 40.75 -23.32 39.71
CA SER C 66 41.71 -23.23 38.59
C SER C 66 41.97 -21.78 38.19
N LEU C 67 40.89 -21.06 37.85
CA LEU C 67 40.99 -19.75 37.23
C LEU C 67 41.51 -18.71 38.25
N LYS C 68 41.05 -18.83 39.50
CA LYS C 68 41.43 -17.91 40.58
C LYS C 68 42.92 -18.07 40.91
N ASN C 69 43.39 -19.32 40.91
CA ASN C 69 44.79 -19.65 41.14
C ASN C 69 45.64 -19.14 39.97
N ILE C 70 45.14 -19.29 38.74
CA ILE C 70 45.86 -18.86 37.54
C ILE C 70 45.98 -17.33 37.52
N ILE C 71 44.88 -16.65 37.87
CA ILE C 71 44.83 -15.19 37.93
C ILE C 71 45.83 -14.69 38.98
N ASP C 72 45.91 -15.43 40.09
CA ASP C 72 46.81 -15.12 41.20
C ASP C 72 48.27 -15.26 40.74
N ALA C 73 48.58 -16.35 40.04
CA ALA C 73 49.93 -16.64 39.56
C ALA C 73 50.32 -15.69 38.43
N GLN C 74 49.35 -15.32 37.58
CA GLN C 74 49.56 -14.34 36.50
C GLN C 74 50.04 -13.02 37.12
N TYR C 75 49.31 -12.57 38.15
CA TYR C 75 49.57 -11.32 38.84
C TYR C 75 51.01 -11.31 39.39
N ARG C 76 51.40 -12.43 40.01
CA ARG C 76 52.69 -12.53 40.73
C ARG C 76 53.88 -12.54 39.76
N THR C 77 53.64 -12.89 38.49
CA THR C 77 54.71 -13.12 37.50
C THR C 77 54.63 -12.11 36.33
N ALA C 78 53.82 -11.06 36.49
CA ALA C 78 53.39 -10.18 35.38
C ALA C 78 54.59 -9.47 34.73
N GLU C 79 55.15 -8.47 35.43
CA GLU C 79 56.16 -7.57 34.88
C GLU C 79 57.56 -8.07 35.27
N ASP C 80 57.89 -9.28 34.80
CA ASP C 80 59.11 -10.00 35.19
C ASP C 80 59.71 -10.69 33.96
N ALA C 81 60.84 -10.17 33.47
CA ALA C 81 61.51 -10.66 32.26
C ALA C 81 62.28 -11.96 32.54
N GLU C 82 62.42 -12.32 33.83
CA GLU C 82 63.11 -13.54 34.27
C GLU C 82 62.11 -14.63 34.62
N LYS C 83 60.80 -14.35 34.43
CA LYS C 83 59.73 -15.31 34.72
C LYS C 83 58.66 -15.23 33.62
N VAL C 84 59.12 -15.05 32.38
CA VAL C 84 58.28 -14.62 31.27
C VAL C 84 57.59 -15.83 30.61
N ASN C 85 58.18 -17.02 30.77
CA ASN C 85 57.63 -18.25 30.18
C ASN C 85 56.44 -18.72 31.01
N ILE C 86 56.66 -18.94 32.31
CA ILE C 86 55.60 -19.37 33.24
C ILE C 86 54.44 -18.36 33.17
N ASN C 87 54.77 -17.07 33.03
CA ASN C 87 53.77 -16.02 32.92
C ASN C 87 52.93 -16.23 31.65
N SER C 88 53.60 -16.42 30.51
CA SER C 88 52.93 -16.51 29.21
C SER C 88 52.04 -17.77 29.14
N VAL C 89 52.57 -18.88 29.68
CA VAL C 89 51.83 -20.14 29.73
C VAL C 89 50.53 -19.92 30.51
N LEU C 90 50.65 -19.34 31.71
CA LEU C 90 49.50 -19.07 32.56
C LEU C 90 48.45 -18.25 31.80
N ARG C 91 48.90 -17.24 31.04
CA ARG C 91 48.01 -16.36 30.28
C ARG C 91 47.27 -17.16 29.19
N ILE C 92 48.01 -18.03 28.49
CA ILE C 92 47.43 -18.85 27.43
C ILE C 92 46.34 -19.76 28.01
N TYR C 93 46.62 -20.38 29.17
CA TYR C 93 45.69 -21.32 29.78
C TYR C 93 44.52 -20.58 30.44
N ARG C 94 44.78 -19.37 30.96
CA ARG C 94 43.71 -18.52 31.48
C ARG C 94 42.66 -18.32 30.38
N VAL C 95 43.12 -17.99 29.17
CA VAL C 95 42.28 -17.80 28.01
C VAL C 95 41.46 -19.08 27.79
N TYR C 96 42.15 -20.24 27.71
CA TYR C 96 41.50 -21.50 27.40
C TYR C 96 40.34 -21.74 28.37
N LEU C 97 40.63 -21.64 29.67
CA LEU C 97 39.64 -21.91 30.72
C LEU C 97 38.49 -20.90 30.62
N MET C 98 38.81 -19.63 30.37
CA MET C 98 37.80 -18.56 30.27
C MET C 98 36.92 -18.81 29.03
N SER C 99 37.47 -19.43 27.98
CA SER C 99 36.72 -19.74 26.77
C SER C 99 35.61 -20.75 27.08
N ILE C 100 35.91 -21.70 27.96
CA ILE C 100 34.92 -22.71 28.37
C ILE C 100 33.78 -22.02 29.15
N ILE C 101 34.14 -21.06 30.00
CA ILE C 101 33.19 -20.34 30.83
C ILE C 101 32.26 -19.53 29.93
N THR C 102 32.79 -18.73 28.99
CA THR C 102 31.94 -17.84 28.18
C THR C 102 31.20 -18.61 27.08
N ASP C 103 31.67 -19.82 26.74
CA ASP C 103 31.00 -20.64 25.72
C ASP C 103 29.83 -21.40 26.36
N THR C 104 29.88 -21.54 27.69
CA THR C 104 28.83 -22.17 28.50
C THR C 104 27.75 -21.14 28.87
N TYR C 105 28.16 -20.14 29.66
CA TYR C 105 27.36 -18.98 30.02
C TYR C 105 27.80 -17.88 29.06
N GLY C 106 27.11 -16.74 29.01
CA GLY C 106 27.51 -15.69 28.04
C GLY C 106 28.58 -14.75 28.60
N ASP C 107 28.17 -13.53 28.92
CA ASP C 107 29.00 -12.55 29.61
C ASP C 107 29.39 -13.15 30.97
N ALA C 108 30.61 -12.85 31.43
CA ALA C 108 31.13 -13.38 32.70
C ALA C 108 32.31 -12.52 33.15
N PRO C 109 32.62 -12.49 34.47
CA PRO C 109 33.81 -11.80 34.96
C PRO C 109 35.09 -12.36 34.31
N PHE C 110 35.96 -11.46 33.86
CA PHE C 110 37.25 -11.83 33.33
C PHE C 110 38.28 -10.78 33.79
N SER C 111 38.30 -9.64 33.11
CA SER C 111 39.23 -8.55 33.41
C SER C 111 39.43 -8.40 34.93
N GLU C 112 38.32 -8.27 35.66
CA GLU C 112 38.35 -7.87 37.08
C GLU C 112 38.39 -9.08 38.01
N ALA C 113 38.09 -10.29 37.51
CA ALA C 113 38.07 -11.53 38.30
C ALA C 113 39.26 -11.56 39.28
N GLY C 114 38.97 -11.54 40.57
CA GLY C 114 39.98 -11.46 41.65
C GLY C 114 39.77 -10.22 42.52
N ASN C 123 33.94 -7.36 44.00
CA ASN C 123 32.66 -7.49 43.28
C ASN C 123 32.89 -7.16 41.81
N PRO C 124 33.40 -8.12 41.00
CA PRO C 124 33.82 -7.84 39.63
C PRO C 124 32.69 -7.74 38.58
N LYS C 125 32.95 -6.94 37.55
CA LYS C 125 32.08 -6.74 36.41
C LYS C 125 31.99 -8.02 35.58
N TYR C 126 30.85 -8.22 34.92
CA TYR C 126 30.67 -9.25 33.90
C TYR C 126 31.06 -8.67 32.53
N ASP C 127 32.23 -9.05 32.01
CA ASP C 127 32.68 -8.62 30.67
C ASP C 127 31.70 -9.18 29.63
N LYS C 128 31.30 -8.34 28.68
CA LYS C 128 30.55 -8.77 27.50
C LYS C 128 31.38 -9.82 26.74
N GLN C 129 30.70 -10.79 26.12
CA GLN C 129 31.36 -11.90 25.41
C GLN C 129 32.24 -11.37 24.27
N GLU C 130 31.77 -10.30 23.61
CA GLU C 130 32.48 -9.65 22.53
C GLU C 130 33.87 -9.23 23.04
N ASP C 131 33.90 -8.58 24.21
CA ASP C 131 35.12 -8.04 24.80
C ASP C 131 35.99 -9.16 25.35
N ILE C 132 35.37 -10.29 25.74
CA ILE C 132 36.11 -11.46 26.22
C ILE C 132 36.86 -12.10 25.04
N TYR C 133 36.19 -12.21 23.88
CA TYR C 133 36.81 -12.79 22.68
C TYR C 133 37.90 -11.85 22.15
N ASN C 134 37.59 -10.55 22.10
CA ASN C 134 38.59 -9.53 21.83
C ASN C 134 39.85 -9.82 22.66
N ALA C 135 39.67 -9.97 23.97
CA ALA C 135 40.79 -10.12 24.92
C ALA C 135 41.50 -11.46 24.74
N PHE C 136 40.83 -12.47 24.19
CA PHE C 136 41.46 -13.74 23.84
C PHE C 136 42.56 -13.49 22.80
N PHE C 137 42.21 -12.79 21.71
CA PHE C 137 43.13 -12.55 20.58
C PHE C 137 44.35 -11.75 21.05
N LEU C 138 44.12 -10.70 21.84
CA LEU C 138 45.19 -9.83 22.31
C LEU C 138 46.11 -10.59 23.27
N GLU C 139 45.53 -11.31 24.24
CA GLU C 139 46.30 -12.06 25.25
C GLU C 139 47.17 -13.11 24.55
N LEU C 140 46.58 -13.86 23.62
CA LEU C 140 47.29 -14.96 22.97
C LEU C 140 48.45 -14.40 22.12
N GLU C 141 48.20 -13.29 21.40
CA GLU C 141 49.23 -12.68 20.55
C GLU C 141 50.43 -12.20 21.38
N ASP C 142 50.16 -11.63 22.55
CA ASP C 142 51.19 -11.03 23.41
C ASP C 142 52.00 -12.12 24.12
N ALA C 143 51.33 -13.24 24.48
CA ALA C 143 51.99 -14.36 25.16
C ALA C 143 52.99 -15.02 24.21
N VAL C 144 52.60 -15.16 22.95
CA VAL C 144 53.44 -15.69 21.88
C VAL C 144 54.69 -14.81 21.72
N ASN C 145 54.52 -13.49 21.85
CA ASN C 145 55.59 -12.52 21.59
C ASN C 145 56.56 -12.43 22.77
N LYS C 146 56.10 -12.76 23.99
CA LYS C 146 56.91 -12.60 25.22
C LYS C 146 57.72 -13.88 25.51
N ILE C 147 57.16 -15.03 25.15
CA ILE C 147 57.79 -16.34 25.32
C ILE C 147 59.24 -16.28 24.82
N ASP C 148 60.16 -16.89 25.60
CA ASP C 148 61.59 -16.88 25.31
C ASP C 148 62.24 -18.13 25.89
N PRO C 149 62.59 -19.14 25.06
CA PRO C 149 63.08 -20.43 25.57
C PRO C 149 64.41 -20.41 26.35
N THR C 150 65.03 -19.23 26.49
CA THR C 150 66.31 -19.09 27.19
C THR C 150 66.12 -18.60 28.63
N LYS C 151 64.88 -18.26 29.01
CA LYS C 151 64.57 -17.74 30.35
C LYS C 151 64.21 -18.91 31.28
N ASP C 152 63.27 -18.68 32.20
CA ASP C 152 62.82 -19.70 33.17
C ASP C 152 62.21 -20.89 32.41
N LYS C 153 62.58 -22.10 32.84
CA LYS C 153 62.01 -23.33 32.28
C LYS C 153 60.77 -23.69 33.10
N VAL C 154 59.72 -24.15 32.40
CA VAL C 154 58.43 -24.45 32.98
C VAL C 154 58.47 -25.91 33.48
N THR C 155 58.11 -26.11 34.75
CA THR C 155 58.44 -27.32 35.50
C THR C 155 57.22 -28.18 35.83
N GLY C 156 56.00 -27.63 35.72
CA GLY C 156 54.78 -28.31 36.21
C GLY C 156 53.80 -28.65 35.10
N ASP C 157 54.26 -28.58 33.84
CA ASP C 157 53.39 -28.62 32.67
C ASP C 157 53.16 -30.07 32.23
N LEU C 158 51.90 -30.52 32.31
CA LEU C 158 51.52 -31.89 32.00
C LEU C 158 51.04 -32.01 30.54
N ILE C 159 51.07 -30.91 29.78
CA ILE C 159 50.62 -30.92 28.39
C ILE C 159 51.83 -31.09 27.45
N TYR C 160 52.87 -30.25 27.63
CA TYR C 160 54.04 -30.22 26.73
C TYR C 160 55.37 -30.36 27.48
N ALA C 161 55.31 -30.81 28.74
CA ALA C 161 56.49 -31.04 29.60
C ALA C 161 57.46 -29.84 29.56
N GLY C 162 56.94 -28.63 29.35
CA GLY C 162 57.71 -27.39 29.41
C GLY C 162 58.28 -26.93 28.07
N ASP C 163 57.81 -27.53 26.95
CA ASP C 163 58.19 -27.06 25.60
C ASP C 163 57.42 -25.78 25.29
N VAL C 164 58.06 -24.66 25.66
CA VAL C 164 57.55 -23.31 25.50
C VAL C 164 57.16 -23.03 24.02
N THR C 165 57.86 -23.66 23.07
CA THR C 165 57.63 -23.47 21.63
C THR C 165 56.28 -24.08 21.21
N LYS C 166 55.88 -25.18 21.88
CA LYS C 166 54.60 -25.83 21.62
C LYS C 166 53.45 -25.03 22.24
N TRP C 167 53.73 -24.30 23.33
CA TRP C 167 52.74 -23.39 23.91
C TRP C 167 52.41 -22.26 22.92
N GLN C 168 53.40 -21.83 22.13
CA GLN C 168 53.15 -20.85 21.05
C GLN C 168 52.19 -21.46 20.02
N GLN C 169 52.46 -22.69 19.61
CA GLN C 169 51.66 -23.39 18.60
C GLN C 169 50.20 -23.55 19.08
N LEU C 170 50.03 -23.93 20.35
CA LEU C 170 48.70 -24.09 20.94
C LEU C 170 48.00 -22.72 20.98
N ALA C 171 48.72 -21.69 21.42
CA ALA C 171 48.20 -20.33 21.57
C ALA C 171 47.64 -19.84 20.23
N ASN C 172 48.43 -20.01 19.15
CA ASN C 172 48.05 -19.54 17.82
C ASN C 172 46.93 -20.42 17.26
N SER C 173 46.94 -21.71 17.61
CA SER C 173 45.90 -22.64 17.18
C SER C 173 44.54 -22.25 17.79
N LEU C 174 44.56 -21.87 19.08
CA LEU C 174 43.37 -21.38 19.76
C LEU C 174 42.88 -20.09 19.08
N ARG C 175 43.81 -19.23 18.66
CA ARG C 175 43.48 -18.04 17.86
C ARG C 175 42.65 -18.45 16.63
N LEU C 176 43.05 -19.54 15.96
CA LEU C 176 42.32 -20.13 14.82
C LEU C 176 40.89 -20.51 15.24
N ARG C 177 40.76 -21.24 16.36
CA ARG C 177 39.47 -21.73 16.88
C ARG C 177 38.52 -20.54 17.12
N PHE C 178 38.97 -19.57 17.92
CA PHE C 178 38.17 -18.42 18.31
C PHE C 178 37.86 -17.52 17.11
N ALA C 179 38.76 -17.48 16.13
CA ALA C 179 38.55 -16.70 14.90
C ALA C 179 37.36 -17.26 14.11
N MET C 180 37.31 -18.58 13.97
CA MET C 180 36.25 -19.26 13.22
C MET C 180 34.94 -19.20 14.02
N ARG C 181 35.06 -19.12 15.36
CA ARG C 181 33.90 -19.04 16.24
C ARG C 181 33.13 -17.75 15.94
N ILE C 182 33.86 -16.65 15.68
CA ILE C 182 33.23 -15.35 15.52
C ILE C 182 32.96 -15.06 14.03
N SER C 183 32.97 -16.12 13.19
CA SER C 183 32.89 -15.96 11.72
C SER C 183 31.47 -15.57 11.25
N SER C 184 30.44 -15.86 12.05
CA SER C 184 29.04 -15.45 11.74
C SER C 184 28.77 -14.02 12.22
N VAL C 185 29.12 -13.72 13.47
CA VAL C 185 28.74 -12.46 14.12
C VAL C 185 29.59 -11.30 13.56
N ASN C 186 30.83 -11.60 13.13
CA ASN C 186 31.81 -10.57 12.72
C ASN C 186 32.78 -11.15 11.70
N PRO C 187 32.37 -11.32 10.41
CA PRO C 187 33.20 -11.96 9.40
C PRO C 187 34.58 -11.30 9.18
N THR C 188 34.61 -9.95 9.19
CA THR C 188 35.80 -9.19 8.83
C THR C 188 36.91 -9.42 9.86
N LYS C 189 36.55 -9.36 11.15
CA LYS C 189 37.48 -9.59 12.25
C LYS C 189 37.96 -11.05 12.23
N ALA C 190 37.03 -11.97 11.94
CA ALA C 190 37.31 -13.40 11.91
C ALA C 190 38.42 -13.70 10.91
N GLN C 191 38.28 -13.18 9.68
CA GLN C 191 39.24 -13.42 8.58
C GLN C 191 40.63 -12.88 8.96
N THR C 192 40.66 -11.62 9.41
CA THR C 192 41.88 -10.94 9.83
C THR C 192 42.58 -11.72 10.95
N GLU C 193 41.82 -12.13 11.98
CA GLU C 193 42.39 -12.78 13.17
C GLU C 193 42.93 -14.18 12.82
N PHE C 194 42.30 -14.84 11.83
CA PHE C 194 42.69 -16.18 11.39
C PHE C 194 44.01 -16.10 10.58
N GLU C 195 44.10 -15.11 9.68
CA GLU C 195 45.28 -14.90 8.85
C GLU C 195 46.46 -14.50 9.76
N ASN C 196 46.22 -13.59 10.71
CA ASN C 196 47.26 -13.13 11.63
C ASN C 196 47.87 -14.32 12.39
N ALA C 197 47.03 -15.28 12.80
CA ALA C 197 47.48 -16.40 13.64
C ALA C 197 48.43 -17.32 12.86
N LEU C 198 48.17 -17.49 11.56
CA LEU C 198 49.02 -18.30 10.68
C LEU C 198 50.40 -17.65 10.53
N ALA C 199 50.45 -16.32 10.60
CA ALA C 199 51.67 -15.55 10.40
C ALA C 199 52.41 -15.28 11.72
N ALA C 200 51.88 -15.77 12.85
CA ALA C 200 52.43 -15.45 14.16
C ALA C 200 53.63 -16.34 14.48
N ASN C 201 54.43 -15.90 15.46
CA ASN C 201 55.66 -16.58 15.88
C ASN C 201 55.31 -17.98 16.41
N GLY C 202 55.98 -18.99 15.87
CA GLY C 202 55.83 -20.37 16.30
C GLY C 202 54.85 -21.16 15.42
N GLY C 203 54.05 -20.44 14.63
CA GLY C 203 53.05 -21.07 13.77
C GLY C 203 51.92 -21.70 14.58
N VAL C 204 51.26 -22.68 13.98
CA VAL C 204 50.12 -23.37 14.56
C VAL C 204 50.48 -24.85 14.74
N ILE C 205 49.49 -25.66 15.14
CA ILE C 205 49.64 -27.10 15.26
C ILE C 205 49.42 -27.73 13.87
N THR C 206 50.49 -28.30 13.32
CA THR C 206 50.52 -28.79 11.93
C THR C 206 50.38 -30.32 11.87
N ASP C 207 50.77 -31.01 12.94
CA ASP C 207 50.67 -32.46 12.99
C ASP C 207 50.51 -32.91 14.45
N ALA C 208 50.20 -34.19 14.63
CA ALA C 208 49.68 -34.74 15.89
C ALA C 208 50.72 -34.67 17.02
N SER C 209 52.00 -34.47 16.68
CA SER C 209 53.08 -34.45 17.67
C SER C 209 53.08 -33.15 18.50
N SER C 210 52.24 -32.17 18.11
CA SER C 210 52.04 -30.92 18.87
C SER C 210 50.60 -30.81 19.41
N ASP C 211 49.84 -31.90 19.34
CA ASP C 211 48.49 -31.95 19.93
C ASP C 211 48.60 -31.64 21.42
N ALA C 212 47.66 -30.82 21.91
CA ALA C 212 47.64 -30.42 23.32
C ALA C 212 46.72 -31.38 24.09
N LEU C 213 47.35 -32.30 24.84
CA LEU C 213 46.67 -33.35 25.60
C LEU C 213 47.19 -33.34 27.04
N ILE C 214 46.29 -33.17 28.01
CA ILE C 214 46.64 -33.27 29.43
C ILE C 214 46.87 -34.76 29.75
N LYS C 215 48.03 -35.06 30.34
CA LYS C 215 48.42 -36.42 30.67
C LYS C 215 47.80 -36.78 32.02
N TYR C 216 46.95 -37.81 32.02
CA TYR C 216 46.33 -38.32 33.23
C TYR C 216 46.89 -39.72 33.53
N MET C 217 46.93 -40.05 34.82
CA MET C 217 47.46 -41.32 35.30
C MET C 217 46.31 -42.33 35.46
N THR C 218 46.69 -43.60 35.63
CA THR C 218 45.75 -44.68 35.85
C THR C 218 45.50 -44.81 37.35
N ILE C 219 44.25 -44.59 37.75
CA ILE C 219 43.82 -44.64 39.13
C ILE C 219 42.43 -45.27 39.17
N ALA C 220 42.21 -46.16 40.14
CA ALA C 220 40.96 -46.89 40.31
C ALA C 220 39.80 -45.89 40.40
N PHE C 221 38.64 -46.26 39.83
CA PHE C 221 37.44 -45.45 39.87
C PHE C 221 36.79 -45.57 41.26
N SER C 222 36.75 -44.45 41.98
CA SER C 222 36.17 -44.36 43.32
C SER C 222 35.20 -43.17 43.35
N PHE C 223 34.07 -43.34 44.07
CA PHE C 223 33.02 -42.32 44.11
C PHE C 223 32.79 -41.84 45.55
N GLY C 224 33.78 -42.09 46.43
CA GLY C 224 33.75 -41.66 47.83
C GLY C 224 34.21 -40.22 47.97
N GLN C 225 34.21 -39.73 49.23
CA GLN C 225 34.53 -38.34 49.57
C GLN C 225 35.93 -37.99 49.04
N GLU C 226 36.89 -38.89 49.27
CA GLU C 226 38.30 -38.69 48.90
C GLU C 226 38.45 -38.41 47.40
N ALA C 227 37.68 -39.13 46.59
CA ALA C 227 37.81 -39.10 45.13
C ALA C 227 37.65 -37.67 44.58
N TYR C 228 36.78 -36.88 45.21
CA TYR C 228 36.32 -35.60 44.65
C TYR C 228 37.40 -34.51 44.78
N SER C 229 38.44 -34.74 45.60
CA SER C 229 39.58 -33.79 45.70
C SER C 229 40.85 -34.39 45.07
N ASP C 230 40.68 -35.44 44.24
CA ASP C 230 41.75 -36.13 43.53
C ASP C 230 41.54 -35.94 42.02
N TYR C 231 42.45 -35.18 41.39
CA TYR C 231 42.31 -34.73 39.99
C TYR C 231 43.31 -35.43 39.07
N ARG C 232 44.08 -36.39 39.62
CA ARG C 232 45.17 -37.02 38.88
C ARG C 232 44.61 -37.90 37.75
N GLY C 233 43.38 -38.40 37.94
CA GLY C 233 42.72 -39.23 36.95
C GLY C 233 41.84 -38.40 36.02
N ASN C 234 41.56 -38.96 34.84
CA ASN C 234 40.56 -38.44 33.92
C ASN C 234 39.17 -38.83 34.45
N SER C 235 38.47 -37.85 35.04
CA SER C 235 37.20 -38.09 35.73
C SER C 235 36.00 -38.04 34.78
N LEU C 236 36.20 -37.59 33.53
CA LEU C 236 35.17 -37.70 32.52
C LEU C 236 35.00 -39.18 32.14
N SER C 237 36.13 -39.85 31.87
CA SER C 237 36.15 -41.26 31.54
C SER C 237 35.52 -42.09 32.68
N GLN C 238 35.86 -41.75 33.93
CA GLN C 238 35.29 -42.41 35.11
C GLN C 238 33.76 -42.32 35.07
N LEU C 239 33.26 -41.11 34.77
CA LEU C 239 31.86 -40.81 34.83
C LEU C 239 31.13 -41.47 33.65
N LEU C 240 31.77 -41.51 32.48
CA LEU C 240 31.15 -42.15 31.31
C LEU C 240 31.11 -43.67 31.50
N PHE C 241 31.99 -44.20 32.38
CA PHE C 241 31.87 -45.57 32.87
C PHE C 241 30.65 -45.66 33.80
N GLY C 242 30.65 -44.82 34.85
CA GLY C 242 29.44 -44.54 35.64
C GLY C 242 29.54 -44.96 37.09
N ASN C 243 28.83 -44.21 37.93
CA ASN C 243 28.57 -44.53 39.34
C ASN C 243 27.60 -45.72 39.43
N ASP C 244 26.77 -45.91 38.41
CA ASP C 244 25.82 -47.02 38.29
C ASP C 244 26.07 -47.70 36.94
N PRO C 245 27.27 -48.31 36.74
CA PRO C 245 27.72 -48.70 35.40
C PRO C 245 26.93 -49.84 34.74
N ALA C 246 26.22 -50.64 35.55
CA ALA C 246 25.47 -51.79 35.06
C ALA C 246 24.11 -51.35 34.49
N ASN C 247 23.39 -50.49 35.22
CA ASN C 247 22.05 -50.06 34.82
C ASN C 247 22.14 -48.83 33.90
N ASN C 248 23.17 -48.01 34.10
CA ASN C 248 23.24 -46.68 33.51
C ASN C 248 24.65 -46.43 32.94
N PRO C 249 25.06 -47.18 31.89
CA PRO C 249 26.31 -46.91 31.18
C PRO C 249 26.11 -45.87 30.07
N SER C 250 27.16 -45.59 29.28
CA SER C 250 27.14 -44.60 28.22
C SER C 250 26.57 -45.21 26.93
N TYR C 251 25.24 -45.20 26.83
CA TYR C 251 24.52 -45.55 25.60
C TYR C 251 24.69 -44.41 24.59
N LEU C 252 24.80 -44.78 23.31
CA LEU C 252 24.97 -43.82 22.24
C LEU C 252 23.59 -43.36 21.75
N CYS C 253 23.52 -42.08 21.39
CA CYS C 253 22.37 -41.45 20.78
C CYS C 253 22.31 -41.84 19.30
N SER C 254 21.09 -41.95 18.75
CA SER C 254 20.90 -42.47 17.40
C SER C 254 21.47 -41.50 16.35
N THR C 255 21.46 -40.20 16.64
CA THR C 255 21.98 -39.21 15.70
C THR C 255 23.45 -39.54 15.41
N PHE C 256 24.21 -39.83 16.47
CA PHE C 256 25.64 -40.04 16.41
C PHE C 256 25.95 -41.43 15.84
N PHE C 257 25.32 -42.46 16.40
CA PHE C 257 25.57 -43.83 15.94
C PHE C 257 25.17 -43.98 14.46
N ASN C 258 24.05 -43.37 14.06
CA ASN C 258 23.53 -43.49 12.70
C ASN C 258 24.44 -42.74 11.72
N GLN C 259 24.96 -41.58 12.12
CA GLN C 259 25.94 -40.86 11.32
C GLN C 259 27.10 -41.81 10.97
N LEU C 260 27.64 -42.48 12.00
CA LEU C 260 28.79 -43.36 11.86
C LEU C 260 28.42 -44.57 10.98
N TYR C 261 27.35 -45.27 11.37
CA TYR C 261 26.96 -46.54 10.75
C TYR C 261 26.56 -46.31 9.29
N ASN C 262 25.67 -45.33 9.06
CA ASN C 262 25.06 -45.11 7.74
C ASN C 262 26.08 -44.51 6.76
N SER C 263 27.11 -43.84 7.27
CA SER C 263 28.17 -43.26 6.43
C SER C 263 29.32 -44.27 6.22
N GLY C 264 29.22 -45.48 6.79
CA GLY C 264 30.27 -46.51 6.65
C GLY C 264 31.59 -46.09 7.30
N ASP C 265 31.48 -45.23 8.31
CA ASP C 265 32.62 -44.67 9.01
C ASP C 265 33.42 -45.82 9.62
N PRO C 266 34.73 -45.93 9.34
CA PRO C 266 35.58 -46.93 10.01
C PRO C 266 35.58 -46.86 11.54
N ARG C 267 35.20 -45.72 12.12
CA ARG C 267 35.24 -45.49 13.58
C ARG C 267 33.97 -46.01 14.27
N THR C 268 32.98 -46.44 13.49
CA THR C 268 31.68 -46.88 14.00
C THR C 268 31.87 -47.80 15.22
N PHE C 269 32.61 -48.90 15.02
CA PHE C 269 32.78 -49.94 16.02
C PHE C 269 34.15 -49.84 16.71
N LYS C 270 34.80 -48.69 16.58
CA LYS C 270 35.93 -48.31 17.42
C LYS C 270 35.39 -47.43 18.54
N ILE C 271 34.48 -46.51 18.19
CA ILE C 271 33.80 -45.66 19.18
C ILE C 271 32.77 -46.49 19.96
N SER C 272 32.03 -47.38 19.28
CA SER C 272 30.89 -48.07 19.91
C SER C 272 31.02 -49.59 19.78
N ARG C 273 30.44 -50.29 20.76
CA ARG C 273 30.25 -51.74 20.78
C ARG C 273 28.91 -52.06 21.46
N CYS C 274 28.38 -53.25 21.20
CA CYS C 274 27.32 -53.81 22.00
C CYS C 274 27.93 -54.82 22.98
N TYR C 275 27.76 -54.56 24.29
CA TYR C 275 28.27 -55.40 25.37
C TYR C 275 27.14 -56.02 26.20
N TYR C 276 27.38 -57.24 26.68
CA TYR C 276 26.68 -57.84 27.80
C TYR C 276 27.50 -57.62 29.07
N ASP C 277 26.88 -56.98 30.08
CA ASP C 277 27.61 -56.51 31.24
C ASP C 277 27.26 -57.32 32.50
N GLY C 278 26.61 -58.47 32.32
CA GLY C 278 26.21 -59.34 33.44
C GLY C 278 27.34 -59.65 34.41
N LEU C 279 28.57 -59.85 33.90
CA LEU C 279 29.72 -60.24 34.73
C LEU C 279 30.70 -59.07 34.93
N MET C 280 30.30 -57.85 34.55
CA MET C 280 31.15 -56.67 34.67
C MET C 280 31.33 -56.28 36.13
N SER C 281 32.53 -55.80 36.48
CA SER C 281 32.84 -55.32 37.84
C SER C 281 32.01 -54.07 38.13
N ALA C 282 32.02 -53.67 39.40
CA ALA C 282 31.36 -52.45 39.84
C ALA C 282 32.27 -51.23 39.62
N THR C 283 33.59 -51.47 39.57
CA THR C 283 34.58 -50.40 39.67
C THR C 283 35.40 -50.21 38.39
N SER C 284 35.34 -51.16 37.44
CA SER C 284 36.11 -51.06 36.18
C SER C 284 35.37 -51.78 35.04
N PRO C 285 35.59 -51.38 33.77
CA PRO C 285 34.90 -52.02 32.64
C PRO C 285 35.54 -53.33 32.14
N ASP C 286 35.82 -54.24 33.08
CA ASP C 286 36.43 -55.53 32.77
C ASP C 286 35.35 -56.62 32.74
N ASN C 287 35.63 -57.70 31.99
CA ASN C 287 34.79 -58.90 31.87
C ASN C 287 33.47 -58.58 31.15
N ARG C 288 33.52 -57.62 30.22
CA ARG C 288 32.39 -57.34 29.36
C ARG C 288 32.44 -58.33 28.21
N VAL C 289 31.27 -58.63 27.64
CA VAL C 289 31.13 -59.61 26.56
C VAL C 289 30.71 -58.85 25.30
N ASP C 290 31.61 -58.80 24.32
CA ASP C 290 31.34 -58.10 23.06
C ASP C 290 30.42 -59.00 22.20
N ILE C 291 29.23 -58.50 21.88
CA ILE C 291 28.26 -59.26 21.08
C ILE C 291 28.09 -58.59 19.71
N THR C 292 28.91 -57.57 19.41
CA THR C 292 28.75 -56.76 18.21
C THR C 292 28.84 -57.63 16.94
N GLN C 293 29.90 -58.45 16.88
CA GLN C 293 30.16 -59.30 15.73
C GLN C 293 28.97 -60.26 15.54
N GLU C 294 28.54 -60.90 16.64
CA GLU C 294 27.45 -61.86 16.65
C GLU C 294 26.17 -61.20 16.11
N MET C 295 25.90 -59.98 16.56
CA MET C 295 24.71 -59.22 16.12
C MET C 295 24.77 -59.00 14.61
N ILE C 296 25.95 -58.64 14.09
CA ILE C 296 26.12 -58.40 12.65
C ILE C 296 25.93 -59.72 11.90
N GLU C 297 26.59 -60.80 12.36
CA GLU C 297 26.55 -62.12 11.69
C GLU C 297 25.10 -62.64 11.63
N LYS C 298 24.32 -62.31 12.65
CA LYS C 298 23.00 -62.88 12.85
C LYS C 298 21.92 -61.95 12.26
N GLY C 299 22.27 -60.70 11.94
CA GLY C 299 21.36 -59.76 11.30
C GLY C 299 20.43 -59.06 12.28
N ILE C 300 20.95 -58.74 13.48
CA ILE C 300 20.18 -58.12 14.55
C ILE C 300 20.31 -56.60 14.42
N ALA C 301 19.17 -55.90 14.48
CA ALA C 301 19.17 -54.45 14.36
C ALA C 301 19.77 -53.83 15.62
N PHE C 302 20.59 -52.78 15.44
CA PHE C 302 21.02 -51.94 16.53
C PHE C 302 19.88 -51.01 16.92
N SER C 303 19.81 -50.63 18.19
CA SER C 303 18.73 -49.80 18.66
C SER C 303 19.27 -48.63 19.48
N PRO C 304 20.02 -47.69 18.87
CA PRO C 304 20.46 -46.50 19.60
C PRO C 304 19.26 -45.63 20.02
N ARG C 305 19.50 -44.78 21.03
CA ARG C 305 18.48 -44.03 21.73
C ARG C 305 18.26 -42.67 21.06
N ASP C 306 17.05 -42.45 20.57
CA ASP C 306 16.64 -41.17 20.03
C ASP C 306 16.74 -40.13 21.15
N PRO C 307 16.91 -38.83 20.81
CA PRO C 307 16.92 -37.79 21.83
C PRO C 307 15.64 -37.84 22.67
N GLY C 308 15.81 -37.99 24.00
CA GLY C 308 14.73 -37.99 24.98
C GLY C 308 14.46 -39.37 25.55
N ALA C 309 15.02 -40.41 24.92
CA ALA C 309 14.74 -41.79 25.29
C ALA C 309 15.70 -42.26 26.38
N TYR C 310 15.13 -42.97 27.35
CA TYR C 310 15.88 -43.79 28.28
C TYR C 310 16.22 -45.11 27.58
N SER C 311 17.11 -45.90 28.20
CA SER C 311 17.52 -47.22 27.70
C SER C 311 16.35 -48.22 27.76
N TRP C 312 15.38 -47.93 28.64
CA TRP C 312 14.31 -48.87 28.99
C TRP C 312 12.98 -48.51 28.32
N GLU C 313 12.94 -47.44 27.54
CA GLU C 313 11.71 -47.00 26.87
C GLU C 313 12.07 -46.15 25.65
N PRO C 314 11.88 -46.64 24.41
CA PRO C 314 11.29 -47.95 24.15
C PRO C 314 12.23 -49.10 24.51
N TRP C 315 11.66 -50.21 25.00
CA TRP C 315 12.39 -51.43 25.30
C TRP C 315 12.62 -52.20 24.00
N PRO C 316 13.89 -52.52 23.63
CA PRO C 316 14.19 -53.09 22.31
C PRO C 316 13.73 -54.55 22.10
N THR C 317 13.43 -54.87 20.83
CA THR C 317 13.39 -56.24 20.36
C THR C 317 14.80 -56.81 20.53
N GLY C 318 14.92 -57.90 21.28
CA GLY C 318 16.22 -58.50 21.56
C GLY C 318 16.48 -59.73 20.69
N TYR C 319 17.36 -60.59 21.19
CA TYR C 319 17.66 -61.87 20.55
C TYR C 319 18.37 -62.76 21.58
N ASP C 320 18.47 -64.05 21.27
CA ASP C 320 19.19 -65.00 22.10
C ASP C 320 20.64 -65.10 21.60
N SER C 321 21.58 -64.72 22.46
CA SER C 321 23.03 -64.71 22.17
C SER C 321 23.61 -66.11 22.43
N ASP C 322 24.23 -66.69 21.40
CA ASP C 322 24.93 -67.97 21.52
C ASP C 322 26.15 -67.82 22.44
N ILE C 323 26.87 -66.69 22.30
CA ILE C 323 28.05 -66.42 23.10
C ILE C 323 27.69 -66.45 24.58
N CYS C 324 26.63 -65.71 24.95
CA CYS C 324 26.17 -65.60 26.35
C CYS C 324 25.58 -66.93 26.85
N ALA C 325 24.90 -67.69 25.98
CA ALA C 325 24.34 -69.01 26.35
C ALA C 325 25.47 -69.98 26.68
N GLU C 326 26.53 -69.97 25.87
CA GLU C 326 27.71 -70.82 26.08
C GLU C 326 28.38 -70.45 27.41
N LEU C 327 28.45 -69.14 27.66
CA LEU C 327 29.08 -68.58 28.83
C LEU C 327 28.29 -68.97 30.09
N ALA C 328 26.98 -69.24 29.92
CA ALA C 328 26.04 -69.43 31.02
C ALA C 328 26.15 -70.83 31.65
N VAL C 329 26.76 -71.79 30.94
CA VAL C 329 26.80 -73.16 31.48
C VAL C 329 27.74 -73.19 32.70
N ASN C 330 28.77 -72.35 32.71
CA ASN C 330 29.67 -72.22 33.87
C ASN C 330 29.27 -71.03 34.74
N ASN C 331 28.61 -70.01 34.15
CA ASN C 331 28.18 -68.82 34.87
C ASN C 331 26.65 -68.75 34.84
N PRO C 332 25.94 -69.50 35.71
CA PRO C 332 24.48 -69.63 35.59
C PRO C 332 23.73 -68.30 35.78
N SER C 333 24.43 -67.29 36.31
CA SER C 333 23.87 -65.95 36.52
C SER C 333 23.65 -65.22 35.19
N VAL C 334 24.25 -65.71 34.11
CA VAL C 334 24.14 -65.14 32.76
C VAL C 334 22.85 -65.63 32.08
N THR C 335 22.07 -64.71 31.50
CA THR C 335 21.02 -65.03 30.52
C THR C 335 21.60 -64.90 29.11
N ALA C 336 21.05 -65.68 28.17
CA ALA C 336 21.33 -65.60 26.75
C ALA C 336 20.44 -64.53 26.10
N THR C 337 19.33 -64.17 26.73
CA THR C 337 18.32 -63.30 26.09
C THR C 337 18.80 -61.85 26.23
N MET C 338 19.22 -61.24 25.11
CA MET C 338 19.69 -59.86 25.08
C MET C 338 18.47 -58.95 24.86
N ALA C 339 18.52 -57.76 25.47
CA ALA C 339 17.44 -56.77 25.36
C ALA C 339 18.05 -55.37 25.16
N ARG C 340 18.39 -54.69 26.26
CA ARG C 340 18.97 -53.36 26.17
C ARG C 340 20.40 -53.42 25.60
N GLU C 341 20.96 -54.63 25.48
CA GLU C 341 22.35 -54.81 25.04
C GLU C 341 22.49 -54.55 23.52
N VAL C 342 21.37 -54.59 22.77
CA VAL C 342 21.41 -54.27 21.32
C VAL C 342 21.44 -52.75 21.11
N GLU C 343 21.49 -51.98 22.20
CA GLU C 343 21.70 -50.53 22.17
C GLU C 343 23.20 -50.26 22.26
N PRO C 344 23.84 -49.71 21.20
CA PRO C 344 25.28 -49.44 21.21
C PRO C 344 25.75 -48.65 22.44
N LYS C 345 26.90 -49.04 22.98
CA LYS C 345 27.50 -48.36 24.11
C LYS C 345 28.89 -47.88 23.70
N LEU C 346 29.43 -46.94 24.48
CA LEU C 346 30.77 -46.40 24.29
C LEU C 346 31.79 -47.50 24.61
N ALA C 347 32.79 -47.67 23.72
CA ALA C 347 33.78 -48.75 23.81
C ALA C 347 34.70 -48.55 25.02
N ASN C 348 35.32 -49.64 25.48
CA ASN C 348 36.13 -49.65 26.70
C ASN C 348 37.28 -48.64 26.60
N ASN C 349 37.75 -48.40 25.38
CA ASN C 349 38.91 -47.55 25.10
C ASN C 349 38.71 -46.14 25.64
N PHE C 350 37.45 -45.71 25.75
CA PHE C 350 37.13 -44.34 26.16
C PHE C 350 36.68 -44.29 27.62
N LEU C 351 36.92 -45.38 28.36
CA LEU C 351 36.53 -45.52 29.76
C LEU C 351 37.76 -45.83 30.62
N LYS C 352 38.90 -45.23 30.27
CA LYS C 352 40.17 -45.47 30.94
C LYS C 352 40.62 -44.20 31.67
N SER C 353 41.17 -44.37 32.88
CA SER C 353 41.61 -43.26 33.73
C SER C 353 42.74 -42.47 33.08
N ASP C 354 43.51 -43.13 32.19
CA ASP C 354 44.70 -42.54 31.54
C ASP C 354 44.32 -41.90 30.19
N ASN C 355 43.02 -41.90 29.85
CA ASN C 355 42.53 -41.19 28.66
C ASN C 355 43.02 -39.74 28.75
N PRO C 356 43.49 -39.14 27.64
CA PRO C 356 44.03 -37.79 27.67
C PRO C 356 42.92 -36.75 27.86
N GLY C 357 43.26 -35.61 28.47
CA GLY C 357 42.42 -34.43 28.47
C GLY C 357 42.68 -33.60 27.22
N VAL C 358 41.74 -33.67 26.26
CA VAL C 358 41.90 -33.06 24.94
C VAL C 358 41.61 -31.55 25.05
N VAL C 359 42.61 -30.74 24.70
CA VAL C 359 42.49 -29.30 24.63
C VAL C 359 42.26 -28.90 23.17
N MET C 360 43.20 -29.26 22.30
CA MET C 360 43.07 -29.03 20.86
C MET C 360 44.03 -29.95 20.08
N THR C 361 43.60 -30.37 18.88
CA THR C 361 44.28 -31.36 18.05
C THR C 361 44.56 -30.82 16.65
N SER C 362 45.53 -31.44 15.98
CA SER C 362 45.91 -31.10 14.62
C SER C 362 44.74 -31.36 13.66
N ALA C 363 43.93 -32.36 13.96
CA ALA C 363 42.75 -32.64 13.13
C ALA C 363 41.82 -31.42 13.10
N GLU C 364 41.63 -30.78 14.27
CA GLU C 364 40.76 -29.59 14.34
C GLU C 364 41.33 -28.50 13.43
N VAL C 365 42.62 -28.19 13.61
CA VAL C 365 43.30 -27.15 12.82
C VAL C 365 43.07 -27.37 11.32
N LYS C 366 43.14 -28.62 10.88
CA LYS C 366 42.93 -28.98 9.48
C LYS C 366 41.50 -28.58 9.04
N PHE C 367 40.51 -28.93 9.87
CA PHE C 367 39.10 -28.66 9.58
C PHE C 367 38.84 -27.15 9.53
N LEU C 368 39.48 -26.41 10.45
CA LEU C 368 39.41 -24.94 10.47
C LEU C 368 39.99 -24.38 9.17
N MET C 369 41.15 -24.90 8.75
CA MET C 369 41.80 -24.48 7.50
C MET C 369 40.88 -24.74 6.29
N ALA C 370 40.22 -25.91 6.28
CA ALA C 370 39.35 -26.29 5.19
C ALA C 370 38.15 -25.34 5.10
N GLU C 371 37.57 -25.03 6.26
CA GLU C 371 36.43 -24.13 6.32
C GLU C 371 36.86 -22.74 5.83
N ALA C 372 37.96 -22.23 6.40
CA ALA C 372 38.51 -20.92 6.06
C ALA C 372 38.69 -20.84 4.55
N THR C 373 39.16 -21.94 3.94
CA THR C 373 39.42 -21.99 2.50
C THR C 373 38.09 -21.89 1.73
N VAL C 374 37.07 -22.63 2.18
CA VAL C 374 35.75 -22.57 1.55
C VAL C 374 35.21 -21.14 1.63
N LYS C 375 35.49 -20.45 2.75
CA LYS C 375 34.99 -19.07 2.98
C LYS C 375 35.80 -18.05 2.19
N LYS C 376 36.72 -18.53 1.33
CA LYS C 376 37.50 -17.73 0.38
C LYS C 376 38.54 -16.86 1.12
N TRP C 377 38.92 -17.26 2.33
CA TRP C 377 39.98 -16.58 3.09
C TRP C 377 41.33 -16.95 2.47
N ASN C 378 42.33 -16.07 2.64
CA ASN C 378 43.67 -16.24 2.04
C ASN C 378 44.57 -16.98 3.00
N VAL C 379 44.63 -18.31 2.84
CA VAL C 379 45.15 -19.21 3.86
C VAL C 379 46.19 -20.17 3.24
N GLY C 380 46.71 -19.84 2.06
CA GLY C 380 47.73 -20.66 1.40
C GLY C 380 47.18 -21.33 0.14
N SER C 381 47.92 -22.33 -0.35
CA SER C 381 47.69 -22.90 -1.69
C SER C 381 47.24 -24.37 -1.61
N VAL C 382 46.98 -24.87 -0.40
CA VAL C 382 46.39 -26.21 -0.22
C VAL C 382 44.88 -26.11 -0.45
N SER C 383 44.33 -27.07 -1.20
CA SER C 383 42.93 -27.08 -1.57
C SER C 383 42.09 -27.44 -0.34
N ALA C 384 40.85 -26.95 -0.34
CA ALA C 384 39.87 -27.24 0.68
C ALA C 384 39.76 -28.76 0.88
N GLU C 385 39.68 -29.48 -0.24
CA GLU C 385 39.43 -30.93 -0.21
C GLU C 385 40.57 -31.65 0.52
N ASP C 386 41.80 -31.25 0.23
CA ASP C 386 42.98 -31.91 0.79
C ASP C 386 43.04 -31.63 2.30
N LEU C 387 42.78 -30.38 2.68
CA LEU C 387 42.78 -30.00 4.10
C LEU C 387 41.72 -30.82 4.85
N TYR C 388 40.58 -31.05 4.19
CA TYR C 388 39.48 -31.82 4.73
C TYR C 388 39.92 -33.27 4.94
N LYS C 389 40.46 -33.87 3.87
CA LYS C 389 40.96 -35.25 3.92
C LYS C 389 42.04 -35.39 5.00
N GLN C 390 42.86 -34.35 5.18
CA GLN C 390 43.92 -34.38 6.19
C GLN C 390 43.31 -34.39 7.60
N GLY C 391 42.25 -33.60 7.80
CA GLY C 391 41.50 -33.57 9.07
C GLY C 391 40.89 -34.91 9.43
N VAL C 392 40.28 -35.57 8.46
CA VAL C 392 39.62 -36.85 8.68
C VAL C 392 40.67 -37.91 9.06
N ARG C 393 41.70 -38.03 8.21
CA ARG C 393 42.80 -38.97 8.41
C ARG C 393 43.37 -38.78 9.82
N ALA C 394 43.66 -37.53 10.19
CA ALA C 394 44.22 -37.21 11.51
C ALA C 394 43.23 -37.61 12.61
N ALA C 395 41.94 -37.28 12.39
CA ALA C 395 40.87 -37.56 13.36
C ALA C 395 40.76 -39.06 13.61
N ILE C 396 40.90 -39.86 12.55
CA ILE C 396 40.81 -41.32 12.64
C ILE C 396 42.02 -41.85 13.41
N ASP C 397 43.21 -41.39 13.01
CA ASP C 397 44.49 -41.83 13.59
C ASP C 397 44.62 -41.38 15.04
N PHE C 398 43.90 -40.31 15.41
CA PHE C 398 43.87 -39.78 16.78
C PHE C 398 43.38 -40.87 17.74
N LEU C 399 42.46 -41.72 17.26
CA LEU C 399 41.91 -42.84 18.05
C LEU C 399 42.97 -43.94 18.20
N THR C 400 43.68 -44.23 17.10
CA THR C 400 44.75 -45.22 17.09
C THR C 400 45.87 -44.81 18.05
N ASP C 401 46.30 -43.54 17.94
CA ASP C 401 47.44 -43.04 18.69
C ASP C 401 47.11 -42.94 20.19
N ASN C 402 45.89 -42.52 20.54
CA ASN C 402 45.63 -42.01 21.89
C ASN C 402 44.69 -42.92 22.69
N TYR C 403 43.95 -43.82 22.01
CA TYR C 403 42.90 -44.58 22.69
C TYR C 403 43.03 -46.10 22.44
N GLY C 404 44.11 -46.52 21.76
CA GLY C 404 44.42 -47.93 21.55
C GLY C 404 43.51 -48.63 20.56
N CYS C 405 42.86 -47.87 19.68
CA CYS C 405 41.90 -48.43 18.73
C CYS C 405 42.65 -49.10 17.57
N THR C 406 41.97 -50.04 16.91
CA THR C 406 42.49 -50.69 15.71
C THR C 406 42.76 -49.64 14.64
N ALA C 407 43.95 -49.72 14.04
CA ALA C 407 44.37 -48.81 12.99
C ALA C 407 43.45 -48.95 11.77
N THR C 408 43.28 -47.85 11.05
CA THR C 408 42.49 -47.81 9.83
C THR C 408 43.46 -47.78 8.63
N THR C 409 43.32 -48.74 7.72
CA THR C 409 44.24 -48.90 6.59
C THR C 409 43.99 -47.78 5.58
N ASP C 410 44.92 -47.62 4.63
CA ASP C 410 44.78 -46.69 3.52
C ASP C 410 43.61 -47.12 2.64
N ALA C 411 43.42 -48.45 2.49
CA ALA C 411 42.32 -49.02 1.71
C ALA C 411 40.96 -48.63 2.34
N GLU C 412 40.85 -48.83 3.65
CA GLU C 412 39.61 -48.52 4.40
C GLU C 412 39.29 -47.02 4.28
N PHE C 413 40.31 -46.18 4.51
CA PHE C 413 40.17 -44.72 4.45
C PHE C 413 39.61 -44.31 3.09
N ASP C 414 40.13 -44.94 2.03
CA ASP C 414 39.82 -44.60 0.65
C ASP C 414 38.35 -44.94 0.36
N ALA C 415 37.92 -46.15 0.73
CA ALA C 415 36.53 -46.59 0.56
C ALA C 415 35.57 -45.57 1.20
N PHE C 416 35.95 -45.06 2.37
CA PHE C 416 35.12 -44.13 3.13
C PHE C 416 35.10 -42.76 2.43
N ILE C 417 36.29 -42.21 2.16
CA ILE C 417 36.44 -40.83 1.66
C ILE C 417 35.91 -40.72 0.23
N GLN C 418 35.94 -41.82 -0.51
CA GLN C 418 35.46 -41.85 -1.90
C GLN C 418 33.93 -41.96 -1.94
N ASP C 419 33.29 -42.27 -0.79
CA ASP C 419 31.84 -42.50 -0.72
C ASP C 419 31.19 -41.49 0.23
N LYS C 420 30.80 -41.92 1.43
CA LYS C 420 29.93 -41.12 2.32
C LYS C 420 30.75 -40.12 3.13
N GLY C 421 32.06 -40.35 3.23
CA GLY C 421 32.96 -39.40 3.87
C GLY C 421 33.39 -38.28 2.93
N ALA C 422 32.90 -38.32 1.69
CA ALA C 422 33.29 -37.38 0.64
C ALA C 422 33.04 -35.93 1.08
N PHE C 423 33.99 -35.07 0.79
CA PHE C 423 33.80 -33.64 0.71
C PHE C 423 32.60 -33.40 -0.23
N GLY C 424 31.85 -32.33 0.01
CA GLY C 424 30.68 -32.03 -0.83
C GLY C 424 31.05 -31.53 -2.22
N HIS C 425 30.03 -31.21 -3.02
CA HIS C 425 30.17 -30.47 -4.29
C HIS C 425 29.82 -29.00 -4.06
N THR C 426 28.62 -28.75 -3.51
CA THR C 426 28.15 -27.44 -3.04
C THR C 426 29.04 -26.94 -1.89
N ASP C 427 29.00 -25.63 -1.62
CA ASP C 427 29.68 -25.04 -0.45
C ASP C 427 29.00 -25.50 0.86
N ASN C 428 27.67 -25.42 0.90
CA ASN C 428 26.88 -25.92 2.03
C ASN C 428 27.26 -27.38 2.34
N GLN C 429 27.32 -28.22 1.29
CA GLN C 429 27.68 -29.64 1.42
C GLN C 429 29.07 -29.77 2.06
N LYS C 430 29.99 -28.89 1.64
CA LYS C 430 31.39 -28.88 2.10
C LYS C 430 31.46 -28.44 3.57
N LEU C 431 30.71 -27.37 3.90
CA LEU C 431 30.64 -26.84 5.28
C LEU C 431 30.02 -27.87 6.22
N GLU C 432 29.03 -28.63 5.70
CA GLU C 432 28.36 -29.66 6.46
C GLU C 432 29.35 -30.77 6.80
N ALA C 433 30.13 -31.18 5.80
CA ALA C 433 31.03 -32.32 5.92
C ALA C 433 32.15 -32.00 6.93
N ILE C 434 32.76 -30.83 6.78
CA ILE C 434 33.81 -30.36 7.68
C ILE C 434 33.29 -30.45 9.11
N ASN C 435 32.13 -29.81 9.33
CA ASN C 435 31.62 -29.56 10.67
C ASN C 435 31.01 -30.85 11.24
N THR C 436 30.44 -31.71 10.40
CA THR C 436 29.98 -33.03 10.86
C THR C 436 31.18 -33.87 11.32
N GLN C 437 32.29 -33.80 10.58
CA GLN C 437 33.49 -34.57 10.90
C GLN C 437 34.14 -34.01 12.17
N ALA C 438 34.18 -32.68 12.30
CA ALA C 438 34.68 -32.02 13.50
C ALA C 438 33.90 -32.48 14.73
N TRP C 439 32.60 -32.68 14.54
CA TRP C 439 31.65 -33.14 15.55
C TRP C 439 32.08 -34.52 16.10
N ILE C 440 32.43 -35.43 15.18
CA ILE C 440 32.93 -36.78 15.54
C ILE C 440 34.29 -36.66 16.25
N LEU C 441 35.16 -35.77 15.75
CA LEU C 441 36.48 -35.56 16.36
C LEU C 441 36.33 -35.12 17.81
N HIS C 442 35.36 -34.24 18.07
CA HIS C 442 35.27 -33.55 19.34
C HIS C 442 34.51 -34.39 20.38
N PHE C 443 34.18 -35.64 20.05
CA PHE C 443 33.45 -36.49 20.98
C PHE C 443 34.08 -36.46 22.37
N THR C 444 35.42 -36.50 22.44
CA THR C 444 36.13 -36.54 23.73
C THR C 444 36.47 -35.14 24.24
N ASN C 445 35.96 -34.11 23.56
CA ASN C 445 36.12 -32.72 23.96
C ASN C 445 34.73 -32.08 24.01
N PRO C 446 33.87 -32.45 24.98
CA PRO C 446 32.45 -32.08 24.94
C PRO C 446 32.22 -30.56 24.88
N ALA C 447 33.05 -29.79 25.59
CA ALA C 447 32.93 -28.33 25.60
C ALA C 447 33.05 -27.78 24.18
N GLU C 448 34.10 -28.21 23.46
CA GLU C 448 34.34 -27.73 22.10
C GLU C 448 33.28 -28.30 21.14
N CYS C 449 32.89 -29.56 21.37
CA CYS C 449 31.88 -30.20 20.55
C CYS C 449 30.61 -29.34 20.55
N TRP C 450 30.17 -28.92 21.74
CA TRP C 450 28.88 -28.20 21.87
C TRP C 450 29.00 -26.80 21.27
N ALA C 451 30.14 -26.14 21.52
CA ALA C 451 30.41 -24.83 20.97
C ALA C 451 30.28 -24.88 19.44
N ASN C 452 30.93 -25.88 18.81
CA ASN C 452 31.05 -25.92 17.36
C ASN C 452 29.70 -26.27 16.71
N VAL C 453 28.96 -27.20 17.32
CA VAL C 453 27.60 -27.53 16.87
C VAL C 453 26.74 -26.26 16.85
N ARG C 454 26.84 -25.46 17.92
CA ARG C 454 25.99 -24.27 18.07
C ARG C 454 26.37 -23.24 17.00
N ARG C 455 27.68 -23.07 16.78
CA ARG C 455 28.20 -22.06 15.83
C ARG C 455 27.96 -22.49 14.39
N SER C 456 28.33 -23.73 14.08
CA SER C 456 28.34 -24.20 12.68
C SER C 456 26.91 -24.45 12.20
N GLY C 457 26.03 -24.84 13.11
CA GLY C 457 24.69 -25.28 12.77
C GLY C 457 24.69 -26.66 12.13
N TYR C 458 25.78 -27.41 12.36
CA TYR C 458 25.96 -28.77 11.82
C TYR C 458 26.48 -29.68 12.94
N PRO C 459 26.01 -30.94 13.03
CA PRO C 459 24.90 -31.43 12.21
C PRO C 459 23.58 -30.78 12.67
N LYS C 460 22.58 -30.81 11.78
CA LYS C 460 21.29 -30.18 12.02
C LYS C 460 20.49 -31.06 12.99
N LEU C 461 20.57 -30.71 14.27
CA LEU C 461 19.91 -31.47 15.31
C LEU C 461 18.45 -31.01 15.42
N LYS C 462 17.59 -31.97 15.74
CA LYS C 462 16.17 -31.77 16.00
C LYS C 462 15.90 -31.98 17.49
N SER C 463 14.96 -31.21 18.03
CA SER C 463 14.54 -31.31 19.43
C SER C 463 14.06 -32.71 19.75
N PRO C 464 14.17 -33.17 21.03
CA PRO C 464 13.53 -34.41 21.47
C PRO C 464 12.00 -34.43 21.24
N ALA C 465 11.39 -33.25 21.09
CA ALA C 465 9.94 -33.11 20.82
C ALA C 465 9.57 -33.79 19.48
N GLU C 466 10.49 -33.79 18.52
CA GLU C 466 10.24 -34.39 17.19
C GLU C 466 10.37 -35.92 17.24
N TYR C 467 10.88 -36.45 18.35
CA TYR C 467 11.01 -37.90 18.57
C TYR C 467 9.96 -38.38 19.57
N GLY C 468 8.93 -37.56 19.83
CA GLY C 468 7.76 -37.95 20.62
C GLY C 468 8.00 -37.86 22.13
N PHE C 469 8.73 -36.84 22.58
CA PHE C 469 9.04 -36.68 24.00
C PHE C 469 8.76 -35.24 24.46
N GLY C 470 7.90 -34.53 23.72
CA GLY C 470 7.50 -33.16 24.04
C GLY C 470 6.95 -33.03 25.46
N GLN C 471 6.22 -34.08 25.90
CA GLN C 471 5.51 -34.10 27.20
C GLN C 471 6.47 -33.94 28.38
N TYR C 472 7.77 -34.20 28.16
CA TYR C 472 8.75 -34.22 29.24
C TYR C 472 9.61 -32.95 29.25
N LEU C 473 9.45 -32.09 28.23
CA LEU C 473 10.37 -30.96 27.98
C LEU C 473 10.00 -29.78 28.90
N THR C 474 10.35 -30.00 30.17
CA THR C 474 10.13 -29.14 31.33
C THR C 474 10.60 -27.70 31.06
N GLY C 475 11.84 -27.55 30.58
CA GLY C 475 12.52 -26.25 30.53
C GLY C 475 12.37 -25.56 29.17
N GLY C 476 11.52 -26.12 28.30
CA GLY C 476 11.28 -25.57 26.97
C GLY C 476 11.41 -26.62 25.90
N THR C 477 10.97 -26.25 24.69
CA THR C 477 10.84 -27.17 23.56
C THR C 477 12.16 -27.22 22.76
N GLU C 478 12.75 -26.06 22.49
CA GLU C 478 13.99 -25.97 21.68
C GLU C 478 15.19 -26.43 22.50
N ILE C 479 16.21 -26.98 21.84
CA ILE C 479 17.40 -27.42 22.55
C ILE C 479 18.08 -26.18 23.11
N PRO C 480 18.42 -26.13 24.41
CA PRO C 480 19.14 -25.00 24.99
C PRO C 480 20.44 -24.70 24.23
N VAL C 481 20.85 -23.43 24.27
CA VAL C 481 21.98 -22.93 23.51
C VAL C 481 22.96 -22.19 24.43
N ARG C 482 22.66 -22.14 25.74
CA ARG C 482 23.61 -21.76 26.79
C ARG C 482 23.15 -22.41 28.10
N LEU C 483 23.87 -22.17 29.20
CA LEU C 483 23.42 -22.52 30.55
C LEU C 483 23.30 -21.23 31.38
N CYS C 484 22.45 -21.29 32.42
CA CYS C 484 22.14 -20.14 33.27
C CYS C 484 23.21 -19.96 34.34
N TYR C 485 23.38 -18.72 34.80
CA TYR C 485 24.32 -18.42 35.86
C TYR C 485 23.86 -19.09 37.16
N PRO C 486 24.79 -19.34 38.11
CA PRO C 486 24.41 -19.70 39.48
C PRO C 486 23.51 -18.62 40.10
N VAL C 487 22.50 -19.05 40.84
CA VAL C 487 21.54 -18.14 41.44
C VAL C 487 22.28 -17.29 42.50
N LEU C 488 23.33 -17.85 43.11
CA LEU C 488 24.10 -17.17 44.19
C LEU C 488 24.72 -15.85 43.69
N GLU C 489 25.05 -15.76 42.40
CA GLU C 489 25.60 -14.52 41.82
C GLU C 489 24.60 -13.36 42.05
N SER C 490 23.30 -13.67 42.03
CA SER C 490 22.21 -12.70 42.26
C SER C 490 22.38 -11.99 43.61
N SER C 491 23.09 -12.61 44.57
CA SER C 491 23.25 -12.07 45.93
C SER C 491 24.72 -11.76 46.27
N TYR C 492 25.68 -12.52 45.71
CA TYR C 492 27.13 -12.29 45.96
C TYR C 492 27.63 -11.04 45.22
N ASN C 493 27.12 -10.85 44.00
CA ASN C 493 27.65 -9.89 43.04
C ASN C 493 26.49 -9.30 42.24
N LYS C 494 25.59 -8.61 42.96
CA LYS C 494 24.22 -8.31 42.50
C LYS C 494 24.24 -7.41 41.26
N LYS C 495 24.90 -6.25 41.36
CA LYS C 495 24.85 -5.24 40.30
C LYS C 495 25.32 -5.85 38.98
N SER C 496 26.51 -6.45 39.02
CA SER C 496 27.18 -7.03 37.84
C SER C 496 26.26 -8.06 37.15
N TYR C 497 25.67 -8.93 37.97
CA TYR C 497 24.73 -9.97 37.55
C TYR C 497 23.55 -9.34 36.82
N ASN C 498 22.84 -8.43 37.52
CA ASN C 498 21.64 -7.74 37.00
C ASN C 498 21.99 -7.07 35.66
N GLU C 499 23.11 -6.36 35.64
CA GLU C 499 23.62 -5.71 34.45
C GLU C 499 23.65 -6.71 33.29
N ALA C 500 24.13 -7.93 33.54
CA ALA C 500 24.28 -8.97 32.50
C ALA C 500 22.89 -9.51 32.08
N ILE C 501 21.99 -9.67 33.05
CA ILE C 501 20.64 -10.15 32.77
C ILE C 501 19.92 -9.14 31.87
N GLU C 502 20.19 -7.84 32.08
CA GLU C 502 19.55 -6.74 31.34
C GLU C 502 19.83 -6.90 29.83
N ARG C 503 21.10 -7.11 29.48
CA ARG C 503 21.52 -7.20 28.06
C ARG C 503 20.70 -8.29 27.35
N MET C 504 20.39 -9.37 28.08
CA MET C 504 19.69 -10.52 27.53
C MET C 504 18.19 -10.23 27.40
N GLY C 505 17.71 -9.21 28.13
CA GLY C 505 16.32 -8.75 28.06
C GLY C 505 15.58 -8.88 29.39
N GLY C 506 16.31 -9.16 30.48
CA GLY C 506 15.76 -9.09 31.84
C GLY C 506 15.50 -10.45 32.46
N THR C 507 15.79 -11.53 31.72
CA THR C 507 15.68 -12.90 32.21
C THR C 507 17.00 -13.65 31.92
N ASP C 508 17.38 -14.56 32.82
CA ASP C 508 18.46 -15.53 32.61
C ASP C 508 17.85 -16.77 31.94
N ASN C 509 17.83 -16.75 30.60
CA ASN C 509 17.17 -17.77 29.80
C ASN C 509 18.24 -18.60 29.05
N TRP C 510 18.05 -19.93 29.08
CA TRP C 510 18.99 -20.81 28.45
C TRP C 510 18.58 -21.09 26.99
N HIS C 511 17.59 -20.34 26.49
CA HIS C 511 17.25 -20.30 25.06
C HIS C 511 17.76 -19.01 24.40
N SER C 512 18.38 -18.12 25.21
CA SER C 512 19.04 -16.91 24.70
C SER C 512 20.34 -17.28 23.96
N LEU C 513 20.45 -16.84 22.71
CA LEU C 513 21.64 -17.05 21.88
C LEU C 513 22.84 -16.29 22.47
N LEU C 514 23.99 -16.96 22.55
CA LEU C 514 25.26 -16.32 22.89
C LEU C 514 25.67 -15.39 21.75
N TRP C 515 26.55 -14.44 22.05
CA TRP C 515 26.91 -13.36 21.13
C TRP C 515 27.45 -13.92 19.81
N TRP C 516 28.21 -15.02 19.87
CA TRP C 516 28.81 -15.61 18.65
C TRP C 516 27.86 -16.58 17.95
N ASP C 517 26.72 -16.91 18.57
CA ASP C 517 25.76 -17.86 17.98
C ASP C 517 24.59 -17.07 17.39
N THR C 518 24.50 -17.07 16.06
CA THR C 518 23.60 -16.16 15.34
C THR C 518 22.25 -16.83 15.03
N GLU C 519 22.19 -18.16 14.98
CA GLU C 519 20.92 -18.87 14.73
C GLU C 519 20.98 -20.30 15.29
N ASN C 520 19.78 -20.88 15.48
CA ASN C 520 19.58 -22.27 15.87
C ASN C 520 19.88 -23.18 14.67
N ASP D 2 -28.62 32.51 -45.59
CA ASP D 2 -27.16 32.50 -45.95
C ASP D 2 -26.32 32.61 -44.68
N PRO D 3 -25.38 31.68 -44.41
CA PRO D 3 -24.58 31.71 -43.19
C PRO D 3 -23.74 32.98 -42.99
N ASN D 4 -23.22 33.55 -44.07
CA ASN D 4 -22.32 34.70 -44.01
C ASN D 4 -23.07 35.94 -43.47
N ALA D 5 -24.34 36.11 -43.85
CA ALA D 5 -25.16 37.25 -43.42
C ALA D 5 -25.57 37.10 -41.95
N GLN D 6 -25.83 35.87 -41.50
CA GLN D 6 -26.22 35.57 -40.12
C GLN D 6 -25.10 35.99 -39.16
N LEU D 7 -23.86 35.78 -39.58
CA LEU D 7 -22.68 36.21 -38.83
C LEU D 7 -22.67 37.73 -38.68
N THR D 8 -22.92 38.44 -39.79
CA THR D 8 -22.97 39.90 -39.77
C THR D 8 -23.99 40.35 -38.72
N THR D 9 -25.20 39.79 -38.80
CA THR D 9 -26.29 40.10 -37.89
C THR D 9 -25.87 39.84 -36.43
N ALA D 10 -25.21 38.69 -36.20
CA ALA D 10 -24.80 38.26 -34.86
C ALA D 10 -23.76 39.22 -34.26
N GLN D 11 -22.78 39.61 -35.07
CA GLN D 11 -21.76 40.54 -34.64
C GLN D 11 -22.44 41.85 -34.23
N LEU D 12 -23.29 42.38 -35.12
CA LEU D 12 -23.93 43.69 -34.91
C LEU D 12 -24.75 43.72 -33.62
N GLN D 13 -25.50 42.64 -33.32
CA GLN D 13 -26.39 42.59 -32.14
C GLN D 13 -25.57 42.71 -30.84
N THR D 14 -24.37 42.15 -30.83
CA THR D 14 -23.54 42.02 -29.64
C THR D 14 -23.57 43.32 -28.81
N TYR D 15 -23.31 44.46 -29.47
CA TYR D 15 -23.39 45.78 -28.83
C TYR D 15 -24.42 46.70 -29.51
N GLY D 16 -25.05 46.24 -30.60
CA GLY D 16 -25.93 47.07 -31.41
C GLY D 16 -27.38 47.07 -30.94
N ASP D 17 -27.75 46.09 -30.10
CA ASP D 17 -29.14 45.87 -29.66
C ASP D 17 -29.46 46.80 -28.49
N LEU D 18 -30.23 47.86 -28.77
CA LEU D 18 -30.54 48.92 -27.78
C LEU D 18 -31.22 48.31 -26.56
N SER D 19 -32.10 47.33 -26.79
CA SER D 19 -32.85 46.68 -25.71
C SER D 19 -31.89 46.00 -24.74
N MET D 20 -30.97 45.17 -25.28
CA MET D 20 -30.12 44.28 -24.48
C MET D 20 -29.11 45.09 -23.64
N MET D 21 -28.66 46.21 -24.20
CA MET D 21 -27.58 47.00 -23.62
C MET D 21 -28.01 47.61 -22.27
N GLU D 22 -29.33 47.66 -22.01
CA GLU D 22 -29.89 48.15 -20.75
C GLU D 22 -29.28 47.42 -19.55
N ILE D 23 -29.05 46.12 -19.72
CA ILE D 23 -28.65 45.26 -18.60
C ILE D 23 -27.28 45.73 -18.07
N TYR D 24 -26.44 46.25 -18.97
CA TYR D 24 -25.07 46.63 -18.65
C TYR D 24 -25.07 47.93 -17.84
N ARG D 25 -25.87 48.90 -18.27
CA ARG D 25 -26.02 50.18 -17.55
C ARG D 25 -26.71 49.96 -16.18
N ASN D 26 -27.67 49.02 -16.13
CA ASN D 26 -28.48 48.78 -14.93
C ASN D 26 -27.72 47.97 -13.87
N TYR D 27 -26.96 46.94 -14.29
CA TYR D 27 -26.32 46.00 -13.35
C TYR D 27 -24.78 46.02 -13.45
N HIS D 28 -24.25 45.58 -14.60
CA HIS D 28 -22.81 45.28 -14.74
C HIS D 28 -21.93 46.42 -14.22
N TYR D 29 -22.17 47.63 -14.72
CA TYR D 29 -21.33 48.80 -14.46
C TYR D 29 -21.36 49.20 -12.98
N ALA D 30 -22.43 48.81 -12.26
CA ALA D 30 -22.59 49.07 -10.83
C ALA D 30 -21.88 47.99 -10.02
N PHE D 31 -22.02 46.74 -10.45
CA PHE D 31 -21.38 45.60 -9.80
C PHE D 31 -19.85 45.71 -9.90
N THR D 32 -19.35 46.29 -11.00
CA THR D 32 -17.92 46.49 -11.19
C THR D 32 -17.49 47.81 -10.55
N GLN D 33 -18.46 48.65 -10.18
CA GLN D 33 -18.23 49.91 -9.47
C GLN D 33 -17.38 50.84 -10.35
N GLN D 34 -17.79 50.96 -11.61
CA GLN D 34 -17.16 51.84 -12.60
C GLN D 34 -18.09 53.04 -12.87
N LEU D 35 -19.38 52.81 -13.08
CA LEU D 35 -20.40 53.88 -13.15
C LEU D 35 -21.35 53.79 -11.95
N MET D 36 -21.74 54.96 -11.43
CA MET D 36 -22.65 55.09 -10.29
C MET D 36 -23.14 56.54 -10.22
N GLY D 37 -24.44 56.73 -9.93
CA GLY D 37 -25.05 58.07 -9.80
C GLY D 37 -26.25 58.24 -10.71
N CYS D 38 -26.11 57.78 -11.97
CA CYS D 38 -27.22 57.63 -12.91
C CYS D 38 -28.34 56.85 -12.22
N TRP D 39 -29.59 57.28 -12.40
CA TRP D 39 -30.71 56.66 -11.70
C TRP D 39 -30.73 55.16 -12.01
N ASN D 40 -30.73 54.83 -13.31
CA ASN D 40 -30.80 53.45 -13.77
C ASN D 40 -29.76 52.59 -13.05
N THR D 41 -28.52 53.08 -12.99
CA THR D 41 -27.36 52.32 -12.47
C THR D 41 -27.50 52.11 -10.95
N THR D 42 -27.78 53.21 -10.23
CA THR D 42 -27.87 53.21 -8.78
C THR D 42 -29.08 52.38 -8.33
N ASN D 43 -30.21 52.52 -9.03
CA ASN D 43 -31.47 51.88 -8.62
C ASN D 43 -31.31 50.36 -8.58
N TYR D 44 -30.88 49.77 -9.70
CA TYR D 44 -30.92 48.32 -9.88
C TYR D 44 -29.69 47.69 -9.23
N GLY D 45 -28.52 47.88 -9.86
CA GLY D 45 -27.28 47.24 -9.44
C GLY D 45 -26.64 47.92 -8.24
N GLY D 46 -26.74 49.25 -8.17
CA GLY D 46 -26.18 50.04 -7.07
C GLY D 46 -26.85 49.74 -5.72
N ARG D 47 -28.16 49.44 -5.74
CA ARG D 47 -28.92 49.20 -4.49
C ARG D 47 -29.47 47.78 -4.45
N HIS D 48 -29.07 46.91 -5.39
CA HIS D 48 -29.36 45.48 -5.31
C HIS D 48 -30.87 45.22 -5.41
N THR D 49 -31.50 45.75 -6.46
CA THR D 49 -32.90 45.52 -6.76
C THR D 49 -33.04 44.32 -7.72
N LEU D 50 -33.64 43.22 -7.22
CA LEU D 50 -34.05 42.09 -8.07
C LEU D 50 -35.13 42.56 -9.03
N ASP D 51 -34.93 42.33 -10.32
CA ASP D 51 -35.94 42.59 -11.34
C ASP D 51 -35.75 41.58 -12.46
N ASN D 52 -36.68 40.64 -12.58
CA ASN D 52 -36.54 39.52 -13.48
C ASN D 52 -36.45 40.01 -14.94
N ASN D 53 -37.29 40.99 -15.30
CA ASN D 53 -37.42 41.43 -16.69
C ASN D 53 -36.15 42.18 -17.14
N GLU D 54 -35.43 42.79 -16.19
CA GLU D 54 -34.17 43.50 -16.48
C GLU D 54 -32.99 42.51 -16.49
N MET D 55 -33.10 41.44 -15.71
CA MET D 55 -32.10 40.37 -15.67
C MET D 55 -32.25 39.45 -16.89
N SER D 56 -33.43 39.47 -17.54
CA SER D 56 -33.79 38.54 -18.62
C SER D 56 -33.12 38.88 -19.96
N ARG D 57 -32.64 40.11 -20.11
CA ARG D 57 -32.42 40.71 -21.44
C ARG D 57 -31.37 39.94 -22.25
N ILE D 58 -30.26 39.54 -21.61
CA ILE D 58 -29.18 38.84 -22.34
C ILE D 58 -29.72 37.50 -22.85
N TRP D 59 -30.35 36.76 -21.94
CA TRP D 59 -30.92 35.46 -22.24
C TRP D 59 -31.90 35.60 -23.42
N THR D 60 -32.85 36.52 -23.28
CA THR D 60 -33.92 36.75 -24.22
C THR D 60 -33.37 37.09 -25.62
N SER D 61 -32.48 38.08 -25.66
CA SER D 61 -31.93 38.61 -26.92
C SER D 61 -31.17 37.54 -27.71
N PHE D 62 -30.30 36.78 -27.05
CA PHE D 62 -29.38 35.87 -27.75
C PHE D 62 -30.11 34.60 -28.21
N TYR D 63 -30.97 34.03 -27.36
CA TYR D 63 -31.66 32.77 -27.68
C TYR D 63 -32.73 32.97 -28.76
N THR D 64 -33.28 34.19 -28.90
CA THR D 64 -34.35 34.47 -29.89
C THR D 64 -33.73 34.96 -31.22
N GLN D 65 -32.55 35.59 -31.17
CA GLN D 65 -31.87 36.13 -32.36
C GLN D 65 -30.50 35.45 -32.56
N SER D 66 -29.41 36.13 -32.17
CA SER D 66 -28.03 35.83 -32.62
C SER D 66 -27.70 34.34 -32.49
N LEU D 67 -27.77 33.84 -31.26
CA LEU D 67 -27.28 32.50 -30.93
C LEU D 67 -28.09 31.45 -31.70
N LYS D 68 -29.39 31.70 -31.88
CA LYS D 68 -30.29 30.78 -32.57
C LYS D 68 -29.97 30.78 -34.08
N ASN D 69 -29.75 31.99 -34.62
CA ASN D 69 -29.37 32.17 -36.02
C ASN D 69 -28.02 31.48 -36.30
N ILE D 70 -27.09 31.59 -35.34
CA ILE D 70 -25.73 31.06 -35.52
C ILE D 70 -25.76 29.52 -35.44
N ILE D 71 -26.49 28.99 -34.45
CA ILE D 71 -26.68 27.55 -34.32
C ILE D 71 -27.24 26.99 -35.63
N ASP D 72 -28.15 27.75 -36.24
CA ASP D 72 -28.78 27.37 -37.50
C ASP D 72 -27.75 27.36 -38.63
N ALA D 73 -26.99 28.46 -38.76
CA ALA D 73 -25.96 28.60 -39.79
C ALA D 73 -24.93 27.46 -39.67
N GLN D 74 -24.47 27.19 -38.44
CA GLN D 74 -23.35 26.25 -38.23
C GLN D 74 -23.83 24.80 -38.43
N TYR D 75 -25.13 24.55 -38.22
CA TYR D 75 -25.71 23.23 -38.50
C TYR D 75 -25.75 22.97 -40.01
N ARG D 76 -26.09 24.01 -40.77
CA ARG D 76 -26.27 23.94 -42.23
C ARG D 76 -24.91 23.92 -42.95
N THR D 77 -23.82 24.28 -42.24
CA THR D 77 -22.47 24.31 -42.82
C THR D 77 -21.57 23.26 -42.18
N ALA D 78 -22.14 22.36 -41.36
CA ALA D 78 -21.40 21.51 -40.41
C ALA D 78 -20.38 20.62 -41.13
N GLU D 79 -20.86 19.72 -41.99
CA GLU D 79 -20.01 18.70 -42.62
C GLU D 79 -19.88 19.00 -44.12
N ASP D 80 -19.41 20.21 -44.44
CA ASP D 80 -19.18 20.64 -45.81
C ASP D 80 -17.74 21.13 -45.95
N ALA D 81 -16.94 20.38 -46.71
CA ALA D 81 -15.50 20.61 -46.87
C ALA D 81 -15.25 21.94 -47.59
N GLU D 82 -16.23 22.42 -48.36
CA GLU D 82 -16.12 23.66 -49.15
C GLU D 82 -16.73 24.85 -48.42
N LYS D 83 -17.12 24.67 -47.14
CA LYS D 83 -17.65 25.73 -46.28
C LYS D 83 -16.98 25.65 -44.90
N VAL D 84 -15.69 25.31 -44.90
CA VAL D 84 -14.98 24.94 -43.69
C VAL D 84 -14.67 26.22 -42.88
N ASN D 85 -14.45 27.34 -43.58
CA ASN D 85 -14.09 28.60 -42.94
C ASN D 85 -15.32 29.20 -42.24
N ILE D 86 -16.42 29.36 -42.99
CA ILE D 86 -17.61 29.98 -42.42
C ILE D 86 -18.12 29.12 -41.26
N ASN D 87 -18.00 27.80 -41.38
CA ASN D 87 -18.41 26.90 -40.31
C ASN D 87 -17.57 27.16 -39.05
N SER D 88 -16.25 27.23 -39.24
CA SER D 88 -15.32 27.40 -38.13
C SER D 88 -15.57 28.73 -37.40
N VAL D 89 -15.77 29.82 -38.16
CA VAL D 89 -15.96 31.16 -37.59
C VAL D 89 -17.27 31.20 -36.80
N LEU D 90 -18.30 30.51 -37.31
CA LEU D 90 -19.60 30.47 -36.63
C LEU D 90 -19.46 29.74 -35.29
N ARG D 91 -18.68 28.65 -35.29
CA ARG D 91 -18.46 27.86 -34.09
C ARG D 91 -17.68 28.68 -33.06
N ILE D 92 -16.82 29.58 -33.52
CA ILE D 92 -16.01 30.42 -32.64
C ILE D 92 -16.90 31.51 -32.05
N TYR D 93 -17.75 32.13 -32.86
CA TYR D 93 -18.61 33.21 -32.37
C TYR D 93 -19.75 32.63 -31.51
N ARG D 94 -20.16 31.39 -31.81
CA ARG D 94 -21.14 30.69 -30.98
C ARG D 94 -20.57 30.53 -29.57
N VAL D 95 -19.31 30.11 -29.48
CA VAL D 95 -18.64 29.92 -28.19
C VAL D 95 -18.65 31.26 -27.46
N TYR D 96 -18.27 32.32 -28.18
CA TYR D 96 -18.15 33.64 -27.57
C TYR D 96 -19.49 34.09 -26.98
N LEU D 97 -20.56 34.00 -27.77
CA LEU D 97 -21.90 34.41 -27.33
C LEU D 97 -22.34 33.56 -26.13
N MET D 98 -22.10 32.25 -26.22
CA MET D 98 -22.50 31.33 -25.18
C MET D 98 -21.71 31.60 -23.89
N SER D 99 -20.50 32.15 -24.00
CA SER D 99 -19.69 32.46 -22.83
C SER D 99 -20.32 33.62 -22.05
N ILE D 100 -20.93 34.57 -22.76
CA ILE D 100 -21.63 35.70 -22.14
C ILE D 100 -22.84 35.18 -21.34
N ILE D 101 -23.57 34.24 -21.94
CA ILE D 101 -24.76 33.65 -21.34
C ILE D 101 -24.39 32.95 -20.03
N THR D 102 -23.46 31.99 -20.07
CA THR D 102 -23.16 31.14 -18.91
C THR D 102 -22.46 31.95 -17.80
N ASP D 103 -21.69 32.97 -18.18
CA ASP D 103 -20.99 33.84 -17.21
C ASP D 103 -22.01 34.75 -16.51
N THR D 104 -23.20 34.86 -17.11
CA THR D 104 -24.28 35.63 -16.55
C THR D 104 -25.21 34.76 -15.68
N TYR D 105 -25.57 33.56 -16.14
CA TYR D 105 -26.69 32.81 -15.55
C TYR D 105 -26.26 31.52 -14.84
N GLY D 106 -25.28 30.81 -15.38
CA GLY D 106 -24.90 29.50 -14.84
C GLY D 106 -25.19 28.41 -15.86
N ASP D 107 -25.73 27.28 -15.40
CA ASP D 107 -26.13 26.23 -16.31
C ASP D 107 -27.09 26.88 -17.33
N ALA D 108 -27.07 26.40 -18.57
CA ALA D 108 -27.90 26.99 -19.64
C ALA D 108 -27.90 26.06 -20.86
N PRO D 109 -28.97 26.08 -21.69
CA PRO D 109 -28.99 25.31 -22.93
C PRO D 109 -27.80 25.66 -23.84
N PHE D 110 -27.20 24.63 -24.44
CA PHE D 110 -26.09 24.81 -25.36
C PHE D 110 -26.11 23.64 -26.36
N SER D 111 -25.71 22.45 -25.91
CA SER D 111 -25.63 21.27 -26.78
C SER D 111 -26.96 21.08 -27.53
N GLU D 112 -28.08 21.12 -26.79
CA GLU D 112 -29.40 20.81 -27.34
C GLU D 112 -30.15 22.08 -27.77
N ALA D 113 -29.50 23.24 -27.72
CA ALA D 113 -30.15 24.53 -27.99
C ALA D 113 -30.33 24.74 -29.50
N GLY D 114 -31.39 25.46 -29.86
CA GLY D 114 -31.66 25.89 -31.23
C GLY D 114 -31.99 24.74 -32.17
N LEU D 115 -32.53 23.64 -31.61
CA LEU D 115 -32.77 22.41 -32.36
C LEU D 115 -34.28 22.14 -32.44
N GLY D 116 -35.07 23.21 -32.53
CA GLY D 116 -36.53 23.12 -32.63
C GLY D 116 -36.96 22.62 -34.00
N PHE D 117 -36.92 23.52 -34.99
CA PHE D 117 -37.32 23.23 -36.37
C PHE D 117 -36.43 22.14 -36.97
N LEU D 118 -35.15 22.11 -36.56
CA LEU D 118 -34.12 21.31 -37.20
C LEU D 118 -34.23 19.83 -36.77
N GLU D 119 -34.29 19.55 -35.46
CA GLU D 119 -34.26 18.17 -34.94
C GLU D 119 -35.43 17.85 -33.99
N GLY D 120 -36.40 18.76 -33.87
CA GLY D 120 -37.59 18.54 -33.03
C GLY D 120 -37.26 18.41 -31.55
N LYS D 121 -36.11 18.95 -31.14
CA LYS D 121 -35.65 18.96 -29.73
C LYS D 121 -36.10 20.28 -29.10
N PHE D 122 -37.27 20.26 -28.47
CA PHE D 122 -38.03 21.48 -28.15
C PHE D 122 -37.82 21.91 -26.69
N ASN D 123 -37.35 20.98 -25.83
CA ASN D 123 -37.14 21.28 -24.40
C ASN D 123 -35.69 21.03 -24.04
N PRO D 124 -34.74 21.87 -24.51
CA PRO D 124 -33.32 21.62 -24.31
C PRO D 124 -32.95 21.74 -22.82
N LYS D 125 -32.25 20.72 -22.28
CA LYS D 125 -31.77 20.75 -20.91
C LYS D 125 -30.75 21.89 -20.75
N TYR D 126 -30.58 22.31 -19.49
CA TYR D 126 -29.58 23.27 -19.09
C TYR D 126 -28.25 22.53 -18.85
N ASP D 127 -27.32 22.64 -19.80
CA ASP D 127 -25.97 22.07 -19.67
C ASP D 127 -25.30 22.66 -18.42
N LYS D 128 -24.62 21.83 -17.64
CA LYS D 128 -23.81 22.32 -16.52
C LYS D 128 -22.72 23.27 -17.05
N GLN D 129 -22.41 24.32 -16.28
CA GLN D 129 -21.39 25.29 -16.68
C GLN D 129 -20.07 24.56 -16.90
N GLU D 130 -19.74 23.64 -15.98
CA GLU D 130 -18.54 22.83 -16.08
C GLU D 130 -18.41 22.29 -17.51
N ASP D 131 -19.48 21.66 -18.00
CA ASP D 131 -19.47 20.98 -19.30
C ASP D 131 -19.55 22.01 -20.44
N ILE D 132 -20.18 23.16 -20.19
CA ILE D 132 -20.20 24.24 -21.18
C ILE D 132 -18.74 24.67 -21.47
N TYR D 133 -17.93 24.81 -20.42
CA TYR D 133 -16.56 25.25 -20.55
C TYR D 133 -15.72 24.16 -21.22
N ASN D 134 -15.92 22.90 -20.81
CA ASN D 134 -15.24 21.77 -21.46
C ASN D 134 -15.42 21.89 -22.98
N ALA D 135 -16.64 22.18 -23.42
CA ALA D 135 -16.99 22.23 -24.84
C ALA D 135 -16.44 23.50 -25.50
N PHE D 136 -16.28 24.59 -24.74
CA PHE D 136 -15.65 25.79 -25.28
C PHE D 136 -14.27 25.41 -25.84
N PHE D 137 -13.45 24.74 -25.01
CA PHE D 137 -12.07 24.38 -25.39
C PHE D 137 -12.10 23.45 -26.62
N LEU D 138 -12.95 22.43 -26.60
CA LEU D 138 -13.01 21.45 -27.68
C LEU D 138 -13.45 22.12 -29.00
N GLU D 139 -14.42 23.02 -28.92
CA GLU D 139 -14.95 23.70 -30.11
C GLU D 139 -13.90 24.63 -30.71
N LEU D 140 -13.21 25.38 -29.85
CA LEU D 140 -12.25 26.37 -30.30
C LEU D 140 -11.05 25.64 -30.95
N GLU D 141 -10.59 24.56 -30.33
CA GLU D 141 -9.42 23.81 -30.80
C GLU D 141 -9.72 23.21 -32.18
N ASP D 142 -10.87 22.54 -32.29
CA ASP D 142 -11.28 21.88 -33.51
C ASP D 142 -11.50 22.94 -34.60
N ALA D 143 -12.12 24.07 -34.24
CA ALA D 143 -12.38 25.16 -35.19
C ALA D 143 -11.07 25.66 -35.80
N VAL D 144 -10.09 25.91 -34.92
CA VAL D 144 -8.78 26.42 -35.28
C VAL D 144 -8.10 25.47 -36.27
N ASN D 145 -8.23 24.16 -36.04
CA ASN D 145 -7.57 23.11 -36.83
C ASN D 145 -8.31 22.83 -38.15
N LYS D 146 -9.49 23.42 -38.34
CA LYS D 146 -10.30 23.19 -39.55
C LYS D 146 -10.10 24.33 -40.54
N ILE D 147 -9.85 25.54 -40.03
CA ILE D 147 -9.69 26.73 -40.86
C ILE D 147 -8.61 26.44 -41.94
N ASP D 148 -8.85 26.94 -43.15
CA ASP D 148 -8.01 26.66 -44.32
C ASP D 148 -8.20 27.78 -45.34
N PRO D 149 -7.30 28.79 -45.39
CA PRO D 149 -7.52 29.99 -46.21
C PRO D 149 -7.85 29.74 -47.69
N THR D 150 -7.57 28.54 -48.20
CA THR D 150 -7.70 28.21 -49.61
C THR D 150 -9.13 27.80 -49.96
N LYS D 151 -10.04 27.79 -48.97
CA LYS D 151 -11.40 27.32 -49.19
C LYS D 151 -12.32 28.54 -49.34
N ASP D 152 -13.50 28.52 -48.72
CA ASP D 152 -14.54 29.53 -48.94
C ASP D 152 -14.09 30.88 -48.38
N LYS D 153 -14.48 31.94 -49.09
CA LYS D 153 -14.26 33.34 -48.70
C LYS D 153 -15.39 33.75 -47.74
N VAL D 154 -15.01 34.27 -46.56
CA VAL D 154 -15.95 34.78 -45.55
C VAL D 154 -16.24 36.25 -45.89
N THR D 155 -17.53 36.54 -46.20
CA THR D 155 -17.91 37.75 -46.92
C THR D 155 -18.47 38.83 -46.01
N GLY D 156 -19.01 38.48 -44.84
CA GLY D 156 -19.82 39.40 -44.03
C GLY D 156 -19.26 39.65 -42.63
N ASP D 157 -17.93 39.68 -42.52
CA ASP D 157 -17.26 39.69 -41.21
C ASP D 157 -16.86 41.13 -40.86
N LEU D 158 -17.46 41.66 -39.79
CA LEU D 158 -17.22 43.04 -39.34
C LEU D 158 -16.09 43.12 -38.31
N ILE D 159 -15.37 42.02 -38.07
CA ILE D 159 -14.29 42.03 -37.07
C ILE D 159 -12.93 42.03 -37.77
N TYR D 160 -12.68 41.02 -38.62
CA TYR D 160 -11.39 40.83 -39.27
C TYR D 160 -11.50 40.85 -40.80
N ALA D 161 -12.67 41.30 -41.31
CA ALA D 161 -12.94 41.39 -42.76
C ALA D 161 -12.58 40.10 -43.49
N GLY D 162 -12.75 38.95 -42.83
CA GLY D 162 -12.62 37.63 -43.46
C GLY D 162 -11.22 37.03 -43.36
N ASP D 163 -10.30 37.73 -42.68
CA ASP D 163 -8.96 37.19 -42.45
C ASP D 163 -9.11 36.06 -41.42
N VAL D 164 -9.05 34.83 -41.91
CA VAL D 164 -9.42 33.67 -41.14
C VAL D 164 -8.25 33.25 -40.22
N THR D 165 -7.02 33.66 -40.58
CA THR D 165 -5.83 33.51 -39.72
C THR D 165 -6.04 34.30 -38.41
N LYS D 166 -6.68 35.46 -38.51
CA LYS D 166 -6.96 36.28 -37.32
C LYS D 166 -8.08 35.63 -36.49
N TRP D 167 -8.99 34.89 -37.12
CA TRP D 167 -10.02 34.15 -36.38
C TRP D 167 -9.39 33.04 -35.53
N GLN D 168 -8.30 32.43 -36.04
CA GLN D 168 -7.53 31.43 -35.29
C GLN D 168 -6.88 32.07 -34.06
N GLN D 169 -6.39 33.30 -34.22
CA GLN D 169 -5.73 34.07 -33.15
C GLN D 169 -6.74 34.40 -32.06
N LEU D 170 -7.95 34.80 -32.49
CA LEU D 170 -9.05 35.10 -31.56
C LEU D 170 -9.45 33.82 -30.82
N ALA D 171 -9.64 32.75 -31.59
CA ALA D 171 -10.11 31.48 -31.05
C ALA D 171 -9.17 30.98 -29.96
N ASN D 172 -7.85 31.12 -30.21
CA ASN D 172 -6.83 30.62 -29.29
C ASN D 172 -6.70 31.59 -28.10
N SER D 173 -6.95 32.87 -28.35
CA SER D 173 -6.93 33.89 -27.31
C SER D 173 -8.11 33.67 -26.34
N LEU D 174 -9.27 33.24 -26.87
CA LEU D 174 -10.43 32.95 -26.04
C LEU D 174 -10.15 31.70 -25.17
N ARG D 175 -9.38 30.75 -25.70
CA ARG D 175 -8.92 29.58 -24.93
C ARG D 175 -8.09 30.05 -23.74
N LEU D 176 -7.20 31.03 -23.95
CA LEU D 176 -6.47 31.70 -22.88
C LEU D 176 -7.47 32.24 -21.83
N ARG D 177 -8.42 33.05 -22.30
CA ARG D 177 -9.42 33.69 -21.42
C ARG D 177 -10.14 32.64 -20.56
N PHE D 178 -10.64 31.56 -21.19
CA PHE D 178 -11.44 30.54 -20.50
C PHE D 178 -10.55 29.66 -19.62
N ALA D 179 -9.30 29.43 -20.05
CA ALA D 179 -8.33 28.68 -19.23
C ALA D 179 -8.11 29.43 -17.91
N MET D 180 -7.83 30.73 -18.00
CA MET D 180 -7.58 31.52 -16.81
C MET D 180 -8.87 31.63 -15.96
N ARG D 181 -10.04 31.61 -16.61
CA ARG D 181 -11.32 31.70 -15.89
C ARG D 181 -11.45 30.51 -14.93
N ILE D 182 -11.03 29.32 -15.37
CA ILE D 182 -11.23 28.08 -14.60
C ILE D 182 -10.00 27.76 -13.73
N SER D 183 -9.13 28.75 -13.50
CA SER D 183 -7.83 28.53 -12.83
C SER D 183 -7.98 28.32 -11.31
N SER D 184 -9.06 28.82 -10.69
CA SER D 184 -9.33 28.61 -9.24
C SER D 184 -10.03 27.26 -9.00
N VAL D 185 -10.92 26.87 -9.92
CA VAL D 185 -11.82 25.72 -9.73
C VAL D 185 -11.15 24.43 -10.22
N ASN D 186 -10.33 24.51 -11.27
CA ASN D 186 -9.64 23.35 -11.86
C ASN D 186 -8.25 23.76 -12.35
N PRO D 187 -7.29 24.01 -11.43
CA PRO D 187 -5.95 24.51 -11.79
C PRO D 187 -5.18 23.67 -12.82
N THR D 188 -5.31 22.33 -12.75
CA THR D 188 -4.53 21.41 -13.58
C THR D 188 -4.98 21.51 -15.04
N LYS D 189 -6.30 21.49 -15.24
CA LYS D 189 -6.88 21.66 -16.57
C LYS D 189 -6.56 23.06 -17.10
N ALA D 190 -6.72 24.07 -16.24
CA ALA D 190 -6.52 25.47 -16.62
C ALA D 190 -5.12 25.62 -17.22
N GLN D 191 -4.10 25.11 -16.52
CA GLN D 191 -2.71 25.22 -16.95
C GLN D 191 -2.53 24.52 -18.31
N THR D 192 -3.02 23.28 -18.42
CA THR D 192 -2.91 22.50 -19.65
C THR D 192 -3.51 23.25 -20.85
N GLU D 193 -4.72 23.76 -20.69
CA GLU D 193 -5.50 24.40 -21.77
C GLU D 193 -4.81 25.69 -22.21
N PHE D 194 -4.18 26.37 -21.26
CA PHE D 194 -3.53 27.64 -21.51
C PHE D 194 -2.29 27.41 -22.39
N GLU D 195 -1.55 26.35 -22.05
CA GLU D 195 -0.30 25.97 -22.71
C GLU D 195 -0.60 25.47 -24.13
N ASN D 196 -1.63 24.64 -24.26
CA ASN D 196 -2.05 24.10 -25.56
C ASN D 196 -2.40 25.25 -26.51
N ALA D 197 -3.09 26.26 -25.96
CA ALA D 197 -3.55 27.41 -26.72
C ALA D 197 -2.36 28.17 -27.33
N LEU D 198 -1.31 28.43 -26.53
CA LEU D 198 -0.11 29.12 -27.01
C LEU D 198 0.54 28.32 -28.17
N ALA D 199 0.41 26.99 -28.11
CA ALA D 199 1.07 26.09 -29.05
C ALA D 199 0.16 25.71 -30.22
N ALA D 200 -1.00 26.38 -30.37
CA ALA D 200 -2.01 25.95 -31.32
C ALA D 200 -1.75 26.61 -32.69
N ASN D 201 -2.34 26.03 -33.73
CA ASN D 201 -2.33 26.59 -35.09
C ASN D 201 -2.76 28.07 -35.05
N GLY D 202 -1.93 28.94 -35.60
CA GLY D 202 -2.24 30.33 -35.80
C GLY D 202 -1.76 31.21 -34.65
N GLY D 203 -1.36 30.59 -33.54
CA GLY D 203 -1.01 31.31 -32.32
C GLY D 203 -2.20 32.09 -31.75
N VAL D 204 -1.88 33.12 -30.97
CA VAL D 204 -2.83 33.98 -30.28
C VAL D 204 -2.67 35.42 -30.77
N ILE D 205 -3.44 36.35 -30.19
CA ILE D 205 -3.31 37.77 -30.48
C ILE D 205 -2.08 38.30 -29.73
N THR D 206 -1.07 38.73 -30.49
CA THR D 206 0.23 39.14 -29.93
C THR D 206 0.38 40.67 -29.95
N ASP D 207 -0.38 41.36 -30.82
CA ASP D 207 -0.33 42.82 -30.89
C ASP D 207 -1.68 43.33 -31.40
N ALA D 208 -1.87 44.66 -31.29
CA ALA D 208 -3.20 45.28 -31.42
C ALA D 208 -3.76 45.18 -32.84
N SER D 209 -2.94 44.83 -33.84
CA SER D 209 -3.41 44.70 -35.23
C SER D 209 -4.29 43.46 -35.42
N SER D 210 -4.33 42.59 -34.40
CA SER D 210 -5.23 41.43 -34.38
C SER D 210 -6.26 41.54 -33.24
N ASP D 211 -6.46 42.76 -32.71
CA ASP D 211 -7.53 43.04 -31.77
C ASP D 211 -8.86 42.71 -32.45
N ALA D 212 -9.76 42.06 -31.70
CA ALA D 212 -11.09 41.67 -32.18
C ALA D 212 -12.12 42.74 -31.79
N LEU D 213 -12.46 43.60 -32.75
CA LEU D 213 -13.36 44.73 -32.57
C LEU D 213 -14.44 44.71 -33.64
N ILE D 214 -15.71 44.78 -33.22
CA ILE D 214 -16.84 44.86 -34.12
C ILE D 214 -16.95 46.30 -34.62
N LYS D 215 -16.93 46.47 -35.95
CA LYS D 215 -16.98 47.80 -36.59
C LYS D 215 -18.43 48.26 -36.66
N TYR D 216 -18.70 49.40 -36.01
CA TYR D 216 -20.01 49.99 -35.97
C TYR D 216 -19.99 51.33 -36.72
N MET D 217 -21.06 51.59 -37.48
CA MET D 217 -21.26 52.83 -38.21
C MET D 217 -21.69 53.94 -37.24
N THR D 218 -21.65 55.17 -37.74
CA THR D 218 -22.12 56.36 -37.05
C THR D 218 -23.57 56.63 -37.48
N ILE D 219 -24.52 56.20 -36.64
CA ILE D 219 -25.94 56.49 -36.82
C ILE D 219 -26.37 57.46 -35.72
N ALA D 220 -27.38 58.28 -36.03
CA ALA D 220 -27.96 59.23 -35.10
C ALA D 220 -28.65 58.49 -33.95
N PHE D 221 -28.36 58.91 -32.71
CA PHE D 221 -28.97 58.34 -31.52
C PHE D 221 -30.46 58.63 -31.51
N SER D 222 -31.27 57.56 -31.48
CA SER D 222 -32.73 57.65 -31.44
C SER D 222 -33.27 56.60 -30.47
N PHE D 223 -34.36 56.92 -29.77
CA PHE D 223 -34.96 56.01 -28.79
C PHE D 223 -36.36 55.58 -29.23
N GLY D 224 -36.68 55.79 -30.51
CA GLY D 224 -37.98 55.43 -31.11
C GLY D 224 -38.03 53.96 -31.50
N GLN D 225 -39.24 53.49 -31.85
CA GLN D 225 -39.53 52.08 -32.11
C GLN D 225 -38.58 51.51 -33.17
N GLU D 226 -38.43 52.24 -34.29
CA GLU D 226 -37.62 51.82 -35.44
C GLU D 226 -36.16 51.55 -35.02
N ALA D 227 -35.69 52.25 -33.97
CA ALA D 227 -34.30 52.20 -33.50
C ALA D 227 -33.98 50.89 -32.77
N TYR D 228 -34.99 50.12 -32.37
CA TYR D 228 -34.78 48.89 -31.56
C TYR D 228 -34.60 47.67 -32.48
N SER D 229 -34.66 47.88 -33.80
CA SER D 229 -34.32 46.86 -34.79
C SER D 229 -33.20 47.39 -35.72
N ASP D 230 -32.39 48.32 -35.19
CA ASP D 230 -31.26 48.91 -35.89
C ASP D 230 -30.00 48.64 -35.05
N TYR D 231 -29.20 47.68 -35.50
CA TYR D 231 -27.99 47.26 -34.79
C TYR D 231 -26.74 47.80 -35.49
N ARG D 232 -26.91 48.74 -36.42
CA ARG D 232 -25.81 49.23 -37.25
C ARG D 232 -24.80 50.03 -36.41
N GLY D 233 -25.26 50.65 -35.32
CA GLY D 233 -24.40 51.48 -34.45
C GLY D 233 -24.13 50.81 -33.12
N ASN D 234 -23.17 51.36 -32.37
CA ASN D 234 -22.86 50.93 -31.01
C ASN D 234 -23.92 51.51 -30.06
N SER D 235 -24.84 50.65 -29.59
CA SER D 235 -25.99 51.08 -28.81
C SER D 235 -25.65 51.17 -27.31
N LEU D 236 -24.59 50.48 -26.85
CA LEU D 236 -24.12 50.64 -25.48
C LEU D 236 -23.67 52.09 -25.29
N SER D 237 -22.97 52.62 -26.29
CA SER D 237 -22.47 53.98 -26.28
C SER D 237 -23.65 54.97 -26.31
N GLN D 238 -24.71 54.61 -27.05
CA GLN D 238 -25.94 55.40 -27.06
C GLN D 238 -26.54 55.47 -25.64
N LEU D 239 -26.53 54.33 -24.94
CA LEU D 239 -27.24 54.22 -23.68
C LEU D 239 -26.44 54.91 -22.56
N LEU D 240 -25.11 54.89 -22.67
CA LEU D 240 -24.26 55.56 -21.69
C LEU D 240 -24.30 57.09 -21.88
N PHE D 241 -24.75 57.55 -23.06
CA PHE D 241 -25.11 58.96 -23.27
C PHE D 241 -26.47 59.24 -22.61
N GLY D 242 -27.48 58.45 -22.99
CA GLY D 242 -28.71 58.30 -22.18
C GLY D 242 -29.99 58.73 -22.90
N ASN D 243 -31.08 58.06 -22.52
CA ASN D 243 -32.44 58.47 -22.87
C ASN D 243 -32.77 59.80 -22.17
N ASP D 244 -32.20 59.98 -20.97
CA ASP D 244 -32.36 61.17 -20.13
C ASP D 244 -30.99 61.78 -19.88
N PRO D 245 -30.33 62.35 -20.92
CA PRO D 245 -28.91 62.66 -20.85
C PRO D 245 -28.56 63.88 -19.99
N ALA D 246 -29.53 64.77 -19.75
CA ALA D 246 -29.35 65.96 -18.93
C ALA D 246 -29.30 65.60 -17.44
N ASN D 247 -30.29 64.81 -16.98
CA ASN D 247 -30.46 64.55 -15.55
C ASN D 247 -29.72 63.28 -15.13
N ASN D 248 -29.64 62.29 -16.02
CA ASN D 248 -29.06 60.98 -15.71
C ASN D 248 -28.04 60.59 -16.77
N PRO D 249 -26.87 61.26 -16.81
CA PRO D 249 -25.73 60.82 -17.62
C PRO D 249 -24.91 59.75 -16.89
N SER D 250 -23.88 59.22 -17.55
CA SER D 250 -23.01 58.21 -16.94
C SER D 250 -22.02 58.87 -15.97
N TYR D 251 -22.43 58.96 -14.69
CA TYR D 251 -21.56 59.41 -13.60
C TYR D 251 -20.63 58.26 -13.20
N LEU D 252 -19.36 58.59 -12.93
CA LEU D 252 -18.37 57.58 -12.52
C LEU D 252 -18.50 57.29 -11.02
N CYS D 253 -18.35 56.01 -10.70
CA CYS D 253 -18.27 55.51 -9.34
C CYS D 253 -16.92 55.86 -8.72
N SER D 254 -16.91 56.06 -7.39
CA SER D 254 -15.74 56.53 -6.63
C SER D 254 -14.60 55.50 -6.66
N THR D 255 -14.94 54.22 -6.59
CA THR D 255 -13.94 53.16 -6.61
C THR D 255 -13.05 53.34 -7.85
N PHE D 256 -13.69 53.54 -9.00
CA PHE D 256 -13.03 53.58 -10.29
C PHE D 256 -12.29 54.91 -10.46
N PHE D 257 -12.98 56.02 -10.22
CA PHE D 257 -12.41 57.34 -10.41
C PHE D 257 -11.19 57.52 -9.49
N ASN D 258 -11.29 57.00 -8.26
CA ASN D 258 -10.22 57.16 -7.27
C ASN D 258 -9.03 56.26 -7.62
N GLN D 259 -9.31 55.05 -8.12
CA GLN D 259 -8.24 54.18 -8.59
C GLN D 259 -7.36 54.97 -9.57
N LEU D 260 -8.01 55.62 -10.55
CA LEU D 260 -7.33 56.37 -11.59
C LEU D 260 -6.60 57.58 -10.99
N TYR D 261 -7.33 58.43 -10.25
CA TYR D 261 -6.81 59.70 -9.73
C TYR D 261 -5.66 59.45 -8.74
N ASN D 262 -5.89 58.57 -7.76
CA ASN D 262 -4.94 58.32 -6.68
C ASN D 262 -3.69 57.62 -7.22
N SER D 263 -3.83 56.82 -8.28
CA SER D 263 -2.70 56.10 -8.85
C SER D 263 -1.92 56.98 -9.85
N GLY D 264 -2.42 58.19 -10.11
CA GLY D 264 -1.86 59.09 -11.13
C GLY D 264 -1.94 58.48 -12.52
N ASP D 265 -3.00 57.69 -12.76
CA ASP D 265 -3.21 57.02 -14.02
C ASP D 265 -3.33 58.07 -15.10
N PRO D 266 -2.53 57.98 -16.19
CA PRO D 266 -2.61 58.95 -17.28
C PRO D 266 -3.99 58.98 -17.96
N ARG D 267 -4.81 57.93 -17.74
CA ARG D 267 -6.14 57.78 -18.37
C ARG D 267 -7.25 58.46 -17.55
N THR D 268 -6.91 59.04 -16.39
CA THR D 268 -7.92 59.63 -15.47
C THR D 268 -8.85 60.57 -16.23
N PHE D 269 -8.27 61.55 -16.91
CA PHE D 269 -9.00 62.61 -17.60
C PHE D 269 -9.07 62.34 -19.11
N LYS D 270 -8.71 61.12 -19.52
CA LYS D 270 -9.04 60.60 -20.84
C LYS D 270 -10.42 59.92 -20.76
N ILE D 271 -10.64 59.16 -19.67
CA ILE D 271 -11.86 58.39 -19.43
C ILE D 271 -12.95 59.28 -18.85
N SER D 272 -12.59 60.28 -18.02
CA SER D 272 -13.58 61.10 -17.30
C SER D 272 -13.28 62.60 -17.45
N ARG D 273 -14.34 63.40 -17.41
CA ARG D 273 -14.26 64.85 -17.30
C ARG D 273 -15.41 65.37 -16.42
N CYS D 274 -15.32 66.64 -16.03
CA CYS D 274 -16.45 67.34 -15.42
C CYS D 274 -17.03 68.31 -16.45
N TYR D 275 -18.34 68.14 -16.74
CA TYR D 275 -19.06 68.85 -17.79
C TYR D 275 -20.24 69.63 -17.19
N TYR D 276 -20.44 70.87 -17.64
CA TYR D 276 -21.73 71.56 -17.53
C TYR D 276 -22.55 71.27 -18.78
N ASP D 277 -23.75 70.73 -18.59
CA ASP D 277 -24.56 70.18 -19.69
C ASP D 277 -25.72 71.12 -20.04
N GLY D 278 -25.71 72.36 -19.52
CA GLY D 278 -26.79 73.31 -19.68
C GLY D 278 -27.23 73.47 -21.13
N LEU D 279 -26.24 73.55 -22.04
CA LEU D 279 -26.50 73.83 -23.46
C LEU D 279 -26.28 72.57 -24.31
N MET D 280 -26.11 71.42 -23.66
CA MET D 280 -26.03 70.14 -24.34
C MET D 280 -27.42 69.82 -24.89
N SER D 281 -27.48 69.45 -26.17
CA SER D 281 -28.71 68.97 -26.78
C SER D 281 -28.98 67.55 -26.28
N ALA D 282 -30.26 67.16 -26.24
CA ALA D 282 -30.61 65.76 -26.26
C ALA D 282 -30.27 65.26 -27.67
N THR D 283 -29.96 63.96 -27.79
CA THR D 283 -29.69 63.32 -29.09
C THR D 283 -28.19 63.24 -29.37
N SER D 284 -27.39 64.16 -28.84
CA SER D 284 -25.97 64.23 -29.18
C SER D 284 -25.18 64.89 -28.06
N PRO D 285 -23.98 64.37 -27.72
CA PRO D 285 -23.18 64.97 -26.65
C PRO D 285 -22.39 66.21 -27.11
N ASP D 286 -23.07 67.11 -27.82
CA ASP D 286 -22.46 68.25 -28.48
C ASP D 286 -22.72 69.52 -27.65
N ASN D 287 -21.78 70.47 -27.75
CA ASN D 287 -21.82 71.77 -27.07
C ASN D 287 -21.88 71.57 -25.53
N ARG D 288 -21.06 70.64 -25.03
CA ARG D 288 -20.81 70.47 -23.59
C ARG D 288 -19.67 71.39 -23.16
N VAL D 289 -19.72 71.86 -21.92
CA VAL D 289 -18.70 72.75 -21.34
C VAL D 289 -17.81 71.95 -20.38
N ASP D 290 -16.52 71.82 -20.75
CA ASP D 290 -15.52 71.09 -19.95
C ASP D 290 -14.97 72.01 -18.86
N ILE D 291 -15.25 71.67 -17.59
CA ILE D 291 -14.85 72.50 -16.44
C ILE D 291 -13.74 71.80 -15.64
N THR D 292 -13.26 70.66 -16.13
CA THR D 292 -12.26 69.84 -15.42
C THR D 292 -11.06 70.69 -15.01
N GLN D 293 -10.49 71.40 -15.98
CA GLN D 293 -9.30 72.23 -15.79
C GLN D 293 -9.58 73.33 -14.74
N GLU D 294 -10.75 73.96 -14.85
CA GLU D 294 -11.14 75.06 -13.97
C GLU D 294 -11.20 74.58 -12.52
N MET D 295 -11.70 73.35 -12.30
CA MET D 295 -11.85 72.78 -10.96
C MET D 295 -10.48 72.56 -10.31
N ILE D 296 -9.55 71.99 -11.08
CA ILE D 296 -8.20 71.72 -10.60
C ILE D 296 -7.51 73.05 -10.22
N GLU D 297 -7.63 74.07 -11.08
CA GLU D 297 -6.94 75.37 -10.90
C GLU D 297 -7.52 76.12 -9.69
N LYS D 298 -8.80 75.90 -9.38
CA LYS D 298 -9.48 76.55 -8.26
C LYS D 298 -9.39 75.68 -7.00
N GLY D 299 -9.00 74.41 -7.16
CA GLY D 299 -8.81 73.49 -6.05
C GLY D 299 -10.14 72.99 -5.50
N ILE D 300 -11.08 72.67 -6.41
CA ILE D 300 -12.39 72.12 -6.07
C ILE D 300 -12.30 70.59 -6.11
N ALA D 301 -12.65 69.93 -5.00
CA ALA D 301 -12.62 68.47 -4.90
C ALA D 301 -13.61 67.86 -5.91
N PHE D 302 -13.20 66.75 -6.54
CA PHE D 302 -14.11 65.91 -7.29
C PHE D 302 -14.94 65.11 -6.29
N SER D 303 -16.20 64.84 -6.65
CA SER D 303 -17.10 64.11 -5.78
C SER D 303 -17.70 62.93 -6.55
N PRO D 304 -16.91 61.86 -6.79
CA PRO D 304 -17.43 60.68 -7.49
C PRO D 304 -18.38 59.91 -6.57
N ARG D 305 -19.35 59.21 -7.17
CA ARG D 305 -20.46 58.58 -6.45
C ARG D 305 -20.00 57.26 -5.82
N ASP D 306 -20.08 57.18 -4.49
CA ASP D 306 -19.86 55.93 -3.76
C ASP D 306 -20.93 54.92 -4.18
N PRO D 307 -20.69 53.60 -4.05
CA PRO D 307 -21.71 52.59 -4.36
C PRO D 307 -23.00 52.81 -3.55
N GLY D 308 -24.13 52.88 -4.25
CA GLY D 308 -25.45 53.04 -3.66
C GLY D 308 -25.91 54.50 -3.67
N ALA D 309 -25.01 55.41 -4.05
CA ALA D 309 -25.28 56.83 -4.08
C ALA D 309 -25.92 57.22 -5.42
N TYR D 310 -26.89 58.12 -5.36
CA TYR D 310 -27.42 58.81 -6.53
C TYR D 310 -26.58 60.07 -6.75
N SER D 311 -26.79 60.74 -7.90
CA SER D 311 -26.12 62.02 -8.19
C SER D 311 -26.56 63.09 -7.19
N TRP D 312 -27.80 62.98 -6.70
CA TRP D 312 -28.43 63.97 -5.82
C TRP D 312 -28.28 63.61 -4.33
N GLU D 313 -27.75 62.42 -4.04
CA GLU D 313 -27.64 61.91 -2.66
C GLU D 313 -26.34 61.12 -2.53
N PRO D 314 -25.32 61.62 -1.80
CA PRO D 314 -25.38 62.92 -1.13
C PRO D 314 -25.22 64.08 -2.12
N TRP D 315 -25.93 65.19 -1.89
CA TRP D 315 -25.74 66.39 -2.69
C TRP D 315 -24.34 66.93 -2.41
N PRO D 316 -23.53 67.23 -3.45
CA PRO D 316 -22.12 67.59 -3.24
C PRO D 316 -21.90 69.11 -3.10
N THR D 317 -20.73 69.46 -2.53
CA THR D 317 -20.28 70.85 -2.44
C THR D 317 -19.86 71.34 -3.83
N GLY D 318 -20.45 72.46 -4.27
CA GLY D 318 -20.18 73.04 -5.58
C GLY D 318 -19.26 74.26 -5.50
N TYR D 319 -19.31 75.08 -6.54
CA TYR D 319 -18.50 76.28 -6.65
C TYR D 319 -19.08 77.18 -7.73
N ASP D 320 -18.50 78.37 -7.87
CA ASP D 320 -18.88 79.32 -8.90
C ASP D 320 -17.87 79.23 -10.05
N SER D 321 -18.36 78.80 -11.23
CA SER D 321 -17.58 78.66 -12.46
C SER D 321 -17.44 80.01 -13.15
N ASP D 322 -16.20 80.44 -13.39
CA ASP D 322 -15.91 81.66 -14.15
C ASP D 322 -16.29 81.44 -15.63
N ILE D 323 -15.92 80.27 -16.16
CA ILE D 323 -16.22 79.87 -17.54
C ILE D 323 -17.71 80.06 -17.83
N CYS D 324 -18.56 79.56 -16.92
CA CYS D 324 -20.00 79.52 -17.13
C CYS D 324 -20.60 80.92 -16.98
N ALA D 325 -20.07 81.74 -16.07
CA ALA D 325 -20.55 83.12 -15.85
C ALA D 325 -20.29 83.98 -17.09
N GLU D 326 -19.13 83.76 -17.74
CA GLU D 326 -18.78 84.40 -19.00
C GLU D 326 -19.81 84.01 -20.07
N LEU D 327 -20.16 82.71 -20.09
CA LEU D 327 -21.13 82.16 -21.04
C LEU D 327 -22.51 82.83 -20.87
N ALA D 328 -22.88 83.09 -19.60
CA ALA D 328 -24.22 83.52 -19.22
C ALA D 328 -24.55 84.93 -19.74
N VAL D 329 -23.54 85.73 -20.09
CA VAL D 329 -23.78 87.08 -20.63
C VAL D 329 -24.53 86.98 -21.97
N ASN D 330 -24.34 85.86 -22.70
CA ASN D 330 -24.95 85.67 -24.03
C ASN D 330 -26.09 84.65 -23.97
N ASN D 331 -25.97 83.60 -23.15
CA ASN D 331 -27.09 82.69 -22.88
C ASN D 331 -27.47 82.82 -21.40
N PRO D 332 -28.38 83.73 -21.00
CA PRO D 332 -28.73 83.90 -19.59
C PRO D 332 -29.45 82.69 -18.97
N SER D 333 -29.77 81.69 -19.81
CA SER D 333 -30.33 80.40 -19.39
C SER D 333 -29.32 79.60 -18.54
N VAL D 334 -28.05 80.02 -18.56
CA VAL D 334 -26.93 79.33 -17.90
C VAL D 334 -26.73 79.88 -16.48
N THR D 335 -26.43 78.99 -15.54
CA THR D 335 -26.04 79.36 -14.17
C THR D 335 -24.55 79.12 -14.01
N ALA D 336 -23.90 80.02 -13.25
CA ALA D 336 -22.48 80.01 -12.99
C ALA D 336 -22.16 79.04 -11.84
N THR D 337 -23.14 78.81 -10.95
CA THR D 337 -22.90 78.03 -9.74
C THR D 337 -23.11 76.55 -10.07
N MET D 338 -22.00 75.79 -10.08
CA MET D 338 -22.02 74.36 -10.29
C MET D 338 -22.41 73.67 -8.99
N ALA D 339 -22.96 72.46 -9.09
CA ALA D 339 -23.25 71.63 -7.93
C ALA D 339 -22.95 70.16 -8.25
N ARG D 340 -23.78 69.53 -9.08
CA ARG D 340 -23.62 68.10 -9.41
C ARG D 340 -22.61 67.88 -10.53
N GLU D 341 -22.12 68.98 -11.11
CA GLU D 341 -21.17 68.92 -12.20
C GLU D 341 -19.76 68.60 -11.66
N VAL D 342 -19.56 68.71 -10.34
CA VAL D 342 -18.28 68.37 -9.70
C VAL D 342 -18.19 66.85 -9.53
N GLU D 343 -19.20 66.12 -10.01
CA GLU D 343 -19.17 64.68 -10.10
C GLU D 343 -18.65 64.31 -11.48
N PRO D 344 -17.50 63.58 -11.58
CA PRO D 344 -16.97 63.13 -12.87
C PRO D 344 -17.97 62.28 -13.68
N LYS D 345 -18.01 62.55 -14.99
CA LYS D 345 -18.84 61.80 -15.94
C LYS D 345 -17.92 61.19 -17.01
N LEU D 346 -18.48 60.26 -17.78
CA LEU D 346 -17.77 59.54 -18.84
C LEU D 346 -17.53 60.50 -20.03
N ALA D 347 -16.29 60.55 -20.51
CA ALA D 347 -15.87 61.50 -21.54
C ALA D 347 -16.57 61.18 -22.88
N ASN D 348 -16.77 62.24 -23.67
CA ASN D 348 -17.46 62.20 -24.95
C ASN D 348 -16.87 61.14 -25.89
N ASN D 349 -15.56 60.90 -25.78
CA ASN D 349 -14.87 59.93 -26.62
C ASN D 349 -15.58 58.56 -26.54
N PHE D 350 -16.23 58.27 -25.41
CA PHE D 350 -16.85 56.96 -25.15
C PHE D 350 -18.38 56.99 -25.39
N LEU D 351 -18.89 58.06 -26.00
CA LEU D 351 -20.34 58.25 -26.26
C LEU D 351 -20.60 58.39 -27.77
N LYS D 352 -19.88 57.61 -28.58
CA LYS D 352 -19.90 57.73 -30.03
C LYS D 352 -20.46 56.44 -30.63
N SER D 353 -21.37 56.56 -31.60
CA SER D 353 -21.94 55.42 -32.34
C SER D 353 -20.81 54.63 -33.04
N ASP D 354 -19.78 55.36 -33.44
CA ASP D 354 -18.46 54.88 -33.94
C ASP D 354 -17.85 53.78 -33.07
N ASN D 355 -18.01 53.89 -31.74
CA ASN D 355 -17.20 53.15 -30.77
C ASN D 355 -17.18 51.67 -31.12
N PRO D 356 -16.02 50.99 -31.06
CA PRO D 356 -15.94 49.59 -31.43
C PRO D 356 -16.65 48.68 -30.41
N GLY D 357 -17.17 47.55 -30.89
CA GLY D 357 -17.67 46.49 -30.04
C GLY D 357 -16.53 45.54 -29.68
N VAL D 358 -16.05 45.65 -28.45
CA VAL D 358 -14.86 44.98 -27.99
C VAL D 358 -15.21 43.51 -27.67
N VAL D 359 -14.45 42.59 -28.26
CA VAL D 359 -14.53 41.17 -28.00
C VAL D 359 -13.30 40.74 -27.18
N MET D 360 -12.10 41.02 -27.72
CA MET D 360 -10.84 40.69 -27.03
C MET D 360 -9.65 41.47 -27.63
N THR D 361 -8.74 41.91 -26.75
CA THR D 361 -7.64 42.77 -27.10
C THR D 361 -6.31 42.08 -26.76
N SER D 362 -5.23 42.61 -27.35
CA SER D 362 -3.85 42.18 -27.08
C SER D 362 -3.46 42.53 -25.65
N ALA D 363 -4.01 43.64 -25.12
CA ALA D 363 -3.76 44.05 -23.75
C ALA D 363 -4.15 42.90 -22.80
N GLU D 364 -5.34 42.33 -23.03
CA GLU D 364 -5.84 41.25 -22.19
C GLU D 364 -4.88 40.06 -22.27
N VAL D 365 -4.50 39.66 -23.49
CA VAL D 365 -3.63 38.50 -23.67
C VAL D 365 -2.37 38.67 -22.81
N LYS D 366 -1.78 39.87 -22.82
CA LYS D 366 -0.55 40.15 -22.04
C LYS D 366 -0.83 40.03 -20.54
N PHE D 367 -1.98 40.52 -20.09
CA PHE D 367 -2.37 40.39 -18.68
C PHE D 367 -2.54 38.92 -18.31
N LEU D 368 -3.17 38.14 -19.19
CA LEU D 368 -3.37 36.71 -18.98
C LEU D 368 -2.01 36.01 -18.87
N MET D 369 -1.09 36.38 -19.77
CA MET D 369 0.28 35.83 -19.80
C MET D 369 0.97 36.10 -18.46
N ALA D 370 0.84 37.35 -17.98
CA ALA D 370 1.47 37.78 -16.73
C ALA D 370 0.99 36.90 -15.57
N GLU D 371 -0.35 36.76 -15.45
CA GLU D 371 -0.95 35.97 -14.38
C GLU D 371 -0.45 34.53 -14.49
N ALA D 372 -0.49 33.97 -15.69
CA ALA D 372 -0.05 32.59 -15.92
C ALA D 372 1.42 32.44 -15.48
N THR D 373 2.23 33.48 -15.68
CA THR D 373 3.65 33.45 -15.33
C THR D 373 3.80 33.48 -13.80
N VAL D 374 3.01 34.32 -13.13
CA VAL D 374 3.04 34.42 -11.67
C VAL D 374 2.60 33.08 -11.07
N LYS D 375 1.63 32.42 -11.71
CA LYS D 375 1.13 31.12 -11.28
C LYS D 375 2.12 30.00 -11.63
N LYS D 376 3.21 30.34 -12.34
CA LYS D 376 4.33 29.43 -12.55
C LYS D 376 4.03 28.42 -13.67
N TRP D 377 3.14 28.77 -14.60
CA TRP D 377 2.86 27.90 -15.76
C TRP D 377 3.98 28.07 -16.80
N ASN D 378 4.14 27.08 -17.69
CA ASN D 378 5.24 27.04 -18.70
C ASN D 378 4.79 27.76 -19.98
N VAL D 379 5.09 29.06 -20.04
CA VAL D 379 4.41 30.02 -20.89
C VAL D 379 5.44 30.82 -21.72
N GLY D 380 6.72 30.47 -21.63
CA GLY D 380 7.79 31.15 -22.37
C GLY D 380 8.89 31.66 -21.46
N SER D 381 9.65 32.65 -21.93
CA SER D 381 10.83 33.13 -21.22
C SER D 381 10.73 34.63 -20.92
N VAL D 382 9.58 35.24 -21.24
CA VAL D 382 9.32 36.63 -20.91
C VAL D 382 8.89 36.69 -19.42
N SER D 383 9.44 37.65 -18.69
CA SER D 383 9.17 37.80 -17.27
C SER D 383 7.75 38.35 -17.08
N ALA D 384 7.17 38.04 -15.92
CA ALA D 384 5.82 38.47 -15.57
C ALA D 384 5.71 40.00 -15.66
N GLU D 385 6.76 40.69 -15.20
CA GLU D 385 6.75 42.14 -15.03
C GLU D 385 6.75 42.84 -16.40
N ASP D 386 7.52 42.30 -17.34
CA ASP D 386 7.54 42.80 -18.70
C ASP D 386 6.17 42.53 -19.33
N LEU D 387 5.62 41.32 -19.15
CA LEU D 387 4.29 41.01 -19.70
C LEU D 387 3.25 41.97 -19.12
N TYR D 388 3.37 42.25 -17.81
CA TYR D 388 2.46 43.17 -17.13
C TYR D 388 2.56 44.56 -17.76
N LYS D 389 3.81 45.04 -17.91
CA LYS D 389 4.08 46.38 -18.45
C LYS D 389 3.58 46.47 -19.90
N GLN D 390 3.67 45.37 -20.64
CA GLN D 390 3.19 45.32 -22.02
C GLN D 390 1.65 45.43 -22.05
N GLY D 391 0.98 44.81 -21.08
CA GLY D 391 -0.48 44.89 -20.92
C GLY D 391 -0.96 46.32 -20.68
N VAL D 392 -0.33 47.01 -19.71
CA VAL D 392 -0.70 48.37 -19.34
C VAL D 392 -0.46 49.31 -20.52
N ARG D 393 0.70 49.16 -21.16
CA ARG D 393 1.08 50.01 -22.29
C ARG D 393 0.07 49.84 -23.43
N ALA D 394 -0.32 48.59 -23.71
CA ALA D 394 -1.29 48.29 -24.77
C ALA D 394 -2.69 48.81 -24.38
N ALA D 395 -3.03 48.71 -23.09
CA ALA D 395 -4.34 49.16 -22.58
C ALA D 395 -4.48 50.67 -22.75
N ILE D 396 -3.39 51.40 -22.46
CA ILE D 396 -3.37 52.86 -22.58
C ILE D 396 -3.52 53.24 -24.06
N ASP D 397 -2.76 52.55 -24.93
CA ASP D 397 -2.76 52.87 -26.36
C ASP D 397 -4.09 52.44 -27.00
N PHE D 398 -4.77 51.47 -26.39
CA PHE D 398 -6.11 51.08 -26.83
C PHE D 398 -6.98 52.33 -26.99
N LEU D 399 -6.92 53.23 -25.99
CA LEU D 399 -7.74 54.44 -25.95
C LEU D 399 -7.32 55.40 -27.07
N THR D 400 -6.00 55.51 -27.30
CA THR D 400 -5.48 56.40 -28.33
C THR D 400 -5.95 55.96 -29.73
N ASP D 401 -5.85 54.65 -29.99
CA ASP D 401 -6.05 54.11 -31.33
C ASP D 401 -7.55 54.03 -31.65
N ASN D 402 -8.40 53.80 -30.64
CA ASN D 402 -9.78 53.34 -30.89
C ASN D 402 -10.84 54.32 -30.39
N TYR D 403 -10.45 55.30 -29.56
CA TYR D 403 -11.42 56.24 -28.99
C TYR D 403 -10.98 57.70 -29.17
N GLY D 404 -9.90 57.92 -29.94
CA GLY D 404 -9.40 59.26 -30.30
C GLY D 404 -8.86 60.03 -29.10
N CYS D 405 -8.36 59.33 -28.09
CA CYS D 405 -7.82 59.99 -26.90
C CYS D 405 -6.43 60.55 -27.23
N THR D 406 -5.98 61.48 -26.38
CA THR D 406 -4.62 61.98 -26.39
C THR D 406 -3.66 60.78 -26.24
N ALA D 407 -2.49 60.88 -26.88
CA ALA D 407 -1.44 59.89 -26.72
C ALA D 407 -0.83 60.03 -25.32
N THR D 408 -0.34 58.93 -24.76
CA THR D 408 0.42 58.95 -23.52
C THR D 408 1.90 58.83 -23.87
N THR D 409 2.72 59.77 -23.38
CA THR D 409 4.16 59.81 -23.69
C THR D 409 4.89 58.70 -22.92
N ASP D 410 6.12 58.42 -23.35
CA ASP D 410 6.97 57.45 -22.68
C ASP D 410 7.31 57.97 -21.28
N ALA D 411 7.55 59.27 -21.14
CA ALA D 411 7.81 59.91 -19.85
C ALA D 411 6.61 59.72 -18.91
N GLU D 412 5.41 60.02 -19.43
CA GLU D 412 4.17 59.92 -18.65
C GLU D 412 3.96 58.47 -18.18
N PHE D 413 4.21 57.51 -19.07
CA PHE D 413 4.03 56.09 -18.76
C PHE D 413 5.04 55.67 -17.68
N ASP D 414 6.28 56.12 -17.82
CA ASP D 414 7.34 55.69 -16.92
C ASP D 414 7.04 56.19 -15.50
N ALA D 415 6.68 57.48 -15.39
CA ALA D 415 6.30 58.08 -14.10
C ALA D 415 5.26 57.19 -13.39
N PHE D 416 4.22 56.80 -14.12
CA PHE D 416 3.11 55.98 -13.58
C PHE D 416 3.61 54.58 -13.20
N ILE D 417 4.23 53.88 -14.15
CA ILE D 417 4.59 52.48 -13.97
C ILE D 417 5.70 52.36 -12.91
N GLN D 418 6.50 53.42 -12.73
CA GLN D 418 7.57 53.46 -11.72
C GLN D 418 6.99 53.70 -10.31
N ASP D 419 5.80 54.32 -10.23
CA ASP D 419 5.22 54.70 -8.94
C ASP D 419 4.01 53.78 -8.63
N LYS D 420 2.78 54.27 -8.85
CA LYS D 420 1.57 53.60 -8.32
C LYS D 420 1.04 52.56 -9.32
N GLY D 421 1.44 52.66 -10.59
CA GLY D 421 1.08 51.67 -11.61
C GLY D 421 2.00 50.46 -11.61
N ALA D 422 2.90 50.38 -10.61
CA ALA D 422 3.92 49.35 -10.57
C ALA D 422 3.28 47.97 -10.31
N PHE D 423 3.86 46.95 -10.96
CA PHE D 423 3.79 45.54 -10.58
C PHE D 423 4.15 45.44 -9.09
N GLY D 424 3.57 44.47 -8.38
CA GLY D 424 3.87 44.34 -6.96
C GLY D 424 5.26 43.76 -6.69
N HIS D 425 5.54 43.47 -5.41
CA HIS D 425 6.68 42.64 -4.97
C HIS D 425 6.20 41.22 -4.63
N THR D 426 5.04 41.13 -3.97
CA THR D 426 4.41 39.88 -3.54
C THR D 426 3.58 39.30 -4.70
N ASP D 427 3.38 37.98 -4.67
CA ASP D 427 2.49 37.32 -5.62
C ASP D 427 1.11 37.99 -5.60
N ASN D 428 0.52 38.11 -4.40
CA ASN D 428 -0.76 38.76 -4.19
C ASN D 428 -0.75 40.17 -4.81
N GLN D 429 0.28 40.97 -4.49
CA GLN D 429 0.38 42.35 -4.98
C GLN D 429 0.44 42.34 -6.52
N LYS D 430 1.11 41.33 -7.08
CA LYS D 430 1.22 41.15 -8.52
C LYS D 430 -0.13 40.75 -9.13
N LEU D 431 -0.85 39.82 -8.47
CA LEU D 431 -2.14 39.36 -8.98
C LEU D 431 -3.14 40.51 -8.93
N GLU D 432 -3.04 41.33 -7.87
CA GLU D 432 -3.90 42.48 -7.67
C GLU D 432 -3.67 43.51 -8.78
N ALA D 433 -2.40 43.77 -9.08
CA ALA D 433 -2.03 44.78 -10.08
C ALA D 433 -2.55 44.36 -11.46
N ILE D 434 -2.33 43.10 -11.82
CA ILE D 434 -2.71 42.58 -13.14
C ILE D 434 -4.22 42.76 -13.32
N ASN D 435 -4.97 42.33 -12.31
CA ASN D 435 -6.42 42.23 -12.43
C ASN D 435 -7.06 43.60 -12.22
N THR D 436 -6.45 44.47 -11.40
CA THR D 436 -6.93 45.86 -11.30
C THR D 436 -6.74 46.58 -12.64
N GLN D 437 -5.59 46.37 -13.29
CA GLN D 437 -5.30 47.00 -14.58
C GLN D 437 -6.22 46.41 -15.64
N ALA D 438 -6.47 45.10 -15.58
CA ALA D 438 -7.40 44.44 -16.52
C ALA D 438 -8.81 45.04 -16.38
N TRP D 439 -9.19 45.36 -15.14
CA TRP D 439 -10.45 45.98 -14.79
C TRP D 439 -10.63 47.31 -15.54
N ILE D 440 -9.62 48.17 -15.48
CA ILE D 440 -9.62 49.43 -16.24
C ILE D 440 -9.77 49.14 -17.74
N LEU D 441 -9.03 48.14 -18.24
CA LEU D 441 -9.02 47.80 -19.67
C LEU D 441 -10.43 47.43 -20.13
N HIS D 442 -11.13 46.66 -19.30
CA HIS D 442 -12.41 46.06 -19.67
C HIS D 442 -13.58 47.03 -19.51
N PHE D 443 -13.32 48.31 -19.22
CA PHE D 443 -14.42 49.24 -18.98
C PHE D 443 -15.46 49.16 -20.11
N THR D 444 -15.00 49.12 -21.37
CA THR D 444 -15.87 49.15 -22.54
C THR D 444 -16.33 47.74 -22.91
N ASN D 445 -15.95 46.75 -22.09
CA ASN D 445 -16.32 45.35 -22.26
C ASN D 445 -16.99 44.85 -20.96
N PRO D 446 -18.19 45.35 -20.61
CA PRO D 446 -18.79 45.09 -19.30
C PRO D 446 -18.96 43.60 -18.97
N ALA D 447 -19.33 42.79 -19.96
CA ALA D 447 -19.42 41.34 -19.80
C ALA D 447 -18.11 40.77 -19.21
N GLU D 448 -16.97 41.12 -19.81
CA GLU D 448 -15.71 40.53 -19.41
C GLU D 448 -15.27 41.16 -18.08
N CYS D 449 -15.52 42.46 -17.94
CA CYS D 449 -15.17 43.19 -16.73
C CYS D 449 -15.72 42.45 -15.51
N TRP D 450 -17.04 42.27 -15.48
CA TRP D 450 -17.74 41.69 -14.32
C TRP D 450 -17.28 40.25 -14.10
N ALA D 451 -17.12 39.49 -15.19
CA ALA D 451 -16.64 38.12 -15.12
C ALA D 451 -15.26 38.07 -14.44
N ASN D 452 -14.32 38.90 -14.90
CA ASN D 452 -12.94 38.80 -14.44
C ASN D 452 -12.83 39.30 -12.99
N VAL D 453 -13.58 40.36 -12.65
CA VAL D 453 -13.66 40.81 -11.26
C VAL D 453 -14.12 39.65 -10.37
N ARG D 454 -15.19 38.96 -10.78
CA ARG D 454 -15.78 37.88 -9.99
C ARG D 454 -14.75 36.75 -9.81
N ARG D 455 -13.98 36.50 -10.86
CA ARG D 455 -13.09 35.36 -10.95
C ARG D 455 -11.81 35.62 -10.17
N SER D 456 -11.19 36.78 -10.41
CA SER D 456 -9.88 37.12 -9.87
C SER D 456 -10.00 37.60 -8.41
N GLY D 457 -11.20 38.04 -8.03
CA GLY D 457 -11.44 38.64 -6.72
C GLY D 457 -10.80 40.02 -6.61
N TYR D 458 -10.43 40.61 -7.75
CA TYR D 458 -9.76 41.92 -7.80
C TYR D 458 -10.50 42.81 -8.80
N PRO D 459 -10.66 44.13 -8.54
CA PRO D 459 -10.27 44.74 -7.26
C PRO D 459 -11.21 44.30 -6.13
N LYS D 460 -10.77 44.43 -4.89
CA LYS D 460 -11.52 43.95 -3.72
C LYS D 460 -12.65 44.94 -3.42
N LEU D 461 -13.81 44.72 -4.05
CA LEU D 461 -14.94 45.63 -3.93
C LEU D 461 -15.73 45.32 -2.65
N LYS D 462 -16.19 46.39 -1.99
CA LYS D 462 -16.98 46.31 -0.78
C LYS D 462 -18.43 46.62 -1.12
N SER D 463 -19.34 46.04 -0.34
CA SER D 463 -20.79 46.21 -0.51
C SER D 463 -21.19 47.67 -0.35
N PRO D 464 -22.23 48.15 -1.07
CA PRO D 464 -22.78 49.49 -0.83
C PRO D 464 -23.15 49.71 0.65
N ALA D 465 -23.35 48.62 1.39
CA ALA D 465 -23.68 48.67 2.82
C ALA D 465 -22.57 49.37 3.62
N GLU D 466 -21.32 49.19 3.20
CA GLU D 466 -20.16 49.73 3.90
C GLU D 466 -20.03 51.24 3.64
N TYR D 467 -20.70 51.75 2.62
CA TYR D 467 -20.69 53.19 2.27
C TYR D 467 -21.95 53.87 2.81
N GLY D 468 -22.73 53.16 3.63
CA GLY D 468 -23.83 53.72 4.44
C GLY D 468 -25.18 53.70 3.75
N PHE D 469 -25.43 52.66 2.94
CA PHE D 469 -26.63 52.55 2.08
C PHE D 469 -27.32 51.19 2.31
N GLY D 470 -27.10 50.61 3.49
CA GLY D 470 -27.56 49.28 3.85
C GLY D 470 -29.08 49.13 3.90
N GLN D 471 -29.82 50.21 4.20
CA GLN D 471 -31.28 50.10 4.38
C GLN D 471 -31.99 49.88 3.03
N TYR D 472 -31.37 50.37 1.94
CA TYR D 472 -31.99 50.38 0.60
C TYR D 472 -31.83 49.03 -0.11
N LEU D 473 -31.06 48.10 0.48
CA LEU D 473 -30.59 46.90 -0.21
C LEU D 473 -31.66 45.80 -0.16
N THR D 474 -32.65 45.95 -1.05
CA THR D 474 -33.78 45.02 -1.25
C THR D 474 -33.30 43.57 -1.33
N GLY D 475 -32.31 43.33 -2.21
CA GLY D 475 -31.94 42.00 -2.66
C GLY D 475 -30.73 41.42 -1.93
N GLY D 476 -30.46 41.92 -0.72
CA GLY D 476 -29.39 41.39 0.13
C GLY D 476 -28.21 42.32 0.20
N THR D 477 -27.33 42.07 1.18
CA THR D 477 -26.14 42.89 1.47
C THR D 477 -25.05 42.66 0.42
N GLU D 478 -24.77 41.38 0.13
CA GLU D 478 -23.65 40.98 -0.74
C GLU D 478 -23.90 41.46 -2.18
N ILE D 479 -22.82 41.82 -2.87
CA ILE D 479 -22.87 42.16 -4.29
C ILE D 479 -23.23 40.88 -5.03
N PRO D 480 -24.31 40.86 -5.86
CA PRO D 480 -24.68 39.67 -6.59
C PRO D 480 -23.51 39.17 -7.45
N VAL D 481 -23.53 37.87 -7.74
CA VAL D 481 -22.44 37.18 -8.39
C VAL D 481 -22.96 36.45 -9.63
N ARG D 482 -24.28 36.51 -9.87
CA ARG D 482 -24.90 36.07 -11.11
C ARG D 482 -26.26 36.75 -11.24
N LEU D 483 -26.95 36.50 -12.35
CA LEU D 483 -28.34 36.95 -12.53
C LEU D 483 -29.24 35.71 -12.64
N CYS D 484 -30.52 35.89 -12.32
CA CYS D 484 -31.50 34.81 -12.24
C CYS D 484 -32.14 34.57 -13.61
N TYR D 485 -32.53 33.31 -13.83
CA TYR D 485 -33.14 32.87 -15.08
C TYR D 485 -34.43 33.62 -15.32
N PRO D 486 -34.80 33.92 -16.59
CA PRO D 486 -36.10 34.51 -16.88
C PRO D 486 -37.20 33.56 -16.36
N VAL D 487 -38.21 34.13 -15.72
CA VAL D 487 -39.16 33.33 -14.97
C VAL D 487 -40.10 32.59 -15.95
N LEU D 488 -40.23 33.11 -17.18
CA LEU D 488 -41.03 32.50 -18.26
C LEU D 488 -40.48 31.12 -18.68
N GLU D 489 -39.20 30.85 -18.40
CA GLU D 489 -38.61 29.52 -18.68
C GLU D 489 -39.39 28.43 -17.93
N SER D 490 -40.03 28.79 -16.81
CA SER D 490 -40.90 27.87 -16.05
C SER D 490 -42.08 27.38 -16.89
N SER D 491 -42.50 28.18 -17.89
CA SER D 491 -43.54 27.82 -18.83
C SER D 491 -42.96 27.13 -20.08
N TYR D 492 -41.94 27.76 -20.68
CA TYR D 492 -41.40 27.32 -21.99
C TYR D 492 -40.66 25.99 -21.84
N ASN D 493 -39.93 25.81 -20.73
CA ASN D 493 -38.91 24.76 -20.59
C ASN D 493 -38.89 24.27 -19.14
N LYS D 494 -39.98 23.63 -18.71
CA LYS D 494 -40.31 23.45 -17.29
C LYS D 494 -39.33 22.49 -16.61
N LYS D 495 -39.23 21.26 -17.11
CA LYS D 495 -38.35 20.23 -16.53
C LYS D 495 -36.91 20.75 -16.45
N SER D 496 -36.41 21.27 -17.57
CA SER D 496 -35.02 21.72 -17.68
C SER D 496 -34.73 22.83 -16.66
N TYR D 497 -35.69 23.76 -16.52
CA TYR D 497 -35.62 24.91 -15.62
C TYR D 497 -35.46 24.43 -14.16
N ASN D 498 -36.42 23.62 -13.70
CA ASN D 498 -36.43 23.11 -12.31
C ASN D 498 -35.17 22.29 -12.04
N GLU D 499 -34.77 21.51 -13.04
CA GLU D 499 -33.64 20.59 -12.93
C GLU D 499 -32.37 21.36 -12.54
N ALA D 500 -32.21 22.55 -13.13
CA ALA D 500 -31.06 23.41 -12.91
C ALA D 500 -31.18 24.15 -11.57
N ILE D 501 -32.41 24.51 -11.20
CA ILE D 501 -32.68 25.17 -9.92
C ILE D 501 -32.34 24.20 -8.79
N GLU D 502 -32.60 22.91 -9.00
CA GLU D 502 -32.37 21.88 -8.00
C GLU D 502 -30.88 21.78 -7.70
N ARG D 503 -30.04 21.90 -8.74
CA ARG D 503 -28.57 21.79 -8.63
C ARG D 503 -28.01 22.89 -7.70
N MET D 504 -28.64 24.07 -7.71
CA MET D 504 -28.18 25.23 -6.93
C MET D 504 -28.70 25.18 -5.49
N GLY D 505 -29.49 24.14 -5.15
CA GLY D 505 -29.96 23.92 -3.78
C GLY D 505 -31.46 24.19 -3.63
N GLY D 506 -32.10 24.70 -4.70
CA GLY D 506 -33.56 24.74 -4.77
C GLY D 506 -34.13 26.12 -5.07
N THR D 507 -33.32 27.18 -4.94
CA THR D 507 -33.74 28.54 -5.31
C THR D 507 -32.91 29.03 -6.50
N ASP D 508 -33.44 30.01 -7.21
CA ASP D 508 -32.75 30.80 -8.20
C ASP D 508 -32.27 32.09 -7.52
N ASN D 509 -31.09 32.03 -6.91
CA ASN D 509 -30.57 33.13 -6.10
C ASN D 509 -29.34 33.73 -6.80
N TRP D 510 -29.25 35.06 -6.74
CA TRP D 510 -28.19 35.78 -7.40
C TRP D 510 -27.02 36.03 -6.44
N HIS D 511 -27.05 35.39 -5.26
CA HIS D 511 -25.89 35.29 -4.36
C HIS D 511 -25.18 33.93 -4.51
N SER D 512 -25.75 33.05 -5.36
CA SER D 512 -25.28 31.69 -5.54
C SER D 512 -24.10 31.71 -6.52
N LEU D 513 -22.96 31.18 -6.08
CA LEU D 513 -21.70 31.29 -6.84
C LEU D 513 -21.76 30.40 -8.09
N LEU D 514 -21.41 31.00 -9.23
CA LEU D 514 -21.20 30.26 -10.47
C LEU D 514 -20.07 29.25 -10.22
N TRP D 515 -20.07 28.18 -11.02
CA TRP D 515 -19.14 27.08 -10.86
C TRP D 515 -17.68 27.58 -10.82
N TRP D 516 -17.31 28.49 -11.73
CA TRP D 516 -15.89 28.94 -11.82
C TRP D 516 -15.54 30.01 -10.77
N ASP D 517 -16.56 30.46 -10.00
CA ASP D 517 -16.39 31.52 -9.00
C ASP D 517 -16.33 30.85 -7.61
N THR D 518 -15.14 30.83 -7.01
CA THR D 518 -14.85 30.03 -5.82
C THR D 518 -15.00 30.85 -4.53
N GLU D 519 -14.81 32.18 -4.58
CA GLU D 519 -15.01 33.10 -3.42
C GLU D 519 -15.78 34.34 -3.85
N ASN D 520 -16.47 34.97 -2.88
CA ASN D 520 -17.38 36.09 -3.11
C ASN D 520 -16.56 37.39 -3.23
N ILE E 1 8.60 -19.83 70.43
CA ILE E 1 8.97 -18.40 70.73
C ILE E 1 9.77 -17.80 69.56
N ASP E 2 10.62 -18.61 68.88
CA ASP E 2 11.53 -18.12 67.82
C ASP E 2 10.87 -18.28 66.45
N PRO E 3 11.24 -17.46 65.45
CA PRO E 3 10.51 -17.39 64.18
C PRO E 3 10.52 -18.67 63.33
N ASN E 4 11.63 -19.41 63.34
CA ASN E 4 11.76 -20.65 62.58
C ASN E 4 10.80 -21.72 63.11
N ALA E 5 10.61 -21.77 64.43
CA ALA E 5 9.72 -22.76 65.07
C ALA E 5 8.26 -22.53 64.65
N GLN E 6 7.87 -21.25 64.56
CA GLN E 6 6.50 -20.87 64.20
C GLN E 6 6.21 -21.30 62.76
N LEU E 7 7.23 -21.23 61.89
CA LEU E 7 7.10 -21.65 60.51
C LEU E 7 6.82 -23.15 60.45
N THR E 8 7.54 -23.92 61.27
CA THR E 8 7.36 -25.37 61.31
C THR E 8 5.91 -25.68 61.73
N THR E 9 5.47 -25.04 62.82
CA THR E 9 4.13 -25.25 63.37
C THR E 9 3.07 -24.93 62.30
N ALA E 10 3.22 -23.78 61.64
CA ALA E 10 2.26 -23.28 60.65
C ALA E 10 2.16 -24.22 59.45
N GLN E 11 3.31 -24.76 59.02
CA GLN E 11 3.38 -25.73 57.94
C GLN E 11 2.65 -27.00 58.37
N LEU E 12 2.92 -27.45 59.59
CA LEU E 12 2.36 -28.71 60.09
C LEU E 12 0.83 -28.60 60.21
N GLN E 13 0.33 -27.45 60.70
CA GLN E 13 -1.13 -27.25 60.91
C GLN E 13 -1.90 -27.40 59.59
N THR E 14 -1.38 -26.80 58.51
CA THR E 14 -2.01 -26.73 57.18
C THR E 14 -2.85 -27.99 56.89
N TYR E 15 -2.23 -29.17 56.98
CA TYR E 15 -2.93 -30.46 56.74
C TYR E 15 -2.87 -31.36 57.98
N GLY E 16 -2.20 -30.92 59.05
CA GLY E 16 -1.98 -31.75 60.24
C GLY E 16 -3.08 -31.61 61.29
N ASP E 17 -3.86 -30.53 61.22
CA ASP E 17 -4.88 -30.21 62.24
C ASP E 17 -6.15 -31.05 61.99
N LEU E 18 -6.35 -32.09 62.82
CA LEU E 18 -7.45 -33.08 62.66
C LEU E 18 -8.81 -32.38 62.73
N SER E 19 -8.91 -31.37 63.60
CA SER E 19 -10.13 -30.61 63.80
C SER E 19 -10.52 -29.88 62.50
N MET E 20 -9.54 -29.20 61.89
CA MET E 20 -9.77 -28.34 60.72
C MET E 20 -10.09 -29.18 59.47
N MET E 21 -9.43 -30.33 59.33
CA MET E 21 -9.52 -31.13 58.10
C MET E 21 -10.95 -31.61 57.86
N GLU E 22 -11.78 -31.63 58.92
CA GLU E 22 -13.22 -31.96 58.85
C GLU E 22 -13.91 -31.24 57.69
N ILE E 23 -13.56 -29.96 57.48
CA ILE E 23 -14.29 -29.07 56.60
C ILE E 23 -14.15 -29.53 55.13
N TYR E 24 -13.03 -30.20 54.81
CA TYR E 24 -12.76 -30.65 53.43
C TYR E 24 -13.59 -31.91 53.11
N ARG E 25 -13.62 -32.87 54.04
CA ARG E 25 -14.46 -34.06 53.89
C ARG E 25 -15.96 -33.68 53.88
N ASN E 26 -16.32 -32.63 54.65
CA ASN E 26 -17.71 -32.20 54.81
C ASN E 26 -18.20 -31.42 53.57
N TYR E 27 -17.47 -30.38 53.18
CA TYR E 27 -17.95 -29.45 52.16
C TYR E 27 -17.16 -29.61 50.84
N HIS E 28 -15.87 -29.26 50.85
CA HIS E 28 -15.05 -29.08 49.62
C HIS E 28 -15.21 -30.29 48.67
N TYR E 29 -14.99 -31.50 49.18
CA TYR E 29 -14.95 -32.71 48.34
C TYR E 29 -16.32 -33.05 47.76
N ALA E 30 -17.40 -32.57 48.41
CA ALA E 30 -18.77 -32.71 47.88
C ALA E 30 -19.03 -31.66 46.79
N PHE E 31 -18.61 -30.40 47.05
CA PHE E 31 -18.84 -29.27 46.14
C PHE E 31 -18.00 -29.44 44.85
N THR E 32 -16.88 -30.16 44.93
CA THR E 32 -16.04 -30.45 43.75
C THR E 32 -16.48 -31.78 43.12
N GLN E 33 -17.41 -32.48 43.78
CA GLN E 33 -18.05 -33.71 43.29
C GLN E 33 -16.96 -34.73 42.98
N GLN E 34 -16.04 -34.90 43.95
CA GLN E 34 -14.95 -35.87 43.89
C GLN E 34 -15.25 -37.01 44.87
N LEU E 35 -15.74 -36.68 46.08
CA LEU E 35 -16.20 -37.69 47.06
C LEU E 35 -17.69 -37.50 47.35
N MET E 36 -18.39 -38.63 47.53
CA MET E 36 -19.82 -38.64 47.83
C MET E 36 -20.21 -40.06 48.25
N GLY E 37 -21.07 -40.17 49.29
CA GLY E 37 -21.53 -41.45 49.84
C GLY E 37 -21.27 -41.58 51.33
N CYS E 38 -20.08 -41.16 51.76
CA CYS E 38 -19.73 -41.02 53.17
C CYS E 38 -20.76 -40.11 53.85
N TRP E 39 -21.31 -40.55 55.00
CA TRP E 39 -22.38 -39.82 55.70
C TRP E 39 -22.02 -38.33 55.79
N ASN E 40 -20.85 -38.04 56.35
CA ASN E 40 -20.38 -36.68 56.60
C ASN E 40 -20.46 -35.86 55.31
N THR E 41 -19.93 -36.42 54.21
CA THR E 41 -19.73 -35.69 52.95
C THR E 41 -21.10 -35.39 52.32
N THR E 42 -21.94 -36.42 52.25
CA THR E 42 -23.30 -36.30 51.69
C THR E 42 -24.15 -35.36 52.55
N ASN E 43 -24.14 -35.55 53.88
CA ASN E 43 -25.04 -34.82 54.81
C ASN E 43 -24.82 -33.30 54.70
N TYR E 44 -23.54 -32.87 54.69
CA TYR E 44 -23.19 -31.44 54.79
C TYR E 44 -23.10 -30.83 53.39
N GLY E 45 -22.01 -31.15 52.66
CA GLY E 45 -21.75 -30.57 51.35
C GLY E 45 -22.64 -31.16 50.28
N GLY E 46 -22.98 -32.44 50.42
CA GLY E 46 -23.79 -33.18 49.43
C GLY E 46 -25.25 -32.74 49.37
N ARG E 47 -25.83 -32.31 50.50
CA ARG E 47 -27.27 -31.97 50.57
C ARG E 47 -27.45 -30.52 51.07
N HIS E 48 -26.36 -29.73 51.06
CA HIS E 48 -26.42 -28.27 51.29
C HIS E 48 -27.06 -27.94 52.64
N THR E 49 -26.44 -28.45 53.71
CA THR E 49 -26.80 -28.16 55.07
C THR E 49 -25.89 -27.04 55.59
N LEU E 50 -26.48 -25.86 55.86
CA LEU E 50 -25.81 -24.79 56.61
C LEU E 50 -25.52 -25.31 58.02
N ASP E 51 -24.30 -25.06 58.49
CA ASP E 51 -23.88 -25.36 59.86
C ASP E 51 -22.70 -24.43 60.16
N ASN E 52 -22.96 -23.36 60.92
CA ASN E 52 -22.01 -22.30 61.09
C ASN E 52 -20.74 -22.86 61.75
N ASN E 53 -20.89 -23.81 62.67
CA ASN E 53 -19.76 -24.35 63.44
C ASN E 53 -18.80 -25.08 62.50
N GLU E 54 -19.37 -25.83 61.53
CA GLU E 54 -18.60 -26.64 60.59
C GLU E 54 -17.95 -25.76 59.51
N MET E 55 -18.59 -24.62 59.18
CA MET E 55 -18.08 -23.70 58.19
C MET E 55 -16.95 -22.83 58.78
N SER E 56 -16.86 -22.78 60.12
CA SER E 56 -15.99 -21.86 60.84
C SER E 56 -14.55 -22.40 60.97
N ARG E 57 -14.36 -23.69 60.67
CA ARG E 57 -13.16 -24.41 61.13
C ARG E 57 -11.89 -23.74 60.59
N ILE E 58 -11.87 -23.39 59.29
CA ILE E 58 -10.71 -22.73 58.66
C ILE E 58 -10.46 -21.38 59.35
N TRP E 59 -11.51 -20.56 59.45
CA TRP E 59 -11.41 -19.25 60.09
C TRP E 59 -10.77 -19.39 61.47
N THR E 60 -11.35 -20.26 62.32
CA THR E 60 -10.95 -20.40 63.72
C THR E 60 -9.52 -20.94 63.84
N SER E 61 -9.21 -22.00 63.07
CA SER E 61 -7.91 -22.68 63.18
C SER E 61 -6.75 -21.72 62.83
N PHE E 62 -6.90 -20.94 61.75
CA PHE E 62 -5.80 -20.11 61.24
C PHE E 62 -5.62 -18.83 62.08
N TYR E 63 -6.73 -18.16 62.42
CA TYR E 63 -6.67 -16.89 63.15
C TYR E 63 -6.26 -17.09 64.63
N THR E 64 -6.56 -18.26 65.23
CA THR E 64 -6.18 -18.53 66.63
C THR E 64 -4.77 -19.14 66.74
N GLN E 65 -4.24 -19.71 65.64
CA GLN E 65 -2.93 -20.40 65.67
C GLN E 65 -1.99 -19.87 64.57
N SER E 66 -1.98 -20.54 63.41
CA SER E 66 -0.89 -20.46 62.44
C SER E 66 -0.70 -19.01 61.96
N LEU E 67 -1.80 -18.37 61.54
CA LEU E 67 -1.73 -17.05 60.96
C LEU E 67 -1.31 -16.02 62.01
N LYS E 68 -1.78 -16.20 63.25
CA LYS E 68 -1.44 -15.31 64.35
C LYS E 68 0.06 -15.43 64.65
N ASN E 69 0.55 -16.68 64.74
CA ASN E 69 1.93 -16.99 65.09
C ASN E 69 2.88 -16.48 63.99
N ILE E 70 2.45 -16.61 62.72
CA ILE E 70 3.22 -16.15 61.57
C ILE E 70 3.27 -14.61 61.56
N ILE E 71 2.12 -13.99 61.79
CA ILE E 71 2.01 -12.51 61.86
C ILE E 71 2.95 -11.99 62.94
N ASP E 72 3.02 -12.72 64.06
CA ASP E 72 3.88 -12.37 65.19
C ASP E 72 5.35 -12.44 64.75
N ALA E 73 5.74 -13.58 64.19
CA ALA E 73 7.12 -13.85 63.78
C ALA E 73 7.59 -12.85 62.69
N GLN E 74 6.71 -12.52 61.74
CA GLN E 74 7.10 -11.66 60.61
C GLN E 74 7.28 -10.23 61.11
N TYR E 75 6.52 -9.84 62.14
CA TYR E 75 6.60 -8.50 62.76
C TYR E 75 7.92 -8.35 63.52
N ARG E 76 8.33 -9.42 64.20
CA ARG E 76 9.54 -9.46 65.02
C ARG E 76 10.81 -9.52 64.14
N THR E 77 10.66 -9.92 62.87
CA THR E 77 11.79 -10.07 61.95
C THR E 77 11.69 -9.07 60.78
N ALA E 78 10.83 -8.06 60.92
CA ALA E 78 10.36 -7.24 59.79
C ALA E 78 11.53 -6.62 59.02
N GLU E 79 12.21 -5.63 59.63
CA GLU E 79 13.28 -4.89 58.96
C GLU E 79 14.57 -5.08 59.76
N ASP E 80 14.98 -6.35 59.85
CA ASP E 80 16.27 -6.77 60.35
C ASP E 80 17.01 -7.44 59.18
N ALA E 81 18.12 -6.81 58.75
CA ALA E 81 18.87 -7.23 57.57
C ALA E 81 19.31 -8.69 57.70
N GLU E 82 19.71 -9.10 58.92
CA GLU E 82 20.29 -10.42 59.18
C GLU E 82 19.20 -11.47 59.40
N LYS E 83 17.93 -11.11 59.16
CA LYS E 83 16.78 -12.01 59.27
C LYS E 83 15.88 -11.87 58.03
N VAL E 84 16.51 -11.57 56.89
CA VAL E 84 15.80 -11.22 55.68
C VAL E 84 15.16 -12.47 55.07
N ASN E 85 15.79 -13.63 55.29
CA ASN E 85 15.34 -14.89 54.67
C ASN E 85 14.12 -15.42 55.42
N ILE E 86 14.23 -15.59 56.74
CA ILE E 86 13.12 -16.11 57.54
C ILE E 86 11.92 -15.17 57.43
N ASN E 87 12.16 -13.86 57.44
CA ASN E 87 11.11 -12.84 57.29
C ASN E 87 10.38 -13.06 55.96
N SER E 88 11.14 -13.21 54.87
CA SER E 88 10.58 -13.31 53.53
C SER E 88 9.76 -14.61 53.38
N VAL E 89 10.25 -15.70 53.97
CA VAL E 89 9.57 -16.99 53.89
C VAL E 89 8.23 -16.89 54.62
N LEU E 90 8.23 -16.24 55.80
CA LEU E 90 7.03 -16.08 56.62
C LEU E 90 5.99 -15.24 55.86
N ARG E 91 6.45 -14.18 55.19
CA ARG E 91 5.57 -13.33 54.38
C ARG E 91 4.90 -14.17 53.29
N ILE E 92 5.68 -15.09 52.69
CA ILE E 92 5.22 -15.95 51.58
C ILE E 92 4.17 -16.92 52.13
N TYR E 93 4.44 -17.54 53.28
CA TYR E 93 3.50 -18.52 53.83
C TYR E 93 2.26 -17.82 54.40
N ARG E 94 2.43 -16.61 54.92
CA ARG E 94 1.31 -15.79 55.40
C ARG E 94 0.30 -15.62 54.25
N VAL E 95 0.81 -15.18 53.09
CA VAL E 95 0.01 -14.97 51.89
C VAL E 95 -0.73 -16.27 51.55
N TYR E 96 -0.01 -17.39 51.54
CA TYR E 96 -0.60 -18.67 51.15
C TYR E 96 -1.79 -19.00 52.07
N LEU E 97 -1.58 -18.94 53.39
CA LEU E 97 -2.63 -19.23 54.36
C LEU E 97 -3.79 -18.25 54.17
N MET E 98 -3.47 -16.96 53.97
CA MET E 98 -4.48 -15.92 53.82
C MET E 98 -5.34 -16.21 52.57
N SER E 99 -4.73 -16.83 51.54
CA SER E 99 -5.45 -17.11 50.29
C SER E 99 -6.57 -18.13 50.56
N ILE E 100 -6.33 -19.09 51.46
CA ILE E 100 -7.31 -20.13 51.80
C ILE E 100 -8.51 -19.50 52.53
N ILE E 101 -8.22 -18.51 53.38
CA ILE E 101 -9.25 -17.79 54.14
C ILE E 101 -10.15 -17.02 53.17
N THR E 102 -9.56 -16.14 52.34
CA THR E 102 -10.35 -15.27 51.45
C THR E 102 -10.98 -16.05 50.29
N ASP E 103 -10.46 -17.23 49.95
CA ASP E 103 -11.08 -18.09 48.93
C ASP E 103 -12.18 -18.96 49.56
N THR E 104 -12.21 -19.02 50.89
CA THR E 104 -13.28 -19.70 51.61
C THR E 104 -14.40 -18.71 51.97
N TYR E 105 -14.03 -17.66 52.71
CA TYR E 105 -14.92 -16.57 53.08
C TYR E 105 -14.61 -15.40 52.14
N GLY E 106 -15.31 -14.28 52.29
CA GLY E 106 -15.08 -13.17 51.35
C GLY E 106 -13.94 -12.28 51.83
N ASP E 107 -14.30 -11.00 52.09
CA ASP E 107 -13.46 -10.06 52.80
C ASP E 107 -13.06 -10.71 54.13
N ALA E 108 -11.86 -10.38 54.63
CA ALA E 108 -11.35 -10.99 55.84
C ALA E 108 -10.26 -10.13 56.45
N PRO E 109 -10.10 -10.14 57.78
CA PRO E 109 -8.94 -9.53 58.44
C PRO E 109 -7.61 -9.98 57.84
N PHE E 110 -6.72 -9.03 57.60
CA PHE E 110 -5.42 -9.31 57.02
C PHE E 110 -4.43 -8.21 57.46
N SER E 111 -4.53 -7.03 56.82
CA SER E 111 -3.58 -5.95 57.08
C SER E 111 -3.55 -5.60 58.58
N GLU E 112 -4.70 -5.71 59.26
CA GLU E 112 -4.82 -5.31 60.67
C GLU E 112 -4.90 -6.55 61.58
N ALA E 113 -4.63 -7.73 61.02
CA ALA E 113 -4.78 -8.99 61.75
C ALA E 113 -3.62 -9.16 62.76
N GLY E 114 -3.96 -9.68 63.94
CA GLY E 114 -3.00 -10.16 64.95
C GLY E 114 -2.10 -9.07 65.50
N LEU E 115 -2.68 -7.91 65.85
CA LEU E 115 -1.92 -6.77 66.36
C LEU E 115 -2.27 -6.49 67.83
N GLY E 116 -2.77 -7.51 68.54
CA GLY E 116 -3.08 -7.41 69.97
C GLY E 116 -1.84 -7.52 70.83
N GLY E 120 -0.83 -2.84 69.36
CA GLY E 120 -1.90 -3.13 70.31
C GLY E 120 -3.28 -2.79 69.75
N LYS E 121 -3.50 -3.12 68.46
CA LYS E 121 -4.76 -2.80 67.77
C LYS E 121 -5.67 -4.03 67.75
N PHE E 122 -6.87 -3.87 68.32
CA PHE E 122 -7.92 -4.88 68.34
C PHE E 122 -9.01 -4.48 67.34
N ASN E 123 -9.99 -5.38 67.15
CA ASN E 123 -11.10 -5.18 66.20
C ASN E 123 -10.57 -4.85 64.81
N PRO E 124 -9.83 -5.77 64.16
CA PRO E 124 -9.35 -5.55 62.80
C PRO E 124 -10.47 -5.58 61.76
N LYS E 125 -10.45 -4.59 60.85
CA LYS E 125 -11.42 -4.50 59.75
C LYS E 125 -11.25 -5.71 58.82
N TYR E 126 -12.31 -6.05 58.10
CA TYR E 126 -12.28 -7.08 57.07
C TYR E 126 -11.83 -6.44 55.75
N ASP E 127 -10.59 -6.71 55.33
CA ASP E 127 -10.04 -6.19 54.08
C ASP E 127 -10.87 -6.75 52.92
N LYS E 128 -11.21 -5.88 51.96
CA LYS E 128 -11.87 -6.29 50.73
C LYS E 128 -11.01 -7.36 50.04
N GLN E 129 -11.66 -8.34 49.41
CA GLN E 129 -10.95 -9.43 48.73
C GLN E 129 -10.05 -8.86 47.62
N GLU E 130 -10.59 -7.89 46.88
CA GLU E 130 -9.87 -7.15 45.86
C GLU E 130 -8.52 -6.69 46.43
N ASP E 131 -8.55 -6.04 47.59
CA ASP E 131 -7.36 -5.45 48.22
C ASP E 131 -6.45 -6.55 48.79
N ILE E 132 -7.04 -7.67 49.24
CA ILE E 132 -6.29 -8.79 49.75
C ILE E 132 -5.42 -9.35 48.60
N TYR E 133 -6.04 -9.52 47.43
CA TYR E 133 -5.32 -10.06 46.25
C TYR E 133 -4.24 -9.07 45.78
N ASN E 134 -4.56 -7.78 45.82
CA ASN E 134 -3.58 -6.73 45.51
C ASN E 134 -2.35 -6.94 46.40
N ALA E 135 -2.57 -7.18 47.69
CA ALA E 135 -1.48 -7.32 48.68
C ALA E 135 -0.71 -8.63 48.46
N PHE E 136 -1.39 -9.68 47.98
CA PHE E 136 -0.74 -10.96 47.65
C PHE E 136 0.41 -10.70 46.67
N PHE E 137 0.10 -10.04 45.54
CA PHE E 137 1.08 -9.79 44.50
C PHE E 137 2.24 -8.95 45.05
N LEU E 138 1.91 -7.89 45.79
CA LEU E 138 2.93 -6.96 46.32
C LEU E 138 3.83 -7.68 47.35
N GLU E 139 3.24 -8.49 48.23
CA GLU E 139 4.00 -9.20 49.27
C GLU E 139 4.97 -10.22 48.64
N LEU E 140 4.48 -11.02 47.70
CA LEU E 140 5.25 -12.07 47.07
C LEU E 140 6.40 -11.46 46.25
N GLU E 141 6.12 -10.37 45.53
CA GLU E 141 7.13 -9.70 44.71
C GLU E 141 8.25 -9.21 45.62
N ASP E 142 7.88 -8.58 46.75
CA ASP E 142 8.83 -7.98 47.67
C ASP E 142 9.63 -9.08 48.37
N ALA E 143 8.97 -10.16 48.79
CA ALA E 143 9.64 -11.30 49.44
C ALA E 143 10.76 -11.84 48.54
N VAL E 144 10.43 -11.99 47.26
CA VAL E 144 11.29 -12.59 46.26
C VAL E 144 12.54 -11.71 46.07
N ASN E 145 12.39 -10.38 46.15
CA ASN E 145 13.47 -9.41 45.89
C ASN E 145 14.34 -9.22 47.14
N LYS E 146 13.79 -9.51 48.34
CA LYS E 146 14.52 -9.36 49.62
C LYS E 146 15.39 -10.59 49.91
N ILE E 147 14.98 -11.78 49.43
CA ILE E 147 15.66 -13.04 49.75
C ILE E 147 17.13 -12.95 49.31
N ASP E 148 18.01 -13.59 50.10
CA ASP E 148 19.47 -13.46 49.99
C ASP E 148 20.12 -14.64 50.69
N PRO E 149 20.50 -15.72 49.96
CA PRO E 149 21.05 -16.92 50.58
C PRO E 149 22.29 -16.73 51.47
N THR E 150 23.01 -15.61 51.31
CA THR E 150 24.24 -15.33 52.07
C THR E 150 23.93 -15.07 53.54
N LYS E 151 22.69 -14.63 53.85
CA LYS E 151 22.32 -14.15 55.17
C LYS E 151 21.88 -15.33 56.07
N ASP E 152 20.78 -15.16 56.81
CA ASP E 152 20.34 -16.10 57.82
C ASP E 152 19.90 -17.42 57.17
N LYS E 153 19.94 -18.49 57.94
CA LYS E 153 19.57 -19.80 57.46
C LYS E 153 18.23 -20.19 58.10
N VAL E 154 17.38 -20.83 57.30
CA VAL E 154 16.05 -21.26 57.69
C VAL E 154 16.14 -22.72 58.16
N THR E 155 15.86 -22.94 59.44
CA THR E 155 16.25 -24.17 60.15
C THR E 155 15.09 -25.17 60.26
N GLY E 156 13.85 -24.71 60.10
CA GLY E 156 12.68 -25.52 60.46
C GLY E 156 11.67 -25.62 59.33
N ASP E 157 12.16 -25.72 58.10
CA ASP E 157 11.31 -25.64 56.91
C ASP E 157 11.06 -27.06 56.36
N LEU E 158 9.80 -27.51 56.44
CA LEU E 158 9.41 -28.87 56.06
C LEU E 158 8.99 -28.95 54.58
N ILE E 159 9.17 -27.87 53.81
CA ILE E 159 8.82 -27.89 52.38
C ILE E 159 10.09 -28.01 51.53
N TYR E 160 11.07 -27.13 51.74
CA TYR E 160 12.29 -27.08 50.91
C TYR E 160 13.58 -27.19 51.75
N ALA E 161 13.45 -27.58 53.03
CA ALA E 161 14.60 -27.75 53.96
C ALA E 161 15.51 -26.51 53.97
N GLY E 162 14.93 -25.33 53.82
CA GLY E 162 15.65 -24.06 53.96
C GLY E 162 16.16 -23.51 52.63
N ASP E 163 15.93 -24.26 51.54
CA ASP E 163 16.35 -23.82 50.22
C ASP E 163 15.50 -22.62 49.82
N VAL E 164 16.09 -21.44 50.01
CA VAL E 164 15.41 -20.17 49.95
C VAL E 164 15.24 -19.74 48.48
N THR E 165 16.07 -20.32 47.59
CA THR E 165 15.92 -20.18 46.13
C THR E 165 14.62 -20.84 45.68
N LYS E 166 14.27 -21.98 46.28
CA LYS E 166 13.05 -22.70 45.92
C LYS E 166 11.81 -21.95 46.41
N TRP E 167 11.96 -21.19 47.52
CA TRP E 167 10.88 -20.34 48.04
C TRP E 167 10.52 -19.23 47.03
N GLN E 168 11.52 -18.71 46.33
CA GLN E 168 11.32 -17.70 45.29
C GLN E 168 10.51 -18.30 44.13
N GLN E 169 10.79 -19.56 43.78
CA GLN E 169 10.09 -20.28 42.72
C GLN E 169 8.62 -20.47 43.13
N LEU E 170 8.40 -20.78 44.42
CA LEU E 170 7.06 -20.96 44.96
C LEU E 170 6.31 -19.63 44.93
N ALA E 171 6.95 -18.56 45.39
CA ALA E 171 6.34 -17.24 45.48
C ALA E 171 5.89 -16.74 44.09
N ASN E 172 6.75 -16.94 43.09
CA ASN E 172 6.45 -16.50 41.73
C ASN E 172 5.37 -17.41 41.11
N SER E 173 5.33 -18.67 41.54
CA SER E 173 4.29 -19.61 41.11
C SER E 173 2.94 -19.25 41.74
N LEU E 174 2.95 -18.78 42.99
CA LEU E 174 1.71 -18.34 43.66
C LEU E 174 1.17 -17.07 42.99
N ARG E 175 2.07 -16.21 42.50
CA ARG E 175 1.69 -15.05 41.69
C ARG E 175 0.96 -15.51 40.42
N LEU E 176 1.47 -16.59 39.79
CA LEU E 176 0.81 -17.23 38.63
C LEU E 176 -0.61 -17.67 39.00
N ARG E 177 -0.71 -18.46 40.08
CA ARG E 177 -1.98 -18.98 40.60
C ARG E 177 -2.99 -17.85 40.79
N PHE E 178 -2.59 -16.78 41.49
CA PHE E 178 -3.49 -15.68 41.86
C PHE E 178 -3.75 -14.75 40.67
N ALA E 179 -2.81 -14.66 39.73
CA ALA E 179 -3.00 -13.88 38.49
C ALA E 179 -4.12 -14.50 37.66
N MET E 180 -4.07 -15.81 37.46
CA MET E 180 -5.05 -16.55 36.67
C MET E 180 -6.40 -16.52 37.41
N ARG E 181 -6.36 -16.49 38.74
CA ARG E 181 -7.56 -16.46 39.57
C ARG E 181 -8.36 -15.17 39.30
N ILE E 182 -7.68 -14.05 39.08
CA ILE E 182 -8.35 -12.76 38.89
C ILE E 182 -8.53 -12.44 37.39
N SER E 183 -8.46 -13.47 36.52
CA SER E 183 -8.42 -13.25 35.06
C SER E 183 -9.80 -12.92 34.49
N SER E 184 -10.88 -13.25 35.23
CA SER E 184 -12.27 -12.92 34.83
C SER E 184 -12.67 -11.51 35.31
N VAL E 185 -12.29 -11.17 36.55
CA VAL E 185 -12.74 -9.94 37.21
C VAL E 185 -11.88 -8.74 36.79
N ASN E 186 -10.61 -9.00 36.45
CA ASN E 186 -9.65 -7.96 36.06
C ASN E 186 -8.62 -8.55 35.09
N PRO E 187 -9.02 -8.77 33.82
CA PRO E 187 -8.13 -9.37 32.81
C PRO E 187 -6.75 -8.69 32.65
N THR E 188 -6.75 -7.34 32.58
CA THR E 188 -5.56 -6.55 32.29
C THR E 188 -4.50 -6.72 33.39
N LYS E 189 -4.93 -6.64 34.65
CA LYS E 189 -4.03 -6.82 35.78
C LYS E 189 -3.54 -8.28 35.83
N ALA E 190 -4.44 -9.22 35.57
CA ALA E 190 -4.13 -10.65 35.57
C ALA E 190 -2.94 -10.92 34.63
N GLN E 191 -3.03 -10.39 33.40
CA GLN E 191 -1.98 -10.59 32.38
C GLN E 191 -0.65 -10.01 32.86
N THR E 192 -0.67 -8.74 33.27
CA THR E 192 0.52 -8.03 33.76
C THR E 192 1.21 -8.83 34.87
N GLU E 193 0.42 -9.30 35.86
CA GLU E 193 0.94 -9.98 37.05
C GLU E 193 1.49 -11.37 36.71
N PHE E 194 0.89 -12.03 35.71
CA PHE E 194 1.31 -13.35 35.25
C PHE E 194 2.66 -13.24 34.51
N GLU E 195 2.84 -12.14 33.78
CA GLU E 195 4.06 -11.90 32.99
C GLU E 195 5.21 -11.44 33.90
N ASN E 196 4.91 -10.55 34.85
CA ASN E 196 5.89 -10.09 35.85
C ASN E 196 6.50 -11.32 36.56
N ALA E 197 5.63 -12.27 36.93
CA ALA E 197 6.02 -13.44 37.71
C ALA E 197 7.02 -14.33 36.96
N LEU E 198 6.86 -14.49 35.64
CA LEU E 198 7.81 -15.28 34.83
C LEU E 198 9.19 -14.60 34.77
N ALA E 199 9.18 -13.26 34.71
CA ALA E 199 10.38 -12.44 34.59
C ALA E 199 11.01 -12.17 35.96
N ALA E 200 10.33 -12.54 37.03
CA ALA E 200 10.75 -12.20 38.39
C ALA E 200 11.97 -13.05 38.79
N ASN E 201 12.60 -12.63 39.89
CA ASN E 201 13.86 -13.18 40.38
C ASN E 201 13.65 -14.62 40.86
N GLY E 202 14.40 -15.57 40.29
CA GLY E 202 14.38 -16.97 40.69
C GLY E 202 13.54 -17.85 39.78
N GLY E 203 12.70 -17.22 38.94
CA GLY E 203 11.74 -17.93 38.10
C GLY E 203 10.62 -18.58 38.91
N VAL E 204 9.99 -19.59 38.29
CA VAL E 204 8.85 -20.32 38.82
C VAL E 204 9.22 -21.80 38.89
N ILE E 205 8.27 -22.63 39.32
CA ILE E 205 8.44 -24.06 39.42
C ILE E 205 8.33 -24.65 38.00
N THR E 206 9.47 -25.09 37.45
CA THR E 206 9.52 -25.59 36.08
C THR E 206 9.42 -27.13 36.08
N ASP E 207 9.77 -27.79 37.19
CA ASP E 207 9.71 -29.26 37.24
C ASP E 207 9.43 -29.74 38.67
N ALA E 208 9.12 -31.04 38.80
CA ALA E 208 8.60 -31.65 40.04
C ALA E 208 9.61 -31.52 41.19
N SER E 209 10.90 -31.31 40.88
CA SER E 209 11.95 -31.21 41.90
C SER E 209 11.84 -29.91 42.71
N SER E 210 10.97 -28.98 42.29
CA SER E 210 10.67 -27.77 43.07
C SER E 210 9.20 -27.72 43.51
N ASP E 211 8.53 -28.88 43.51
CA ASP E 211 7.16 -29.00 44.02
C ASP E 211 7.17 -28.60 45.49
N ALA E 212 6.16 -27.83 45.90
CA ALA E 212 5.97 -27.42 47.29
C ALA E 212 5.07 -28.43 48.01
N LEU E 213 5.71 -29.32 48.76
CA LEU E 213 5.05 -30.39 49.50
C LEU E 213 5.51 -30.35 50.96
N ILE E 214 4.56 -30.17 51.89
CA ILE E 214 4.82 -30.26 53.32
C ILE E 214 5.07 -31.74 53.64
N LYS E 215 6.21 -32.02 54.28
CA LYS E 215 6.63 -33.38 54.65
C LYS E 215 6.01 -33.74 55.99
N TYR E 216 5.18 -34.80 55.98
CA TYR E 216 4.53 -35.32 57.18
C TYR E 216 5.18 -36.66 57.55
N MET E 217 5.09 -37.02 58.83
CA MET E 217 5.61 -38.28 59.36
C MET E 217 4.49 -39.34 59.35
N THR E 218 4.91 -40.61 59.49
CA THR E 218 4.00 -41.73 59.70
C THR E 218 3.77 -41.89 61.20
N ILE E 219 2.55 -41.57 61.63
CA ILE E 219 2.10 -41.72 63.01
C ILE E 219 0.77 -42.48 62.99
N ALA E 220 0.57 -43.33 63.99
CA ALA E 220 -0.66 -44.11 64.14
C ALA E 220 -1.87 -43.17 64.08
N PHE E 221 -2.89 -43.56 63.31
CA PHE E 221 -4.18 -42.83 63.30
C PHE E 221 -4.87 -43.03 64.67
N SER E 222 -5.37 -41.93 65.22
CA SER E 222 -6.09 -41.94 66.49
C SER E 222 -7.03 -40.72 66.56
N PHE E 223 -8.25 -40.93 67.06
CA PHE E 223 -9.25 -39.87 67.20
C PHE E 223 -9.41 -39.50 68.69
N GLY E 224 -8.47 -39.96 69.52
CA GLY E 224 -8.40 -39.62 70.94
C GLY E 224 -8.05 -38.15 71.13
N GLN E 225 -8.29 -37.65 72.36
CA GLN E 225 -8.22 -36.24 72.69
C GLN E 225 -6.84 -35.65 72.34
N GLU E 226 -5.77 -36.36 72.71
CA GLU E 226 -4.39 -35.88 72.54
C GLU E 226 -4.06 -35.67 71.06
N ALA E 227 -4.74 -36.41 70.16
CA ALA E 227 -4.42 -36.46 68.75
C ALA E 227 -4.73 -35.14 68.03
N TYR E 228 -5.54 -34.27 68.66
CA TYR E 228 -5.97 -32.97 68.09
C TYR E 228 -4.93 -31.86 68.34
N SER E 229 -3.91 -32.17 69.14
CA SER E 229 -2.78 -31.25 69.38
C SER E 229 -1.51 -31.73 68.65
N ASP E 230 -1.66 -32.77 67.81
CA ASP E 230 -0.55 -33.44 67.14
C ASP E 230 -0.66 -33.24 65.62
N TYR E 231 0.19 -32.38 65.07
CA TYR E 231 0.10 -31.96 63.68
C TYR E 231 1.21 -32.62 62.83
N ARG E 232 1.89 -33.62 63.39
CA ARG E 232 3.10 -34.20 62.77
C ARG E 232 2.73 -35.03 61.53
N GLY E 233 1.51 -35.57 61.49
CA GLY E 233 1.04 -36.40 60.39
C GLY E 233 0.02 -35.67 59.54
N ASN E 234 -0.27 -36.24 58.36
CA ASN E 234 -1.31 -35.75 57.45
C ASN E 234 -2.68 -36.17 58.00
N SER E 235 -3.45 -35.21 58.51
CA SER E 235 -4.73 -35.49 59.17
C SER E 235 -5.89 -35.52 58.17
N LEU E 236 -5.70 -34.94 56.98
CA LEU E 236 -6.68 -35.09 55.91
C LEU E 236 -6.76 -36.57 55.51
N SER E 237 -5.59 -37.16 55.29
CA SER E 237 -5.47 -38.58 54.92
C SER E 237 -6.09 -39.45 56.03
N GLN E 238 -5.87 -39.10 57.30
CA GLN E 238 -6.48 -39.80 58.43
C GLN E 238 -8.01 -39.75 58.33
N LEU E 239 -8.54 -38.57 57.98
CA LEU E 239 -9.98 -38.32 57.99
C LEU E 239 -10.64 -39.03 56.80
N LEU E 240 -9.98 -39.04 55.64
CA LEU E 240 -10.47 -39.72 54.45
C LEU E 240 -10.49 -41.25 54.68
N PHE E 241 -9.59 -41.74 55.54
CA PHE E 241 -9.69 -43.11 56.03
C PHE E 241 -10.93 -43.23 56.93
N GLY E 242 -11.01 -42.35 57.94
CA GLY E 242 -12.26 -42.07 58.65
C GLY E 242 -12.25 -42.46 60.12
N ASN E 243 -13.11 -41.77 60.87
CA ASN E 243 -13.41 -42.06 62.29
C ASN E 243 -14.27 -43.33 62.39
N ASP E 244 -15.11 -43.54 61.37
CA ASP E 244 -16.01 -44.69 61.22
C ASP E 244 -15.69 -45.36 59.88
N PRO E 245 -14.48 -45.95 59.74
CA PRO E 245 -13.93 -46.31 58.43
C PRO E 245 -14.60 -47.48 57.69
N ALA E 246 -15.34 -48.32 58.42
CA ALA E 246 -15.99 -49.52 57.87
C ALA E 246 -17.39 -49.20 57.30
N ASN E 247 -18.12 -48.30 57.97
CA ASN E 247 -19.47 -47.91 57.55
C ASN E 247 -19.39 -46.69 56.61
N ASN E 248 -18.38 -45.84 56.81
CA ASN E 248 -18.34 -44.53 56.19
C ASN E 248 -16.96 -44.24 55.61
N PRO E 249 -16.48 -45.05 54.64
CA PRO E 249 -15.22 -44.77 53.95
C PRO E 249 -15.39 -43.63 52.93
N SER E 250 -14.31 -43.28 52.23
CA SER E 250 -14.33 -42.24 51.21
C SER E 250 -14.76 -42.86 49.87
N TYR E 251 -16.09 -43.00 49.70
CA TYR E 251 -16.70 -43.40 48.44
C TYR E 251 -16.50 -42.26 47.43
N LEU E 252 -16.19 -42.60 46.18
CA LEU E 252 -15.99 -41.61 45.11
C LEU E 252 -17.35 -41.18 44.54
N CYS E 253 -17.43 -39.89 44.18
CA CYS E 253 -18.59 -39.31 43.51
C CYS E 253 -18.59 -39.74 42.05
N SER E 254 -19.79 -39.90 41.47
CA SER E 254 -19.97 -40.42 40.11
C SER E 254 -19.34 -39.47 39.07
N THR E 255 -19.42 -38.16 39.33
CA THR E 255 -18.95 -37.17 38.38
C THR E 255 -17.45 -37.36 38.11
N PHE E 256 -16.70 -37.68 39.16
CA PHE E 256 -15.23 -37.79 39.16
C PHE E 256 -14.80 -39.17 38.66
N PHE E 257 -15.44 -40.22 39.19
CA PHE E 257 -15.13 -41.58 38.77
C PHE E 257 -15.42 -41.75 37.27
N ASN E 258 -16.55 -41.17 36.80
CA ASN E 258 -16.96 -41.32 35.40
C ASN E 258 -16.07 -40.46 34.48
N GLN E 259 -15.59 -39.29 34.95
CA GLN E 259 -14.60 -38.52 34.19
C GLN E 259 -13.39 -39.41 33.89
N LEU E 260 -12.87 -40.06 34.94
CA LEU E 260 -11.70 -40.91 34.82
C LEU E 260 -12.04 -42.07 33.88
N TYR E 261 -13.01 -42.89 34.28
CA TYR E 261 -13.34 -44.16 33.62
C TYR E 261 -13.72 -43.93 32.15
N ASN E 262 -14.65 -42.99 31.90
CA ASN E 262 -15.21 -42.79 30.56
C ASN E 262 -14.19 -42.17 29.59
N SER E 263 -13.12 -41.57 30.14
CA SER E 263 -12.06 -40.93 29.34
C SER E 263 -10.85 -41.87 29.13
N GLY E 264 -10.92 -43.09 29.68
CA GLY E 264 -9.80 -44.02 29.66
C GLY E 264 -8.58 -43.44 30.35
N ASP E 265 -8.82 -42.72 31.45
CA ASP E 265 -7.77 -42.06 32.22
C ASP E 265 -6.92 -43.15 32.90
N PRO E 266 -5.60 -43.20 32.63
CA PRO E 266 -4.70 -44.12 33.32
C PRO E 266 -4.78 -44.09 34.86
N ARG E 267 -5.23 -42.97 35.43
CA ARG E 267 -5.30 -42.74 36.87
C ARG E 267 -6.59 -43.35 37.49
N THR E 268 -7.53 -43.84 36.67
CA THR E 268 -8.86 -44.32 37.14
C THR E 268 -8.71 -45.24 38.37
N PHE E 269 -7.93 -46.30 38.21
CA PHE E 269 -7.75 -47.35 39.21
C PHE E 269 -6.43 -47.19 39.95
N LYS E 270 -5.82 -46.00 39.84
CA LYS E 270 -4.73 -45.56 40.72
C LYS E 270 -5.31 -44.78 41.90
N ILE E 271 -6.28 -43.91 41.60
CA ILE E 271 -6.98 -43.07 42.57
C ILE E 271 -8.02 -43.89 43.34
N SER E 272 -8.73 -44.80 42.65
CA SER E 272 -9.85 -45.54 43.24
C SER E 272 -9.70 -47.06 43.04
N ARG E 273 -10.24 -47.81 43.98
CA ARG E 273 -10.44 -49.26 43.86
C ARG E 273 -11.79 -49.63 44.49
N CYS E 274 -12.26 -50.84 44.22
CA CYS E 274 -13.36 -51.44 44.95
C CYS E 274 -12.80 -52.45 45.96
N TYR E 275 -13.12 -52.22 47.24
CA TYR E 275 -12.58 -52.97 48.37
C TYR E 275 -13.72 -53.64 49.17
N TYR E 276 -13.46 -54.88 49.61
CA TYR E 276 -14.19 -55.49 50.71
C TYR E 276 -13.43 -55.21 52.02
N ASP E 277 -14.07 -54.51 52.96
CA ASP E 277 -13.41 -54.03 54.18
C ASP E 277 -13.83 -54.84 55.41
N GLY E 278 -14.20 -56.11 55.23
CA GLY E 278 -14.75 -56.95 56.30
C GLY E 278 -13.73 -57.34 57.36
N LEU E 279 -12.45 -57.36 56.98
CA LEU E 279 -11.37 -57.74 57.90
C LEU E 279 -10.43 -56.55 58.15
N MET E 280 -10.81 -55.38 57.66
CA MET E 280 -9.99 -54.18 57.74
C MET E 280 -9.82 -53.78 59.21
N SER E 281 -8.59 -53.43 59.59
CA SER E 281 -8.26 -52.89 60.93
C SER E 281 -9.07 -51.60 61.17
N ALA E 282 -9.39 -51.32 62.44
CA ALA E 282 -10.19 -50.15 62.82
C ALA E 282 -9.34 -48.87 62.76
N THR E 283 -8.01 -49.05 62.84
CA THR E 283 -7.04 -47.96 63.00
C THR E 283 -6.30 -47.70 61.67
N SER E 284 -6.50 -48.56 60.67
CA SER E 284 -5.57 -48.67 59.56
C SER E 284 -6.27 -49.21 58.32
N PRO E 285 -5.87 -48.79 57.10
CA PRO E 285 -6.40 -49.38 55.86
C PRO E 285 -5.69 -50.68 55.48
N ASP E 286 -5.52 -51.58 56.46
CA ASP E 286 -4.82 -52.85 56.30
C ASP E 286 -5.85 -53.99 56.20
N ASN E 287 -5.49 -55.04 55.45
CA ASN E 287 -6.27 -56.27 55.25
C ASN E 287 -7.56 -55.99 54.47
N ARG E 288 -7.52 -55.00 53.56
CA ARG E 288 -8.61 -54.78 52.62
C ARG E 288 -8.45 -55.77 51.45
N VAL E 289 -9.57 -56.32 50.99
CA VAL E 289 -9.60 -57.22 49.85
C VAL E 289 -9.97 -56.40 48.61
N ASP E 290 -9.05 -56.37 47.63
CA ASP E 290 -9.21 -55.65 46.38
C ASP E 290 -10.02 -56.53 45.43
N ILE E 291 -11.26 -56.10 45.11
CA ILE E 291 -12.19 -56.87 44.27
C ILE E 291 -12.38 -56.19 42.91
N THR E 292 -11.53 -55.20 42.59
CA THR E 292 -11.70 -54.37 41.41
C THR E 292 -11.61 -55.22 40.14
N GLN E 293 -10.50 -55.97 40.02
CA GLN E 293 -10.18 -56.76 38.81
C GLN E 293 -11.19 -57.90 38.66
N GLU E 294 -11.67 -58.43 39.79
CA GLU E 294 -12.70 -59.49 39.81
C GLU E 294 -14.01 -58.95 39.22
N MET E 295 -14.36 -57.68 39.55
CA MET E 295 -15.59 -57.04 39.08
C MET E 295 -15.52 -56.84 37.55
N ILE E 296 -14.37 -56.39 37.06
CA ILE E 296 -14.14 -56.23 35.62
C ILE E 296 -14.25 -57.59 34.92
N GLU E 297 -13.51 -58.58 35.44
CA GLU E 297 -13.45 -59.94 34.85
C GLU E 297 -14.87 -60.51 34.72
N LYS E 298 -15.72 -60.21 35.69
CA LYS E 298 -17.02 -60.85 35.87
C LYS E 298 -18.16 -59.97 35.32
N GLY E 299 -17.84 -58.75 34.88
CA GLY E 299 -18.77 -57.86 34.17
C GLY E 299 -19.76 -57.18 35.11
N ILE E 300 -19.27 -56.72 36.27
CA ILE E 300 -20.08 -56.06 37.30
C ILE E 300 -19.89 -54.54 37.17
N ALA E 301 -21.00 -53.81 37.05
CA ALA E 301 -20.98 -52.36 36.88
C ALA E 301 -20.54 -51.70 38.19
N PHE E 302 -19.68 -50.67 38.06
CA PHE E 302 -19.33 -49.82 39.16
C PHE E 302 -20.50 -48.86 39.43
N SER E 303 -20.77 -48.58 40.71
CA SER E 303 -21.90 -47.76 41.11
C SER E 303 -21.41 -46.57 41.93
N PRO E 304 -20.68 -45.60 41.33
CA PRO E 304 -20.26 -44.42 42.07
C PRO E 304 -21.48 -43.58 42.46
N ARG E 305 -21.32 -42.73 43.48
CA ARG E 305 -22.42 -42.06 44.15
C ARG E 305 -22.68 -40.70 43.48
N ASP E 306 -23.89 -40.52 42.97
CA ASP E 306 -24.29 -39.24 42.41
C ASP E 306 -24.24 -38.20 43.52
N PRO E 307 -24.05 -36.90 43.18
CA PRO E 307 -24.22 -35.82 44.15
C PRO E 307 -25.56 -35.88 44.90
N GLY E 308 -25.50 -36.02 46.22
CA GLY E 308 -26.67 -36.10 47.10
C GLY E 308 -26.95 -37.51 47.59
N ALA E 309 -26.29 -38.51 46.97
CA ALA E 309 -26.53 -39.92 47.29
C ALA E 309 -25.72 -40.32 48.53
N TYR E 310 -26.29 -41.23 49.32
CA TYR E 310 -25.56 -41.94 50.36
C TYR E 310 -25.10 -43.28 49.77
N SER E 311 -24.20 -43.97 50.48
CA SER E 311 -23.76 -45.30 50.05
C SER E 311 -24.95 -46.28 50.08
N TRP E 312 -25.95 -45.99 50.92
CA TRP E 312 -27.12 -46.87 51.12
C TRP E 312 -28.34 -46.37 50.32
N GLU E 313 -28.28 -45.16 49.73
CA GLU E 313 -29.44 -44.52 49.05
C GLU E 313 -28.95 -43.85 47.75
N PRO E 314 -29.05 -44.50 46.57
CA PRO E 314 -29.72 -45.79 46.39
C PRO E 314 -28.83 -47.02 46.61
N TRP E 315 -29.42 -48.10 47.14
CA TRP E 315 -28.71 -49.33 47.43
C TRP E 315 -28.36 -50.01 46.10
N PRO E 316 -27.07 -50.37 45.87
CA PRO E 316 -26.65 -50.88 44.56
C PRO E 316 -26.91 -52.38 44.33
N THR E 317 -26.87 -52.78 43.06
CA THR E 317 -26.84 -54.18 42.69
C THR E 317 -25.43 -54.72 42.94
N GLY E 318 -25.34 -55.86 43.60
CA GLY E 318 -24.07 -56.49 43.94
C GLY E 318 -23.88 -57.81 43.21
N TYR E 319 -23.02 -58.67 43.78
CA TYR E 319 -22.65 -59.97 43.19
C TYR E 319 -21.99 -60.83 44.27
N ASP E 320 -21.82 -62.12 43.97
CA ASP E 320 -21.13 -63.09 44.85
C ASP E 320 -19.64 -63.17 44.44
N SER E 321 -18.76 -62.75 45.36
CA SER E 321 -17.32 -62.68 45.16
C SER E 321 -16.68 -64.05 45.44
N ASP E 322 -15.91 -64.56 44.46
CA ASP E 322 -15.12 -65.80 44.60
C ASP E 322 -13.93 -65.59 45.55
N ILE E 323 -13.23 -64.45 45.41
CA ILE E 323 -12.10 -64.10 46.27
C ILE E 323 -12.54 -64.11 47.75
N CYS E 324 -13.67 -63.48 48.05
CA CYS E 324 -14.17 -63.37 49.42
C CYS E 324 -14.67 -64.73 49.94
N ALA E 325 -15.22 -65.55 49.02
CA ALA E 325 -15.66 -66.92 49.35
C ALA E 325 -14.47 -67.78 49.79
N GLU E 326 -13.36 -67.69 49.06
CA GLU E 326 -12.13 -68.44 49.38
C GLU E 326 -11.64 -68.00 50.76
N LEU E 327 -11.69 -66.71 51.02
CA LEU E 327 -11.17 -66.11 52.26
C LEU E 327 -11.92 -66.62 53.49
N ALA E 328 -13.12 -67.19 53.30
CA ALA E 328 -14.06 -67.51 54.39
C ALA E 328 -13.73 -68.86 55.05
N VAL E 329 -12.85 -69.67 54.46
CA VAL E 329 -12.52 -70.99 55.06
C VAL E 329 -11.82 -70.74 56.40
N ASN E 330 -10.91 -69.76 56.45
CA ASN E 330 -10.13 -69.44 57.66
C ASN E 330 -10.67 -68.20 58.37
N ASN E 331 -11.44 -67.35 57.66
CA ASN E 331 -12.05 -66.14 58.22
C ASN E 331 -13.57 -66.23 58.11
N PRO E 332 -14.25 -67.01 58.98
CA PRO E 332 -15.68 -67.31 58.79
C PRO E 332 -16.65 -66.14 59.01
N SER E 333 -16.15 -64.95 59.37
CA SER E 333 -16.95 -63.73 59.52
C SER E 333 -17.12 -62.99 58.18
N VAL E 334 -16.57 -63.56 57.10
CA VAL E 334 -16.59 -62.98 55.76
C VAL E 334 -17.82 -63.49 55.00
N THR E 335 -18.57 -62.58 54.37
CA THR E 335 -19.64 -62.91 53.42
C THR E 335 -19.07 -62.80 52.00
N ALA E 336 -19.49 -63.70 51.12
CA ALA E 336 -19.10 -63.67 49.72
C ALA E 336 -19.91 -62.59 48.98
N THR E 337 -21.13 -62.31 49.46
CA THR E 337 -22.10 -61.50 48.69
C THR E 337 -21.77 -60.01 48.92
N MET E 338 -21.38 -59.33 47.84
CA MET E 338 -21.01 -57.92 47.86
C MET E 338 -22.24 -57.06 47.55
N ALA E 339 -22.28 -55.85 48.10
CA ALA E 339 -23.34 -54.87 47.81
C ALA E 339 -22.70 -53.49 47.61
N ARG E 340 -22.52 -52.72 48.69
CA ARG E 340 -21.97 -51.36 48.61
C ARG E 340 -20.47 -51.37 48.26
N GLU E 341 -19.89 -52.57 48.14
CA GLU E 341 -18.50 -52.70 47.79
C GLU E 341 -18.28 -52.46 46.29
N VAL E 342 -19.38 -52.42 45.50
CA VAL E 342 -19.32 -52.12 44.06
C VAL E 342 -19.27 -50.61 43.82
N GLU E 343 -19.26 -49.81 44.89
CA GLU E 343 -19.08 -48.36 44.82
C GLU E 343 -17.60 -48.04 44.99
N PRO E 344 -16.89 -47.48 43.96
CA PRO E 344 -15.48 -47.15 44.08
C PRO E 344 -15.16 -46.33 45.34
N LYS E 345 -14.07 -46.72 46.01
CA LYS E 345 -13.54 -46.01 47.17
C LYS E 345 -12.18 -45.43 46.82
N LEU E 346 -11.70 -44.50 47.65
CA LEU E 346 -10.37 -43.93 47.52
C LEU E 346 -9.35 -45.03 47.79
N ALA E 347 -8.30 -45.11 46.96
CA ALA E 347 -7.25 -46.13 47.08
C ALA E 347 -6.41 -45.90 48.34
N ASN E 348 -5.81 -46.98 48.84
CA ASN E 348 -5.00 -46.99 50.07
C ASN E 348 -3.84 -46.00 49.97
N ASN E 349 -3.27 -45.83 48.77
CA ASN E 349 -2.12 -44.97 48.55
C ASN E 349 -2.39 -43.56 49.06
N PHE E 350 -3.67 -43.15 49.08
CA PHE E 350 -4.07 -41.80 49.46
C PHE E 350 -4.59 -41.77 50.90
N LEU E 351 -4.32 -42.82 51.68
CA LEU E 351 -4.82 -42.97 53.06
C LEU E 351 -3.65 -43.20 54.03
N LYS E 352 -2.52 -42.51 53.77
CA LYS E 352 -1.27 -42.73 54.50
C LYS E 352 -0.95 -41.46 55.31
N SER E 353 -0.46 -41.66 56.54
CA SER E 353 -0.13 -40.56 57.43
C SER E 353 0.98 -39.67 56.85
N ASP E 354 1.81 -40.23 55.96
CA ASP E 354 2.99 -39.52 55.41
C ASP E 354 2.71 -38.96 54.01
N ASN E 355 1.46 -39.03 53.56
CA ASN E 355 1.04 -38.33 52.36
C ASN E 355 1.49 -36.88 52.46
N PRO E 356 2.01 -36.26 51.37
CA PRO E 356 2.46 -34.87 51.43
C PRO E 356 1.30 -33.88 51.52
N GLY E 357 1.59 -32.72 52.12
CA GLY E 357 0.70 -31.57 52.09
C GLY E 357 0.99 -30.73 50.88
N VAL E 358 0.08 -30.76 49.90
CA VAL E 358 0.28 -30.11 48.62
C VAL E 358 -0.04 -28.63 48.77
N VAL E 359 0.96 -27.80 48.49
CA VAL E 359 0.81 -26.37 48.38
C VAL E 359 0.68 -26.03 46.88
N MET E 360 1.69 -26.43 46.09
CA MET E 360 1.71 -26.17 44.65
C MET E 360 2.71 -27.08 43.92
N THR E 361 2.33 -27.49 42.71
CA THR E 361 3.02 -28.47 41.90
C THR E 361 3.42 -27.81 40.56
N SER E 362 4.44 -28.39 39.92
CA SER E 362 4.91 -28.00 38.58
C SER E 362 3.81 -28.29 37.55
N ALA E 363 3.01 -29.34 37.80
CA ALA E 363 1.89 -29.71 36.94
C ALA E 363 0.91 -28.54 36.81
N GLU E 364 0.57 -27.92 37.95
CA GLU E 364 -0.34 -26.77 37.99
C GLU E 364 0.25 -25.62 37.18
N VAL E 365 1.56 -25.38 37.33
CA VAL E 365 2.22 -24.27 36.64
C VAL E 365 2.08 -24.47 35.12
N LYS E 366 2.24 -25.71 34.64
CA LYS E 366 2.04 -26.06 33.23
C LYS E 366 0.61 -25.72 32.78
N PHE E 367 -0.40 -26.13 33.57
CA PHE E 367 -1.80 -25.88 33.21
C PHE E 367 -2.08 -24.37 33.17
N LEU E 368 -1.45 -23.63 34.07
CA LEU E 368 -1.61 -22.18 34.13
C LEU E 368 -1.00 -21.56 32.88
N MET E 369 0.19 -22.05 32.50
CA MET E 369 0.93 -21.58 31.31
C MET E 369 0.10 -21.81 30.04
N ALA E 370 -0.55 -22.99 29.97
CA ALA E 370 -1.39 -23.38 28.86
C ALA E 370 -2.57 -22.41 28.74
N GLU E 371 -3.27 -22.16 29.85
CA GLU E 371 -4.43 -21.29 29.87
C GLU E 371 -3.99 -19.87 29.47
N ALA E 372 -2.88 -19.40 30.04
CA ALA E 372 -2.30 -18.09 29.70
C ALA E 372 -2.07 -18.00 28.18
N THR E 373 -1.62 -19.10 27.57
CA THR E 373 -1.31 -19.12 26.13
C THR E 373 -2.61 -19.10 25.30
N VAL E 374 -3.61 -19.87 25.72
CA VAL E 374 -4.91 -19.84 25.04
C VAL E 374 -5.50 -18.42 25.13
N LYS E 375 -5.30 -17.76 26.27
CA LYS E 375 -5.78 -16.39 26.52
C LYS E 375 -4.94 -15.35 25.75
N LYS E 376 -3.89 -15.80 25.06
CA LYS E 376 -3.10 -14.95 24.16
C LYS E 376 -2.19 -14.02 24.97
N TRP E 377 -1.80 -14.42 26.19
CA TRP E 377 -0.82 -13.69 26.96
C TRP E 377 0.59 -14.02 26.42
N ASN E 378 1.52 -13.07 26.57
CA ASN E 378 2.90 -13.18 26.04
C ASN E 378 3.79 -13.88 27.07
N VAL E 379 3.88 -15.20 26.94
CA VAL E 379 4.28 -16.10 28.00
C VAL E 379 5.42 -17.04 27.53
N GLY E 380 5.99 -16.77 26.35
CA GLY E 380 7.09 -17.59 25.79
C GLY E 380 6.71 -18.23 24.46
N SER E 381 7.49 -19.23 24.05
CA SER E 381 7.41 -19.79 22.69
C SER E 381 7.01 -21.28 22.69
N VAL E 382 6.63 -21.84 23.83
CA VAL E 382 6.08 -23.19 23.88
C VAL E 382 4.58 -23.10 23.53
N SER E 383 4.09 -24.11 22.79
CA SER E 383 2.70 -24.14 22.32
C SER E 383 1.78 -24.50 23.49
N ALA E 384 0.54 -24.01 23.46
CA ALA E 384 -0.44 -24.26 24.49
C ALA E 384 -0.64 -25.78 24.66
N GLU E 385 -0.64 -26.50 23.53
CA GLU E 385 -0.89 -27.94 23.50
C GLU E 385 0.25 -28.68 24.22
N ASP E 386 1.50 -28.31 23.93
CA ASP E 386 2.66 -28.94 24.56
C ASP E 386 2.65 -28.66 26.07
N LEU E 387 2.29 -27.43 26.46
CA LEU E 387 2.20 -27.07 27.86
C LEU E 387 1.10 -27.90 28.55
N TYR E 388 -0.03 -28.09 27.86
CA TYR E 388 -1.13 -28.92 28.36
C TYR E 388 -0.66 -30.38 28.52
N LYS E 389 0.01 -30.92 27.51
CA LYS E 389 0.52 -32.30 27.54
C LYS E 389 1.54 -32.47 28.67
N GLN E 390 2.35 -31.42 28.90
CA GLN E 390 3.38 -31.40 29.97
C GLN E 390 2.68 -31.39 31.34
N GLY E 391 1.59 -30.62 31.45
CA GLY E 391 0.75 -30.58 32.65
C GLY E 391 0.16 -31.93 33.01
N VAL E 392 -0.48 -32.57 32.04
CA VAL E 392 -1.14 -33.87 32.23
C VAL E 392 -0.08 -34.92 32.56
N ARG E 393 1.07 -34.88 31.86
CA ARG E 393 2.15 -35.85 32.06
C ARG E 393 2.71 -35.74 33.48
N ALA E 394 2.91 -34.50 33.96
CA ALA E 394 3.42 -34.23 35.32
C ALA E 394 2.36 -34.63 36.37
N ALA E 395 1.09 -34.38 36.06
CA ALA E 395 -0.05 -34.70 36.96
C ALA E 395 -0.14 -36.21 37.21
N ILE E 396 0.03 -37.00 36.15
CA ILE E 396 0.02 -38.46 36.23
C ILE E 396 1.22 -38.91 37.06
N ASP E 397 2.40 -38.36 36.76
CA ASP E 397 3.67 -38.76 37.38
C ASP E 397 3.69 -38.34 38.85
N PHE E 398 2.95 -37.27 39.18
CA PHE E 398 2.80 -36.79 40.57
C PHE E 398 2.35 -37.94 41.48
N LEU E 399 1.45 -38.79 40.98
CA LEU E 399 0.91 -39.94 41.73
C LEU E 399 2.00 -40.99 41.98
N THR E 400 2.81 -41.25 40.94
CA THR E 400 3.87 -42.25 40.99
C THR E 400 4.96 -41.84 42.00
N ASP E 401 5.36 -40.56 41.95
CA ASP E 401 6.50 -40.08 42.72
C ASP E 401 6.16 -39.94 44.21
N ASN E 402 4.94 -39.50 44.52
CA ASN E 402 4.58 -39.00 45.85
C ASN E 402 3.54 -39.88 46.57
N TYR E 403 2.88 -40.80 45.85
CA TYR E 403 1.89 -41.67 46.49
C TYR E 403 2.15 -43.14 46.16
N GLY E 404 3.24 -43.41 45.44
CA GLY E 404 3.69 -44.77 45.16
C GLY E 404 2.72 -45.55 44.27
N CYS E 405 1.97 -44.85 43.42
CA CYS E 405 1.13 -45.51 42.41
C CYS E 405 2.01 -46.13 41.32
N THR E 406 1.42 -47.05 40.55
CA THR E 406 2.02 -47.65 39.38
C THR E 406 2.36 -46.56 38.36
N ALA E 407 3.50 -46.72 37.68
CA ALA E 407 3.92 -45.80 36.64
C ALA E 407 2.99 -45.95 35.42
N THR E 408 2.85 -44.86 34.66
CA THR E 408 2.11 -44.84 33.42
C THR E 408 3.12 -44.86 32.26
N THR E 409 3.01 -45.86 31.37
CA THR E 409 3.93 -46.04 30.25
C THR E 409 3.66 -44.95 29.21
N ASP E 410 4.63 -44.76 28.31
CA ASP E 410 4.54 -43.79 27.21
C ASP E 410 3.40 -44.18 26.27
N ALA E 411 3.18 -45.50 26.09
CA ALA E 411 2.07 -46.03 25.27
C ALA E 411 0.72 -45.72 25.92
N GLU E 412 0.61 -45.92 27.24
CA GLU E 412 -0.66 -45.67 27.96
C GLU E 412 -0.99 -44.17 27.89
N PHE E 413 0.05 -43.33 27.98
CA PHE E 413 -0.11 -41.87 27.92
C PHE E 413 -0.54 -41.42 26.52
N ASP E 414 0.05 -42.02 25.48
CA ASP E 414 -0.21 -41.62 24.10
C ASP E 414 -1.67 -41.98 23.74
N ALA E 415 -2.10 -43.18 24.13
CA ALA E 415 -3.46 -43.65 23.87
C ALA E 415 -4.49 -42.71 24.52
N PHE E 416 -4.18 -42.23 25.74
CA PHE E 416 -5.06 -41.31 26.46
C PHE E 416 -5.08 -39.93 25.79
N ILE E 417 -3.89 -39.35 25.55
CA ILE E 417 -3.78 -37.95 25.13
C ILE E 417 -4.26 -37.76 23.68
N GLN E 418 -4.22 -38.82 22.86
CA GLN E 418 -4.66 -38.72 21.47
C GLN E 418 -6.14 -39.07 21.34
N ASP E 419 -6.79 -39.49 22.43
CA ASP E 419 -8.21 -39.84 22.44
C ASP E 419 -8.96 -38.81 23.31
N LYS E 420 -9.46 -39.24 24.49
CA LYS E 420 -10.38 -38.43 25.30
C LYS E 420 -9.63 -37.39 26.14
N GLY E 421 -8.31 -37.53 26.25
CA GLY E 421 -7.45 -36.57 26.95
C GLY E 421 -6.88 -35.50 26.03
N ALA E 422 -7.37 -35.43 24.79
CA ALA E 422 -6.84 -34.49 23.78
C ALA E 422 -7.21 -33.05 24.17
N PHE E 423 -6.38 -32.12 23.73
CA PHE E 423 -6.43 -30.70 24.11
C PHE E 423 -7.66 -30.02 23.50
N GLY E 424 -7.95 -30.33 22.22
CA GLY E 424 -9.05 -29.69 21.47
C GLY E 424 -8.55 -28.63 20.49
N HIS E 425 -9.43 -28.23 19.57
CA HIS E 425 -9.08 -27.29 18.50
C HIS E 425 -9.81 -25.95 18.68
N THR E 426 -10.53 -25.81 19.80
CA THR E 426 -11.37 -24.66 20.10
C THR E 426 -10.94 -24.07 21.45
N ASP E 427 -10.98 -22.73 21.57
CA ASP E 427 -10.58 -22.03 22.80
C ASP E 427 -11.36 -22.57 24.01
N ASN E 428 -12.70 -22.61 23.90
CA ASN E 428 -13.58 -23.09 24.97
C ASN E 428 -13.25 -24.54 25.35
N GLN E 429 -13.02 -25.39 24.35
CA GLN E 429 -12.75 -26.81 24.56
C GLN E 429 -11.37 -26.97 25.20
N LYS E 430 -10.42 -26.10 24.83
CA LYS E 430 -9.07 -26.13 25.41
C LYS E 430 -9.14 -25.72 26.89
N LEU E 431 -9.85 -24.63 27.18
CA LEU E 431 -10.01 -24.15 28.56
C LEU E 431 -10.68 -25.24 29.40
N GLU E 432 -11.61 -25.99 28.81
CA GLU E 432 -12.33 -27.06 29.49
C GLU E 432 -11.37 -28.20 29.81
N ALA E 433 -10.58 -28.61 28.80
CA ALA E 433 -9.61 -29.68 28.96
C ALA E 433 -8.60 -29.32 30.07
N ILE E 434 -8.06 -28.09 30.01
CA ILE E 434 -7.02 -27.65 30.96
C ILE E 434 -7.58 -27.74 32.39
N ASN E 435 -8.78 -27.18 32.59
CA ASN E 435 -9.31 -27.00 33.94
C ASN E 435 -9.95 -28.30 34.45
N THR E 436 -10.47 -29.14 33.55
CA THR E 436 -10.91 -30.49 33.95
C THR E 436 -9.71 -31.32 34.40
N GLN E 437 -8.57 -31.16 33.72
CA GLN E 437 -7.33 -31.89 34.05
C GLN E 437 -6.73 -31.37 35.36
N ALA E 438 -6.80 -30.05 35.56
CA ALA E 438 -6.38 -29.42 36.81
C ALA E 438 -7.23 -29.95 37.98
N TRP E 439 -8.53 -30.08 37.72
CA TRP E 439 -9.50 -30.63 38.68
C TRP E 439 -9.03 -31.99 39.21
N ILE E 440 -8.53 -32.86 38.31
CA ILE E 440 -8.04 -34.20 38.70
C ILE E 440 -6.76 -34.05 39.52
N LEU E 441 -5.89 -33.12 39.11
CA LEU E 441 -4.59 -32.88 39.76
C LEU E 441 -4.80 -32.44 41.22
N HIS E 442 -5.78 -31.56 41.43
CA HIS E 442 -5.97 -30.88 42.71
C HIS E 442 -6.72 -31.76 43.73
N PHE E 443 -6.99 -33.02 43.40
CA PHE E 443 -7.79 -33.88 44.29
C PHE E 443 -7.25 -33.87 45.73
N THR E 444 -5.91 -33.92 45.88
CA THR E 444 -5.27 -33.98 47.21
C THR E 444 -5.00 -32.57 47.75
N ASN E 445 -5.54 -31.55 47.07
CA ASN E 445 -5.42 -30.12 47.43
C ASN E 445 -6.82 -29.51 47.43
N PRO E 446 -7.71 -29.88 48.37
CA PRO E 446 -9.12 -29.50 48.31
C PRO E 446 -9.43 -27.99 48.21
N ALA E 447 -8.66 -27.14 48.89
CA ALA E 447 -8.85 -25.67 48.80
C ALA E 447 -8.65 -25.19 47.36
N GLU E 448 -7.59 -25.66 46.70
CA GLU E 448 -7.25 -25.17 45.35
C GLU E 448 -8.25 -25.74 44.32
N CYS E 449 -8.61 -27.01 44.51
CA CYS E 449 -9.61 -27.67 43.71
C CYS E 449 -10.91 -26.83 43.67
N TRP E 450 -11.45 -26.52 44.86
CA TRP E 450 -12.72 -25.81 44.93
C TRP E 450 -12.61 -24.41 44.33
N ALA E 451 -11.49 -23.74 44.63
CA ALA E 451 -11.24 -22.39 44.13
C ALA E 451 -11.22 -22.40 42.60
N ASN E 452 -10.48 -23.35 41.99
CA ASN E 452 -10.27 -23.32 40.53
C ASN E 452 -11.56 -23.74 39.80
N VAL E 453 -12.36 -24.62 40.43
CA VAL E 453 -13.66 -25.03 39.89
C VAL E 453 -14.60 -23.82 39.80
N ARG E 454 -14.66 -23.04 40.89
CA ARG E 454 -15.51 -21.86 40.94
C ARG E 454 -15.02 -20.80 39.96
N ARG E 455 -13.69 -20.61 39.88
CA ARG E 455 -13.08 -19.56 39.06
C ARG E 455 -13.23 -19.88 37.55
N SER E 456 -12.82 -21.08 37.15
CA SER E 456 -12.78 -21.47 35.73
C SER E 456 -14.17 -21.83 35.21
N GLY E 457 -15.04 -22.31 36.09
CA GLY E 457 -16.35 -22.85 35.73
C GLY E 457 -16.27 -24.24 35.13
N TYR E 458 -15.13 -24.91 35.34
CA TYR E 458 -14.86 -26.26 34.81
C TYR E 458 -14.38 -27.16 35.94
N PRO E 459 -14.84 -28.43 36.03
CA PRO E 459 -15.90 -28.95 35.16
C PRO E 459 -17.23 -28.26 35.45
N LYS E 460 -18.17 -28.36 34.51
CA LYS E 460 -19.51 -27.81 34.69
C LYS E 460 -20.32 -28.78 35.56
N LEU E 461 -20.53 -28.40 36.82
CA LEU E 461 -21.16 -29.26 37.83
C LEU E 461 -22.65 -28.90 37.95
N LYS E 462 -23.47 -29.95 38.07
CA LYS E 462 -24.91 -29.85 38.25
C LYS E 462 -25.26 -30.07 39.73
N SER E 463 -26.26 -29.30 40.19
CA SER E 463 -26.77 -29.37 41.55
C SER E 463 -27.18 -30.80 41.89
N PRO E 464 -27.06 -31.23 43.17
CA PRO E 464 -27.71 -32.47 43.62
C PRO E 464 -29.20 -32.59 43.27
N ALA E 465 -29.89 -31.46 43.08
CA ALA E 465 -31.29 -31.45 42.66
C ALA E 465 -31.44 -32.14 41.30
N GLU E 466 -30.40 -32.00 40.46
CA GLU E 466 -30.40 -32.49 39.10
C GLU E 466 -30.34 -34.03 39.08
N TYR E 467 -29.91 -34.64 40.20
CA TYR E 467 -29.75 -36.09 40.34
C TYR E 467 -30.82 -36.71 41.28
N GLY E 468 -31.88 -35.94 41.59
CA GLY E 468 -33.10 -36.48 42.21
C GLY E 468 -33.19 -36.27 43.71
N PHE E 469 -32.28 -35.45 44.27
CA PHE E 469 -32.18 -35.24 45.72
C PHE E 469 -32.61 -33.81 46.07
N GLY E 470 -33.51 -33.25 45.27
CA GLY E 470 -33.96 -31.86 45.42
C GLY E 470 -34.63 -31.59 46.76
N GLN E 471 -35.36 -32.59 47.28
CA GLN E 471 -36.19 -32.43 48.47
C GLN E 471 -35.33 -32.20 49.74
N TYR E 472 -34.04 -32.57 49.67
CA TYR E 472 -33.16 -32.60 50.86
C TYR E 472 -32.37 -31.29 51.02
N LEU E 473 -32.47 -30.38 50.04
CA LEU E 473 -31.54 -29.25 49.93
C LEU E 473 -31.98 -28.09 50.83
N THR E 474 -31.90 -28.35 52.15
CA THR E 474 -32.10 -27.42 53.26
C THR E 474 -31.67 -26.00 52.87
N GLY E 475 -30.42 -25.85 52.41
CA GLY E 475 -29.74 -24.56 52.30
C GLY E 475 -29.77 -23.97 50.90
N GLY E 476 -30.61 -24.53 50.01
CA GLY E 476 -30.80 -24.00 48.66
C GLY E 476 -30.37 -25.00 47.59
N THR E 477 -30.77 -24.72 46.34
CA THR E 477 -30.61 -25.62 45.20
C THR E 477 -29.17 -25.52 44.64
N GLU E 478 -28.72 -24.30 44.36
CA GLU E 478 -27.42 -24.07 43.75
C GLU E 478 -26.31 -24.50 44.73
N ILE E 479 -25.21 -25.01 44.17
CA ILE E 479 -24.04 -25.42 44.95
C ILE E 479 -23.42 -24.16 45.58
N PRO E 480 -23.15 -24.15 46.91
CA PRO E 480 -22.52 -22.99 47.54
C PRO E 480 -21.20 -22.60 46.87
N VAL E 481 -20.92 -21.30 46.83
CA VAL E 481 -19.75 -20.76 46.16
C VAL E 481 -18.85 -20.05 47.18
N ARG E 482 -19.26 -20.04 48.45
CA ARG E 482 -18.41 -19.63 49.60
C ARG E 482 -19.01 -20.23 50.87
N LEU E 483 -18.32 -20.04 52.00
CA LEU E 483 -18.85 -20.38 53.32
C LEU E 483 -19.02 -19.10 54.14
N CYS E 484 -19.97 -19.13 55.08
CA CYS E 484 -20.36 -17.97 55.88
C CYS E 484 -19.41 -17.77 57.06
N TYR E 485 -19.32 -16.52 57.53
CA TYR E 485 -18.49 -16.11 58.66
C TYR E 485 -18.96 -16.79 59.94
N PRO E 486 -18.03 -17.15 60.86
CA PRO E 486 -18.40 -17.68 62.17
C PRO E 486 -19.25 -16.67 62.96
N VAL E 487 -20.37 -17.15 63.50
CA VAL E 487 -21.37 -16.30 64.15
C VAL E 487 -20.72 -15.49 65.29
N LEU E 488 -19.75 -16.09 66.00
CA LEU E 488 -19.09 -15.45 67.16
C LEU E 488 -18.37 -14.15 66.78
N GLU E 489 -18.03 -13.96 65.50
CA GLU E 489 -17.38 -12.71 65.05
C GLU E 489 -18.29 -11.52 65.37
N SER E 490 -19.59 -11.78 65.46
CA SER E 490 -20.58 -10.77 65.81
C SER E 490 -20.29 -10.14 67.18
N SER E 491 -19.71 -10.91 68.11
CA SER E 491 -19.36 -10.39 69.43
C SER E 491 -17.87 -9.98 69.52
N TYR E 492 -16.96 -10.79 68.94
CA TYR E 492 -15.51 -10.51 69.01
C TYR E 492 -15.18 -9.19 68.29
N ASN E 493 -15.85 -8.93 67.16
CA ASN E 493 -15.44 -7.92 66.19
C ASN E 493 -16.68 -7.39 65.45
N LYS E 494 -17.61 -6.79 66.20
CA LYS E 494 -18.97 -6.47 65.72
C LYS E 494 -18.92 -5.50 64.53
N LYS E 495 -18.25 -4.36 64.69
CA LYS E 495 -18.22 -3.31 63.65
C LYS E 495 -17.73 -3.89 62.33
N SER E 496 -16.54 -4.49 62.34
CA SER E 496 -15.89 -5.03 61.16
C SER E 496 -16.78 -6.08 60.48
N TYR E 497 -17.43 -6.92 61.31
CA TYR E 497 -18.28 -8.03 60.86
C TYR E 497 -19.47 -7.51 60.03
N ASN E 498 -20.15 -6.48 60.56
CA ASN E 498 -21.36 -5.93 59.95
C ASN E 498 -21.02 -5.18 58.65
N GLU E 499 -19.88 -4.48 58.64
CA GLU E 499 -19.40 -3.75 57.44
C GLU E 499 -19.23 -4.72 56.27
N ALA E 500 -18.62 -5.87 56.53
CA ALA E 500 -18.37 -6.89 55.50
C ALA E 500 -19.71 -7.43 54.97
N ILE E 501 -20.71 -7.54 55.86
CA ILE E 501 -22.01 -8.14 55.49
C ILE E 501 -22.86 -7.12 54.71
N GLU E 502 -22.69 -5.82 54.99
CA GLU E 502 -23.41 -4.77 54.23
C GLU E 502 -22.92 -4.75 52.77
N ARG E 503 -21.60 -4.92 52.56
CA ARG E 503 -20.99 -4.96 51.22
C ARG E 503 -21.67 -6.02 50.35
N MET E 504 -22.02 -7.15 50.96
CA MET E 504 -22.71 -8.26 50.29
C MET E 504 -24.21 -7.97 50.15
N GLY E 505 -24.67 -6.87 50.73
CA GLY E 505 -26.05 -6.40 50.55
C GLY E 505 -26.98 -6.80 51.69
N GLY E 506 -26.41 -7.16 52.85
CA GLY E 506 -27.14 -7.22 54.12
C GLY E 506 -27.10 -8.58 54.80
N THR E 507 -26.90 -9.65 54.03
CA THR E 507 -26.94 -11.02 54.54
C THR E 507 -25.60 -11.70 54.28
N ASP E 508 -25.30 -12.70 55.11
CA ASP E 508 -24.16 -13.58 55.01
C ASP E 508 -24.64 -14.91 54.42
N ASN E 509 -24.73 -14.95 53.10
CA ASN E 509 -25.31 -16.06 52.33
C ASN E 509 -24.16 -16.81 51.65
N TRP E 510 -24.29 -18.14 51.51
CA TRP E 510 -23.25 -18.95 50.85
C TRP E 510 -23.58 -19.19 49.37
N HIS E 511 -24.52 -18.41 48.82
CA HIS E 511 -24.75 -18.33 47.38
C HIS E 511 -24.20 -17.03 46.80
N SER E 512 -23.63 -16.16 47.65
CA SER E 512 -22.98 -14.91 47.20
C SER E 512 -21.62 -15.23 46.56
N LEU E 513 -21.47 -14.82 45.30
CA LEU E 513 -20.23 -14.97 44.57
C LEU E 513 -19.13 -14.15 45.27
N LEU E 514 -17.97 -14.78 45.48
CA LEU E 514 -16.74 -14.07 45.84
C LEU E 514 -16.38 -13.11 44.70
N TRP E 515 -15.58 -12.09 45.03
CA TRP E 515 -15.20 -11.02 44.10
C TRP E 515 -14.55 -11.57 42.81
N TRP E 516 -13.65 -12.55 42.93
CA TRP E 516 -12.95 -13.10 41.74
C TRP E 516 -13.85 -14.10 40.97
N ASP E 517 -14.97 -14.51 41.58
CA ASP E 517 -15.90 -15.46 40.96
C ASP E 517 -17.05 -14.70 40.28
N THR E 518 -17.00 -14.63 38.94
CA THR E 518 -17.90 -13.78 38.14
C THR E 518 -19.12 -14.58 37.66
N GLU E 519 -18.89 -15.79 37.15
CA GLU E 519 -19.95 -16.72 36.67
C GLU E 519 -20.28 -17.71 37.80
N ASN E 520 -21.31 -18.53 37.60
CA ASN E 520 -21.90 -19.35 38.67
C ASN E 520 -21.43 -20.80 38.53
N ASP F 2 12.35 -10.31 -59.72
CA ASP F 2 11.40 -10.16 -58.57
C ASP F 2 12.13 -9.55 -57.39
N PRO F 3 11.75 -8.34 -56.91
CA PRO F 3 12.50 -7.64 -55.87
C PRO F 3 12.64 -8.43 -54.55
N ASN F 4 11.61 -9.20 -54.20
CA ASN F 4 11.58 -9.95 -52.94
C ASN F 4 12.66 -11.04 -52.98
N ALA F 5 12.76 -11.75 -54.11
CA ALA F 5 13.79 -12.78 -54.29
C ALA F 5 15.19 -12.16 -54.15
N GLN F 6 15.37 -10.98 -54.77
CA GLN F 6 16.63 -10.25 -54.76
C GLN F 6 17.07 -9.97 -53.32
N LEU F 7 16.10 -9.66 -52.44
CA LEU F 7 16.35 -9.45 -51.01
C LEU F 7 16.87 -10.75 -50.38
N THR F 8 16.14 -11.85 -50.61
CA THR F 8 16.51 -13.17 -50.08
C THR F 8 17.98 -13.46 -50.42
N THR F 9 18.33 -13.27 -51.70
CA THR F 9 19.67 -13.57 -52.22
C THR F 9 20.71 -12.68 -51.53
N ALA F 10 20.37 -11.40 -51.33
CA ALA F 10 21.28 -10.43 -50.74
C ALA F 10 21.53 -10.77 -49.26
N GLN F 11 20.48 -11.22 -48.57
CA GLN F 11 20.57 -11.61 -47.16
C GLN F 11 21.52 -12.82 -47.04
N LEU F 12 21.22 -13.90 -47.79
CA LEU F 12 22.01 -15.12 -47.77
C LEU F 12 23.50 -14.81 -48.03
N GLN F 13 23.77 -13.93 -49.01
CA GLN F 13 25.13 -13.69 -49.47
C GLN F 13 25.99 -13.06 -48.36
N THR F 14 25.36 -12.30 -47.46
CA THR F 14 26.07 -11.54 -46.44
C THR F 14 27.10 -12.41 -45.71
N TYR F 15 26.72 -13.65 -45.37
CA TYR F 15 27.62 -14.61 -44.70
C TYR F 15 27.69 -15.95 -45.43
N GLY F 16 26.91 -16.12 -46.51
CA GLY F 16 26.81 -17.38 -47.25
C GLY F 16 27.82 -17.49 -48.39
N ASP F 17 28.40 -16.36 -48.81
CA ASP F 17 29.35 -16.31 -49.93
C ASP F 17 30.73 -16.75 -49.43
N LEU F 18 31.06 -18.01 -49.74
CA LEU F 18 32.32 -18.66 -49.29
C LEU F 18 33.53 -17.86 -49.79
N SER F 19 33.42 -17.31 -51.00
CA SER F 19 34.47 -16.52 -51.62
C SER F 19 34.79 -15.28 -50.75
N MET F 20 33.75 -14.57 -50.31
CA MET F 20 33.90 -13.26 -49.63
C MET F 20 34.42 -13.46 -48.20
N MET F 21 33.99 -14.53 -47.52
CA MET F 21 34.28 -14.73 -46.09
C MET F 21 35.80 -14.88 -45.85
N GLU F 22 36.55 -15.21 -46.90
CA GLU F 22 38.01 -15.31 -46.80
C GLU F 22 38.58 -14.06 -46.13
N ILE F 23 38.04 -12.88 -46.48
CA ILE F 23 38.60 -11.59 -46.07
C ILE F 23 38.56 -11.46 -44.54
N TYR F 24 37.50 -12.01 -43.93
CA TYR F 24 37.29 -11.88 -42.50
C TYR F 24 38.32 -12.73 -41.76
N ARG F 25 38.56 -13.95 -42.25
CA ARG F 25 39.52 -14.86 -41.62
C ARG F 25 40.96 -14.35 -41.82
N ASN F 26 41.22 -13.73 -42.96
CA ASN F 26 42.56 -13.27 -43.31
C ASN F 26 42.90 -11.98 -42.55
N TYR F 27 41.93 -11.07 -42.37
CA TYR F 27 42.22 -9.70 -41.92
C TYR F 27 41.49 -9.34 -40.61
N HIS F 28 40.16 -9.28 -40.66
CA HIS F 28 39.34 -8.71 -39.59
C HIS F 28 39.71 -9.34 -38.24
N TYR F 29 39.65 -10.67 -38.20
CA TYR F 29 39.83 -11.43 -36.97
C TYR F 29 41.23 -11.25 -36.37
N ALA F 30 42.21 -10.93 -37.23
CA ALA F 30 43.58 -10.64 -36.80
C ALA F 30 43.67 -9.23 -36.23
N PHE F 31 43.11 -8.27 -36.96
CA PHE F 31 43.13 -6.85 -36.60
C PHE F 31 42.34 -6.58 -35.31
N THR F 32 41.29 -7.36 -35.04
CA THR F 32 40.54 -7.25 -33.77
C THR F 32 41.19 -8.14 -32.70
N GLN F 33 42.21 -8.90 -33.10
CA GLN F 33 43.04 -9.70 -32.21
C GLN F 33 42.14 -10.67 -31.44
N GLN F 34 41.24 -11.33 -32.19
CA GLN F 34 40.32 -12.32 -31.65
C GLN F 34 40.81 -13.72 -32.04
N LEU F 35 41.11 -13.94 -33.33
CA LEU F 35 41.76 -15.16 -33.78
C LEU F 35 43.21 -14.87 -34.16
N MET F 36 44.08 -15.85 -33.93
CA MET F 36 45.48 -15.84 -34.37
C MET F 36 46.04 -17.26 -34.23
N GLY F 37 46.79 -17.72 -35.25
CA GLY F 37 47.42 -19.06 -35.26
C GLY F 37 47.28 -19.79 -36.59
N CYS F 38 46.05 -19.76 -37.13
CA CYS F 38 45.75 -20.21 -38.48
C CYS F 38 46.69 -19.50 -39.45
N TRP F 39 47.36 -20.27 -40.33
CA TRP F 39 48.26 -19.69 -41.32
C TRP F 39 47.62 -18.43 -41.92
N ASN F 40 46.44 -18.61 -42.50
CA ASN F 40 45.72 -17.57 -43.25
C ASN F 40 45.59 -16.30 -42.40
N THR F 41 45.22 -16.47 -41.13
CA THR F 41 44.93 -15.35 -40.22
C THR F 41 46.23 -14.63 -39.85
N THR F 42 47.25 -15.41 -39.45
CA THR F 42 48.55 -14.87 -38.99
C THR F 42 49.30 -14.22 -40.16
N ASN F 43 49.23 -14.84 -41.34
CA ASN F 43 50.02 -14.45 -42.51
C ASN F 43 49.62 -13.05 -42.99
N TYR F 44 48.33 -12.87 -43.29
CA TYR F 44 47.81 -11.67 -43.95
C TYR F 44 47.65 -10.55 -42.91
N GLY F 45 46.71 -10.75 -41.99
CA GLY F 45 46.31 -9.73 -41.03
C GLY F 45 47.26 -9.61 -39.85
N GLY F 46 47.75 -10.76 -39.36
CA GLY F 46 48.64 -10.81 -38.20
C GLY F 46 50.04 -10.27 -38.49
N ARG F 47 50.43 -10.21 -39.77
CA ARG F 47 51.77 -9.74 -40.16
C ARG F 47 51.69 -8.63 -41.22
N HIS F 48 50.51 -8.01 -41.39
CA HIS F 48 50.35 -6.83 -42.25
C HIS F 48 50.92 -7.11 -43.64
N THR F 49 50.41 -8.16 -44.30
CA THR F 49 50.71 -8.43 -45.69
C THR F 49 49.64 -7.78 -46.58
N LEU F 50 50.01 -6.68 -47.25
CA LEU F 50 49.17 -6.14 -48.31
C LEU F 50 48.95 -7.24 -49.35
N ASP F 51 47.72 -7.39 -49.83
CA ASP F 51 47.40 -8.28 -50.94
C ASP F 51 46.09 -7.78 -51.56
N ASN F 52 46.21 -7.20 -52.76
CA ASN F 52 45.10 -6.51 -53.37
C ASN F 52 43.94 -7.47 -53.61
N ASN F 53 44.24 -8.65 -54.15
CA ASN F 53 43.22 -9.65 -54.50
C ASN F 53 42.36 -9.93 -53.26
N GLU F 54 43.04 -10.15 -52.12
CA GLU F 54 42.43 -10.56 -50.87
C GLU F 54 41.75 -9.37 -50.20
N MET F 55 42.27 -8.16 -50.40
CA MET F 55 41.69 -6.95 -49.83
C MET F 55 40.40 -6.57 -50.56
N SER F 56 40.20 -7.09 -51.78
CA SER F 56 39.17 -6.59 -52.70
C SER F 56 37.84 -7.36 -52.59
N ARG F 57 37.77 -8.39 -51.73
CA ARG F 57 36.70 -9.38 -51.81
C ARG F 57 35.35 -8.74 -51.45
N ILE F 58 35.31 -7.88 -50.43
CA ILE F 58 34.05 -7.24 -50.00
C ILE F 58 33.55 -6.34 -51.13
N TRP F 59 34.46 -5.54 -51.69
CA TRP F 59 34.15 -4.61 -52.78
C TRP F 59 33.54 -5.36 -53.97
N THR F 60 34.29 -6.36 -54.44
CA THR F 60 33.97 -7.15 -55.64
C THR F 60 32.63 -7.87 -55.48
N SER F 61 32.46 -8.58 -54.36
CA SER F 61 31.31 -9.44 -54.14
C SER F 61 30.01 -8.62 -54.06
N PHE F 62 30.09 -7.43 -53.45
CA PHE F 62 28.89 -6.60 -53.22
C PHE F 62 28.55 -5.80 -54.47
N TYR F 63 29.55 -5.14 -55.09
CA TYR F 63 29.30 -4.25 -56.24
C TYR F 63 28.91 -5.03 -57.50
N THR F 64 29.15 -6.35 -57.52
CA THR F 64 28.79 -7.21 -58.66
C THR F 64 27.48 -7.97 -58.39
N GLN F 65 27.14 -8.19 -57.10
CA GLN F 65 25.97 -9.04 -56.74
C GLN F 65 25.00 -8.25 -55.83
N SER F 66 25.07 -8.46 -54.50
CA SER F 66 24.00 -8.06 -53.57
C SER F 66 23.61 -6.58 -53.80
N LEU F 67 24.59 -5.69 -53.61
CA LEU F 67 24.35 -4.25 -53.61
C LEU F 67 23.77 -3.81 -54.96
N LYS F 68 24.27 -4.42 -56.05
CA LYS F 68 23.88 -4.09 -57.41
C LYS F 68 22.44 -4.56 -57.66
N ASN F 69 22.12 -5.78 -57.21
CA ASN F 69 20.78 -6.37 -57.34
C ASN F 69 19.77 -5.55 -56.53
N ILE F 70 20.14 -5.24 -55.29
CA ILE F 70 19.32 -4.47 -54.36
C ILE F 70 19.05 -3.06 -54.91
N ILE F 71 20.06 -2.48 -55.58
CA ILE F 71 19.95 -1.14 -56.17
C ILE F 71 18.96 -1.19 -57.34
N ASP F 72 19.07 -2.25 -58.15
CA ASP F 72 18.12 -2.49 -59.24
C ASP F 72 16.71 -2.63 -58.65
N ALA F 73 16.58 -3.47 -57.63
CA ALA F 73 15.30 -3.76 -56.98
C ALA F 73 14.62 -2.47 -56.51
N GLN F 74 15.36 -1.67 -55.71
CA GLN F 74 14.78 -0.49 -55.04
C GLN F 74 14.48 0.60 -56.09
N TYR F 75 15.23 0.62 -57.20
CA TYR F 75 14.99 1.56 -58.28
C TYR F 75 13.63 1.27 -58.94
N ARG F 76 13.27 -0.01 -59.07
CA ARG F 76 12.06 -0.43 -59.78
C ARG F 76 10.82 -0.29 -58.89
N THR F 77 11.00 -0.31 -57.55
CA THR F 77 9.90 -0.26 -56.59
C THR F 77 9.80 1.13 -55.92
N ALA F 78 10.50 2.13 -56.47
CA ALA F 78 10.78 3.39 -55.78
C ALA F 78 9.50 4.18 -55.55
N GLU F 79 8.94 4.75 -56.62
CA GLU F 79 7.84 5.72 -56.53
C GLU F 79 6.49 4.98 -56.71
N ASP F 80 6.34 3.85 -56.01
CA ASP F 80 5.16 2.99 -56.08
C ASP F 80 4.55 2.87 -54.67
N ALA F 81 3.34 3.41 -54.51
CA ALA F 81 2.62 3.45 -53.23
C ALA F 81 2.17 2.04 -52.82
N GLU F 82 2.10 1.12 -53.78
CA GLU F 82 1.61 -0.25 -53.57
C GLU F 82 2.77 -1.23 -53.32
N LYS F 83 4.02 -0.76 -53.40
CA LYS F 83 5.21 -1.58 -53.12
C LYS F 83 6.16 -0.82 -52.18
N VAL F 84 5.58 -0.24 -51.13
CA VAL F 84 6.28 0.69 -50.24
C VAL F 84 7.04 -0.09 -49.16
N ASN F 85 6.59 -1.31 -48.85
CA ASN F 85 7.20 -2.12 -47.80
C ASN F 85 8.50 -2.73 -48.33
N ILE F 86 8.42 -3.49 -49.43
CA ILE F 86 9.61 -4.14 -50.01
C ILE F 86 10.64 -3.06 -50.35
N ASN F 87 10.17 -1.92 -50.88
CA ASN F 87 11.04 -0.80 -51.23
C ASN F 87 11.76 -0.30 -49.98
N SER F 88 11.03 -0.14 -48.88
CA SER F 88 11.60 0.33 -47.62
C SER F 88 12.61 -0.68 -47.05
N VAL F 89 12.25 -1.96 -47.06
CA VAL F 89 13.14 -3.03 -46.59
C VAL F 89 14.44 -2.98 -47.41
N LEU F 90 14.33 -2.85 -48.73
CA LEU F 90 15.47 -2.84 -49.65
C LEU F 90 16.38 -1.64 -49.34
N ARG F 91 15.78 -0.48 -49.07
CA ARG F 91 16.52 0.73 -48.76
C ARG F 91 17.31 0.55 -47.46
N ILE F 92 16.70 -0.13 -46.47
CA ILE F 92 17.32 -0.38 -45.17
C ILE F 92 18.51 -1.33 -45.37
N TYR F 93 18.30 -2.42 -46.11
CA TYR F 93 19.36 -3.41 -46.30
C TYR F 93 20.45 -2.87 -47.24
N ARG F 94 20.09 -1.94 -48.14
CA ARG F 94 21.07 -1.29 -49.01
C ARG F 94 22.05 -0.48 -48.14
N VAL F 95 21.51 0.24 -47.16
CA VAL F 95 22.30 1.04 -46.23
C VAL F 95 23.24 0.11 -45.45
N TYR F 96 22.74 -1.05 -45.04
CA TYR F 96 23.51 -1.97 -44.22
C TYR F 96 24.73 -2.49 -45.01
N LEU F 97 24.50 -2.96 -46.24
CA LEU F 97 25.58 -3.47 -47.08
C LEU F 97 26.60 -2.35 -47.35
N MET F 98 26.09 -1.17 -47.73
CA MET F 98 26.94 -0.04 -48.07
C MET F 98 27.80 0.37 -46.87
N SER F 99 27.27 0.19 -45.65
CA SER F 99 27.99 0.56 -44.44
C SER F 99 29.25 -0.32 -44.30
N ILE F 100 29.14 -1.58 -44.72
CA ILE F 100 30.27 -2.51 -44.71
C ILE F 100 31.32 -2.04 -45.73
N ILE F 101 30.87 -1.58 -46.89
CA ILE F 101 31.76 -1.13 -47.97
C ILE F 101 32.56 0.10 -47.50
N THR F 102 31.85 1.13 -47.01
CA THR F 102 32.50 2.40 -46.65
C THR F 102 33.32 2.27 -45.37
N ASP F 103 32.94 1.35 -44.47
CA ASP F 103 33.70 1.10 -43.23
C ASP F 103 34.94 0.25 -43.54
N THR F 104 34.98 -0.36 -44.73
CA THR F 104 36.14 -1.11 -45.19
C THR F 104 37.11 -0.17 -45.95
N TYR F 105 36.62 0.50 -47.00
CA TYR F 105 37.44 1.21 -47.99
C TYR F 105 37.32 2.74 -47.91
N GLY F 106 36.33 3.27 -47.18
CA GLY F 106 36.15 4.73 -47.08
C GLY F 106 35.28 5.27 -48.20
N ASP F 107 35.78 6.27 -48.94
CA ASP F 107 35.09 6.85 -50.08
C ASP F 107 34.78 5.72 -51.09
N ALA F 108 33.54 5.65 -51.58
CA ALA F 108 33.13 4.59 -52.50
C ALA F 108 31.86 4.99 -53.25
N PRO F 109 31.54 4.34 -54.40
CA PRO F 109 30.28 4.58 -55.10
C PRO F 109 29.05 4.21 -54.27
N PHE F 110 28.06 5.11 -54.24
CA PHE F 110 26.80 4.86 -53.55
C PHE F 110 25.65 5.52 -54.33
N SER F 111 25.61 6.86 -54.32
CA SER F 111 24.54 7.60 -55.01
C SER F 111 24.49 7.22 -56.49
N GLU F 112 25.65 7.12 -57.13
CA GLU F 112 25.74 6.87 -58.57
C GLU F 112 25.93 5.37 -58.88
N ALA F 113 26.06 4.54 -57.85
CA ALA F 113 26.40 3.13 -58.03
C ALA F 113 25.23 2.37 -58.69
N GLY F 114 25.58 1.38 -59.53
CA GLY F 114 24.65 0.36 -60.03
C GLY F 114 23.69 0.86 -61.10
N LEU F 115 24.03 1.99 -61.75
CA LEU F 115 23.14 2.62 -62.72
C LEU F 115 23.79 2.63 -64.11
N LYS F 121 25.01 6.05 -66.91
CA LYS F 121 25.81 6.21 -65.69
C LYS F 121 26.68 4.96 -65.48
N PHE F 122 27.86 4.96 -66.11
CA PHE F 122 28.74 3.78 -66.22
C PHE F 122 30.03 3.93 -65.39
N ASN F 123 30.41 5.16 -65.03
CA ASN F 123 31.63 5.44 -64.25
C ASN F 123 31.27 6.20 -62.98
N PRO F 124 30.72 5.51 -61.94
CA PRO F 124 30.25 6.19 -60.74
C PRO F 124 31.39 6.89 -59.98
N LYS F 125 31.10 8.07 -59.42
CA LYS F 125 32.04 8.77 -58.56
C LYS F 125 32.01 8.08 -57.19
N TYR F 126 33.12 8.18 -56.46
CA TYR F 126 33.23 7.71 -55.10
C TYR F 126 32.71 8.81 -54.16
N ASP F 127 31.53 8.57 -53.56
CA ASP F 127 30.98 9.47 -52.56
C ASP F 127 31.96 9.53 -51.38
N LYS F 128 32.17 10.74 -50.85
CA LYS F 128 32.92 10.93 -49.60
C LYS F 128 32.21 10.17 -48.47
N GLN F 129 32.98 9.58 -47.55
CA GLN F 129 32.40 8.79 -46.46
C GLN F 129 31.34 9.64 -45.73
N GLU F 130 31.70 10.90 -45.44
CA GLU F 130 30.84 11.89 -44.75
C GLU F 130 29.43 11.92 -45.38
N ASP F 131 29.38 11.99 -46.72
CA ASP F 131 28.13 12.12 -47.47
C ASP F 131 27.38 10.79 -47.47
N ILE F 132 28.12 9.67 -47.56
CA ILE F 132 27.55 8.34 -47.46
C ILE F 132 26.79 8.24 -46.13
N TYR F 133 27.42 8.72 -45.06
CA TYR F 133 26.88 8.61 -43.71
C TYR F 133 25.67 9.54 -43.55
N ASN F 134 25.70 10.72 -44.20
CA ASN F 134 24.53 11.60 -44.20
C ASN F 134 23.37 10.88 -44.87
N ALA F 135 23.65 10.23 -45.99
CA ALA F 135 22.66 9.50 -46.79
C ALA F 135 22.06 8.35 -45.98
N PHE F 136 22.87 7.72 -45.11
CA PHE F 136 22.41 6.63 -44.25
C PHE F 136 21.23 7.13 -43.40
N PHE F 137 21.45 8.22 -42.66
CA PHE F 137 20.45 8.76 -41.76
C PHE F 137 19.17 9.13 -42.53
N LEU F 138 19.31 9.82 -43.68
CA LEU F 138 18.14 10.26 -44.47
C LEU F 138 17.35 9.04 -44.98
N GLU F 139 18.08 8.03 -45.48
CA GLU F 139 17.46 6.84 -46.05
C GLU F 139 16.68 6.08 -44.96
N LEU F 140 17.32 5.84 -43.83
CA LEU F 140 16.75 5.02 -42.76
C LEU F 140 15.51 5.71 -42.18
N GLU F 141 15.60 7.03 -41.94
CA GLU F 141 14.51 7.84 -41.35
C GLU F 141 13.28 7.80 -42.27
N ASP F 142 13.50 7.99 -43.58
CA ASP F 142 12.45 8.02 -44.58
C ASP F 142 11.83 6.63 -44.74
N ALA F 143 12.69 5.60 -44.80
CA ALA F 143 12.24 4.21 -44.93
C ALA F 143 11.27 3.86 -43.81
N VAL F 144 11.65 4.21 -42.58
CA VAL F 144 10.86 3.93 -41.37
C VAL F 144 9.46 4.56 -41.51
N ASN F 145 9.40 5.76 -42.10
CA ASN F 145 8.17 6.56 -42.22
C ASN F 145 7.31 6.08 -43.40
N LYS F 146 7.91 5.40 -44.38
CA LYS F 146 7.19 4.93 -45.59
C LYS F 146 6.48 3.60 -45.31
N ILE F 147 7.11 2.78 -44.45
CA ILE F 147 6.60 1.47 -44.06
C ILE F 147 5.13 1.58 -43.66
N ASP F 148 4.31 0.68 -44.23
CA ASP F 148 2.87 0.61 -43.98
C ASP F 148 2.45 -0.86 -44.06
N PRO F 149 2.26 -1.54 -42.91
CA PRO F 149 1.95 -2.98 -42.87
C PRO F 149 0.67 -3.43 -43.61
N THR F 150 -0.21 -2.49 -43.92
CA THR F 150 -1.47 -2.79 -44.61
C THR F 150 -1.24 -3.03 -46.10
N LYS F 151 -0.14 -2.49 -46.63
CA LYS F 151 0.20 -2.58 -48.05
C LYS F 151 0.75 -3.97 -48.37
N ASP F 152 1.83 -4.03 -49.16
CA ASP F 152 2.39 -5.26 -49.74
C ASP F 152 3.07 -6.11 -48.66
N LYS F 153 2.92 -7.43 -48.78
CA LYS F 153 3.59 -8.40 -47.91
C LYS F 153 4.98 -8.71 -48.48
N VAL F 154 5.96 -8.80 -47.57
CA VAL F 154 7.35 -9.11 -47.90
C VAL F 154 7.55 -10.63 -47.74
N THR F 155 7.85 -11.29 -48.85
CA THR F 155 7.64 -12.73 -49.02
C THR F 155 8.91 -13.54 -48.74
N GLY F 156 10.08 -13.00 -49.07
CA GLY F 156 11.35 -13.75 -49.01
C GLY F 156 12.36 -13.11 -48.08
N ASP F 157 11.94 -12.79 -46.86
CA ASP F 157 12.78 -12.18 -45.84
C ASP F 157 13.22 -13.24 -44.84
N LEU F 158 14.53 -13.48 -44.75
CA LEU F 158 15.11 -14.51 -43.89
C LEU F 158 15.51 -13.94 -42.53
N ILE F 159 15.31 -12.64 -42.31
CA ILE F 159 15.69 -12.00 -41.05
C ILE F 159 14.46 -11.95 -40.12
N TYR F 160 13.42 -11.22 -40.51
CA TYR F 160 12.24 -10.98 -39.67
C TYR F 160 10.98 -11.62 -40.25
N ALA F 161 11.13 -12.41 -41.33
CA ALA F 161 10.04 -13.16 -41.95
C ALA F 161 8.88 -12.25 -42.37
N GLY F 162 9.18 -11.01 -42.79
CA GLY F 162 8.19 -10.10 -43.35
C GLY F 162 7.55 -9.18 -42.33
N ASP F 163 7.83 -9.41 -41.03
CA ASP F 163 7.39 -8.52 -39.95
C ASP F 163 8.07 -7.17 -40.16
N VAL F 164 7.33 -6.25 -40.76
CA VAL F 164 7.87 -5.04 -41.31
C VAL F 164 8.03 -3.99 -40.19
N THR F 165 7.34 -4.22 -39.05
CA THR F 165 7.50 -3.41 -37.82
C THR F 165 8.90 -3.63 -37.25
N LYS F 166 9.41 -4.86 -37.35
CA LYS F 166 10.75 -5.18 -36.88
C LYS F 166 11.81 -4.50 -37.77
N TRP F 167 11.52 -4.34 -39.06
CA TRP F 167 12.43 -3.63 -39.97
C TRP F 167 12.58 -2.16 -39.54
N GLN F 168 11.50 -1.56 -39.04
CA GLN F 168 11.54 -0.21 -38.48
C GLN F 168 12.52 -0.17 -37.30
N GLN F 169 12.43 -1.18 -36.42
CA GLN F 169 13.23 -1.28 -35.21
C GLN F 169 14.70 -1.44 -35.57
N LEU F 170 14.99 -2.25 -36.60
CA LEU F 170 16.36 -2.47 -37.11
C LEU F 170 16.91 -1.17 -37.69
N ALA F 171 16.09 -0.49 -38.50
CA ALA F 171 16.46 0.75 -39.18
C ALA F 171 16.86 1.83 -38.17
N ASN F 172 16.05 1.97 -37.13
CA ASN F 172 16.30 2.96 -36.08
C ASN F 172 17.49 2.52 -35.22
N SER F 173 17.64 1.20 -35.05
CA SER F 173 18.77 0.66 -34.32
C SER F 173 20.07 0.91 -35.11
N LEU F 174 20.01 0.78 -36.43
CA LEU F 174 21.17 1.10 -37.28
C LEU F 174 21.49 2.59 -37.19
N ARG F 175 20.45 3.44 -37.07
CA ARG F 175 20.67 4.88 -36.87
C ARG F 175 21.46 5.12 -35.58
N LEU F 176 21.18 4.34 -34.52
CA LEU F 176 21.97 4.38 -33.28
C LEU F 176 23.42 4.02 -33.60
N ARG F 177 23.64 2.90 -34.30
CA ARG F 177 24.98 2.40 -34.60
C ARG F 177 25.82 3.48 -35.29
N PHE F 178 25.22 4.11 -36.31
CA PHE F 178 25.92 5.10 -37.18
C PHE F 178 26.03 6.44 -36.48
N ALA F 179 25.03 6.80 -35.67
CA ALA F 179 25.09 7.98 -34.81
C ALA F 179 26.31 7.90 -33.88
N MET F 180 26.48 6.77 -33.19
CA MET F 180 27.60 6.59 -32.27
C MET F 180 28.92 6.50 -33.04
N ARG F 181 28.86 6.00 -34.30
CA ARG F 181 30.06 5.88 -35.10
C ARG F 181 30.66 7.25 -35.37
N ILE F 182 29.83 8.25 -35.68
CA ILE F 182 30.29 9.58 -36.05
C ILE F 182 30.41 10.48 -34.82
N SER F 183 30.45 9.88 -33.61
CA SER F 183 30.41 10.63 -32.35
C SER F 183 31.73 11.35 -32.04
N SER F 184 32.83 10.95 -32.69
CA SER F 184 34.12 11.68 -32.55
C SER F 184 34.22 12.83 -33.57
N VAL F 185 33.89 12.53 -34.83
CA VAL F 185 34.15 13.42 -35.96
C VAL F 185 33.10 14.53 -36.05
N ASN F 186 31.88 14.25 -35.55
CA ASN F 186 30.76 15.18 -35.58
C ASN F 186 29.89 14.94 -34.36
N PRO F 187 30.32 15.40 -33.16
CA PRO F 187 29.61 15.14 -31.91
C PRO F 187 28.16 15.64 -31.88
N THR F 188 27.94 16.86 -32.40
CA THR F 188 26.63 17.48 -32.37
C THR F 188 25.65 16.69 -33.24
N LYS F 189 26.07 16.31 -34.45
CA LYS F 189 25.19 15.56 -35.36
C LYS F 189 24.87 14.19 -34.74
N ALA F 190 25.86 13.60 -34.07
CA ALA F 190 25.72 12.26 -33.49
C ALA F 190 24.64 12.27 -32.39
N GLN F 191 24.72 13.23 -31.47
CA GLN F 191 23.77 13.34 -30.36
C GLN F 191 22.36 13.51 -30.93
N THR F 192 22.22 14.36 -31.95
CA THR F 192 20.92 14.65 -32.57
C THR F 192 20.36 13.40 -33.27
N GLU F 193 21.18 12.73 -34.10
CA GLU F 193 20.70 11.62 -34.93
C GLU F 193 20.27 10.44 -34.02
N PHE F 194 20.91 10.34 -32.86
CA PHE F 194 20.70 9.27 -31.88
C PHE F 194 19.38 9.49 -31.13
N GLU F 195 19.18 10.72 -30.65
CA GLU F 195 17.99 11.13 -29.92
C GLU F 195 16.77 11.00 -30.84
N ASN F 196 16.89 11.48 -32.09
CA ASN F 196 15.82 11.36 -33.08
C ASN F 196 15.45 9.88 -33.27
N ALA F 197 16.46 9.01 -33.34
CA ALA F 197 16.25 7.60 -33.64
C ALA F 197 15.42 6.93 -32.53
N LEU F 198 15.68 7.27 -31.27
CA LEU F 198 14.94 6.74 -30.12
C LEU F 198 13.46 7.11 -30.19
N ALA F 199 13.15 8.25 -30.83
CA ALA F 199 11.80 8.80 -30.91
C ALA F 199 11.17 8.57 -32.30
N ALA F 200 11.74 7.64 -33.10
CA ALA F 200 11.23 7.36 -34.44
C ALA F 200 10.07 6.35 -34.37
N ASN F 201 9.27 6.29 -35.44
CA ASN F 201 8.26 5.27 -35.64
C ASN F 201 8.89 3.89 -35.40
N GLY F 202 8.19 3.03 -34.66
CA GLY F 202 8.61 1.66 -34.42
C GLY F 202 9.56 1.51 -33.25
N GLY F 203 10.21 2.61 -32.84
CA GLY F 203 11.25 2.56 -31.80
C GLY F 203 12.46 1.76 -32.27
N VAL F 204 13.20 1.18 -31.32
CA VAL F 204 14.45 0.47 -31.59
C VAL F 204 14.33 -0.97 -31.07
N ILE F 205 15.37 -1.78 -31.31
CA ILE F 205 15.41 -3.16 -30.82
C ILE F 205 15.64 -3.13 -29.30
N THR F 206 14.58 -3.39 -28.52
CA THR F 206 14.60 -3.24 -27.06
C THR F 206 14.95 -4.57 -26.38
N ASP F 207 14.76 -5.70 -27.08
CA ASP F 207 15.05 -7.02 -26.49
C ASP F 207 15.37 -8.00 -27.62
N ALA F 208 15.77 -9.22 -27.24
CA ALA F 208 16.42 -10.16 -28.14
C ALA F 208 15.42 -10.81 -29.11
N SER F 209 14.11 -10.60 -28.90
CA SER F 209 13.09 -11.13 -29.81
C SER F 209 13.02 -10.31 -31.11
N SER F 210 13.75 -9.20 -31.18
CA SER F 210 13.81 -8.33 -32.38
C SER F 210 15.24 -8.29 -32.97
N ASP F 211 16.12 -9.16 -32.48
CA ASP F 211 17.45 -9.25 -33.00
C ASP F 211 17.37 -9.54 -34.50
N ALA F 212 18.27 -8.90 -35.26
CA ALA F 212 18.34 -9.07 -36.70
C ALA F 212 19.40 -10.14 -37.03
N LEU F 213 18.93 -11.36 -37.27
CA LEU F 213 19.76 -12.52 -37.55
C LEU F 213 19.26 -13.20 -38.83
N ILE F 214 20.16 -13.38 -39.79
CA ILE F 214 19.86 -14.07 -41.05
C ILE F 214 19.85 -15.57 -40.77
N LYS F 215 18.71 -16.22 -41.07
CA LYS F 215 18.52 -17.64 -40.85
C LYS F 215 19.22 -18.40 -41.99
N TYR F 216 20.19 -19.25 -41.62
CA TYR F 216 20.95 -20.09 -42.53
C TYR F 216 20.63 -21.56 -42.26
N MET F 217 20.52 -22.36 -43.33
CA MET F 217 20.23 -23.80 -43.25
C MET F 217 21.49 -24.55 -42.80
N THR F 218 21.29 -25.79 -42.35
CA THR F 218 22.38 -26.71 -42.12
C THR F 218 22.64 -27.47 -43.42
N ILE F 219 23.80 -27.21 -44.02
CA ILE F 219 24.26 -27.83 -45.26
C ILE F 219 25.68 -28.34 -45.05
N ALA F 220 26.02 -29.44 -45.73
CA ALA F 220 27.32 -30.06 -45.64
C ALA F 220 28.41 -29.07 -46.10
N PHE F 221 29.47 -28.93 -45.30
CA PHE F 221 30.63 -28.10 -45.64
C PHE F 221 31.35 -28.72 -46.85
N SER F 222 31.30 -28.03 -47.99
CA SER F 222 32.00 -28.44 -49.19
C SER F 222 32.83 -27.27 -49.73
N PHE F 223 34.08 -27.57 -50.08
CA PHE F 223 34.88 -26.72 -50.95
C PHE F 223 34.75 -27.32 -52.36
N GLY F 224 35.35 -26.65 -53.35
CA GLY F 224 35.19 -27.04 -54.75
C GLY F 224 34.10 -26.24 -55.44
N GLN F 225 34.22 -26.14 -56.76
CA GLN F 225 33.62 -25.09 -57.58
C GLN F 225 32.11 -24.95 -57.28
N GLU F 226 31.41 -26.07 -57.13
CA GLU F 226 29.95 -26.10 -56.95
C GLU F 226 29.51 -25.19 -55.79
N ALA F 227 30.28 -25.21 -54.69
CA ALA F 227 29.86 -24.66 -53.38
C ALA F 227 29.90 -23.12 -53.33
N TYR F 228 30.55 -22.48 -54.31
CA TYR F 228 30.80 -21.04 -54.27
C TYR F 228 29.58 -20.24 -54.77
N SER F 229 28.58 -20.94 -55.33
CA SER F 229 27.31 -20.31 -55.75
C SER F 229 26.16 -20.75 -54.83
N ASP F 230 26.50 -21.42 -53.72
CA ASP F 230 25.56 -21.91 -52.71
C ASP F 230 25.68 -21.02 -51.46
N TYR F 231 24.69 -20.14 -51.25
CA TYR F 231 24.73 -19.18 -50.15
C TYR F 231 23.73 -19.57 -49.05
N ARG F 232 23.27 -20.82 -49.05
CA ARG F 232 22.17 -21.28 -48.20
C ARG F 232 22.63 -21.48 -46.74
N GLY F 233 23.92 -21.75 -46.54
CA GLY F 233 24.53 -21.98 -45.20
C GLY F 233 25.44 -20.84 -44.79
N ASN F 234 25.82 -20.82 -43.50
CA ASN F 234 26.79 -19.85 -42.98
C ASN F 234 28.19 -20.32 -43.42
N SER F 235 28.75 -19.60 -44.40
CA SER F 235 30.05 -19.94 -44.98
C SER F 235 31.20 -19.36 -44.14
N LEU F 236 30.91 -18.38 -43.27
CA LEU F 236 31.94 -17.89 -42.35
C LEU F 236 32.28 -19.01 -41.36
N SER F 237 31.24 -19.62 -40.79
CA SER F 237 31.40 -20.76 -39.89
C SER F 237 32.18 -21.89 -40.60
N GLN F 238 31.86 -22.13 -41.87
CA GLN F 238 32.54 -23.16 -42.67
C GLN F 238 34.05 -22.88 -42.70
N LEU F 239 34.41 -21.61 -42.89
CA LEU F 239 35.79 -21.19 -43.11
C LEU F 239 36.56 -21.24 -41.79
N LEU F 240 35.89 -20.92 -40.69
CA LEU F 240 36.49 -20.95 -39.36
C LEU F 240 36.74 -22.40 -38.93
N PHE F 241 35.99 -23.33 -39.52
CA PHE F 241 36.30 -24.75 -39.38
C PHE F 241 37.61 -25.01 -40.13
N GLY F 242 37.59 -24.79 -41.45
CA GLY F 242 38.78 -24.79 -42.30
C GLY F 242 38.70 -25.73 -43.49
N ASN F 243 39.28 -25.28 -44.60
CA ASN F 243 39.62 -26.12 -45.74
C ASN F 243 40.82 -27.01 -45.37
N ASP F 244 41.57 -26.57 -44.37
CA ASP F 244 42.72 -27.28 -43.81
C ASP F 244 42.50 -27.39 -42.30
N PRO F 245 41.42 -28.07 -41.84
CA PRO F 245 40.96 -27.97 -40.46
C PRO F 245 41.78 -28.71 -39.39
N ALA F 246 42.66 -29.64 -39.81
CA ALA F 246 43.52 -30.38 -38.90
C ALA F 246 44.78 -29.57 -38.56
N ASN F 247 45.36 -28.90 -39.57
CA ASN F 247 46.62 -28.18 -39.42
C ASN F 247 46.35 -26.70 -39.08
N ASN F 248 45.26 -26.13 -39.59
CA ASN F 248 44.98 -24.69 -39.48
C ASN F 248 43.51 -24.45 -39.14
N PRO F 249 43.04 -24.80 -37.92
CA PRO F 249 41.73 -24.38 -37.44
C PRO F 249 41.76 -22.96 -36.84
N SER F 250 40.64 -22.52 -36.28
CA SER F 250 40.52 -21.19 -35.68
C SER F 250 41.12 -21.18 -34.26
N TYR F 251 42.43 -20.90 -34.18
CA TYR F 251 43.13 -20.69 -32.93
C TYR F 251 42.83 -19.27 -32.43
N LEU F 252 42.62 -19.14 -31.11
CA LEU F 252 42.27 -17.86 -30.50
C LEU F 252 43.53 -17.03 -30.20
N CYS F 253 43.41 -15.73 -30.46
CA CYS F 253 44.44 -14.74 -30.15
C CYS F 253 44.44 -14.45 -28.65
N SER F 254 45.65 -14.24 -28.09
CA SER F 254 45.86 -14.14 -26.64
C SER F 254 45.13 -12.94 -26.03
N THR F 255 45.06 -11.83 -26.77
CA THR F 255 44.37 -10.64 -26.28
C THR F 255 42.93 -10.98 -25.88
N PHE F 256 42.26 -11.77 -26.73
CA PHE F 256 40.86 -12.13 -26.57
C PHE F 256 40.72 -13.18 -25.48
N PHE F 257 41.49 -14.27 -25.55
CA PHE F 257 41.41 -15.35 -24.58
C PHE F 257 41.78 -14.85 -23.19
N ASN F 258 42.85 -14.05 -23.09
CA ASN F 258 43.29 -13.45 -21.81
C ASN F 258 42.18 -12.54 -21.25
N GLN F 259 41.54 -11.76 -22.12
CA GLN F 259 40.44 -10.89 -21.71
C GLN F 259 39.40 -11.71 -20.93
N LEU F 260 39.00 -12.85 -21.51
CA LEU F 260 37.95 -13.69 -20.95
C LEU F 260 38.46 -14.38 -19.68
N TYR F 261 39.61 -15.05 -19.78
CA TYR F 261 40.17 -15.85 -18.68
C TYR F 261 40.49 -14.93 -17.48
N ASN F 262 41.29 -13.89 -17.74
CA ASN F 262 41.81 -13.00 -16.67
C ASN F 262 40.68 -12.21 -16.00
N SER F 263 39.54 -12.04 -16.70
CA SER F 263 38.39 -11.30 -16.14
C SER F 263 37.37 -12.24 -15.50
N GLY F 264 37.65 -13.55 -15.50
CA GLY F 264 36.74 -14.56 -14.94
C GLY F 264 35.41 -14.57 -15.68
N ASP F 265 35.48 -14.35 -17.00
CA ASP F 265 34.31 -14.21 -17.85
C ASP F 265 33.65 -15.58 -18.03
N PRO F 266 32.35 -15.72 -17.69
CA PRO F 266 31.62 -16.97 -17.89
C PRO F 266 31.69 -17.56 -19.31
N ARG F 267 31.93 -16.69 -20.31
CA ARG F 267 31.94 -17.08 -21.72
C ARG F 267 33.28 -17.68 -22.14
N THR F 268 34.27 -17.71 -21.24
CA THR F 268 35.63 -18.13 -21.56
C THR F 268 35.61 -19.49 -22.27
N PHE F 269 34.99 -20.49 -21.62
CA PHE F 269 35.04 -21.87 -22.10
C PHE F 269 33.72 -22.27 -22.77
N LYS F 270 33.00 -21.25 -23.25
CA LYS F 270 31.88 -21.41 -24.16
C LYS F 270 32.31 -21.03 -25.58
N ILE F 271 33.20 -20.02 -25.67
CA ILE F 271 33.76 -19.51 -26.92
C ILE F 271 35.00 -20.33 -27.31
N SER F 272 35.82 -20.71 -26.33
CA SER F 272 37.07 -21.42 -26.62
C SER F 272 37.09 -22.78 -25.92
N ARG F 273 37.84 -23.72 -26.52
CA ARG F 273 38.19 -25.00 -25.93
C ARG F 273 39.56 -25.44 -26.48
N CYS F 274 40.23 -26.32 -25.74
CA CYS F 274 41.38 -27.05 -26.23
C CYS F 274 40.90 -28.44 -26.69
N TYR F 275 41.07 -28.72 -27.99
CA TYR F 275 40.69 -30.01 -28.58
C TYR F 275 41.94 -30.72 -29.08
N TYR F 276 41.88 -32.06 -29.11
CA TYR F 276 42.82 -32.91 -29.87
C TYR F 276 42.08 -33.48 -31.08
N ASP F 277 42.61 -33.17 -32.28
CA ASP F 277 41.88 -33.38 -33.53
C ASP F 277 42.46 -34.55 -34.33
N GLY F 278 43.19 -35.45 -33.66
CA GLY F 278 43.74 -36.63 -34.30
C GLY F 278 42.67 -37.48 -34.98
N LEU F 279 41.48 -37.53 -34.37
CA LEU F 279 40.40 -38.42 -34.80
C LEU F 279 39.26 -37.61 -35.45
N MET F 280 39.53 -36.38 -35.90
CA MET F 280 38.48 -35.49 -36.40
C MET F 280 38.25 -35.76 -37.89
N SER F 281 36.97 -35.70 -38.31
CA SER F 281 36.56 -35.86 -39.71
C SER F 281 37.22 -34.75 -40.55
N ALA F 282 37.23 -34.95 -41.87
CA ALA F 282 37.82 -33.99 -42.79
C ALA F 282 36.86 -32.81 -42.98
N THR F 283 35.56 -33.11 -43.08
CA THR F 283 34.54 -32.17 -43.57
C THR F 283 33.63 -31.68 -42.43
N SER F 284 33.87 -32.13 -41.20
CA SER F 284 32.93 -31.89 -40.09
C SER F 284 33.67 -31.90 -38.77
N PRO F 285 33.37 -30.97 -37.82
CA PRO F 285 34.06 -30.94 -36.53
C PRO F 285 33.50 -31.98 -35.53
N ASP F 286 33.54 -33.25 -35.93
CA ASP F 286 33.04 -34.36 -35.12
C ASP F 286 34.23 -35.17 -34.60
N ASN F 287 34.03 -35.82 -33.45
CA ASN F 287 34.99 -36.74 -32.84
C ASN F 287 36.27 -35.97 -32.49
N ARG F 288 36.09 -34.72 -32.04
CA ARG F 288 37.14 -33.93 -31.41
C ARG F 288 37.22 -34.33 -29.94
N VAL F 289 38.43 -34.39 -29.38
CA VAL F 289 38.60 -34.81 -27.99
C VAL F 289 38.87 -33.57 -27.13
N ASP F 290 37.92 -33.26 -26.25
CA ASP F 290 37.98 -32.10 -25.36
C ASP F 290 38.90 -32.42 -24.18
N ILE F 291 39.99 -31.64 -24.06
CA ILE F 291 40.98 -31.82 -22.98
C ILE F 291 40.95 -30.61 -22.04
N THR F 292 39.99 -29.69 -22.26
CA THR F 292 39.97 -28.40 -21.58
C THR F 292 39.96 -28.61 -20.06
N GLN F 293 39.04 -29.46 -19.60
CA GLN F 293 38.86 -29.77 -18.17
C GLN F 293 40.10 -30.55 -17.68
N GLU F 294 40.69 -31.38 -18.54
CA GLU F 294 41.87 -32.16 -18.18
C GLU F 294 43.04 -31.22 -17.87
N MET F 295 43.21 -30.19 -18.69
CA MET F 295 44.33 -29.25 -18.54
C MET F 295 44.20 -28.45 -17.24
N ILE F 296 42.96 -28.04 -16.91
CA ILE F 296 42.70 -27.27 -15.69
C ILE F 296 43.09 -28.10 -14.46
N GLU F 297 42.59 -29.34 -14.39
CA GLU F 297 42.79 -30.25 -13.24
C GLU F 297 44.29 -30.47 -12.98
N LYS F 298 45.07 -30.55 -14.08
CA LYS F 298 46.48 -30.94 -14.05
C LYS F 298 47.39 -29.72 -14.03
N GLY F 299 46.81 -28.51 -14.03
CA GLY F 299 47.53 -27.25 -13.89
C GLY F 299 48.40 -26.91 -15.08
N ILE F 300 47.88 -27.23 -16.29
CA ILE F 300 48.59 -27.00 -17.54
C ILE F 300 48.24 -25.60 -18.05
N ALA F 301 49.27 -24.82 -18.38
CA ALA F 301 49.11 -23.43 -18.82
C ALA F 301 48.56 -23.40 -20.25
N PHE F 302 47.46 -22.66 -20.45
CA PHE F 302 46.94 -22.38 -21.79
C PHE F 302 47.94 -21.49 -22.53
N SER F 303 48.08 -21.71 -23.84
CA SER F 303 49.08 -21.00 -24.65
C SER F 303 48.38 -20.39 -25.87
N PRO F 304 47.61 -19.29 -25.70
CA PRO F 304 46.97 -18.64 -26.84
C PRO F 304 48.01 -17.83 -27.62
N ARG F 305 47.69 -17.48 -28.88
CA ARG F 305 48.67 -16.93 -29.81
C ARG F 305 48.70 -15.40 -29.73
N ASP F 306 49.87 -14.84 -29.39
CA ASP F 306 50.10 -13.41 -29.45
C ASP F 306 49.97 -12.95 -30.91
N PRO F 307 49.60 -11.68 -31.19
CA PRO F 307 49.54 -11.17 -32.56
C PRO F 307 50.86 -11.36 -33.33
N GLY F 308 50.76 -12.06 -34.47
CA GLY F 308 51.90 -12.34 -35.33
C GLY F 308 52.38 -13.79 -35.20
N ALA F 309 52.05 -14.43 -34.07
CA ALA F 309 52.44 -15.81 -33.79
C ALA F 309 51.65 -16.78 -34.68
N TYR F 310 52.36 -17.79 -35.21
CA TYR F 310 51.72 -18.96 -35.82
C TYR F 310 51.46 -19.99 -34.71
N SER F 311 50.72 -21.05 -35.05
CA SER F 311 50.51 -22.19 -34.19
C SER F 311 51.85 -22.88 -33.86
N TRP F 312 52.78 -22.86 -34.84
CA TRP F 312 54.06 -23.57 -34.75
C TRP F 312 55.20 -22.64 -34.30
N GLU F 313 54.93 -21.33 -34.20
CA GLU F 313 55.95 -20.34 -33.79
C GLU F 313 55.28 -19.28 -32.91
N PRO F 314 55.61 -19.21 -31.59
CA PRO F 314 56.53 -20.13 -30.94
C PRO F 314 55.85 -21.47 -30.64
N TRP F 315 56.61 -22.57 -30.77
CA TRP F 315 56.10 -23.89 -30.39
C TRP F 315 55.87 -23.90 -28.88
N PRO F 316 54.70 -24.37 -28.41
CA PRO F 316 54.32 -24.28 -27.00
C PRO F 316 54.78 -25.49 -26.17
N THR F 317 54.68 -25.36 -24.84
CA THR F 317 54.92 -26.45 -23.90
C THR F 317 53.68 -27.34 -23.85
N GLY F 318 53.88 -28.66 -23.93
CA GLY F 318 52.79 -29.65 -23.95
C GLY F 318 52.64 -30.37 -22.62
N TYR F 319 52.02 -31.56 -22.66
CA TYR F 319 51.86 -32.43 -21.50
C TYR F 319 51.45 -33.84 -21.97
N ASP F 320 51.27 -34.76 -21.02
CA ASP F 320 50.87 -36.15 -21.30
C ASP F 320 49.40 -36.35 -20.91
N SER F 321 48.52 -36.44 -21.92
CA SER F 321 47.07 -36.56 -21.73
C SER F 321 46.70 -37.99 -21.33
N ASP F 322 46.15 -38.14 -20.13
CA ASP F 322 45.66 -39.42 -19.64
C ASP F 322 44.49 -39.89 -20.54
N ILE F 323 43.62 -38.94 -20.90
CA ILE F 323 42.45 -39.21 -21.74
C ILE F 323 42.90 -39.84 -23.06
N CYS F 324 43.93 -39.26 -23.69
CA CYS F 324 44.38 -39.66 -25.02
C CYS F 324 45.27 -40.91 -24.95
N ALA F 325 45.96 -41.10 -23.82
CA ALA F 325 46.75 -42.31 -23.58
C ALA F 325 45.84 -43.54 -23.57
N GLU F 326 44.61 -43.36 -23.05
CA GLU F 326 43.61 -44.41 -23.01
C GLU F 326 43.11 -44.70 -24.44
N LEU F 327 42.86 -43.63 -25.21
CA LEU F 327 42.44 -43.73 -26.62
C LEU F 327 43.49 -44.50 -27.45
N ALA F 328 44.77 -44.31 -27.09
CA ALA F 328 45.91 -44.89 -27.81
C ALA F 328 45.90 -46.43 -27.71
N VAL F 329 45.45 -46.95 -26.57
CA VAL F 329 45.40 -48.39 -26.30
C VAL F 329 44.64 -49.08 -27.45
N ASN F 330 43.57 -48.43 -27.93
CA ASN F 330 42.68 -48.98 -28.96
C ASN F 330 43.13 -48.51 -30.35
N ASN F 331 43.39 -47.20 -30.50
CA ASN F 331 43.82 -46.60 -31.77
C ASN F 331 45.26 -46.11 -31.63
N PRO F 332 46.28 -46.93 -32.02
CA PRO F 332 47.68 -46.56 -31.83
C PRO F 332 48.17 -45.35 -32.66
N SER F 333 47.32 -44.84 -33.55
CA SER F 333 47.61 -43.65 -34.34
C SER F 333 47.50 -42.39 -33.47
N VAL F 334 46.98 -42.52 -32.25
CA VAL F 334 46.79 -41.38 -31.35
C VAL F 334 48.10 -41.13 -30.61
N THR F 335 48.60 -39.88 -30.71
CA THR F 335 49.72 -39.39 -29.90
C THR F 335 49.19 -39.04 -28.50
N ALA F 336 49.83 -39.62 -27.48
CA ALA F 336 49.43 -39.46 -26.09
C ALA F 336 49.82 -38.07 -25.59
N THR F 337 51.01 -37.61 -26.00
CA THR F 337 51.52 -36.32 -25.58
C THR F 337 50.93 -35.24 -26.49
N MET F 338 50.37 -34.21 -25.86
CA MET F 338 49.79 -33.08 -26.55
C MET F 338 50.89 -32.04 -26.81
N ALA F 339 50.68 -31.21 -27.83
CA ALA F 339 51.62 -30.15 -28.19
C ALA F 339 50.85 -28.86 -28.48
N ARG F 340 50.28 -28.74 -29.69
CA ARG F 340 49.60 -27.52 -30.12
C ARG F 340 48.11 -27.58 -29.74
N GLU F 341 47.72 -28.66 -29.07
CA GLU F 341 46.35 -28.83 -28.58
C GLU F 341 46.10 -27.87 -27.41
N VAL F 342 47.17 -27.44 -26.72
CA VAL F 342 47.05 -26.55 -25.54
C VAL F 342 46.76 -25.11 -25.97
N GLU F 343 46.89 -24.81 -27.27
CA GLU F 343 46.43 -23.54 -27.85
C GLU F 343 44.91 -23.56 -27.93
N PRO F 344 44.19 -22.67 -27.21
CA PRO F 344 42.73 -22.63 -27.28
C PRO F 344 42.22 -22.38 -28.71
N LYS F 345 41.16 -23.12 -29.06
CA LYS F 345 40.51 -23.06 -30.37
C LYS F 345 39.04 -22.64 -30.19
N LEU F 346 38.41 -22.19 -31.27
CA LEU F 346 37.03 -21.75 -31.27
C LEU F 346 36.13 -22.97 -31.08
N ALA F 347 35.22 -22.90 -30.09
CA ALA F 347 34.36 -24.02 -29.73
C ALA F 347 33.51 -24.44 -30.93
N ASN F 348 33.08 -25.70 -30.91
CA ASN F 348 32.32 -26.33 -31.99
C ASN F 348 31.00 -25.58 -32.24
N ASN F 349 30.44 -24.98 -31.18
CA ASN F 349 29.16 -24.28 -31.25
C ASN F 349 29.20 -23.20 -32.34
N PHE F 350 30.40 -22.67 -32.63
CA PHE F 350 30.58 -21.57 -33.59
C PHE F 350 31.06 -22.06 -34.95
N LEU F 351 31.07 -23.38 -35.15
CA LEU F 351 31.60 -24.01 -36.37
C LEU F 351 30.49 -24.79 -37.10
N LYS F 352 29.28 -24.21 -37.10
CA LYS F 352 28.13 -24.85 -37.69
C LYS F 352 27.62 -24.02 -38.87
N SER F 353 27.22 -24.72 -39.94
CA SER F 353 26.51 -24.15 -41.08
C SER F 353 25.23 -23.44 -40.64
N ASP F 354 24.73 -23.85 -39.47
CA ASP F 354 23.46 -23.43 -38.90
C ASP F 354 23.56 -22.02 -38.29
N ASN F 355 24.77 -21.58 -37.91
CA ASN F 355 24.98 -20.33 -37.18
C ASN F 355 24.29 -19.17 -37.88
N PRO F 356 23.72 -18.21 -37.13
CA PRO F 356 23.03 -17.07 -37.73
C PRO F 356 24.02 -16.04 -38.31
N GLY F 357 23.58 -15.33 -39.36
CA GLY F 357 24.27 -14.14 -39.85
C GLY F 357 23.86 -12.92 -39.04
N VAL F 358 24.77 -12.42 -38.21
CA VAL F 358 24.44 -11.38 -37.25
C VAL F 358 24.49 -10.02 -37.94
N VAL F 359 23.33 -9.34 -38.01
CA VAL F 359 23.25 -7.96 -38.51
C VAL F 359 23.37 -7.01 -37.32
N MET F 360 22.45 -7.10 -36.36
CA MET F 360 22.48 -6.26 -35.17
C MET F 360 21.66 -6.90 -34.04
N THR F 361 22.11 -6.65 -32.80
CA THR F 361 21.57 -7.28 -31.59
C THR F 361 21.13 -6.23 -30.58
N SER F 362 20.14 -6.61 -29.75
CA SER F 362 19.63 -5.81 -28.63
C SER F 362 20.76 -5.53 -27.64
N ALA F 363 21.68 -6.50 -27.48
CA ALA F 363 22.85 -6.34 -26.64
C ALA F 363 23.61 -5.07 -27.07
N GLU F 364 23.82 -4.89 -28.37
CA GLU F 364 24.55 -3.71 -28.91
C GLU F 364 23.77 -2.44 -28.59
N VAL F 365 22.47 -2.44 -28.87
CA VAL F 365 21.63 -1.27 -28.59
C VAL F 365 21.87 -0.83 -27.14
N LYS F 366 21.90 -1.79 -26.20
CA LYS F 366 22.11 -1.47 -24.79
C LYS F 366 23.47 -0.77 -24.61
N PHE F 367 24.53 -1.33 -25.19
CA PHE F 367 25.88 -0.76 -25.05
C PHE F 367 25.91 0.66 -25.62
N LEU F 368 25.28 0.85 -26.78
CA LEU F 368 25.18 2.18 -27.40
C LEU F 368 24.47 3.16 -26.46
N MET F 369 23.35 2.71 -25.87
CA MET F 369 22.57 3.51 -24.92
C MET F 369 23.44 3.91 -23.73
N ALA F 370 24.18 2.92 -23.19
CA ALA F 370 25.08 3.13 -22.06
C ALA F 370 26.12 4.20 -22.40
N GLU F 371 26.71 4.12 -23.60
CA GLU F 371 27.77 5.06 -24.00
C GLU F 371 27.17 6.45 -24.18
N ALA F 372 26.01 6.51 -24.86
CA ALA F 372 25.27 7.75 -25.05
C ALA F 372 25.04 8.44 -23.70
N THR F 373 24.74 7.63 -22.68
CA THR F 373 24.44 8.16 -21.34
C THR F 373 25.72 8.72 -20.69
N VAL F 374 26.85 8.04 -20.90
CA VAL F 374 28.13 8.52 -20.37
C VAL F 374 28.48 9.85 -21.04
N LYS F 375 28.12 9.99 -22.32
CA LYS F 375 28.39 11.21 -23.10
C LYS F 375 27.40 12.33 -22.73
N LYS F 376 26.41 12.02 -21.90
CA LYS F 376 25.49 13.01 -21.33
C LYS F 376 24.43 13.42 -22.36
N TRP F 377 24.11 12.52 -23.31
CA TRP F 377 23.01 12.76 -24.26
C TRP F 377 21.67 12.49 -23.55
N ASN F 378 20.58 13.04 -24.10
CA ASN F 378 19.24 12.96 -23.48
C ASN F 378 18.51 11.72 -24.02
N VAL F 379 18.59 10.64 -23.24
CA VAL F 379 18.40 9.29 -23.74
C VAL F 379 17.47 8.48 -22.82
N GLY F 380 16.78 9.15 -21.90
CA GLY F 380 15.85 8.49 -20.98
C GLY F 380 16.31 8.60 -19.54
N SER F 381 15.75 7.77 -18.66
CA SER F 381 16.02 7.89 -17.22
C SER F 381 16.69 6.63 -16.67
N VAL F 382 17.16 5.74 -17.55
CA VAL F 382 17.90 4.55 -17.13
C VAL F 382 19.37 4.93 -16.92
N SER F 383 19.93 4.49 -15.79
CA SER F 383 21.32 4.79 -15.45
C SER F 383 22.25 4.08 -16.44
N ALA F 384 23.42 4.70 -16.68
CA ALA F 384 24.43 4.16 -17.56
C ALA F 384 24.85 2.76 -17.11
N GLU F 385 25.00 2.59 -15.79
CA GLU F 385 25.43 1.33 -15.18
C GLU F 385 24.43 0.21 -15.52
N ASP F 386 23.12 0.52 -15.41
CA ASP F 386 22.06 -0.48 -15.65
C ASP F 386 22.06 -0.90 -17.13
N LEU F 387 22.17 0.07 -18.04
CA LEU F 387 22.19 -0.21 -19.48
C LEU F 387 23.38 -1.10 -19.81
N TYR F 388 24.55 -0.80 -19.21
CA TYR F 388 25.75 -1.60 -19.38
C TYR F 388 25.48 -3.03 -18.89
N LYS F 389 24.96 -3.17 -17.67
CA LYS F 389 24.70 -4.48 -17.07
C LYS F 389 23.68 -5.23 -17.94
N GLN F 390 22.72 -4.49 -18.51
CA GLN F 390 21.71 -5.05 -19.39
C GLN F 390 22.36 -5.57 -20.69
N GLY F 391 23.39 -4.85 -21.16
CA GLY F 391 24.14 -5.23 -22.36
C GLY F 391 24.88 -6.54 -22.20
N VAL F 392 25.66 -6.63 -21.12
CA VAL F 392 26.47 -7.80 -20.81
C VAL F 392 25.55 -9.02 -20.68
N ARG F 393 24.43 -8.84 -19.96
CA ARG F 393 23.46 -9.92 -19.72
C ARG F 393 22.93 -10.45 -21.06
N ALA F 394 22.63 -9.54 -21.98
CA ALA F 394 22.07 -9.89 -23.28
C ALA F 394 23.13 -10.53 -24.16
N ALA F 395 24.35 -9.98 -24.10
CA ALA F 395 25.51 -10.54 -24.80
C ALA F 395 25.73 -12.00 -24.38
N ILE F 396 25.80 -12.23 -23.07
CA ILE F 396 26.06 -13.57 -22.53
C ILE F 396 24.95 -14.53 -22.96
N ASP F 397 23.70 -14.04 -22.89
CA ASP F 397 22.52 -14.86 -23.20
C ASP F 397 22.41 -15.06 -24.72
N PHE F 398 23.01 -14.14 -25.49
CA PHE F 398 23.02 -14.24 -26.94
C PHE F 398 23.63 -15.59 -27.37
N LEU F 399 24.71 -15.99 -26.68
CA LEU F 399 25.41 -17.27 -26.92
C LEU F 399 24.48 -18.45 -26.62
N THR F 400 23.74 -18.34 -25.51
CA THR F 400 22.86 -19.40 -25.03
C THR F 400 21.69 -19.58 -26.00
N ASP F 401 21.10 -18.47 -26.46
CA ASP F 401 19.89 -18.50 -27.28
C ASP F 401 20.20 -18.97 -28.72
N ASN F 402 21.38 -18.62 -29.24
CA ASN F 402 21.62 -18.71 -30.70
C ASN F 402 22.72 -19.72 -31.08
N TYR F 403 23.51 -20.21 -30.11
CA TYR F 403 24.64 -21.11 -30.42
C TYR F 403 24.61 -22.37 -29.55
N GLY F 404 23.52 -22.58 -28.80
CA GLY F 404 23.36 -23.76 -27.96
C GLY F 404 24.47 -23.90 -26.92
N CYS F 405 24.92 -22.77 -26.38
CA CYS F 405 25.88 -22.78 -25.30
C CYS F 405 25.16 -23.03 -23.97
N THR F 406 25.94 -23.42 -22.97
CA THR F 406 25.49 -23.54 -21.59
C THR F 406 24.91 -22.20 -21.14
N ALA F 407 23.86 -22.25 -20.32
CA ALA F 407 23.27 -21.05 -19.74
C ALA F 407 24.19 -20.54 -18.63
N THR F 408 24.17 -19.23 -18.42
CA THR F 408 24.94 -18.55 -17.38
C THR F 408 23.99 -18.16 -16.24
N THR F 409 24.34 -18.56 -15.00
CA THR F 409 23.46 -18.38 -13.85
C THR F 409 23.48 -16.91 -13.38
N ASP F 410 22.51 -16.55 -12.55
CA ASP F 410 22.46 -15.24 -11.90
C ASP F 410 23.66 -15.10 -10.96
N ALA F 411 23.96 -16.16 -10.20
CA ALA F 411 25.11 -16.20 -9.28
C ALA F 411 26.42 -15.94 -10.05
N GLU F 412 26.62 -16.63 -11.17
CA GLU F 412 27.83 -16.51 -12.01
C GLU F 412 27.95 -15.09 -12.56
N PHE F 413 26.83 -14.54 -13.05
CA PHE F 413 26.80 -13.21 -13.63
C PHE F 413 27.15 -12.16 -12.57
N ASP F 414 26.65 -12.37 -11.35
CA ASP F 414 26.83 -11.45 -10.24
C ASP F 414 28.31 -11.39 -9.84
N ALA F 415 28.93 -12.58 -9.73
CA ALA F 415 30.36 -12.72 -9.40
C ALA F 415 31.23 -11.94 -10.40
N PHE F 416 30.89 -12.07 -11.69
CA PHE F 416 31.61 -11.44 -12.78
C PHE F 416 31.46 -9.92 -12.73
N ILE F 417 30.20 -9.44 -12.68
CA ILE F 417 29.90 -8.04 -12.92
C ILE F 417 30.30 -7.19 -11.71
N GLN F 418 30.52 -7.82 -10.55
CA GLN F 418 30.91 -7.10 -9.34
C GLN F 418 32.44 -7.08 -9.19
N ASP F 419 33.15 -7.85 -10.02
CA ASP F 419 34.62 -7.88 -9.99
C ASP F 419 35.16 -7.31 -11.30
N LYS F 420 35.74 -8.17 -12.15
CA LYS F 420 36.52 -7.73 -13.32
C LYS F 420 35.61 -7.21 -14.42
N GLY F 421 34.32 -7.57 -14.37
CA GLY F 421 33.32 -7.14 -15.36
C GLY F 421 32.61 -5.84 -14.97
N ALA F 422 33.04 -5.22 -13.87
CA ALA F 422 32.41 -4.02 -13.35
C ALA F 422 32.46 -2.90 -14.39
N PHE F 423 31.37 -2.11 -14.45
CA PHE F 423 31.36 -0.77 -15.00
C PHE F 423 32.38 0.03 -14.19
N GLY F 424 33.16 0.90 -14.83
CA GLY F 424 34.16 1.73 -14.10
C GLY F 424 33.53 2.80 -13.21
N HIS F 425 34.38 3.56 -12.50
CA HIS F 425 33.99 4.79 -11.80
C HIS F 425 34.18 5.99 -12.72
N THR F 426 35.37 6.03 -13.33
CA THR F 426 35.80 7.04 -14.29
C THR F 426 35.00 6.89 -15.58
N ASP F 427 34.91 7.97 -16.36
CA ASP F 427 34.26 7.95 -17.67
C ASP F 427 35.06 7.04 -18.62
N ASN F 428 36.38 7.23 -18.66
CA ASN F 428 37.29 6.39 -19.46
C ASN F 428 37.10 4.91 -19.09
N GLN F 429 37.11 4.59 -17.79
CA GLN F 429 36.93 3.21 -17.30
C GLN F 429 35.58 2.65 -17.79
N LYS F 430 34.56 3.51 -17.86
CA LYS F 430 33.23 3.15 -18.30
C LYS F 430 33.22 2.91 -19.82
N LEU F 431 33.83 3.84 -20.57
CA LEU F 431 33.91 3.71 -22.01
C LEU F 431 34.73 2.48 -22.37
N GLU F 432 35.75 2.18 -21.56
CA GLU F 432 36.61 1.01 -21.77
C GLU F 432 35.76 -0.25 -21.62
N ALA F 433 34.99 -0.32 -20.53
CA ALA F 433 34.16 -1.48 -20.21
C ALA F 433 33.08 -1.70 -21.29
N ILE F 434 32.39 -0.63 -21.68
CA ILE F 434 31.34 -0.71 -22.69
C ILE F 434 31.93 -1.37 -23.95
N ASN F 435 33.01 -0.77 -24.46
CA ASN F 435 33.48 -1.08 -25.79
C ASN F 435 34.29 -2.39 -25.79
N THR F 436 34.88 -2.77 -24.65
CA THR F 436 35.53 -4.08 -24.51
C THR F 436 34.46 -5.18 -24.53
N GLN F 437 33.33 -4.93 -23.87
CA GLN F 437 32.22 -5.87 -23.81
C GLN F 437 31.54 -5.98 -25.18
N ALA F 438 31.48 -4.86 -25.91
CA ALA F 438 30.94 -4.83 -27.27
C ALA F 438 31.80 -5.69 -28.20
N TRP F 439 33.11 -5.61 -27.98
CA TRP F 439 34.13 -6.33 -28.73
C TRP F 439 33.89 -7.85 -28.65
N ILE F 440 33.64 -8.34 -27.43
CA ILE F 440 33.33 -9.76 -27.20
C ILE F 440 32.02 -10.11 -27.91
N LEU F 441 31.02 -9.22 -27.80
CA LEU F 441 29.72 -9.42 -28.41
C LEU F 441 29.89 -9.58 -29.92
N HIS F 442 30.72 -8.74 -30.53
CA HIS F 442 30.84 -8.62 -31.99
C HIS F 442 31.75 -9.70 -32.62
N PHE F 443 32.19 -10.69 -31.84
CA PHE F 443 33.03 -11.78 -32.36
C PHE F 443 32.44 -12.38 -33.65
N THR F 444 31.12 -12.61 -33.69
CA THR F 444 30.46 -13.29 -34.82
C THR F 444 29.95 -12.27 -35.84
N ASN F 445 30.42 -11.02 -35.73
CA ASN F 445 30.06 -9.90 -36.60
C ASN F 445 31.35 -9.13 -36.91
N PRO F 446 32.30 -9.74 -37.64
CA PRO F 446 33.65 -9.17 -37.74
C PRO F 446 33.67 -7.75 -38.33
N ALA F 447 32.82 -7.49 -39.33
CA ALA F 447 32.64 -6.14 -39.91
C ALA F 447 32.40 -5.10 -38.80
N GLU F 448 31.44 -5.37 -37.92
CA GLU F 448 31.07 -4.38 -36.90
C GLU F 448 32.14 -4.34 -35.80
N CYS F 449 32.72 -5.51 -35.50
CA CYS F 449 33.80 -5.63 -34.52
C CYS F 449 34.94 -4.66 -34.87
N TRP F 450 35.45 -4.75 -36.10
CA TRP F 450 36.58 -3.94 -36.53
C TRP F 450 36.20 -2.45 -36.52
N ALA F 451 35.02 -2.15 -37.07
CA ALA F 451 34.49 -0.79 -37.12
C ALA F 451 34.48 -0.16 -35.71
N ASN F 452 33.95 -0.89 -34.72
CA ASN F 452 33.78 -0.30 -33.39
C ASN F 452 35.11 -0.24 -32.66
N VAL F 453 35.98 -1.23 -32.88
CA VAL F 453 37.33 -1.21 -32.30
C VAL F 453 38.03 0.07 -32.78
N ARG F 454 37.98 0.30 -34.11
CA ARG F 454 38.63 1.48 -34.72
C ARG F 454 38.03 2.77 -34.14
N ARG F 455 36.70 2.83 -34.05
CA ARG F 455 35.99 4.05 -33.65
C ARG F 455 36.25 4.37 -32.18
N SER F 456 36.02 3.38 -31.29
CA SER F 456 35.99 3.59 -29.84
C SER F 456 37.41 3.71 -29.27
N GLY F 457 38.36 3.02 -29.92
CA GLY F 457 39.74 2.93 -29.45
C GLY F 457 39.90 1.88 -28.36
N TYR F 458 38.89 1.02 -28.20
CA TYR F 458 38.88 -0.02 -27.19
C TYR F 458 38.53 -1.35 -27.84
N PRO F 459 39.16 -2.48 -27.41
CA PRO F 459 40.26 -2.43 -26.44
C PRO F 459 41.50 -1.82 -27.11
N LYS F 460 42.45 -1.38 -26.29
CA LYS F 460 43.68 -0.73 -26.77
C LYS F 460 44.64 -1.81 -27.27
N LEU F 461 44.67 -2.01 -28.59
CA LEU F 461 45.39 -3.10 -29.24
C LEU F 461 46.82 -2.66 -29.62
N LYS F 462 47.81 -3.39 -29.11
CA LYS F 462 49.20 -3.14 -29.41
C LYS F 462 49.59 -3.98 -30.63
N SER F 463 50.52 -3.45 -31.45
CA SER F 463 50.87 -4.07 -32.73
C SER F 463 51.62 -5.37 -32.50
N PRO F 464 51.73 -6.25 -33.51
CA PRO F 464 52.53 -7.48 -33.39
C PRO F 464 53.99 -7.21 -33.02
N ALA F 465 54.49 -6.00 -33.32
CA ALA F 465 55.85 -5.56 -33.01
C ALA F 465 56.15 -5.72 -31.52
N GLU F 466 55.17 -5.41 -30.67
CA GLU F 466 55.37 -5.43 -29.22
C GLU F 466 55.39 -6.85 -28.66
N TYR F 467 54.90 -7.83 -29.45
CA TYR F 467 54.95 -9.25 -29.10
C TYR F 467 56.19 -9.90 -29.75
N GLY F 468 56.93 -9.12 -30.55
CA GLY F 468 58.29 -9.45 -30.99
C GLY F 468 58.33 -10.11 -32.36
N PHE F 469 57.37 -9.74 -33.23
CA PHE F 469 57.29 -10.25 -34.62
C PHE F 469 57.48 -9.08 -35.60
N GLY F 470 58.32 -8.12 -35.23
CA GLY F 470 58.46 -6.83 -35.92
C GLY F 470 59.03 -6.91 -37.34
N GLN F 471 59.76 -7.99 -37.66
CA GLN F 471 60.53 -8.04 -38.93
C GLN F 471 59.75 -8.75 -40.05
N TYR F 472 58.58 -9.32 -39.75
CA TYR F 472 57.71 -9.96 -40.76
C TYR F 472 56.70 -8.93 -41.33
N LEU F 473 56.57 -7.79 -40.67
CA LEU F 473 55.51 -6.82 -40.96
C LEU F 473 55.81 -6.05 -42.26
N THR F 474 55.41 -6.66 -43.38
CA THR F 474 55.57 -6.14 -44.75
C THR F 474 55.06 -4.69 -44.84
N GLY F 475 53.79 -4.50 -44.47
CA GLY F 475 53.08 -3.24 -44.73
C GLY F 475 52.96 -2.34 -43.51
N GLY F 476 54.06 -2.18 -42.77
CA GLY F 476 54.16 -1.16 -41.72
C GLY F 476 54.04 -1.75 -40.32
N THR F 477 54.52 -0.99 -39.33
CA THR F 477 54.47 -1.36 -37.91
C THR F 477 53.03 -1.30 -37.39
N GLU F 478 52.31 -0.24 -37.75
CA GLU F 478 50.98 0.04 -37.17
C GLU F 478 49.96 -0.93 -37.78
N ILE F 479 48.93 -1.27 -36.98
CA ILE F 479 47.83 -2.10 -37.44
C ILE F 479 47.04 -1.30 -38.47
N PRO F 480 46.78 -1.85 -39.67
CA PRO F 480 45.97 -1.16 -40.68
C PRO F 480 44.61 -0.68 -40.12
N VAL F 481 44.13 0.44 -40.63
CA VAL F 481 42.90 1.07 -40.16
C VAL F 481 41.84 1.09 -41.27
N ARG F 482 42.19 0.54 -42.44
CA ARG F 482 41.26 0.36 -43.56
C ARG F 482 41.92 -0.55 -44.59
N LEU F 483 41.16 -1.01 -45.59
CA LEU F 483 41.71 -1.80 -46.70
C LEU F 483 41.71 -0.96 -47.97
N CYS F 484 42.70 -1.23 -48.85
CA CYS F 484 42.90 -0.50 -50.10
C CYS F 484 41.87 -0.93 -51.14
N TYR F 485 41.65 -0.05 -52.13
CA TYR F 485 40.72 -0.29 -53.23
C TYR F 485 41.27 -1.41 -54.10
N PRO F 486 40.39 -2.15 -54.83
CA PRO F 486 40.84 -3.07 -55.87
C PRO F 486 41.64 -2.30 -56.92
N VAL F 487 42.79 -2.84 -57.32
CA VAL F 487 43.74 -2.13 -58.18
C VAL F 487 43.14 -1.98 -59.59
N LEU F 488 42.17 -2.83 -59.93
CA LEU F 488 41.57 -2.90 -61.27
C LEU F 488 40.69 -1.67 -61.54
N GLU F 489 40.14 -1.06 -60.48
CA GLU F 489 39.33 0.19 -60.59
C GLU F 489 40.18 1.29 -61.27
N SER F 490 41.51 1.13 -61.19
CA SER F 490 42.49 2.00 -61.86
C SER F 490 42.20 2.14 -63.36
N SER F 491 41.67 1.07 -63.99
CA SER F 491 41.30 1.09 -65.42
C SER F 491 39.77 1.16 -65.58
N TYR F 492 39.05 0.29 -64.87
CA TYR F 492 37.59 0.22 -64.98
C TYR F 492 36.94 1.61 -64.83
N ASN F 493 37.40 2.37 -63.82
CA ASN F 493 36.73 3.58 -63.34
C ASN F 493 37.79 4.60 -62.89
N LYS F 494 38.61 5.04 -63.85
CA LYS F 494 39.91 5.69 -63.60
C LYS F 494 39.73 7.07 -62.98
N LYS F 495 38.88 7.90 -63.58
CA LYS F 495 38.64 9.28 -63.12
C LYS F 495 38.27 9.25 -61.63
N SER F 496 37.18 8.52 -61.32
CA SER F 496 36.64 8.41 -59.96
C SER F 496 37.71 7.89 -58.99
N TYR F 497 38.40 6.82 -59.39
CA TYR F 497 39.40 6.17 -58.56
C TYR F 497 40.49 7.17 -58.16
N ASN F 498 41.02 7.91 -59.15
CA ASN F 498 42.07 8.90 -58.94
C ASN F 498 41.53 10.06 -58.08
N GLU F 499 40.26 10.42 -58.27
CA GLU F 499 39.60 11.45 -57.43
C GLU F 499 39.71 11.06 -55.95
N ALA F 500 39.32 9.83 -55.62
CA ALA F 500 39.30 9.34 -54.25
C ALA F 500 40.72 9.36 -53.67
N ILE F 501 41.70 8.87 -54.43
CA ILE F 501 43.08 8.76 -53.95
C ILE F 501 43.68 10.16 -53.75
N GLU F 502 43.24 11.14 -54.55
CA GLU F 502 43.72 12.53 -54.46
C GLU F 502 43.26 13.15 -53.14
N ARG F 503 42.05 12.77 -52.68
CA ARG F 503 41.46 13.27 -51.44
C ARG F 503 42.27 12.76 -50.23
N MET F 504 42.85 11.57 -50.36
CA MET F 504 43.64 10.97 -49.29
C MET F 504 45.09 11.52 -49.31
N GLY F 505 45.53 12.04 -50.46
CA GLY F 505 46.81 12.74 -50.56
C GLY F 505 47.81 12.09 -51.52
N GLY F 506 47.29 11.28 -52.46
CA GLY F 506 48.07 10.76 -53.58
C GLY F 506 48.40 9.29 -53.45
N THR F 507 48.09 8.70 -52.29
CA THR F 507 48.34 7.27 -52.03
C THR F 507 47.03 6.60 -51.64
N ASP F 508 46.96 5.29 -51.89
CA ASP F 508 45.94 4.38 -51.40
C ASP F 508 46.54 3.56 -50.26
N ASN F 509 46.73 4.21 -49.10
CA ASN F 509 47.41 3.61 -47.96
C ASN F 509 46.36 3.10 -46.94
N TRP F 510 46.67 1.94 -46.34
CA TRP F 510 45.79 1.28 -45.38
C TRP F 510 46.15 1.69 -43.94
N HIS F 511 47.06 2.67 -43.82
CA HIS F 511 47.34 3.35 -42.57
C HIS F 511 46.54 4.67 -42.50
N SER F 512 45.94 5.08 -43.63
CA SER F 512 45.14 6.31 -43.71
C SER F 512 43.84 6.14 -42.93
N LEU F 513 43.66 6.97 -41.90
CA LEU F 513 42.46 6.96 -41.07
C LEU F 513 41.24 7.27 -41.96
N LEU F 514 40.18 6.47 -41.79
CA LEU F 514 38.87 6.77 -42.35
C LEU F 514 38.33 8.05 -41.73
N TRP F 515 37.39 8.68 -42.43
CA TRP F 515 36.82 9.96 -42.02
C TRP F 515 36.22 9.89 -40.60
N TRP F 516 35.53 8.80 -40.24
CA TRP F 516 34.88 8.72 -38.89
C TRP F 516 35.89 8.29 -37.81
N ASP F 517 37.09 7.87 -38.22
CA ASP F 517 38.12 7.34 -37.33
C ASP F 517 39.15 8.45 -37.05
N THR F 518 39.01 9.12 -35.89
CA THR F 518 39.74 10.36 -35.58
C THR F 518 41.13 10.08 -35.01
N GLU F 519 41.23 9.10 -34.10
CA GLU F 519 42.49 8.72 -33.43
C GLU F 519 42.86 7.27 -33.82
N ASN F 520 44.15 6.94 -33.66
CA ASN F 520 44.75 5.70 -34.16
C ASN F 520 44.31 4.53 -33.26
N ASP G 2 44.95 22.10 37.90
CA ASP G 2 43.48 22.13 38.17
C ASP G 2 42.74 21.50 36.99
N PRO G 3 42.00 20.39 37.20
CA PRO G 3 41.38 19.65 36.09
C PRO G 3 40.34 20.43 35.28
N ASN G 4 39.63 21.36 35.95
CA ASN G 4 38.58 22.17 35.33
C ASN G 4 39.18 23.13 34.29
N ALA G 5 40.33 23.71 34.63
CA ALA G 5 41.03 24.66 33.74
C ALA G 5 41.63 23.90 32.54
N GLN G 6 41.96 22.62 32.74
CA GLN G 6 42.54 21.76 31.68
C GLN G 6 41.50 21.48 30.60
N LEU G 7 40.24 21.24 31.03
CA LEU G 7 39.13 21.08 30.09
C LEU G 7 38.97 22.36 29.26
N THR G 8 39.02 23.52 29.93
CA THR G 8 38.83 24.82 29.30
C THR G 8 39.83 24.98 28.14
N THR G 9 41.12 24.75 28.44
CA THR G 9 42.21 24.90 27.48
C THR G 9 42.05 23.87 26.34
N ALA G 10 41.64 22.66 26.69
CA ALA G 10 41.42 21.60 25.70
C ALA G 10 40.30 21.98 24.73
N GLN G 11 39.15 22.40 25.27
CA GLN G 11 38.04 22.90 24.46
C GLN G 11 38.55 23.99 23.49
N LEU G 12 39.24 25.00 24.06
CA LEU G 12 39.66 26.18 23.29
C LEU G 12 40.58 25.77 22.13
N GLN G 13 41.50 24.81 22.36
CA GLN G 13 42.47 24.39 21.35
C GLN G 13 41.75 23.77 20.13
N THR G 14 40.61 23.11 20.36
CA THR G 14 39.94 22.30 19.35
C THR G 14 39.86 23.05 18.02
N TYR G 15 39.46 24.33 18.07
CA TYR G 15 39.48 25.22 16.89
C TYR G 15 40.25 26.52 17.16
N GLY G 16 40.80 26.67 18.37
CA GLY G 16 41.50 27.90 18.75
C GLY G 16 42.96 27.90 18.30
N ASP G 17 43.55 26.72 18.11
CA ASP G 17 44.97 26.58 17.77
C ASP G 17 45.17 26.95 16.30
N LEU G 18 45.64 28.18 16.07
CA LEU G 18 45.91 28.71 14.72
C LEU G 18 46.81 27.74 13.96
N SER G 19 47.86 27.25 14.64
CA SER G 19 48.87 26.37 14.06
C SER G 19 48.21 25.11 13.49
N MET G 20 47.30 24.50 14.26
CA MET G 20 46.69 23.24 13.89
C MET G 20 45.66 23.43 12.77
N MET G 21 44.95 24.57 12.76
CA MET G 21 43.82 24.79 11.83
C MET G 21 44.31 24.77 10.36
N GLU G 22 45.61 24.96 10.17
CA GLU G 22 46.23 24.88 8.84
C GLU G 22 45.87 23.56 8.15
N ILE G 23 45.84 22.45 8.91
CA ILE G 23 45.66 21.13 8.33
C ILE G 23 44.31 21.08 7.59
N TYR G 24 43.30 21.77 8.13
CA TYR G 24 41.94 21.68 7.63
C TYR G 24 41.81 22.44 6.30
N ARG G 25 42.42 23.62 6.23
CA ARG G 25 42.41 24.43 5.00
C ARG G 25 43.22 23.74 3.90
N ASN G 26 44.33 23.09 4.29
CA ASN G 26 45.27 22.50 3.33
C ASN G 26 44.69 21.22 2.73
N TYR G 27 44.10 20.36 3.58
CA TYR G 27 43.78 18.98 3.18
C TYR G 27 42.26 18.73 3.18
N HIS G 28 41.63 18.83 4.36
CA HIS G 28 40.23 18.40 4.58
C HIS G 28 39.26 19.02 3.56
N TYR G 29 39.28 20.35 3.43
CA TYR G 29 38.28 21.05 2.61
C TYR G 29 38.49 20.75 1.12
N ALA G 30 39.70 20.31 0.75
CA ALA G 30 40.01 19.87 -0.61
C ALA G 30 39.50 18.44 -0.82
N PHE G 31 39.87 17.56 0.10
CA PHE G 31 39.49 16.16 0.03
C PHE G 31 37.95 16.00 0.05
N THR G 32 37.25 16.92 0.74
CA THR G 32 35.77 16.94 0.78
C THR G 32 35.20 17.72 -0.41
N GLN G 33 36.06 18.38 -1.18
CA GLN G 33 35.69 19.12 -2.39
C GLN G 33 34.61 20.17 -2.06
N GLN G 34 34.83 20.84 -0.93
CA GLN G 34 34.00 21.96 -0.46
C GLN G 34 34.71 23.28 -0.74
N LEU G 35 36.03 23.34 -0.51
CA LEU G 35 36.81 24.52 -0.90
C LEU G 35 37.90 24.11 -1.91
N MET G 36 38.25 25.06 -2.78
CA MET G 36 39.24 24.88 -3.85
C MET G 36 39.48 26.22 -4.53
N GLY G 37 40.76 26.58 -4.73
CA GLY G 37 41.16 27.80 -5.44
C GLY G 37 42.22 28.58 -4.69
N CYS G 38 42.05 28.65 -3.37
CA CYS G 38 43.03 29.19 -2.45
C CYS G 38 44.35 28.45 -2.62
N TRP G 39 45.46 29.18 -2.77
CA TRP G 39 46.76 28.56 -3.02
C TRP G 39 46.95 27.36 -2.09
N ASN G 40 46.72 27.56 -0.79
CA ASN G 40 47.01 26.56 0.23
C ASN G 40 46.18 25.30 -0.02
N THR G 41 44.87 25.49 -0.22
CA THR G 41 43.93 24.37 -0.36
C THR G 41 44.28 23.57 -1.61
N THR G 42 44.56 24.27 -2.72
CA THR G 42 44.78 23.62 -4.02
C THR G 42 46.17 22.95 -4.08
N ASN G 43 47.19 23.61 -3.53
CA ASN G 43 48.55 23.13 -3.58
C ASN G 43 48.69 21.80 -2.81
N TYR G 44 48.20 21.78 -1.57
CA TYR G 44 48.41 20.63 -0.69
C TYR G 44 47.38 19.55 -1.01
N GLY G 45 46.11 19.79 -0.63
CA GLY G 45 45.06 18.79 -0.71
C GLY G 45 44.53 18.62 -2.12
N GLY G 46 44.47 19.71 -2.87
CA GLY G 46 43.91 19.71 -4.22
C GLY G 46 44.79 19.01 -5.25
N ARG G 47 46.11 18.94 -4.98
CA ARG G 47 47.07 18.35 -5.93
C ARG G 47 47.90 17.24 -5.26
N HIS G 48 47.41 16.71 -4.13
CA HIS G 48 47.93 15.48 -3.49
C HIS G 48 49.43 15.60 -3.16
N THR G 49 49.80 16.68 -2.47
CA THR G 49 51.17 16.87 -2.00
C THR G 49 51.35 16.20 -0.62
N LEU G 50 52.20 15.17 -0.57
CA LEU G 50 52.68 14.61 0.69
C LEU G 50 53.64 15.60 1.36
N ASP G 51 53.18 16.29 2.40
CA ASP G 51 54.05 17.11 3.25
C ASP G 51 53.85 16.65 4.69
N ASN G 52 54.85 15.95 5.22
CA ASN G 52 54.77 15.26 6.49
C ASN G 52 54.55 16.28 7.62
N ASN G 53 55.31 17.38 7.61
CA ASN G 53 55.17 18.44 8.62
C ASN G 53 53.72 18.93 8.62
N GLU G 54 53.16 19.18 7.43
CA GLU G 54 51.79 19.69 7.28
C GLU G 54 50.76 18.63 7.69
N MET G 55 51.10 17.35 7.54
CA MET G 55 50.20 16.25 7.91
C MET G 55 50.29 15.97 9.43
N SER G 56 51.32 16.51 10.08
CA SER G 56 51.67 16.17 11.45
C SER G 56 50.83 16.94 12.48
N ARG G 57 50.09 17.97 12.05
CA ARG G 57 49.67 19.05 12.93
C ARG G 57 48.70 18.57 14.02
N ILE G 58 47.74 17.70 13.67
CA ILE G 58 46.75 17.22 14.65
C ILE G 58 47.49 16.40 15.72
N TRP G 59 48.30 15.44 15.25
CA TRP G 59 49.09 14.57 16.09
C TRP G 59 49.84 15.39 17.15
N THR G 60 50.72 16.29 16.67
CA THR G 60 51.67 17.02 17.51
C THR G 60 50.92 17.92 18.50
N SER G 61 49.95 18.68 17.98
CA SER G 61 49.17 19.62 18.77
C SER G 61 48.50 18.90 19.94
N PHE G 62 47.79 17.80 19.64
CA PHE G 62 46.97 17.11 20.62
C PHE G 62 47.84 16.33 21.61
N TYR G 63 48.81 15.56 21.11
CA TYR G 63 49.63 14.69 21.98
C TYR G 63 50.53 15.53 22.90
N THR G 64 50.95 16.74 22.49
CA THR G 64 51.84 17.59 23.32
C THR G 64 51.06 18.54 24.24
N GLN G 65 49.76 18.77 23.97
CA GLN G 65 48.99 19.76 24.73
C GLN G 65 47.71 19.13 25.32
N SER G 66 46.62 19.19 24.55
CA SER G 66 45.27 19.02 25.08
C SER G 66 45.06 17.60 25.63
N LEU G 67 45.40 16.60 24.80
CA LEU G 67 45.15 15.20 25.12
C LEU G 67 46.04 14.75 26.28
N LYS G 68 47.27 15.24 26.31
CA LYS G 68 48.22 14.96 27.39
C LYS G 68 47.68 15.57 28.70
N ASN G 69 47.25 16.83 28.63
CA ASN G 69 46.67 17.57 29.76
C ASN G 69 45.44 16.85 30.29
N ILE G 70 44.56 16.41 29.39
CA ILE G 70 43.31 15.73 29.75
C ILE G 70 43.62 14.40 30.42
N ILE G 71 44.54 13.62 29.83
CA ILE G 71 44.94 12.30 30.35
C ILE G 71 45.49 12.45 31.77
N ASP G 72 46.24 13.52 32.00
CA ASP G 72 46.83 13.82 33.30
C ASP G 72 45.71 14.15 34.31
N ALA G 73 44.82 15.06 33.93
CA ALA G 73 43.72 15.52 34.78
C ALA G 73 42.72 14.38 35.04
N GLN G 74 42.55 13.49 34.05
CA GLN G 74 41.68 12.31 34.17
C GLN G 74 42.29 11.35 35.20
N TYR G 75 43.60 11.10 35.07
CA TYR G 75 44.34 10.18 35.94
C TYR G 75 44.27 10.65 37.40
N ARG G 76 44.18 11.97 37.60
CA ARG G 76 44.23 12.59 38.93
C ARG G 76 42.82 12.69 39.56
N THR G 77 41.76 12.42 38.79
CA THR G 77 40.37 12.55 39.27
C THR G 77 39.63 11.21 39.16
N ALA G 78 40.40 10.12 39.05
CA ALA G 78 39.91 8.83 38.49
C ALA G 78 39.12 8.01 39.52
N GLU G 79 39.67 7.80 40.72
CA GLU G 79 39.02 6.91 41.71
C GLU G 79 38.31 7.74 42.78
N ASP G 80 37.82 8.93 42.39
CA ASP G 80 37.30 9.92 43.32
C ASP G 80 35.81 10.13 43.05
N ALA G 81 34.97 9.77 44.03
CA ALA G 81 33.53 9.93 43.98
C ALA G 81 33.14 11.40 44.22
N GLU G 82 34.09 12.20 44.75
CA GLU G 82 33.88 13.63 45.03
C GLU G 82 34.27 14.48 43.81
N LYS G 83 34.79 13.85 42.76
CA LYS G 83 35.24 14.54 41.55
C LYS G 83 34.74 13.77 40.32
N VAL G 84 33.52 13.25 40.42
CA VAL G 84 33.00 12.23 39.51
C VAL G 84 32.58 12.89 38.20
N ASN G 85 32.14 14.16 38.27
CA ASN G 85 31.61 14.88 37.12
C ASN G 85 32.76 15.34 36.22
N ILE G 86 33.65 16.18 36.75
CA ILE G 86 34.80 16.67 35.97
C ILE G 86 35.54 15.46 35.35
N ASN G 87 35.67 14.39 36.13
CA ASN G 87 36.30 13.16 35.67
C ASN G 87 35.54 12.60 34.46
N SER G 88 34.23 12.39 34.63
CA SER G 88 33.36 11.87 33.56
C SER G 88 33.45 12.74 32.30
N VAL G 89 33.50 14.06 32.49
CA VAL G 89 33.54 15.02 31.39
C VAL G 89 34.89 14.93 30.65
N LEU G 90 35.99 14.79 31.39
CA LEU G 90 37.34 14.65 30.82
C LEU G 90 37.39 13.40 29.94
N ARG G 91 36.85 12.30 30.46
CA ARG G 91 36.79 11.02 29.76
C ARG G 91 36.03 11.17 28.43
N ILE G 92 34.91 11.92 28.44
CA ILE G 92 34.09 12.13 27.24
C ILE G 92 34.90 12.96 26.21
N TYR G 93 35.54 14.03 26.66
CA TYR G 93 36.26 14.93 25.73
C TYR G 93 37.59 14.29 25.31
N ARG G 94 38.14 13.42 26.15
CA ARG G 94 39.28 12.58 25.78
C ARG G 94 38.89 11.74 24.56
N VAL G 95 37.73 11.08 24.65
CA VAL G 95 37.25 10.22 23.57
C VAL G 95 37.08 11.05 22.29
N TYR G 96 36.50 12.25 22.41
CA TYR G 96 36.25 13.10 21.24
C TYR G 96 37.58 13.45 20.54
N LEU G 97 38.60 13.86 21.32
CA LEU G 97 39.88 14.31 20.77
C LEU G 97 40.61 13.13 20.09
N MET G 98 40.53 11.95 20.70
CA MET G 98 41.18 10.73 20.19
C MET G 98 40.49 10.29 18.88
N SER G 99 39.19 10.58 18.74
CA SER G 99 38.43 10.22 17.54
C SER G 99 38.95 11.02 16.34
N ILE G 100 39.33 12.28 16.56
CA ILE G 100 39.92 13.12 15.51
C ILE G 100 41.27 12.53 15.10
N ILE G 101 42.05 12.06 16.09
CA ILE G 101 43.37 11.49 15.83
C ILE G 101 43.21 10.21 14.99
N THR G 102 42.37 9.27 15.44
CA THR G 102 42.31 7.93 14.81
C THR G 102 41.62 7.98 13.44
N ASP G 103 40.76 9.00 13.21
CA ASP G 103 40.07 9.16 11.93
C ASP G 103 40.98 9.86 10.91
N THR G 104 42.08 10.44 11.40
CA THR G 104 43.13 11.04 10.58
C THR G 104 44.23 10.01 10.25
N TYR G 105 44.74 9.32 11.28
CA TYR G 105 45.97 8.51 11.15
C TYR G 105 45.75 7.00 11.30
N GLY G 106 44.61 6.56 11.85
CA GLY G 106 44.39 5.11 12.08
C GLY G 106 44.88 4.70 13.46
N ASP G 107 45.67 3.62 13.52
CA ASP G 107 46.20 3.11 14.78
C ASP G 107 47.04 4.21 15.43
N ALA G 108 46.93 4.37 16.76
CA ALA G 108 47.59 5.47 17.47
C ALA G 108 47.61 5.18 18.97
N PRO G 109 48.55 5.77 19.74
CA PRO G 109 48.57 5.61 21.19
C PRO G 109 47.31 6.16 21.86
N PHE G 110 46.77 5.41 22.83
CA PHE G 110 45.57 5.79 23.55
C PHE G 110 45.65 5.23 24.98
N SER G 111 45.49 3.91 25.11
CA SER G 111 45.48 3.25 26.41
C SER G 111 46.78 3.55 27.18
N GLU G 112 47.89 3.68 26.45
CA GLU G 112 49.23 3.84 27.04
C GLU G 112 49.73 5.29 26.92
N ALA G 113 48.92 6.19 26.32
CA ALA G 113 49.37 7.55 26.01
C ALA G 113 49.48 8.41 27.28
N GLY G 114 50.54 9.22 27.34
CA GLY G 114 50.70 10.27 28.36
C GLY G 114 51.15 9.74 29.71
N LEU G 115 51.81 8.58 29.73
CA LEU G 115 52.32 7.95 30.95
C LEU G 115 53.84 7.74 30.82
N ASN G 123 57.48 5.39 25.84
CA ASN G 123 57.33 4.63 24.60
C ASN G 123 56.01 3.87 24.58
N PRO G 124 54.86 4.53 24.29
CA PRO G 124 53.57 3.87 24.24
C PRO G 124 53.21 3.15 22.92
N LYS G 125 52.51 2.02 23.05
CA LYS G 125 52.01 1.22 21.92
C LYS G 125 50.99 2.05 21.13
N TYR G 126 50.87 1.72 19.83
CA TYR G 126 49.81 2.24 18.95
C TYR G 126 48.63 1.25 18.97
N ASP G 127 47.55 1.61 19.66
CA ASP G 127 46.34 0.78 19.71
C ASP G 127 45.76 0.65 18.30
N LYS G 128 45.35 -0.57 17.93
CA LYS G 128 44.61 -0.81 16.68
C LYS G 128 43.32 0.02 16.72
N GLN G 129 42.96 0.60 15.57
CA GLN G 129 41.79 1.48 15.46
C GLN G 129 40.56 0.79 16.05
N GLU G 130 40.40 -0.51 15.73
CA GLU G 130 39.29 -1.34 16.21
C GLU G 130 39.15 -1.22 17.73
N ASP G 131 40.27 -1.37 18.43
CA ASP G 131 40.33 -1.40 19.89
C ASP G 131 40.13 0.03 20.44
N ILE G 132 40.58 1.04 19.69
CA ILE G 132 40.29 2.43 20.05
C ILE G 132 38.78 2.65 19.99
N TYR G 133 38.13 2.14 18.94
CA TYR G 133 36.67 2.35 18.78
C TYR G 133 35.91 1.53 19.81
N ASN G 134 36.43 0.36 20.20
CA ASN G 134 35.87 -0.41 21.31
C ASN G 134 35.91 0.45 22.58
N ALA G 135 37.09 1.00 22.86
CA ALA G 135 37.33 1.84 24.05
C ALA G 135 36.38 3.06 24.06
N PHE G 136 36.01 3.58 22.88
CA PHE G 136 35.08 4.72 22.76
C PHE G 136 33.71 4.35 23.38
N PHE G 137 33.17 3.19 23.01
CA PHE G 137 31.87 2.77 23.52
C PHE G 137 31.94 2.54 25.03
N LEU G 138 33.02 1.89 25.48
CA LEU G 138 33.16 1.53 26.89
C LEU G 138 33.36 2.78 27.75
N GLU G 139 34.14 3.75 27.25
CA GLU G 139 34.46 4.96 28.02
C GLU G 139 33.24 5.89 28.13
N LEU G 140 32.42 5.92 27.07
CA LEU G 140 31.28 6.83 26.99
C LEU G 140 30.12 6.27 27.82
N GLU G 141 29.87 4.95 27.70
CA GLU G 141 28.81 4.25 28.44
C GLU G 141 29.02 4.41 29.96
N ASP G 142 30.29 4.32 30.39
CA ASP G 142 30.66 4.34 31.79
C ASP G 142 30.59 5.77 32.35
N ALA G 143 31.08 6.75 31.58
CA ALA G 143 31.04 8.16 31.98
C ALA G 143 29.58 8.61 32.19
N VAL G 144 28.69 8.20 31.28
CA VAL G 144 27.26 8.51 31.34
C VAL G 144 26.69 8.02 32.67
N ASN G 145 27.14 6.85 33.12
CA ASN G 145 26.62 6.19 34.31
C ASN G 145 27.26 6.75 35.59
N LYS G 146 28.44 7.38 35.49
CA LYS G 146 29.15 7.92 36.67
C LYS G 146 28.65 9.34 37.03
N ILE G 147 28.21 10.10 36.02
CA ILE G 147 27.78 11.49 36.23
C ILE G 147 26.68 11.53 37.31
N ASP G 148 26.83 12.50 38.22
CA ASP G 148 25.97 12.70 39.37
C ASP G 148 25.90 14.20 39.67
N PRO G 149 24.84 14.91 39.22
CA PRO G 149 24.73 16.36 39.42
C PRO G 149 24.72 16.89 40.87
N THR G 150 24.70 15.99 41.87
CA THR G 150 24.73 16.38 43.29
C THR G 150 26.17 16.50 43.82
N LYS G 151 27.14 16.10 43.00
CA LYS G 151 28.56 16.08 43.38
C LYS G 151 29.23 17.36 42.86
N ASP G 152 30.51 17.26 42.46
CA ASP G 152 31.32 18.40 42.06
C ASP G 152 30.67 19.11 40.86
N LYS G 153 30.56 20.44 40.94
CA LYS G 153 30.08 21.24 39.84
C LYS G 153 31.27 21.59 38.94
N VAL G 154 31.06 21.57 37.62
CA VAL G 154 32.10 21.79 36.60
C VAL G 154 32.11 23.27 36.22
N THR G 155 33.28 23.91 36.30
CA THR G 155 33.42 25.37 36.36
C THR G 155 33.97 25.98 35.07
N GLY G 156 34.78 25.23 34.31
CA GLY G 156 35.47 25.76 33.13
C GLY G 156 35.00 25.13 31.82
N ASP G 157 33.67 24.97 31.69
CA ASP G 157 33.05 24.29 30.55
C ASP G 157 32.49 25.34 29.58
N LEU G 158 33.08 25.41 28.39
CA LEU G 158 32.70 26.38 27.35
C LEU G 158 31.70 25.77 26.36
N ILE G 159 31.34 24.50 26.55
CA ILE G 159 30.39 23.82 25.66
C ILE G 159 28.98 23.93 26.25
N TYR G 160 28.81 23.46 27.50
CA TYR G 160 27.50 23.33 28.16
C TYR G 160 27.45 24.07 29.50
N ALA G 161 28.39 25.00 29.73
CA ALA G 161 28.43 25.86 30.93
C ALA G 161 28.21 25.06 32.22
N GLY G 162 28.65 23.79 32.24
CA GLY G 162 28.65 22.97 33.46
C GLY G 162 27.46 22.03 33.57
N ASP G 163 26.45 22.16 32.69
CA ASP G 163 25.28 21.27 32.67
C ASP G 163 25.75 19.86 32.26
N VAL G 164 25.84 18.98 33.25
CA VAL G 164 26.42 17.67 33.08
C VAL G 164 25.36 16.69 32.53
N THR G 165 24.08 17.07 32.59
CA THR G 165 22.98 16.32 31.95
C THR G 165 23.16 16.34 30.43
N LYS G 166 23.64 17.47 29.91
CA LYS G 166 23.83 17.62 28.46
C LYS G 166 25.09 16.84 28.01
N TRP G 167 26.09 16.74 28.88
CA TRP G 167 27.27 15.92 28.59
C TRP G 167 26.85 14.46 28.38
N GLN G 168 25.85 13.99 29.15
CA GLN G 168 25.30 12.64 28.93
C GLN G 168 24.73 12.56 27.50
N GLN G 169 23.98 13.59 27.09
CA GLN G 169 23.33 13.63 25.78
C GLN G 169 24.39 13.58 24.66
N LEU G 170 25.43 14.42 24.80
CA LEU G 170 26.54 14.51 23.83
C LEU G 170 27.24 13.15 23.73
N ALA G 171 27.59 12.59 24.90
CA ALA G 171 28.33 11.34 25.04
C ALA G 171 27.58 10.21 24.32
N ASN G 172 26.27 10.12 24.56
CA ASN G 172 25.41 9.13 23.93
C ASN G 172 25.28 9.42 22.43
N SER G 173 25.33 10.71 22.06
CA SER G 173 25.25 11.13 20.67
C SER G 173 26.53 10.73 19.92
N LEU G 174 27.69 10.85 20.59
CA LEU G 174 28.97 10.41 20.03
C LEU G 174 28.93 8.90 19.79
N ARG G 175 28.25 8.15 20.68
CA ARG G 175 28.04 6.70 20.49
C ARG G 175 27.26 6.46 19.19
N LEU G 176 26.23 7.28 18.92
CA LEU G 176 25.48 7.23 17.66
C LEU G 176 26.44 7.43 16.47
N ARG G 177 27.34 8.42 16.57
CA ARG G 177 28.28 8.76 15.50
C ARG G 177 29.21 7.56 15.22
N PHE G 178 29.86 7.08 16.30
CA PHE G 178 30.87 6.02 16.22
C PHE G 178 30.23 4.69 15.85
N ALA G 179 28.98 4.48 16.27
CA ALA G 179 28.24 3.28 15.90
C ALA G 179 28.03 3.28 14.38
N MET G 180 27.57 4.40 13.83
CA MET G 180 27.30 4.50 12.40
C MET G 180 28.60 4.39 11.59
N ARG G 181 29.71 4.86 12.18
CA ARG G 181 31.02 4.86 11.52
C ARG G 181 31.47 3.43 11.23
N ILE G 182 31.17 2.51 12.15
CA ILE G 182 31.66 1.14 12.05
C ILE G 182 30.58 0.25 11.41
N SER G 183 29.61 0.86 10.71
CA SER G 183 28.46 0.14 10.18
C SER G 183 28.85 -0.74 8.97
N SER G 184 29.95 -0.43 8.29
CA SER G 184 30.45 -1.25 7.17
C SER G 184 31.30 -2.42 7.67
N VAL G 185 32.26 -2.11 8.56
CA VAL G 185 33.31 -3.07 8.96
C VAL G 185 32.74 -4.11 9.95
N ASN G 186 31.76 -3.68 10.76
CA ASN G 186 31.19 -4.52 11.81
C ASN G 186 29.72 -4.16 12.01
N PRO G 187 28.82 -4.58 11.09
CA PRO G 187 27.39 -4.24 11.16
C PRO G 187 26.64 -4.61 12.46
N THR G 188 26.95 -5.79 13.02
CA THR G 188 26.25 -6.31 14.17
C THR G 188 26.53 -5.43 15.40
N LYS G 189 27.82 -5.12 15.63
CA LYS G 189 28.22 -4.29 16.76
C LYS G 189 27.67 -2.88 16.61
N ALA G 190 27.60 -2.38 15.37
CA ALA G 190 27.08 -1.03 15.08
C ALA G 190 25.63 -0.91 15.55
N GLN G 191 24.75 -1.81 15.05
CA GLN G 191 23.34 -1.81 15.38
C GLN G 191 23.16 -1.84 16.91
N THR G 192 23.79 -2.82 17.55
CA THR G 192 23.77 -3.00 19.00
C THR G 192 24.18 -1.71 19.72
N GLU G 193 25.31 -1.12 19.31
CA GLU G 193 25.88 0.05 20.00
C GLU G 193 24.97 1.27 19.80
N PHE G 194 24.25 1.32 18.68
CA PHE G 194 23.35 2.42 18.32
C PHE G 194 22.06 2.36 19.16
N GLU G 195 21.49 1.16 19.27
CA GLU G 195 20.24 0.92 20.02
C GLU G 195 20.49 1.15 21.51
N ASN G 196 21.64 0.68 22.01
CA ASN G 196 22.06 0.88 23.40
C ASN G 196 22.15 2.37 23.73
N ALA G 197 22.72 3.15 22.79
CA ALA G 197 22.93 4.58 22.98
C ALA G 197 21.59 5.30 23.18
N LEU G 198 20.57 4.89 22.43
CA LEU G 198 19.23 5.52 22.49
C LEU G 198 18.57 5.26 23.85
N ALA G 199 18.80 4.05 24.39
CA ALA G 199 18.21 3.64 25.64
C ALA G 199 19.10 3.99 26.83
N ALA G 200 20.18 4.75 26.62
CA ALA G 200 21.13 5.06 27.69
C ALA G 200 20.63 6.21 28.55
N ASN G 201 21.18 6.28 29.78
CA ASN G 201 20.90 7.34 30.76
C ASN G 201 21.13 8.72 30.15
N GLY G 202 20.09 9.55 30.16
CA GLY G 202 20.18 10.93 29.68
C GLY G 202 19.75 11.09 28.23
N GLY G 203 19.66 9.98 27.48
CA GLY G 203 19.26 10.04 26.08
C GLY G 203 20.28 10.77 25.23
N VAL G 204 19.85 11.20 24.03
CA VAL G 204 20.74 11.80 23.04
C VAL G 204 20.34 13.26 22.80
N ILE G 205 21.02 13.92 21.87
CA ILE G 205 20.71 15.29 21.49
C ILE G 205 19.50 15.28 20.54
N THR G 206 18.33 15.67 21.06
CA THR G 206 17.04 15.55 20.36
C THR G 206 16.68 16.87 19.64
N ASP G 207 17.24 17.99 20.08
CA ASP G 207 16.96 19.28 19.46
C ASP G 207 18.14 20.23 19.71
N ALA G 208 18.09 21.41 19.06
CA ALA G 208 19.25 22.29 18.89
C ALA G 208 19.70 22.92 20.22
N SER G 209 18.86 22.88 21.26
CA SER G 209 19.22 23.47 22.56
C SER G 209 20.31 22.65 23.26
N SER G 210 20.56 21.41 22.81
CA SER G 210 21.58 20.54 23.42
C SER G 210 22.79 20.35 22.49
N ASP G 211 22.85 21.13 21.41
CA ASP G 211 23.97 21.09 20.48
C ASP G 211 25.26 21.40 21.25
N ALA G 212 26.32 20.65 20.92
CA ALA G 212 27.63 20.83 21.52
C ALA G 212 28.45 21.77 20.65
N LEU G 213 28.48 23.05 21.03
CA LEU G 213 29.23 24.08 20.34
C LEU G 213 30.16 24.76 21.35
N ILE G 214 31.44 24.86 21.00
CA ILE G 214 32.45 25.55 21.82
C ILE G 214 32.28 27.06 21.60
N LYS G 215 32.16 27.81 22.69
CA LYS G 215 31.90 29.24 22.63
C LYS G 215 33.24 29.97 22.55
N TYR G 216 33.48 30.61 21.39
CA TYR G 216 34.70 31.35 21.12
C TYR G 216 34.40 32.84 21.20
N MET G 217 35.31 33.58 21.83
CA MET G 217 35.25 35.03 21.91
C MET G 217 35.55 35.63 20.53
N THR G 218 35.11 36.86 20.32
CA THR G 218 35.42 37.59 19.11
C THR G 218 36.67 38.45 19.39
N ILE G 219 37.77 38.13 18.71
CA ILE G 219 39.08 38.75 18.91
C ILE G 219 39.64 39.13 17.54
N ALA G 220 40.38 40.24 17.50
CA ALA G 220 41.03 40.70 16.27
C ALA G 220 41.88 39.57 15.70
N PHE G 221 41.75 39.33 14.39
CA PHE G 221 42.59 38.39 13.66
C PHE G 221 44.03 38.93 13.58
N SER G 222 44.98 38.13 14.06
CA SER G 222 46.41 38.46 13.98
C SER G 222 47.20 37.19 13.59
N PHE G 223 48.29 37.39 12.85
CA PHE G 223 49.17 36.31 12.43
C PHE G 223 50.57 36.52 13.01
N GLY G 224 50.66 37.32 14.08
CA GLY G 224 51.91 37.55 14.80
C GLY G 224 52.29 36.35 15.65
N GLN G 225 53.54 36.32 16.11
CA GLN G 225 54.10 35.21 16.90
C GLN G 225 53.18 34.90 18.08
N GLU G 226 52.73 35.96 18.77
CA GLU G 226 51.99 35.83 20.03
C GLU G 226 50.59 35.24 19.78
N ALA G 227 50.09 35.32 18.54
CA ALA G 227 48.73 34.87 18.19
C ALA G 227 48.63 33.34 18.21
N TYR G 228 49.76 32.64 18.24
CA TYR G 228 49.78 31.19 18.13
C TYR G 228 49.65 30.52 19.51
N SER G 229 49.58 31.31 20.58
CA SER G 229 49.28 30.80 21.92
C SER G 229 48.00 31.45 22.48
N ASP G 230 47.14 31.96 21.58
CA ASP G 230 45.87 32.62 21.90
C ASP G 230 44.71 31.80 21.30
N TYR G 231 44.13 30.91 22.11
CA TYR G 231 43.11 29.96 21.67
C TYR G 231 41.69 30.46 21.93
N ARG G 232 41.54 31.77 22.21
CA ARG G 232 40.30 32.32 22.72
C ARG G 232 39.28 32.54 21.61
N GLY G 233 39.74 32.71 20.38
CA GLY G 233 38.87 32.86 19.22
C GLY G 233 38.89 31.62 18.34
N ASN G 234 37.91 31.54 17.44
CA ASN G 234 37.88 30.52 16.41
C ASN G 234 38.97 30.84 15.38
N SER G 235 40.05 30.04 15.41
CA SER G 235 41.19 30.24 14.53
C SER G 235 40.97 29.58 13.16
N LEU G 236 39.98 28.68 13.02
CA LEU G 236 39.64 28.13 11.71
C LEU G 236 39.05 29.25 10.85
N SER G 237 38.11 30.00 11.44
CA SER G 237 37.48 31.10 10.76
C SER G 237 38.54 32.12 10.32
N GLN G 238 39.48 32.44 11.21
CA GLN G 238 40.58 33.37 10.88
C GLN G 238 41.27 32.92 9.59
N LEU G 239 41.57 31.62 9.51
CA LEU G 239 42.36 31.06 8.43
C LEU G 239 41.55 31.03 7.13
N LEU G 240 40.25 30.72 7.22
CA LEU G 240 39.37 30.72 6.06
C LEU G 240 39.20 32.14 5.51
N PHE G 241 39.35 33.14 6.39
CA PHE G 241 39.48 34.53 5.94
C PHE G 241 40.82 34.66 5.21
N GLY G 242 41.93 34.55 5.95
CA GLY G 242 43.23 34.27 5.36
C GLY G 242 44.34 35.21 5.82
N ASN G 243 45.56 34.68 5.80
CA ASN G 243 46.79 35.42 5.98
C ASN G 243 47.05 36.29 4.73
N ASP G 244 46.54 35.81 3.58
CA ASP G 244 46.63 36.49 2.28
C ASP G 244 45.22 36.60 1.71
N PRO G 245 44.31 37.36 2.37
CA PRO G 245 42.89 37.33 2.06
C PRO G 245 42.45 38.04 0.76
N ALA G 246 43.31 38.89 0.21
CA ALA G 246 43.06 39.55 -1.07
C ALA G 246 43.18 38.54 -2.22
N ASN G 247 44.33 37.85 -2.30
CA ASN G 247 44.68 36.97 -3.43
C ASN G 247 44.19 35.54 -3.21
N ASN G 248 44.14 35.12 -1.94
CA ASN G 248 43.87 33.74 -1.57
C ASN G 248 42.78 33.69 -0.50
N PRO G 249 41.52 34.06 -0.83
CA PRO G 249 40.38 33.83 0.04
C PRO G 249 39.87 32.38 -0.05
N SER G 250 38.79 32.07 0.70
CA SER G 250 38.12 30.75 0.63
C SER G 250 37.21 30.71 -0.60
N TYR G 251 37.77 30.30 -1.75
CA TYR G 251 36.98 30.03 -2.95
C TYR G 251 36.32 28.65 -2.83
N LEU G 252 35.08 28.54 -3.28
CA LEU G 252 34.32 27.30 -3.14
C LEU G 252 34.66 26.34 -4.29
N CYS G 253 34.74 25.05 -3.98
CA CYS G 253 34.90 24.00 -4.97
C CYS G 253 33.58 23.79 -5.72
N SER G 254 33.67 23.47 -7.02
CA SER G 254 32.51 23.37 -7.90
C SER G 254 31.60 22.20 -7.50
N THR G 255 32.20 21.15 -6.94
CA THR G 255 31.43 19.99 -6.46
C THR G 255 30.38 20.47 -5.45
N PHE G 256 30.80 21.33 -4.52
CA PHE G 256 29.97 21.80 -3.41
C PHE G 256 28.98 22.87 -3.89
N PHE G 257 29.48 23.89 -4.58
CA PHE G 257 28.62 24.97 -5.04
C PHE G 257 27.56 24.43 -6.00
N ASN G 258 27.96 23.56 -6.93
CA ASN G 258 27.02 22.96 -7.89
C ASN G 258 25.96 22.13 -7.15
N GLN G 259 26.37 21.38 -6.12
CA GLN G 259 25.41 20.57 -5.33
C GLN G 259 24.28 21.49 -4.84
N LEU G 260 24.67 22.66 -4.29
CA LEU G 260 23.76 23.63 -3.68
C LEU G 260 22.92 24.33 -4.77
N TYR G 261 23.58 24.80 -5.83
CA TYR G 261 22.93 25.62 -6.85
C TYR G 261 21.95 24.79 -7.68
N ASN G 262 22.43 23.65 -8.20
CA ASN G 262 21.64 22.81 -9.12
C ASN G 262 20.47 22.12 -8.40
N SER G 263 20.57 21.97 -7.07
CA SER G 263 19.50 21.38 -6.25
C SER G 263 18.54 22.46 -5.71
N GLY G 264 18.81 23.73 -6.03
CA GLY G 264 17.98 24.85 -5.57
C GLY G 264 17.95 24.95 -4.05
N ASP G 265 19.09 24.62 -3.43
CA ASP G 265 19.26 24.61 -1.97
C ASP G 265 19.23 26.04 -1.46
N PRO G 266 18.33 26.37 -0.50
CA PRO G 266 18.23 27.72 0.05
C PRO G 266 19.56 28.27 0.59
N ARG G 267 20.46 27.37 1.00
CA ARG G 267 21.73 27.71 1.63
C ARG G 267 22.78 28.16 0.61
N THR G 268 22.48 28.04 -0.69
CA THR G 268 23.42 28.34 -1.77
C THR G 268 24.09 29.69 -1.51
N PHE G 269 23.28 30.74 -1.35
CA PHE G 269 23.79 32.12 -1.21
C PHE G 269 23.72 32.59 0.25
N LYS G 270 23.68 31.63 1.17
CA LYS G 270 23.89 31.87 2.59
C LYS G 270 25.32 31.45 2.93
N ILE G 271 25.78 30.35 2.31
CA ILE G 271 27.11 29.80 2.53
C ILE G 271 28.12 30.55 1.65
N SER G 272 27.69 30.96 0.44
CA SER G 272 28.58 31.54 -0.55
C SER G 272 28.05 32.88 -1.07
N ARG G 273 28.99 33.76 -1.43
CA ARG G 273 28.72 35.00 -2.15
C ARG G 273 29.85 35.27 -3.15
N CYS G 274 29.55 36.09 -4.16
CA CYS G 274 30.55 36.66 -5.03
C CYS G 274 30.82 38.09 -4.54
N TYR G 275 32.07 38.35 -4.15
CA TYR G 275 32.54 39.60 -3.58
C TYR G 275 33.64 40.23 -4.45
N TYR G 276 33.56 41.54 -4.67
CA TYR G 276 34.71 42.35 -5.07
C TYR G 276 35.43 42.85 -3.82
N ASP G 277 36.73 42.61 -3.72
CA ASP G 277 37.48 42.81 -2.48
C ASP G 277 38.53 43.92 -2.66
N GLY G 278 38.36 44.75 -3.69
CA GLY G 278 39.25 45.89 -3.94
C GLY G 278 39.42 46.77 -2.72
N LEU G 279 38.33 47.08 -2.03
CA LEU G 279 38.36 48.01 -0.90
C LEU G 279 38.37 47.25 0.44
N MET G 280 38.54 45.93 0.42
CA MET G 280 38.49 45.11 1.63
C MET G 280 39.71 45.44 2.52
N SER G 281 39.50 45.39 3.84
CA SER G 281 40.61 45.50 4.80
C SER G 281 41.46 44.22 4.71
N ALA G 282 42.73 44.32 5.09
CA ALA G 282 43.41 43.15 5.62
C ALA G 282 42.98 43.01 7.07
N THR G 283 43.14 41.82 7.64
CA THR G 283 42.87 41.55 9.07
C THR G 283 41.36 41.47 9.38
N SER G 284 40.49 41.80 8.43
CA SER G 284 39.04 41.83 8.69
C SER G 284 38.25 41.84 7.38
N PRO G 285 37.19 41.01 7.21
CA PRO G 285 36.40 40.99 5.97
C PRO G 285 35.32 42.08 5.86
N ASP G 286 35.73 43.35 5.97
CA ASP G 286 34.85 44.52 5.87
C ASP G 286 35.06 45.22 4.52
N ASN G 287 34.01 45.92 4.09
CA ASN G 287 33.99 46.73 2.88
C ASN G 287 34.13 45.84 1.64
N ARG G 288 33.63 44.60 1.72
CA ARG G 288 33.47 43.75 0.54
C ARG G 288 32.24 44.26 -0.22
N VAL G 289 32.23 44.06 -1.54
CA VAL G 289 31.14 44.51 -2.39
C VAL G 289 30.44 43.27 -2.96
N ASP G 290 29.18 43.09 -2.59
CA ASP G 290 28.41 41.92 -2.98
C ASP G 290 27.86 42.12 -4.39
N ILE G 291 28.30 41.28 -5.33
CA ILE G 291 27.90 41.38 -6.74
C ILE G 291 27.02 40.18 -7.14
N THR G 292 26.59 39.39 -6.14
CA THR G 292 25.89 38.15 -6.38
C THR G 292 24.58 38.41 -7.15
N GLN G 293 23.78 39.35 -6.64
CA GLN G 293 22.50 39.67 -7.22
C GLN G 293 22.74 40.24 -8.63
N GLU G 294 23.67 41.19 -8.74
CA GLU G 294 24.01 41.83 -10.01
C GLU G 294 24.36 40.76 -11.07
N MET G 295 25.16 39.77 -10.65
CA MET G 295 25.53 38.65 -11.51
C MET G 295 24.26 37.93 -11.98
N ILE G 296 23.40 37.51 -11.05
CA ILE G 296 22.17 36.80 -11.39
C ILE G 296 21.34 37.64 -12.35
N GLU G 297 21.12 38.92 -12.01
CA GLU G 297 20.32 39.88 -12.82
C GLU G 297 20.81 39.90 -14.27
N LYS G 298 22.14 39.89 -14.46
CA LYS G 298 22.77 40.10 -15.77
C LYS G 298 23.06 38.77 -16.48
N GLY G 299 22.79 37.64 -15.84
CA GLY G 299 23.00 36.31 -16.43
C GLY G 299 24.47 35.95 -16.55
N ILE G 300 25.26 36.38 -15.57
CA ILE G 300 26.69 36.09 -15.50
C ILE G 300 26.86 34.74 -14.78
N ALA G 301 27.45 33.77 -15.47
CA ALA G 301 27.66 32.43 -14.93
C ALA G 301 28.66 32.48 -13.77
N PHE G 302 28.42 31.66 -12.75
CA PHE G 302 29.37 31.44 -11.66
C PHE G 302 30.44 30.44 -12.13
N SER G 303 31.68 30.61 -11.64
CA SER G 303 32.81 29.81 -12.11
C SER G 303 33.52 29.14 -10.95
N PRO G 304 32.84 28.27 -10.16
CA PRO G 304 33.50 27.64 -9.01
C PRO G 304 34.62 26.71 -9.49
N ARG G 305 35.57 26.43 -8.59
CA ARG G 305 36.85 25.82 -8.93
C ARG G 305 36.75 24.28 -8.89
N ASP G 306 36.98 23.66 -10.05
CA ASP G 306 37.04 22.20 -10.15
C ASP G 306 38.16 21.69 -9.24
N PRO G 307 38.06 20.47 -8.67
CA PRO G 307 39.15 19.91 -7.88
C PRO G 307 40.47 19.96 -8.66
N GLY G 308 41.47 20.64 -8.06
CA GLY G 308 42.81 20.76 -8.62
C GLY G 308 43.11 22.16 -9.14
N ALA G 309 42.06 22.92 -9.48
CA ALA G 309 42.19 24.24 -10.09
C ALA G 309 42.55 25.31 -9.05
N TYR G 310 43.46 26.21 -9.42
CA TYR G 310 43.70 27.46 -8.71
C TYR G 310 42.65 28.50 -9.13
N SER G 311 42.53 29.56 -8.34
CA SER G 311 41.67 30.71 -8.66
C SER G 311 42.06 31.33 -10.01
N TRP G 312 43.34 31.21 -10.38
CA TRP G 312 43.89 31.93 -11.54
C TRP G 312 43.94 31.03 -12.79
N GLU G 313 43.64 29.74 -12.66
CA GLU G 313 43.71 28.84 -13.81
C GLU G 313 42.71 27.70 -13.64
N PRO G 314 41.69 27.58 -14.51
CA PRO G 314 41.49 28.48 -15.65
C PRO G 314 40.96 29.86 -15.21
N TRP G 315 41.43 30.92 -15.91
CA TRP G 315 40.99 32.29 -15.64
C TRP G 315 39.57 32.46 -16.15
N PRO G 316 38.65 33.02 -15.33
CA PRO G 316 37.24 33.13 -15.72
C PRO G 316 36.93 34.18 -16.80
N THR G 317 35.87 33.89 -17.55
CA THR G 317 35.15 34.90 -18.33
C THR G 317 34.44 35.81 -17.32
N GLY G 318 34.79 37.10 -17.33
CA GLY G 318 34.27 38.07 -16.38
C GLY G 318 33.13 38.88 -16.97
N TYR G 319 32.92 40.07 -16.42
CA TYR G 319 31.92 41.02 -16.89
C TYR G 319 32.26 42.40 -16.31
N ASP G 320 31.64 43.45 -16.85
CA ASP G 320 31.78 44.81 -16.31
C ASP G 320 30.62 45.08 -15.34
N SER G 321 30.97 45.30 -14.06
CA SER G 321 30.02 45.52 -12.96
C SER G 321 29.59 46.98 -12.91
N ASP G 322 28.27 47.20 -12.90
CA ASP G 322 27.70 48.55 -12.78
C ASP G 322 27.97 49.10 -11.38
N ILE G 323 27.74 48.25 -10.37
CA ILE G 323 27.96 48.58 -8.96
C ILE G 323 29.38 49.16 -8.81
N CYS G 324 30.38 48.37 -9.24
CA CYS G 324 31.79 48.75 -9.08
C CYS G 324 32.12 50.01 -9.91
N ALA G 325 31.53 50.16 -11.10
CA ALA G 325 31.76 51.34 -11.93
C ALA G 325 31.32 52.61 -11.19
N GLU G 326 30.13 52.57 -10.57
CA GLU G 326 29.63 53.69 -9.76
C GLU G 326 30.66 54.00 -8.65
N LEU G 327 31.17 52.93 -8.02
CA LEU G 327 32.10 53.04 -6.89
C LEU G 327 33.43 53.66 -7.36
N ALA G 328 33.79 53.41 -8.63
CA ALA G 328 35.06 53.85 -9.20
C ALA G 328 35.13 55.38 -9.33
N VAL G 329 33.97 56.06 -9.47
CA VAL G 329 33.96 57.50 -9.80
C VAL G 329 34.53 58.31 -8.62
N ASN G 330 34.40 57.79 -7.39
CA ASN G 330 34.96 58.47 -6.22
C ASN G 330 36.22 57.76 -5.72
N ASN G 331 36.36 56.47 -6.03
CA ASN G 331 37.52 55.69 -5.59
C ASN G 331 38.22 55.09 -6.80
N PRO G 332 39.18 55.81 -7.41
CA PRO G 332 39.75 55.42 -8.70
C PRO G 332 40.63 54.15 -8.67
N SER G 333 40.86 53.59 -7.47
CA SER G 333 41.55 52.31 -7.31
C SER G 333 40.64 51.13 -7.69
N VAL G 334 39.34 51.38 -7.90
CA VAL G 334 38.37 50.32 -8.19
C VAL G 334 38.29 50.12 -9.71
N THR G 335 38.37 48.85 -10.15
CA THR G 335 38.02 48.47 -11.52
C THR G 335 36.57 48.00 -11.56
N ALA G 336 35.89 48.30 -12.69
CA ALA G 336 34.56 47.81 -12.99
C ALA G 336 34.65 46.38 -13.55
N THR G 337 35.83 46.01 -14.05
CA THR G 337 35.98 44.78 -14.83
C THR G 337 36.25 43.61 -13.85
N MET G 338 35.20 42.82 -13.60
CA MET G 338 35.28 41.66 -12.72
C MET G 338 35.89 40.49 -13.50
N ALA G 339 36.66 39.66 -12.80
CA ALA G 339 37.23 38.45 -13.38
C ALA G 339 37.08 37.28 -12.39
N ARG G 340 38.02 37.15 -11.44
CA ARG G 340 37.99 36.06 -10.46
C ARG G 340 36.85 36.26 -9.44
N GLU G 341 36.24 37.45 -9.43
CA GLU G 341 35.16 37.77 -8.50
C GLU G 341 33.92 36.92 -8.79
N VAL G 342 33.83 36.35 -10.02
CA VAL G 342 32.70 35.51 -10.43
C VAL G 342 32.86 34.09 -9.90
N GLU G 343 33.95 33.83 -9.17
CA GLU G 343 34.15 32.56 -8.48
C GLU G 343 33.58 32.70 -7.06
N PRO G 344 32.53 31.92 -6.71
CA PRO G 344 31.88 32.06 -5.40
C PRO G 344 32.88 31.89 -4.24
N LYS G 345 32.75 32.75 -3.23
CA LYS G 345 33.56 32.70 -2.01
C LYS G 345 32.67 32.39 -0.80
N LEU G 346 33.28 31.86 0.25
CA LEU G 346 32.60 31.64 1.52
C LEU G 346 32.10 32.98 2.06
N ALA G 347 30.83 33.01 2.48
CA ALA G 347 30.18 34.23 2.93
C ALA G 347 30.81 34.71 4.24
N ASN G 348 30.70 36.02 4.47
CA ASN G 348 31.22 36.70 5.65
C ASN G 348 30.77 36.00 6.95
N ASN G 349 29.54 35.45 6.98
CA ASN G 349 28.97 34.88 8.19
C ASN G 349 29.88 33.80 8.79
N PHE G 350 30.71 33.16 7.96
CA PHE G 350 31.57 32.06 8.40
C PHE G 350 33.03 32.50 8.54
N LEU G 351 33.27 33.82 8.61
CA LEU G 351 34.62 34.37 8.71
C LEU G 351 34.74 35.23 9.98
N LYS G 352 34.14 34.76 11.08
CA LYS G 352 34.11 35.52 12.33
C LYS G 352 34.79 34.72 13.45
N SER G 353 35.69 35.39 14.19
CA SER G 353 36.36 34.87 15.39
C SER G 353 35.32 34.30 16.35
N ASP G 354 34.11 34.84 16.21
CA ASP G 354 32.90 34.62 16.98
C ASP G 354 32.34 33.20 16.74
N ASN G 355 32.58 32.64 15.55
CA ASN G 355 31.92 31.41 15.10
C ASN G 355 32.15 30.28 16.09
N PRO G 356 31.16 29.37 16.27
CA PRO G 356 31.28 28.29 17.24
C PRO G 356 32.21 27.17 16.75
N GLY G 357 32.86 26.49 17.70
CA GLY G 357 33.54 25.23 17.48
C GLY G 357 32.56 24.06 17.58
N VAL G 358 32.19 23.51 16.42
CA VAL G 358 31.15 22.49 16.34
C VAL G 358 31.75 21.14 16.74
N VAL G 359 31.14 20.51 17.75
CA VAL G 359 31.48 19.14 18.14
C VAL G 359 30.43 18.18 17.57
N MET G 360 29.16 18.43 17.88
CA MET G 360 28.06 17.63 17.33
C MET G 360 26.75 18.40 17.44
N THR G 361 25.83 18.11 16.51
CA THR G 361 24.57 18.81 16.35
C THR G 361 23.40 17.84 16.25
N SER G 362 22.22 18.31 16.70
CA SER G 362 20.94 17.59 16.65
C SER G 362 20.60 17.21 15.20
N ALA G 363 20.99 18.07 14.25
CA ALA G 363 20.82 17.81 12.83
C ALA G 363 21.50 16.48 12.48
N GLU G 364 22.76 16.30 12.93
CA GLU G 364 23.53 15.07 12.68
C GLU G 364 22.76 13.87 13.24
N VAL G 365 22.33 13.97 14.50
CA VAL G 365 21.62 12.87 15.16
C VAL G 365 20.43 12.43 14.28
N LYS G 366 19.69 13.41 13.74
CA LYS G 366 18.55 13.12 12.88
C LYS G 366 19.00 12.27 11.70
N PHE G 367 20.06 12.72 11.03
CA PHE G 367 20.56 12.05 9.82
C PHE G 367 20.98 10.62 10.16
N LEU G 368 21.65 10.45 11.30
CA LEU G 368 22.07 9.13 11.79
C LEU G 368 20.85 8.23 12.02
N MET G 369 19.79 8.81 12.62
CA MET G 369 18.55 8.09 12.88
C MET G 369 17.89 7.70 11.54
N ALA G 370 17.88 8.61 10.57
CA ALA G 370 17.29 8.33 9.26
C ALA G 370 18.03 7.18 8.58
N GLU G 371 19.35 7.15 8.72
CA GLU G 371 20.19 6.09 8.15
C GLU G 371 19.96 4.78 8.91
N ALA G 372 19.99 4.85 10.24
CA ALA G 372 19.76 3.68 11.06
C ALA G 372 18.42 3.05 10.68
N THR G 373 17.44 3.90 10.35
CA THR G 373 16.10 3.43 10.00
C THR G 373 16.16 2.68 8.66
N VAL G 374 16.77 3.30 7.65
CA VAL G 374 16.87 2.70 6.32
C VAL G 374 17.54 1.33 6.42
N LYS G 375 18.51 1.20 7.34
CA LYS G 375 19.24 -0.06 7.58
C LYS G 375 18.44 -1.03 8.47
N LYS G 376 17.16 -0.71 8.73
CA LYS G 376 16.23 -1.68 9.32
C LYS G 376 16.57 -1.96 10.79
N TRP G 377 17.18 -0.98 11.48
CA TRP G 377 17.49 -1.10 12.91
C TRP G 377 16.27 -0.70 13.74
N ASN G 378 16.21 -1.21 14.99
CA ASN G 378 15.06 -1.00 15.88
C ASN G 378 15.31 0.27 16.70
N VAL G 379 14.78 1.38 16.17
CA VAL G 379 15.27 2.71 16.47
C VAL G 379 14.11 3.65 16.84
N GLY G 380 12.86 3.15 16.84
CA GLY G 380 11.68 3.94 17.21
C GLY G 380 10.58 3.87 16.16
N SER G 381 9.60 4.77 16.30
CA SER G 381 8.34 4.76 15.54
C SER G 381 8.37 5.75 14.37
N VAL G 382 9.29 6.72 14.42
CA VAL G 382 9.36 7.80 13.44
C VAL G 382 9.89 7.23 12.12
N SER G 383 9.32 7.70 11.00
CA SER G 383 9.69 7.22 9.68
C SER G 383 11.05 7.82 9.28
N ALA G 384 11.74 7.11 8.37
CA ALA G 384 13.03 7.54 7.85
C ALA G 384 12.92 8.93 7.23
N GLU G 385 11.89 9.12 6.40
CA GLU G 385 11.68 10.37 5.65
C GLU G 385 11.56 11.55 6.61
N ASP G 386 10.76 11.40 7.66
CA ASP G 386 10.48 12.47 8.61
C ASP G 386 11.77 12.81 9.38
N LEU G 387 12.55 11.79 9.75
CA LEU G 387 13.84 12.01 10.40
C LEU G 387 14.79 12.77 9.44
N TYR G 388 14.72 12.42 8.16
CA TYR G 388 15.50 13.08 7.13
C TYR G 388 15.09 14.56 7.01
N LYS G 389 13.78 14.80 6.87
CA LYS G 389 13.25 16.15 6.78
C LYS G 389 13.66 16.96 8.01
N GLN G 390 13.64 16.31 9.18
CA GLN G 390 13.99 16.96 10.44
C GLN G 390 15.48 17.34 10.45
N GLY G 391 16.34 16.42 9.99
CA GLY G 391 17.78 16.68 9.81
C GLY G 391 18.03 17.91 8.94
N VAL G 392 17.37 17.95 7.79
CA VAL G 392 17.56 19.03 6.82
C VAL G 392 17.08 20.34 7.46
N ARG G 393 15.85 20.34 8.01
CA ARG G 393 15.29 21.55 8.63
C ARG G 393 16.29 22.11 9.66
N ALA G 394 16.76 21.24 10.56
CA ALA G 394 17.67 21.62 11.63
C ALA G 394 19.02 22.10 11.05
N ALA G 395 19.51 21.41 10.02
CA ALA G 395 20.77 21.76 9.34
C ALA G 395 20.69 23.20 8.81
N ILE G 396 19.57 23.53 8.17
CA ILE G 396 19.31 24.87 7.64
C ILE G 396 19.21 25.89 8.79
N ASP G 397 18.49 25.54 9.85
CA ASP G 397 18.23 26.46 10.96
C ASP G 397 19.53 26.68 11.77
N PHE G 398 20.42 25.69 11.71
CA PHE G 398 21.72 25.76 12.37
C PHE G 398 22.44 27.04 11.92
N LEU G 399 22.28 27.38 10.63
CA LEU G 399 22.93 28.55 10.02
C LEU G 399 22.30 29.84 10.55
N THR G 400 20.97 29.85 10.66
CA THR G 400 20.23 30.98 11.16
C THR G 400 20.60 31.21 12.63
N ASP G 401 20.58 30.14 13.43
CA ASP G 401 20.77 30.21 14.88
C ASP G 401 22.22 30.62 15.22
N ASN G 402 23.21 30.14 14.45
CA ASN G 402 24.60 30.19 14.90
C ASN G 402 25.51 31.10 14.06
N TYR G 403 25.10 31.45 12.83
CA TYR G 403 25.97 32.21 11.91
C TYR G 403 25.30 33.50 11.40
N GLY G 404 24.11 33.82 11.92
CA GLY G 404 23.41 35.07 11.59
C GLY G 404 22.94 35.12 10.14
N CYS G 405 22.72 33.95 9.54
CA CYS G 405 22.23 33.86 8.18
C CYS G 405 20.72 34.19 8.16
N THR G 406 20.25 34.68 7.01
CA THR G 406 18.84 34.86 6.74
C THR G 406 18.10 33.56 7.06
N ALA G 407 16.90 33.70 7.61
CA ALA G 407 16.02 32.56 7.92
C ALA G 407 15.46 31.99 6.61
N THR G 408 15.31 30.66 6.57
CA THR G 408 14.66 29.98 5.48
C THR G 408 13.19 29.75 5.85
N THR G 409 12.27 30.24 5.00
CA THR G 409 10.82 30.16 5.25
C THR G 409 10.32 28.71 5.09
N ASP G 410 9.08 28.47 5.52
CA ASP G 410 8.43 27.16 5.37
C ASP G 410 8.15 26.89 3.89
N ALA G 411 7.76 27.93 3.14
CA ALA G 411 7.50 27.81 1.71
C ALA G 411 8.79 27.40 0.97
N GLU G 412 9.89 28.09 1.29
CA GLU G 412 11.19 27.87 0.66
C GLU G 412 11.69 26.45 0.95
N PHE G 413 11.53 26.02 2.21
CA PHE G 413 11.92 24.69 2.65
C PHE G 413 11.09 23.64 1.91
N ASP G 414 9.79 23.89 1.80
CA ASP G 414 8.87 22.98 1.15
C ASP G 414 9.23 22.84 -0.34
N ALA G 415 9.46 23.98 -1.01
CA ALA G 415 9.80 23.98 -2.43
C ALA G 415 11.02 23.08 -2.67
N PHE G 416 12.01 23.19 -1.79
CA PHE G 416 13.26 22.45 -1.90
C PHE G 416 13.01 20.95 -1.66
N ILE G 417 12.42 20.62 -0.50
CA ILE G 417 12.31 19.24 -0.02
C ILE G 417 11.33 18.45 -0.90
N GLN G 418 10.49 19.14 -1.66
CA GLN G 418 9.51 18.51 -2.55
C GLN G 418 10.12 18.26 -3.94
N ASP G 419 11.34 18.76 -4.18
CA ASP G 419 11.99 18.64 -5.48
C ASP G 419 13.36 17.97 -5.30
N LYS G 420 14.46 18.69 -5.58
CA LYS G 420 15.80 18.08 -5.68
C LYS G 420 16.36 17.70 -4.31
N GLY G 421 15.75 18.24 -3.23
CA GLY G 421 16.14 17.93 -1.86
C GLY G 421 15.39 16.73 -1.28
N ALA G 422 14.52 16.11 -2.09
CA ALA G 422 13.64 15.03 -1.63
C ALA G 422 14.49 13.85 -1.13
N PHE G 423 13.90 13.08 -0.20
CA PHE G 423 14.38 11.77 0.20
C PHE G 423 14.30 10.88 -1.04
N GLY G 424 15.02 9.75 -1.03
CA GLY G 424 15.00 8.82 -2.17
C GLY G 424 13.73 7.97 -2.21
N HIS G 425 13.57 7.20 -3.30
CA HIS G 425 12.57 6.13 -3.39
C HIS G 425 13.21 4.79 -2.95
N THR G 426 14.36 4.48 -3.57
CA THR G 426 15.17 3.29 -3.28
C THR G 426 16.07 3.57 -2.08
N ASP G 427 16.61 2.49 -1.48
CA ASP G 427 17.54 2.60 -0.36
C ASP G 427 18.78 3.43 -0.76
N ASN G 428 19.36 3.12 -1.94
CA ASN G 428 20.56 3.82 -2.41
C ASN G 428 20.32 5.33 -2.44
N GLN G 429 19.20 5.75 -3.06
CA GLN G 429 18.85 7.16 -3.22
C GLN G 429 18.71 7.83 -1.84
N LYS G 430 18.14 7.08 -0.89
CA LYS G 430 17.88 7.59 0.46
C LYS G 430 19.21 7.80 1.19
N LEU G 431 20.08 6.78 1.16
CA LEU G 431 21.41 6.87 1.80
C LEU G 431 22.22 8.01 1.17
N GLU G 432 22.13 8.14 -0.16
CA GLU G 432 22.76 9.22 -0.92
C GLU G 432 22.27 10.57 -0.38
N ALA G 433 20.94 10.69 -0.24
CA ALA G 433 20.33 11.94 0.18
C ALA G 433 20.76 12.28 1.61
N ILE G 434 20.72 11.28 2.51
CA ILE G 434 21.11 11.50 3.90
C ILE G 434 22.55 12.01 3.94
N ASN G 435 23.46 11.28 3.29
CA ASN G 435 24.87 11.51 3.48
C ASN G 435 25.31 12.75 2.69
N THR G 436 24.61 13.08 1.60
CA THR G 436 24.87 14.32 0.87
C THR G 436 24.50 15.55 1.73
N GLN G 437 23.38 15.44 2.46
CA GLN G 437 22.85 16.52 3.27
C GLN G 437 23.72 16.71 4.52
N ALA G 438 24.18 15.61 5.11
CA ALA G 438 25.11 15.63 6.24
C ALA G 438 26.42 16.33 5.84
N TRP G 439 26.85 16.06 4.60
CA TRP G 439 28.05 16.64 4.00
C TRP G 439 27.98 18.18 4.07
N ILE G 440 26.86 18.74 3.61
CA ILE G 440 26.61 20.18 3.66
C ILE G 440 26.61 20.65 5.12
N LEU G 441 25.93 19.90 6.00
CA LEU G 441 25.82 20.22 7.44
C LEU G 441 27.20 20.33 8.08
N HIS G 442 28.09 19.40 7.70
CA HIS G 442 29.40 19.27 8.31
C HIS G 442 30.41 20.26 7.72
N PHE G 443 29.99 21.21 6.87
CA PHE G 443 30.94 22.17 6.29
C PHE G 443 31.78 22.84 7.39
N THR G 444 31.16 23.19 8.52
CA THR G 444 31.85 23.88 9.61
C THR G 444 32.50 22.89 10.59
N ASN G 445 32.43 21.58 10.27
CA ASN G 445 33.03 20.50 11.08
C ASN G 445 33.90 19.62 10.19
N PRO G 446 35.06 20.13 9.70
CA PRO G 446 35.81 19.45 8.65
C PRO G 446 36.32 18.05 9.03
N ALA G 447 36.72 17.86 10.28
CA ALA G 447 37.11 16.53 10.80
C ALA G 447 35.99 15.52 10.53
N GLU G 448 34.75 15.89 10.85
CA GLU G 448 33.62 14.95 10.75
C GLU G 448 33.17 14.89 9.29
N CYS G 449 33.19 16.02 8.60
CA CYS G 449 32.87 16.04 7.18
C CYS G 449 33.65 14.94 6.44
N TRP G 450 34.97 14.96 6.59
CA TRP G 450 35.83 14.05 5.82
C TRP G 450 35.63 12.60 6.26
N ALA G 451 35.47 12.40 7.58
CA ALA G 451 35.22 11.06 8.13
C ALA G 451 33.93 10.45 7.53
N ASN G 452 32.86 11.25 7.42
CA ASN G 452 31.57 10.71 6.98
C ASN G 452 31.57 10.45 5.47
N VAL G 453 32.21 11.34 4.70
CA VAL G 453 32.39 11.17 3.25
C VAL G 453 33.08 9.82 2.97
N ARG G 454 34.15 9.53 3.70
CA ARG G 454 34.92 8.30 3.50
C ARG G 454 34.07 7.08 3.89
N ARG G 455 33.40 7.16 5.04
CA ARG G 455 32.58 6.07 5.57
C ARG G 455 31.37 5.83 4.66
N SER G 456 30.59 6.88 4.40
CA SER G 456 29.32 6.75 3.70
C SER G 456 29.55 6.43 2.22
N GLY G 457 30.61 7.00 1.65
CA GLY G 457 30.87 6.96 0.22
C GLY G 457 30.07 8.01 -0.53
N TYR G 458 29.61 9.05 0.18
CA TYR G 458 28.71 10.07 -0.38
C TYR G 458 29.16 11.46 0.07
N PRO G 459 29.18 12.46 -0.83
CA PRO G 459 28.86 12.24 -2.25
C PRO G 459 30.02 11.51 -2.93
N LYS G 460 29.78 11.00 -4.14
CA LYS G 460 30.77 10.24 -4.89
C LYS G 460 31.72 11.23 -5.58
N LEU G 461 32.91 11.37 -5.00
CA LEU G 461 33.89 12.35 -5.46
C LEU G 461 34.81 11.72 -6.51
N LYS G 462 35.13 12.51 -7.55
CA LYS G 462 36.13 12.15 -8.57
C LYS G 462 37.46 12.84 -8.27
N SER G 463 38.55 12.19 -8.67
CA SER G 463 39.91 12.72 -8.48
C SER G 463 40.10 13.98 -9.33
N PRO G 464 40.99 14.91 -8.91
CA PRO G 464 41.41 16.00 -9.78
C PRO G 464 41.91 15.51 -11.15
N ALA G 465 42.40 14.26 -11.22
CA ALA G 465 42.82 13.62 -12.48
C ALA G 465 41.71 13.75 -13.54
N GLU G 466 40.46 13.53 -13.12
CA GLU G 466 39.32 13.54 -14.03
C GLU G 466 38.94 14.96 -14.46
N TYR G 467 39.50 15.98 -13.78
CA TYR G 467 39.24 17.38 -14.10
C TYR G 467 40.44 18.03 -14.83
N GLY G 468 41.40 17.21 -15.26
CA GLY G 468 42.50 17.64 -16.14
C GLY G 468 43.74 18.12 -15.39
N PHE G 469 43.97 17.59 -14.17
CA PHE G 469 45.07 18.02 -13.30
C PHE G 469 45.94 16.82 -12.86
N GLY G 470 45.75 15.66 -13.51
CA GLY G 470 46.54 14.45 -13.28
C GLY G 470 48.03 14.73 -13.15
N GLN G 471 48.54 15.71 -13.90
CA GLN G 471 49.98 15.92 -14.12
C GLN G 471 50.65 16.53 -12.89
N TYR G 472 49.84 16.97 -11.91
CA TYR G 472 50.32 17.62 -10.71
C TYR G 472 50.18 16.71 -9.48
N LEU G 473 49.63 15.50 -9.67
CA LEU G 473 49.22 14.63 -8.56
C LEU G 473 50.42 13.81 -8.09
N THR G 474 51.29 14.57 -7.41
CA THR G 474 52.61 14.22 -6.90
C THR G 474 52.58 12.92 -6.06
N GLY G 475 51.61 12.85 -5.14
CA GLY G 475 51.54 11.78 -4.15
C GLY G 475 50.55 10.71 -4.53
N GLY G 476 50.18 10.64 -5.81
CA GLY G 476 49.29 9.61 -6.35
C GLY G 476 48.01 10.19 -6.94
N THR G 477 47.33 9.39 -7.75
CA THR G 477 46.16 9.78 -8.54
C THR G 477 44.90 9.76 -7.67
N GLU G 478 44.81 8.78 -6.76
CA GLU G 478 43.61 8.60 -5.93
C GLU G 478 43.61 9.64 -4.81
N ILE G 479 42.40 10.14 -4.49
CA ILE G 479 42.21 11.06 -3.37
C ILE G 479 42.60 10.30 -2.11
N PRO G 480 43.60 10.80 -1.34
CA PRO G 480 44.02 10.13 -0.11
C PRO G 480 42.86 9.87 0.87
N VAL G 481 43.02 8.86 1.73
CA VAL G 481 41.97 8.43 2.66
C VAL G 481 42.50 8.38 4.11
N ARG G 482 43.74 8.85 4.32
CA ARG G 482 44.27 9.12 5.65
C ARG G 482 45.48 10.05 5.48
N LEU G 483 46.10 10.44 6.60
CA LEU G 483 47.38 11.14 6.58
C LEU G 483 48.41 10.26 7.30
N CYS G 484 49.69 10.51 7.00
CA CYS G 484 50.78 9.74 7.52
C CYS G 484 51.20 10.26 8.90
N TYR G 485 51.82 9.38 9.67
CA TYR G 485 52.36 9.70 10.98
C TYR G 485 53.53 10.65 10.81
N PRO G 486 53.85 11.50 11.83
CA PRO G 486 55.06 12.30 11.80
C PRO G 486 56.31 11.40 11.76
N VAL G 487 57.23 11.68 10.84
CA VAL G 487 58.41 10.84 10.62
C VAL G 487 59.21 10.74 11.93
N LEU G 488 59.04 11.71 12.83
CA LEU G 488 59.77 11.76 14.11
C LEU G 488 59.41 10.59 15.03
N GLU G 489 58.19 10.05 14.91
CA GLU G 489 57.77 8.84 15.67
C GLU G 489 58.74 7.68 15.40
N SER G 490 59.27 7.64 14.16
CA SER G 490 60.24 6.64 13.71
C SER G 490 61.45 6.52 14.65
N SER G 491 61.78 7.60 15.39
CA SER G 491 62.91 7.59 16.34
C SER G 491 62.44 7.83 17.79
N TYR G 492 61.41 8.65 18.01
CA TYR G 492 60.84 8.89 19.36
C TYR G 492 60.36 7.56 19.97
N ASN G 493 59.69 6.75 19.14
CA ASN G 493 58.90 5.59 19.58
C ASN G 493 58.97 4.49 18.51
N LYS G 494 60.19 3.99 18.27
CA LYS G 494 60.52 3.20 17.07
C LYS G 494 59.74 1.88 17.04
N LYS G 495 59.88 1.06 18.10
CA LYS G 495 59.27 -0.28 18.15
C LYS G 495 57.78 -0.18 17.83
N SER G 496 57.07 0.68 18.57
CA SER G 496 55.60 0.89 18.47
C SER G 496 55.23 1.37 17.07
N TYR G 497 55.95 2.38 16.57
CA TYR G 497 55.76 2.95 15.24
C TYR G 497 55.85 1.85 14.17
N ASN G 498 56.92 1.03 14.25
CA ASN G 498 57.20 -0.01 13.25
C ASN G 498 56.10 -1.07 13.23
N GLU G 499 55.52 -1.37 14.40
CA GLU G 499 54.43 -2.33 14.49
C GLU G 499 53.22 -1.83 13.70
N ALA G 500 52.81 -0.59 13.97
CA ALA G 500 51.63 0.02 13.33
C ALA G 500 51.79 -0.03 11.80
N ILE G 501 53.04 0.15 11.35
CA ILE G 501 53.41 0.15 9.95
C ILE G 501 53.28 -1.28 9.40
N GLU G 502 53.69 -2.28 10.19
CA GLU G 502 53.63 -3.71 9.80
C GLU G 502 52.18 -4.12 9.52
N ARG G 503 51.24 -3.68 10.37
CA ARG G 503 49.84 -4.03 10.21
C ARG G 503 49.30 -3.49 8.88
N MET G 504 49.87 -2.37 8.40
CA MET G 504 49.47 -1.76 7.13
C MET G 504 50.12 -2.49 5.94
N GLY G 505 51.29 -3.11 6.19
CA GLY G 505 52.03 -3.86 5.18
C GLY G 505 53.40 -3.24 4.89
N GLY G 506 54.02 -2.65 5.91
CA GLY G 506 55.41 -2.20 5.86
C GLY G 506 55.57 -0.79 5.31
N THR G 507 54.46 -0.15 4.92
CA THR G 507 54.49 1.17 4.29
C THR G 507 53.46 2.08 4.96
N ASP G 508 53.89 3.29 5.32
CA ASP G 508 53.01 4.36 5.81
C ASP G 508 52.43 5.11 4.62
N ASN G 509 51.35 4.56 4.05
CA ASN G 509 50.72 5.08 2.84
C ASN G 509 49.44 5.83 3.21
N TRP G 510 49.19 6.93 2.50
CA TRP G 510 47.97 7.72 2.69
C TRP G 510 46.88 7.28 1.69
N HIS G 511 47.10 6.15 0.99
CA HIS G 511 46.06 5.46 0.25
C HIS G 511 45.62 4.19 0.99
N SER G 512 46.24 3.87 2.13
CA SER G 512 45.81 2.73 2.96
C SER G 512 44.49 3.09 3.65
N LEU G 513 43.45 2.28 3.39
CA LEU G 513 42.13 2.47 4.00
C LEU G 513 42.27 2.29 5.52
N LEU G 514 41.64 3.20 6.27
CA LEU G 514 41.47 3.03 7.69
C LEU G 514 40.56 1.83 7.91
N TRP G 515 40.63 1.26 9.12
CA TRP G 515 39.93 0.03 9.47
C TRP G 515 38.42 0.18 9.20
N TRP G 516 37.81 1.33 9.53
CA TRP G 516 36.34 1.52 9.38
C TRP G 516 35.97 1.91 7.94
N ASP G 517 36.97 2.15 7.08
CA ASP G 517 36.76 2.58 5.70
C ASP G 517 36.93 1.37 4.77
N THR G 518 35.80 0.82 4.30
CA THR G 518 35.77 -0.47 3.61
C THR G 518 35.92 -0.31 2.09
N GLU G 519 35.36 0.77 1.52
CA GLU G 519 35.52 1.10 0.08
C GLU G 519 36.20 2.46 -0.07
N ASN G 520 36.85 2.66 -1.23
CA ASN G 520 37.73 3.79 -1.51
C ASN G 520 36.89 5.05 -1.75
N ILE H 1 -68.98 -7.16 -9.93
CA ILE H 1 -69.85 -5.99 -10.31
C ILE H 1 -70.76 -5.62 -9.13
N ASP H 2 -71.21 -6.63 -8.36
CA ASP H 2 -72.13 -6.47 -7.23
C ASP H 2 -71.47 -5.57 -6.17
N PRO H 3 -72.08 -4.43 -5.78
CA PRO H 3 -71.50 -3.55 -4.76
C PRO H 3 -71.33 -4.21 -3.38
N ASN H 4 -72.21 -5.15 -3.02
CA ASN H 4 -72.16 -5.85 -1.73
C ASN H 4 -71.02 -6.89 -1.71
N ALA H 5 -70.72 -7.49 -2.88
CA ALA H 5 -69.66 -8.50 -3.02
C ALA H 5 -68.29 -7.84 -2.87
N GLN H 6 -68.15 -6.64 -3.45
CA GLN H 6 -66.93 -5.82 -3.37
C GLN H 6 -66.60 -5.54 -1.90
N LEU H 7 -67.63 -5.27 -1.10
CA LEU H 7 -67.48 -5.06 0.33
C LEU H 7 -66.91 -6.32 0.97
N THR H 8 -67.51 -7.47 0.62
CA THR H 8 -67.14 -8.77 1.18
C THR H 8 -65.64 -9.00 0.97
N THR H 9 -65.21 -8.89 -0.29
CA THR H 9 -63.83 -9.16 -0.73
C THR H 9 -62.84 -8.25 0.02
N ALA H 10 -63.23 -6.97 0.20
CA ALA H 10 -62.36 -5.96 0.80
C ALA H 10 -62.20 -6.22 2.31
N GLN H 11 -63.25 -6.72 2.95
CA GLN H 11 -63.20 -7.13 4.36
C GLN H 11 -62.25 -8.32 4.49
N LEU H 12 -62.45 -9.33 3.65
CA LEU H 12 -61.64 -10.54 3.70
C LEU H 12 -60.15 -10.18 3.52
N GLN H 13 -59.86 -9.28 2.58
CA GLN H 13 -58.48 -8.94 2.21
C GLN H 13 -57.75 -8.25 3.38
N THR H 14 -58.48 -7.50 4.20
CA THR H 14 -57.90 -6.71 5.30
C THR H 14 -56.84 -7.53 6.05
N TYR H 15 -57.17 -8.78 6.39
CA TYR H 15 -56.21 -9.70 7.05
C TYR H 15 -56.05 -11.02 6.29
N GLY H 16 -56.81 -11.22 5.20
CA GLY H 16 -56.81 -12.50 4.47
C GLY H 16 -55.75 -12.58 3.37
N ASP H 17 -55.10 -11.47 3.03
CA ASP H 17 -54.15 -11.39 1.90
C ASP H 17 -52.75 -11.81 2.37
N LEU H 18 -52.36 -13.06 2.06
CA LEU H 18 -51.12 -13.70 2.57
C LEU H 18 -49.90 -12.83 2.22
N SER H 19 -49.90 -12.29 0.99
CA SER H 19 -48.81 -11.44 0.51
C SER H 19 -48.66 -10.21 1.41
N MET H 20 -49.77 -9.48 1.63
CA MET H 20 -49.76 -8.18 2.33
C MET H 20 -49.36 -8.34 3.81
N MET H 21 -49.72 -9.46 4.43
CA MET H 21 -49.51 -9.67 5.86
C MET H 21 -48.01 -9.75 6.19
N GLU H 22 -47.21 -10.11 5.18
CA GLU H 22 -45.74 -10.14 5.27
C GLU H 22 -45.20 -8.87 5.96
N ILE H 23 -45.79 -7.71 5.62
CA ILE H 23 -45.34 -6.41 6.12
C ILE H 23 -45.48 -6.35 7.65
N TYR H 24 -46.53 -6.96 8.22
CA TYR H 24 -46.81 -6.83 9.66
C TYR H 24 -45.77 -7.63 10.46
N ARG H 25 -45.38 -8.81 9.96
CA ARG H 25 -44.37 -9.64 10.60
C ARG H 25 -42.96 -9.04 10.41
N ASN H 26 -42.71 -8.47 9.23
CA ASN H 26 -41.40 -7.91 8.89
C ASN H 26 -41.11 -6.63 9.69
N TYR H 27 -42.09 -5.72 9.77
CA TYR H 27 -41.85 -4.36 10.23
C TYR H 27 -42.62 -4.06 11.52
N HIS H 28 -43.96 -3.99 11.43
CA HIS H 28 -44.86 -3.49 12.52
C HIS H 28 -44.52 -4.11 13.87
N TYR H 29 -44.51 -5.44 13.95
CA TYR H 29 -44.37 -6.16 15.22
C TYR H 29 -42.98 -5.95 15.86
N ALA H 30 -41.98 -5.60 15.04
CA ALA H 30 -40.63 -5.23 15.51
C ALA H 30 -40.64 -3.79 16.02
N PHE H 31 -41.21 -2.88 15.23
CA PHE H 31 -41.27 -1.44 15.55
C PHE H 31 -42.06 -1.18 16.85
N THR H 32 -43.07 -2.03 17.12
CA THR H 32 -43.87 -1.96 18.36
C THR H 32 -43.21 -2.75 19.50
N GLN H 33 -42.11 -3.44 19.18
CA GLN H 33 -41.33 -4.26 20.12
C GLN H 33 -42.27 -5.22 20.85
N GLN H 34 -43.12 -5.89 20.07
CA GLN H 34 -44.03 -6.93 20.56
C GLN H 34 -43.47 -8.31 20.19
N LEU H 35 -43.02 -8.46 18.94
CA LEU H 35 -42.34 -9.71 18.48
C LEU H 35 -40.91 -9.39 18.04
N MET H 36 -40.01 -10.34 18.31
CA MET H 36 -38.59 -10.24 17.99
C MET H 36 -37.97 -11.63 18.14
N GLY H 37 -37.06 -11.99 17.22
CA GLY H 37 -36.37 -13.29 17.25
C GLY H 37 -36.48 -14.04 15.92
N CYS H 38 -37.71 -14.12 15.40
CA CYS H 38 -38.01 -14.61 14.05
C CYS H 38 -37.10 -13.91 13.03
N TRP H 39 -36.46 -14.68 12.12
CA TRP H 39 -35.53 -14.11 11.15
C TRP H 39 -36.16 -12.88 10.46
N ASN H 40 -37.40 -13.04 9.99
CA ASN H 40 -38.08 -12.01 9.19
C ASN H 40 -38.25 -10.73 10.02
N THR H 41 -38.79 -10.88 11.24
CA THR H 41 -39.09 -9.77 12.14
C THR H 41 -37.80 -9.02 12.52
N THR H 42 -36.77 -9.78 12.92
CA THR H 42 -35.51 -9.22 13.39
C THR H 42 -34.72 -8.60 12.23
N ASN H 43 -34.67 -9.27 11.08
CA ASN H 43 -33.87 -8.83 9.92
C ASN H 43 -34.34 -7.47 9.40
N TYR H 44 -35.67 -7.32 9.23
CA TYR H 44 -36.25 -6.15 8.57
C TYR H 44 -36.47 -5.03 9.59
N GLY H 45 -37.52 -5.15 10.42
CA GLY H 45 -37.89 -4.12 11.37
C GLY H 45 -36.97 -4.08 12.60
N GLY H 46 -36.46 -5.25 12.99
CA GLY H 46 -35.59 -5.37 14.15
C GLY H 46 -34.24 -4.69 13.96
N ARG H 47 -33.73 -4.64 12.73
CA ARG H 47 -32.40 -4.09 12.46
C ARG H 47 -32.44 -3.00 11.39
N HIS H 48 -33.63 -2.45 11.12
CA HIS H 48 -33.84 -1.27 10.26
C HIS H 48 -33.27 -1.50 8.85
N THR H 49 -33.66 -2.61 8.22
CA THR H 49 -33.29 -2.86 6.83
C THR H 49 -34.36 -2.26 5.90
N LEU H 50 -33.98 -1.18 5.20
CA LEU H 50 -34.75 -0.66 4.07
C LEU H 50 -34.94 -1.76 3.03
N ASP H 51 -36.17 -1.95 2.56
CA ASP H 51 -36.47 -2.83 1.45
C ASP H 51 -37.77 -2.34 0.82
N ASN H 52 -37.64 -1.65 -0.31
CA ASN H 52 -38.76 -0.97 -0.92
C ASN H 52 -39.90 -1.97 -1.22
N ASN H 53 -39.56 -3.12 -1.79
CA ASN H 53 -40.55 -4.12 -2.21
C ASN H 53 -41.35 -4.57 -0.98
N GLU H 54 -40.64 -4.81 0.14
CA GLU H 54 -41.26 -5.25 1.38
C GLU H 54 -42.09 -4.12 2.01
N MET H 55 -41.68 -2.87 1.80
CA MET H 55 -42.39 -1.70 2.35
C MET H 55 -43.63 -1.39 1.49
N SER H 56 -43.69 -1.91 0.26
CA SER H 56 -44.68 -1.54 -0.75
C SER H 56 -46.02 -2.27 -0.55
N ARG H 57 -46.05 -3.31 0.31
CA ARG H 57 -47.08 -4.35 0.24
C ARG H 57 -48.47 -3.74 0.48
N ILE H 58 -48.63 -2.85 1.48
CA ILE H 58 -49.97 -2.26 1.78
C ILE H 58 -50.45 -1.40 0.60
N TRP H 59 -49.59 -0.48 0.17
CA TRP H 59 -49.86 0.38 -0.98
C TRP H 59 -50.39 -0.45 -2.15
N THR H 60 -49.59 -1.41 -2.60
CA THR H 60 -49.85 -2.21 -3.79
C THR H 60 -51.17 -2.98 -3.63
N SER H 61 -51.30 -3.74 -2.54
CA SER H 61 -52.45 -4.57 -2.27
C SER H 61 -53.76 -3.76 -2.32
N PHE H 62 -53.84 -2.69 -1.53
CA PHE H 62 -55.09 -1.91 -1.39
C PHE H 62 -55.41 -1.12 -2.66
N TYR H 63 -54.40 -0.48 -3.28
CA TYR H 63 -54.65 0.39 -4.44
C TYR H 63 -54.98 -0.42 -5.70
N THR H 64 -54.52 -1.68 -5.79
CA THR H 64 -54.79 -2.53 -6.96
C THR H 64 -56.07 -3.36 -6.75
N GLN H 65 -56.52 -3.55 -5.50
CA GLN H 65 -57.65 -4.43 -5.22
C GLN H 65 -58.75 -3.69 -4.46
N SER H 66 -58.70 -3.71 -3.13
CA SER H 66 -59.87 -3.40 -2.30
C SER H 66 -60.27 -1.93 -2.43
N LEU H 67 -59.31 -1.02 -2.23
CA LEU H 67 -59.63 0.39 -2.22
C LEU H 67 -60.14 0.81 -3.60
N LYS H 68 -59.56 0.22 -4.65
CA LYS H 68 -59.98 0.44 -6.02
C LYS H 68 -61.39 -0.13 -6.24
N ASN H 69 -61.66 -1.30 -5.65
CA ASN H 69 -62.94 -1.99 -5.79
C ASN H 69 -64.04 -1.20 -5.05
N ILE H 70 -63.72 -0.72 -3.84
CA ILE H 70 -64.67 0.03 -3.03
C ILE H 70 -64.95 1.40 -3.68
N ILE H 71 -63.90 2.05 -4.18
CA ILE H 71 -64.03 3.35 -4.84
C ILE H 71 -64.99 3.21 -6.03
N ASP H 72 -64.94 2.06 -6.71
CA ASP H 72 -65.84 1.74 -7.80
C ASP H 72 -67.25 1.54 -7.25
N ALA H 73 -67.36 0.71 -6.21
CA ALA H 73 -68.65 0.32 -5.63
C ALA H 73 -69.38 1.55 -5.07
N GLN H 74 -68.64 2.41 -4.35
CA GLN H 74 -69.23 3.59 -3.69
C GLN H 74 -69.66 4.61 -4.75
N TYR H 75 -68.90 4.68 -5.85
CA TYR H 75 -69.12 5.65 -6.93
C TYR H 75 -70.43 5.32 -7.66
N ARG H 76 -70.65 4.02 -7.90
CA ARG H 76 -71.81 3.55 -8.68
C ARG H 76 -73.11 3.68 -7.85
N THR H 77 -72.98 3.62 -6.52
CA THR H 77 -74.13 3.67 -5.59
C THR H 77 -74.24 5.06 -4.93
N ALA H 78 -73.66 6.09 -5.56
CA ALA H 78 -73.38 7.38 -4.93
C ALA H 78 -74.68 8.11 -4.56
N GLU H 79 -75.41 8.60 -5.57
CA GLU H 79 -76.56 9.48 -5.38
C GLU H 79 -77.85 8.71 -5.65
N ASP H 80 -77.91 7.48 -5.11
CA ASP H 80 -79.02 6.56 -5.29
C ASP H 80 -79.73 6.41 -3.94
N ALA H 81 -80.93 6.99 -3.83
CA ALA H 81 -81.70 7.05 -2.59
C ALA H 81 -82.01 5.64 -2.07
N GLU H 82 -82.12 4.67 -2.98
CA GLU H 82 -82.52 3.29 -2.66
C GLU H 82 -81.30 2.37 -2.44
N LYS H 83 -80.09 2.92 -2.55
CA LYS H 83 -78.82 2.16 -2.32
C LYS H 83 -77.96 2.89 -1.26
N VAL H 84 -78.64 3.61 -0.36
CA VAL H 84 -78.00 4.58 0.54
C VAL H 84 -77.18 3.84 1.61
N ASN H 85 -77.63 2.65 2.03
CA ASN H 85 -77.03 1.92 3.16
C ASN H 85 -75.70 1.32 2.75
N ILE H 86 -75.68 0.60 1.62
CA ILE H 86 -74.43 0.00 1.11
C ILE H 86 -73.44 1.12 0.74
N ASN H 87 -73.95 2.20 0.14
CA ASN H 87 -73.13 3.36 -0.19
C ASN H 87 -72.43 3.89 1.07
N SER H 88 -73.21 4.03 2.15
CA SER H 88 -72.72 4.55 3.43
C SER H 88 -71.66 3.60 4.02
N VAL H 89 -71.92 2.29 3.93
CA VAL H 89 -71.03 1.27 4.48
C VAL H 89 -69.69 1.30 3.74
N LEU H 90 -69.76 1.39 2.40
CA LEU H 90 -68.58 1.46 1.54
C LEU H 90 -67.74 2.70 1.90
N ARG H 91 -68.40 3.83 2.14
CA ARG H 91 -67.74 5.08 2.49
C ARG H 91 -67.02 4.94 3.83
N ILE H 92 -67.65 4.24 4.79
CA ILE H 92 -67.09 4.03 6.12
C ILE H 92 -65.86 3.12 6.01
N TYR H 93 -65.97 2.05 5.22
CA TYR H 93 -64.89 1.08 5.10
C TYR H 93 -63.76 1.61 4.19
N ARG H 94 -64.10 2.48 3.22
CA ARG H 94 -63.10 3.16 2.40
C ARG H 94 -62.19 4.01 3.30
N VAL H 95 -62.81 4.74 4.23
CA VAL H 95 -62.12 5.61 5.18
C VAL H 95 -61.16 4.77 6.04
N TYR H 96 -61.61 3.58 6.45
CA TYR H 96 -60.80 2.70 7.29
C TYR H 96 -59.56 2.23 6.52
N LEU H 97 -59.75 1.81 5.26
CA LEU H 97 -58.65 1.31 4.44
C LEU H 97 -57.67 2.45 4.15
N MET H 98 -58.20 3.64 3.86
CA MET H 98 -57.36 4.80 3.53
C MET H 98 -56.57 5.24 4.76
N SER H 99 -57.09 4.96 5.97
CA SER H 99 -56.38 5.33 7.21
C SER H 99 -55.11 4.48 7.34
N ILE H 100 -55.21 3.20 6.97
CA ILE H 100 -54.06 2.31 6.99
C ILE H 100 -52.99 2.82 6.00
N ILE H 101 -53.41 3.30 4.82
CA ILE H 101 -52.47 3.78 3.79
C ILE H 101 -51.71 5.01 4.30
N THR H 102 -52.44 6.00 4.83
CA THR H 102 -51.84 7.27 5.24
C THR H 102 -51.10 7.15 6.58
N ASP H 103 -51.47 6.17 7.42
CA ASP H 103 -50.79 5.93 8.72
C ASP H 103 -49.48 5.16 8.50
N THR H 104 -49.37 4.48 7.35
CA THR H 104 -48.16 3.76 6.94
C THR H 104 -47.21 4.70 6.18
N TYR H 105 -47.67 5.18 5.02
CA TYR H 105 -46.98 6.19 4.21
C TYR H 105 -47.66 7.52 4.54
N GLY H 106 -47.13 8.64 4.05
CA GLY H 106 -47.68 9.93 4.50
C GLY H 106 -48.84 10.36 3.62
N ASP H 107 -48.63 11.45 2.87
CA ASP H 107 -49.54 11.91 1.83
C ASP H 107 -49.75 10.77 0.83
N ALA H 108 -50.95 10.68 0.25
CA ALA H 108 -51.30 9.55 -0.63
C ALA H 108 -52.48 9.91 -1.52
N PRO H 109 -52.62 9.26 -2.69
CA PRO H 109 -53.86 9.37 -3.48
C PRO H 109 -55.10 8.88 -2.72
N PHE H 110 -56.10 9.76 -2.64
CA PHE H 110 -57.37 9.45 -2.00
C PHE H 110 -58.51 10.03 -2.86
N SER H 111 -58.65 11.35 -2.86
CA SER H 111 -59.76 12.05 -3.51
C SER H 111 -59.83 11.68 -5.00
N GLU H 112 -58.66 11.50 -5.63
CA GLU H 112 -58.55 11.33 -7.07
C GLU H 112 -58.36 9.86 -7.48
N ALA H 113 -58.18 8.95 -6.51
CA ALA H 113 -57.93 7.53 -6.83
C ALA H 113 -59.14 6.92 -7.55
N GLY H 114 -58.91 6.38 -8.76
CA GLY H 114 -59.95 5.74 -9.60
C GLY H 114 -60.78 6.74 -10.40
N LEU H 115 -60.74 6.70 -11.75
CA LEU H 115 -59.77 5.95 -12.54
C LEU H 115 -59.69 6.57 -13.95
N PHE H 122 -56.25 10.21 -13.98
CA PHE H 122 -55.42 9.10 -14.46
C PHE H 122 -54.06 9.07 -13.75
N ASN H 123 -53.55 10.26 -13.38
CA ASN H 123 -52.36 10.42 -12.56
C ASN H 123 -52.77 11.09 -11.25
N PRO H 124 -53.32 10.32 -10.27
CA PRO H 124 -53.90 10.92 -9.07
C PRO H 124 -52.86 11.65 -8.21
N LYS H 125 -53.22 12.83 -7.70
CA LYS H 125 -52.33 13.60 -6.83
C LYS H 125 -52.39 12.99 -5.43
N TYR H 126 -51.29 13.12 -4.69
CA TYR H 126 -51.16 12.64 -3.32
C TYR H 126 -51.74 13.69 -2.37
N ASP H 127 -52.96 13.44 -1.85
CA ASP H 127 -53.60 14.30 -0.86
C ASP H 127 -52.70 14.43 0.38
N LYS H 128 -52.48 15.68 0.82
CA LYS H 128 -51.81 15.95 2.10
C LYS H 128 -52.53 15.14 3.19
N GLN H 129 -51.77 14.58 4.13
CA GLN H 129 -52.32 13.75 5.19
C GLN H 129 -53.38 14.53 5.97
N GLU H 130 -53.10 15.82 6.22
CA GLU H 130 -54.02 16.74 6.93
C GLU H 130 -55.40 16.72 6.26
N ASP H 131 -55.41 16.76 4.93
CA ASP H 131 -56.63 16.83 4.14
C ASP H 131 -57.31 15.46 4.11
N ILE H 132 -56.51 14.38 4.04
CA ILE H 132 -57.01 13.00 4.19
C ILE H 132 -57.82 12.89 5.49
N TYR H 133 -57.32 13.48 6.58
CA TYR H 133 -57.92 13.37 7.90
C TYR H 133 -59.15 14.28 8.00
N ASN H 134 -59.09 15.47 7.40
CA ASN H 134 -60.28 16.32 7.25
C ASN H 134 -61.41 15.51 6.58
N ALA H 135 -61.07 14.83 5.47
CA ALA H 135 -62.01 14.02 4.69
C ALA H 135 -62.56 12.85 5.53
N PHE H 136 -61.72 12.25 6.38
CA PHE H 136 -62.18 11.15 7.27
C PHE H 136 -63.39 11.60 8.09
N PHE H 137 -63.30 12.78 8.70
CA PHE H 137 -64.34 13.29 9.60
C PHE H 137 -65.63 13.62 8.83
N LEU H 138 -65.46 14.29 7.68
CA LEU H 138 -66.60 14.75 6.87
C LEU H 138 -67.33 13.57 6.23
N GLU H 139 -66.59 12.53 5.81
CA GLU H 139 -67.17 11.34 5.19
C GLU H 139 -67.95 10.52 6.24
N LEU H 140 -67.32 10.26 7.39
CA LEU H 140 -67.92 9.43 8.44
C LEU H 140 -69.21 10.08 8.94
N GLU H 141 -69.15 11.39 9.26
CA GLU H 141 -70.30 12.16 9.74
C GLU H 141 -71.46 12.06 8.74
N ASP H 142 -71.16 12.22 7.44
CA ASP H 142 -72.18 12.24 6.39
C ASP H 142 -72.76 10.83 6.21
N ALA H 143 -71.90 9.81 6.25
CA ALA H 143 -72.30 8.41 6.11
C ALA H 143 -73.29 8.02 7.21
N VAL H 144 -73.02 8.52 8.43
CA VAL H 144 -73.80 8.22 9.63
C VAL H 144 -75.20 8.85 9.49
N ASN H 145 -75.28 9.99 8.80
CA ASN H 145 -76.52 10.73 8.60
C ASN H 145 -77.33 10.18 7.42
N LYS H 146 -76.66 9.52 6.46
CA LYS H 146 -77.31 8.95 5.28
C LYS H 146 -78.07 7.67 5.65
N ILE H 147 -77.49 6.90 6.58
CA ILE H 147 -77.92 5.54 6.90
C ILE H 147 -79.40 5.55 7.31
N ASP H 148 -80.13 4.52 6.85
CA ASP H 148 -81.58 4.39 7.02
C ASP H 148 -81.97 2.92 6.88
N PRO H 149 -82.22 2.20 8.00
CA PRO H 149 -82.57 0.78 7.94
C PRO H 149 -83.82 0.38 7.14
N THR H 150 -84.66 1.34 6.74
CA THR H 150 -85.90 1.04 5.98
C THR H 150 -85.56 0.67 4.52
N LYS H 151 -84.43 1.19 4.02
CA LYS H 151 -84.07 1.09 2.60
C LYS H 151 -83.33 -0.24 2.37
N ASP H 152 -82.23 -0.22 1.58
CA ASP H 152 -81.60 -1.44 1.06
C ASP H 152 -80.89 -2.19 2.20
N LYS H 153 -81.04 -3.52 2.21
CA LYS H 153 -80.42 -4.39 3.20
C LYS H 153 -79.06 -4.86 2.66
N VAL H 154 -78.04 -4.82 3.53
CA VAL H 154 -76.64 -5.08 3.18
C VAL H 154 -76.35 -6.58 3.35
N THR H 155 -76.05 -7.26 2.24
CA THR H 155 -76.16 -8.72 2.11
C THR H 155 -74.83 -9.44 2.44
N GLY H 156 -73.69 -8.81 2.12
CA GLY H 156 -72.38 -9.50 2.16
C GLY H 156 -71.39 -8.85 3.10
N ASP H 157 -71.86 -8.54 4.31
CA ASP H 157 -71.07 -7.84 5.33
C ASP H 157 -70.65 -8.85 6.41
N LEU H 158 -69.34 -9.07 6.53
CA LEU H 158 -68.79 -10.10 7.42
C LEU H 158 -68.39 -9.51 8.78
N ILE H 159 -68.69 -8.24 9.05
CA ILE H 159 -68.39 -7.61 10.36
C ILE H 159 -69.65 -7.63 11.24
N TYR H 160 -70.71 -6.96 10.80
CA TYR H 160 -71.94 -6.79 11.59
C TYR H 160 -73.13 -7.50 10.92
N ALA H 161 -72.85 -8.37 9.95
CA ALA H 161 -73.87 -9.14 9.22
C ALA H 161 -75.02 -8.24 8.76
N GLY H 162 -74.70 -7.02 8.32
CA GLY H 162 -75.66 -6.10 7.68
C GLY H 162 -76.44 -5.23 8.64
N ASP H 163 -76.12 -5.26 9.94
CA ASP H 163 -76.74 -4.39 10.95
C ASP H 163 -76.17 -2.97 10.75
N VAL H 164 -76.94 -2.16 10.02
CA VAL H 164 -76.48 -0.86 9.56
C VAL H 164 -76.39 0.10 10.76
N THR H 165 -77.11 -0.21 11.84
CA THR H 165 -77.09 0.56 13.08
C THR H 165 -75.73 0.47 13.76
N LYS H 166 -75.08 -0.70 13.67
CA LYS H 166 -73.75 -0.96 14.26
C LYS H 166 -72.66 -0.29 13.43
N TRP H 167 -72.86 -0.19 12.11
CA TRP H 167 -71.95 0.54 11.24
C TRP H 167 -71.90 2.03 11.65
N GLN H 168 -73.04 2.57 12.11
CA GLN H 168 -73.09 3.95 12.64
C GLN H 168 -72.18 4.07 13.86
N GLN H 169 -72.26 3.08 14.76
CA GLN H 169 -71.46 3.03 15.97
C GLN H 169 -69.97 2.93 15.63
N LEU H 170 -69.61 2.09 14.64
CA LEU H 170 -68.21 1.93 14.22
C LEU H 170 -67.70 3.25 13.64
N ALA H 171 -68.53 3.90 12.81
CA ALA H 171 -68.19 5.16 12.15
C ALA H 171 -67.83 6.24 13.18
N ASN H 172 -68.72 6.41 14.17
CA ASN H 172 -68.53 7.43 15.19
C ASN H 172 -67.34 7.06 16.08
N SER H 173 -67.11 5.77 16.26
CA SER H 173 -65.97 5.27 17.04
C SER H 173 -64.64 5.52 16.30
N LEU H 174 -64.63 5.42 14.96
CA LEU H 174 -63.46 5.77 14.14
C LEU H 174 -63.19 7.27 14.19
N ARG H 175 -64.25 8.08 14.26
CA ARG H 175 -64.11 9.53 14.47
C ARG H 175 -63.39 9.78 15.80
N LEU H 176 -63.72 8.99 16.83
CA LEU H 176 -63.05 9.06 18.14
C LEU H 176 -61.56 8.72 17.98
N ARG H 177 -61.25 7.67 17.19
CA ARG H 177 -59.87 7.19 16.98
C ARG H 177 -59.03 8.27 16.27
N PHE H 178 -59.58 8.85 15.20
CA PHE H 178 -58.86 9.84 14.36
C PHE H 178 -58.82 11.21 15.06
N ALA H 179 -59.86 11.55 15.84
CA ALA H 179 -59.84 12.78 16.64
C ALA H 179 -58.67 12.75 17.62
N MET H 180 -58.53 11.63 18.35
CA MET H 180 -57.44 11.47 19.34
C MET H 180 -56.07 11.42 18.62
N ARG H 181 -56.03 10.87 17.40
CA ARG H 181 -54.77 10.76 16.65
C ARG H 181 -54.21 12.16 16.36
N ILE H 182 -55.08 13.10 15.98
CA ILE H 182 -54.70 14.45 15.58
C ILE H 182 -54.63 15.40 16.80
N SER H 183 -54.62 14.85 18.02
CA SER H 183 -54.74 15.64 19.25
C SER H 183 -53.44 16.40 19.58
N SER H 184 -52.31 16.02 18.97
CA SER H 184 -51.02 16.76 19.13
C SER H 184 -50.91 17.90 18.12
N VAL H 185 -51.22 17.61 16.85
CA VAL H 185 -50.96 18.52 15.74
C VAL H 185 -52.04 19.62 15.66
N ASN H 186 -53.26 19.32 16.12
CA ASN H 186 -54.40 20.25 16.06
C ASN H 186 -55.35 19.96 17.22
N PRO H 187 -54.99 20.40 18.45
CA PRO H 187 -55.78 20.12 19.65
C PRO H 187 -57.24 20.62 19.65
N THR H 188 -57.47 21.79 19.04
CA THR H 188 -58.80 22.40 19.00
C THR H 188 -59.75 21.57 18.12
N LYS H 189 -59.26 21.11 16.96
CA LYS H 189 -60.06 20.28 16.06
C LYS H 189 -60.33 18.92 16.70
N ALA H 190 -59.32 18.38 17.39
CA ALA H 190 -59.41 17.05 18.02
C ALA H 190 -60.56 17.02 19.03
N GLN H 191 -60.59 18.00 19.95
CA GLN H 191 -61.63 18.11 20.98
C GLN H 191 -63.00 18.14 20.32
N THR H 192 -63.15 19.00 19.31
CA THR H 192 -64.45 19.25 18.67
C THR H 192 -64.96 17.99 17.95
N GLU H 193 -64.08 17.30 17.20
CA GLU H 193 -64.46 16.14 16.40
C GLU H 193 -64.82 14.96 17.33
N PHE H 194 -64.18 14.94 18.52
CA PHE H 194 -64.40 13.90 19.52
C PHE H 194 -65.78 14.11 20.18
N GLU H 195 -66.08 15.36 20.56
CA GLU H 195 -67.32 15.70 21.24
C GLU H 195 -68.50 15.50 20.28
N ASN H 196 -68.34 15.95 19.03
CA ASN H 196 -69.35 15.76 17.96
C ASN H 196 -69.68 14.27 17.78
N ALA H 197 -68.64 13.43 17.79
CA ALA H 197 -68.77 11.99 17.50
C ALA H 197 -69.60 11.28 18.58
N LEU H 198 -69.47 11.74 19.85
CA LEU H 198 -70.25 11.20 20.98
C LEU H 198 -71.72 11.63 20.87
N ALA H 199 -71.98 12.74 20.19
CA ALA H 199 -73.33 13.33 20.05
C ALA H 199 -73.99 12.91 18.73
N ALA H 200 -73.31 12.05 17.95
CA ALA H 200 -73.75 11.67 16.61
C ALA H 200 -74.83 10.59 16.68
N ASN H 201 -75.58 10.46 15.57
CA ASN H 201 -76.59 9.41 15.39
C ASN H 201 -75.94 8.04 15.60
N GLY H 202 -76.61 7.18 16.38
CA GLY H 202 -76.15 5.82 16.63
C GLY H 202 -75.20 5.71 17.81
N GLY H 203 -74.60 6.84 18.24
CA GLY H 203 -73.58 6.84 19.28
C GLY H 203 -72.30 6.15 18.82
N VAL H 204 -71.59 5.56 19.78
CA VAL H 204 -70.29 4.90 19.57
C VAL H 204 -70.40 3.46 20.08
N ILE H 205 -69.28 2.71 20.05
CA ILE H 205 -69.24 1.34 20.56
C ILE H 205 -69.01 1.39 22.08
N THR H 206 -70.08 1.07 22.85
CA THR H 206 -70.12 1.22 24.33
C THR H 206 -69.85 -0.11 25.04
N ASP H 207 -69.99 -1.23 24.33
CA ASP H 207 -69.72 -2.55 24.91
C ASP H 207 -69.29 -3.51 23.79
N ALA H 208 -68.76 -4.68 24.19
CA ALA H 208 -68.08 -5.61 23.28
C ALA H 208 -69.04 -6.19 22.24
N SER H 209 -70.36 -6.13 22.49
CA SER H 209 -71.38 -6.70 21.59
C SER H 209 -71.46 -5.92 20.26
N SER H 210 -70.85 -4.73 20.19
CA SER H 210 -70.75 -3.97 18.92
C SER H 210 -69.29 -3.90 18.42
N ASP H 211 -68.41 -4.76 18.93
CA ASP H 211 -67.03 -4.81 18.45
C ASP H 211 -67.05 -5.07 16.94
N ALA H 212 -66.15 -4.40 16.21
CA ALA H 212 -66.04 -4.58 14.76
C ALA H 212 -64.95 -5.62 14.46
N LEU H 213 -65.39 -6.86 14.28
CA LEU H 213 -64.53 -8.02 14.01
C LEU H 213 -64.94 -8.66 12.67
N ILE H 214 -64.00 -8.71 11.72
CA ILE H 214 -64.16 -9.42 10.46
C ILE H 214 -64.12 -10.93 10.74
N LYS H 215 -65.18 -11.63 10.36
CA LYS H 215 -65.31 -13.07 10.57
C LYS H 215 -64.54 -13.83 9.48
N TYR H 216 -63.57 -14.66 9.90
CA TYR H 216 -62.74 -15.48 9.02
C TYR H 216 -63.11 -16.96 9.22
N MET H 217 -62.97 -17.76 8.16
CA MET H 217 -63.24 -19.21 8.16
C MET H 217 -62.00 -19.96 8.66
N THR H 218 -62.22 -21.22 9.04
CA THR H 218 -61.14 -22.15 9.38
C THR H 218 -60.72 -22.90 8.11
N ILE H 219 -59.48 -22.67 7.69
CA ILE H 219 -58.92 -23.24 6.47
C ILE H 219 -57.48 -23.69 6.77
N ALA H 220 -57.06 -24.79 6.13
CA ALA H 220 -55.74 -25.34 6.27
C ALA H 220 -54.71 -24.31 5.78
N PHE H 221 -53.67 -24.10 6.60
CA PHE H 221 -52.55 -23.22 6.27
C PHE H 221 -51.77 -23.82 5.08
N SER H 222 -51.76 -23.09 3.96
CA SER H 222 -51.03 -23.47 2.77
C SER H 222 -50.20 -22.29 2.28
N PHE H 223 -48.92 -22.55 1.97
CA PHE H 223 -47.99 -21.55 1.47
C PHE H 223 -47.69 -21.81 -0.02
N GLY H 224 -48.63 -22.50 -0.69
CA GLY H 224 -48.55 -22.78 -2.13
C GLY H 224 -49.13 -21.64 -2.94
N GLN H 225 -48.86 -21.66 -4.26
CA GLN H 225 -49.17 -20.53 -5.16
C GLN H 225 -50.65 -20.13 -5.05
N GLU H 226 -51.55 -21.13 -5.07
CA GLU H 226 -53.00 -20.90 -5.12
C GLU H 226 -53.45 -20.07 -3.91
N ALA H 227 -52.80 -20.28 -2.75
CA ALA H 227 -53.25 -19.74 -1.46
C ALA H 227 -53.10 -18.21 -1.36
N TYR H 228 -52.40 -17.59 -2.33
CA TYR H 228 -52.16 -16.15 -2.31
C TYR H 228 -53.36 -15.38 -2.89
N SER H 229 -54.36 -16.11 -3.41
CA SER H 229 -55.63 -15.53 -3.87
C SER H 229 -56.81 -16.05 -3.03
N ASP H 230 -56.51 -16.60 -1.85
CA ASP H 230 -57.49 -17.15 -0.91
C ASP H 230 -57.50 -16.30 0.37
N TYR H 231 -58.52 -15.44 0.51
CA TYR H 231 -58.64 -14.48 1.60
C TYR H 231 -59.68 -14.90 2.64
N ARG H 232 -60.12 -16.17 2.62
CA ARG H 232 -61.21 -16.60 3.48
C ARG H 232 -60.72 -16.84 4.90
N GLY H 233 -59.43 -17.16 5.05
CA GLY H 233 -58.79 -17.35 6.33
C GLY H 233 -58.05 -16.10 6.80
N ASN H 234 -57.76 -16.05 8.10
CA ASN H 234 -56.87 -15.05 8.66
C ASN H 234 -55.42 -15.44 8.29
N SER H 235 -54.81 -14.64 7.41
CA SER H 235 -53.46 -14.92 6.90
C SER H 235 -52.40 -14.28 7.81
N LEU H 236 -52.80 -13.34 8.68
CA LEU H 236 -51.90 -12.83 9.72
C LEU H 236 -51.55 -13.98 10.69
N SER H 237 -52.58 -14.69 11.15
CA SER H 237 -52.41 -15.85 12.03
C SER H 237 -51.58 -16.93 11.33
N GLN H 238 -51.83 -17.13 10.03
CA GLN H 238 -51.07 -18.11 9.23
C GLN H 238 -49.56 -17.77 9.28
N LEU H 239 -49.25 -16.48 9.12
CA LEU H 239 -47.87 -16.02 8.97
C LEU H 239 -47.16 -16.04 10.34
N LEU H 240 -47.91 -15.76 11.41
CA LEU H 240 -47.36 -15.76 12.78
C LEU H 240 -47.05 -17.19 13.22
N PHE H 241 -47.79 -18.16 12.67
CA PHE H 241 -47.40 -19.56 12.81
C PHE H 241 -46.11 -19.78 12.02
N GLY H 242 -46.15 -19.45 10.72
CA GLY H 242 -44.96 -19.27 9.89
C GLY H 242 -44.85 -20.26 8.76
N ASN H 243 -44.18 -19.80 7.68
CA ASN H 243 -43.78 -20.61 6.52
C ASN H 243 -42.65 -21.58 6.93
N ASP H 244 -41.89 -21.19 7.96
CA ASP H 244 -40.81 -21.98 8.52
C ASP H 244 -41.01 -22.07 10.03
N PRO H 245 -42.08 -22.78 10.50
CA PRO H 245 -42.55 -22.66 11.88
C PRO H 245 -41.69 -23.31 12.99
N ALA H 246 -40.80 -24.25 12.63
CA ALA H 246 -39.99 -24.99 13.61
C ALA H 246 -38.68 -24.26 13.91
N ASN H 247 -38.23 -23.39 12.99
CA ASN H 247 -36.98 -22.63 13.12
C ASN H 247 -37.25 -21.13 13.33
N ASN H 248 -38.43 -20.64 12.92
CA ASN H 248 -38.73 -19.21 12.93
C ASN H 248 -40.21 -18.98 13.28
N PRO H 249 -40.65 -19.35 14.51
CA PRO H 249 -42.00 -19.03 14.96
C PRO H 249 -42.02 -17.61 15.53
N SER H 250 -43.17 -17.21 16.09
CA SER H 250 -43.36 -15.88 16.66
C SER H 250 -42.80 -15.84 18.08
N TYR H 251 -41.52 -15.47 18.19
CA TYR H 251 -40.88 -15.18 19.46
C TYR H 251 -41.35 -13.80 19.94
N LEU H 252 -41.55 -13.66 21.24
CA LEU H 252 -41.96 -12.40 21.83
C LEU H 252 -40.72 -11.53 22.09
N CYS H 253 -40.87 -10.22 21.83
CA CYS H 253 -39.87 -9.23 22.17
C CYS H 253 -39.88 -9.01 23.69
N SER H 254 -38.70 -8.78 24.28
CA SER H 254 -38.54 -8.69 25.73
C SER H 254 -39.27 -7.46 26.29
N THR H 255 -39.42 -6.41 25.47
CA THR H 255 -40.10 -5.19 25.91
C THR H 255 -41.55 -5.52 26.29
N PHE H 256 -42.19 -6.37 25.46
CA PHE H 256 -43.60 -6.71 25.56
C PHE H 256 -43.81 -7.76 26.65
N PHE H 257 -43.06 -8.87 26.57
CA PHE H 257 -43.15 -9.94 27.55
C PHE H 257 -42.88 -9.38 28.95
N ASN H 258 -41.82 -8.58 29.08
CA ASN H 258 -41.39 -8.00 30.37
C ASN H 258 -42.45 -7.03 30.91
N GLN H 259 -43.14 -6.29 30.03
CA GLN H 259 -44.26 -5.43 30.48
C GLN H 259 -45.30 -6.32 31.17
N LEU H 260 -45.64 -7.44 30.53
CA LEU H 260 -46.65 -8.36 31.02
C LEU H 260 -46.17 -9.02 32.33
N TYR H 261 -44.96 -9.60 32.29
CA TYR H 261 -44.46 -10.40 33.40
C TYR H 261 -44.24 -9.51 34.64
N ASN H 262 -43.54 -8.38 34.46
CA ASN H 262 -43.07 -7.54 35.58
C ASN H 262 -44.21 -6.70 36.16
N SER H 263 -45.37 -6.64 35.47
CA SER H 263 -46.54 -5.87 35.95
C SER H 263 -47.57 -6.80 36.63
N GLY H 264 -47.28 -8.10 36.70
CA GLY H 264 -48.20 -9.11 37.24
C GLY H 264 -49.47 -9.20 36.42
N ASP H 265 -49.36 -8.99 35.09
CA ASP H 265 -50.50 -8.91 34.18
C ASP H 265 -51.09 -10.31 34.00
N PRO H 266 -52.42 -10.50 34.24
CA PRO H 266 -53.04 -11.81 34.07
C PRO H 266 -52.91 -12.42 32.66
N ARG H 267 -52.55 -11.61 31.65
CA ARG H 267 -52.50 -12.05 30.25
C ARG H 267 -51.12 -12.64 29.89
N THR H 268 -50.13 -12.53 30.79
CA THR H 268 -48.74 -12.92 30.48
C THR H 268 -48.73 -14.26 29.74
N PHE H 269 -49.37 -15.26 30.34
CA PHE H 269 -49.31 -16.66 29.88
C PHE H 269 -50.62 -17.05 29.18
N LYS H 270 -51.35 -16.05 28.68
CA LYS H 270 -52.45 -16.22 27.73
C LYS H 270 -51.96 -15.84 26.32
N ILE H 271 -51.22 -14.72 26.26
CA ILE H 271 -50.56 -14.22 25.07
C ILE H 271 -49.32 -15.07 24.75
N SER H 272 -48.58 -15.51 25.79
CA SER H 272 -47.28 -16.16 25.56
C SER H 272 -47.18 -17.49 26.32
N ARG H 273 -46.43 -18.42 25.73
CA ARG H 273 -46.05 -19.68 26.33
C ARG H 273 -44.65 -20.04 25.82
N CYS H 274 -43.99 -20.94 26.55
CA CYS H 274 -42.75 -21.57 26.11
C CYS H 274 -43.08 -22.99 25.61
N TYR H 275 -42.83 -23.23 24.31
CA TYR H 275 -43.20 -24.49 23.66
C TYR H 275 -41.92 -25.23 23.21
N TYR H 276 -41.99 -26.57 23.28
CA TYR H 276 -41.10 -27.47 22.55
C TYR H 276 -41.81 -27.96 21.28
N ASP H 277 -41.18 -27.76 20.12
CA ASP H 277 -41.84 -27.94 18.83
C ASP H 277 -41.25 -29.13 18.07
N GLY H 278 -40.60 -30.06 18.79
CA GLY H 278 -39.97 -31.23 18.20
C GLY H 278 -40.95 -32.11 17.44
N LEU H 279 -42.17 -32.27 17.99
CA LEU H 279 -43.21 -33.15 17.40
C LEU H 279 -44.28 -32.33 16.67
N MET H 280 -44.07 -31.02 16.50
CA MET H 280 -45.05 -30.13 15.89
C MET H 280 -45.17 -30.40 14.39
N SER H 281 -46.39 -30.26 13.85
CA SER H 281 -46.67 -30.42 12.40
C SER H 281 -45.95 -29.33 11.60
N ALA H 282 -45.91 -29.51 10.27
CA ALA H 282 -45.32 -28.54 9.36
C ALA H 282 -46.28 -27.38 9.13
N THR H 283 -47.58 -27.69 9.14
CA THR H 283 -48.64 -26.82 8.59
C THR H 283 -49.63 -26.40 9.68
N SER H 284 -49.32 -26.73 10.94
CA SER H 284 -50.31 -26.66 12.01
C SER H 284 -49.61 -26.56 13.36
N PRO H 285 -50.12 -25.73 14.31
CA PRO H 285 -49.56 -25.66 15.67
C PRO H 285 -50.03 -26.76 16.64
N ASP H 286 -50.09 -28.00 16.15
CA ASP H 286 -50.57 -29.14 16.94
C ASP H 286 -49.37 -29.90 17.50
N ASN H 287 -49.58 -30.61 18.61
CA ASN H 287 -48.59 -31.51 19.24
C ASN H 287 -47.35 -30.71 19.69
N ARG H 288 -47.59 -29.51 20.23
CA ARG H 288 -46.55 -28.72 20.90
C ARG H 288 -46.57 -29.08 22.39
N VAL H 289 -45.39 -29.12 23.01
CA VAL H 289 -45.24 -29.44 24.43
C VAL H 289 -45.05 -28.13 25.20
N ASP H 290 -45.99 -27.85 26.11
CA ASP H 290 -45.97 -26.68 26.97
C ASP H 290 -45.03 -26.94 28.14
N ILE H 291 -43.94 -26.15 28.24
CA ILE H 291 -42.96 -26.27 29.33
C ILE H 291 -43.01 -25.02 30.22
N THR H 292 -44.02 -24.15 30.03
CA THR H 292 -44.14 -22.91 30.78
C THR H 292 -44.13 -23.19 32.29
N GLN H 293 -45.03 -24.09 32.73
CA GLN H 293 -45.21 -24.40 34.15
C GLN H 293 -43.95 -25.06 34.71
N GLU H 294 -43.38 -25.99 33.95
CA GLU H 294 -42.12 -26.66 34.31
C GLU H 294 -41.04 -25.60 34.61
N MET H 295 -40.92 -24.60 33.74
CA MET H 295 -39.85 -23.60 33.83
C MET H 295 -40.00 -22.76 35.10
N ILE H 296 -41.24 -22.35 35.41
CA ILE H 296 -41.55 -21.61 36.65
C ILE H 296 -41.21 -22.49 37.87
N GLU H 297 -41.70 -23.74 37.87
CA GLU H 297 -41.56 -24.68 39.00
C GLU H 297 -40.08 -24.92 39.36
N LYS H 298 -39.18 -24.70 38.39
CA LYS H 298 -37.77 -25.08 38.49
C LYS H 298 -36.85 -23.88 38.73
N GLY H 299 -37.31 -22.67 38.35
CA GLY H 299 -36.52 -21.44 38.48
C GLY H 299 -35.65 -21.18 37.25
N ILE H 300 -36.19 -21.49 36.07
CA ILE H 300 -35.54 -21.25 34.78
C ILE H 300 -36.01 -19.89 34.27
N ALA H 301 -35.08 -18.96 34.06
CA ALA H 301 -35.42 -17.61 33.60
C ALA H 301 -35.98 -17.67 32.18
N PHE H 302 -36.99 -16.84 31.91
CA PHE H 302 -37.48 -16.61 30.57
C PHE H 302 -36.47 -15.70 29.88
N SER H 303 -36.22 -15.97 28.59
CA SER H 303 -35.18 -15.29 27.83
C SER H 303 -35.76 -14.66 26.57
N PRO H 304 -36.66 -13.66 26.68
CA PRO H 304 -37.26 -13.03 25.51
C PRO H 304 -36.26 -12.08 24.82
N ARG H 305 -36.47 -11.82 23.53
CA ARG H 305 -35.46 -11.19 22.66
C ARG H 305 -35.52 -9.67 22.77
N ASP H 306 -34.39 -9.06 23.15
CA ASP H 306 -34.23 -7.63 23.11
C ASP H 306 -34.41 -7.20 21.65
N PRO H 307 -34.86 -5.95 21.38
CA PRO H 307 -34.95 -5.47 20.00
C PRO H 307 -33.58 -5.54 19.29
N GLY H 308 -33.55 -6.24 18.14
CA GLY H 308 -32.34 -6.43 17.33
C GLY H 308 -31.73 -7.82 17.49
N ALA H 309 -32.34 -8.66 18.35
CA ALA H 309 -31.82 -9.99 18.67
C ALA H 309 -32.53 -11.04 17.82
N TYR H 310 -31.76 -12.03 17.36
CA TYR H 310 -32.28 -13.24 16.74
C TYR H 310 -32.51 -14.28 17.84
N SER H 311 -33.29 -15.31 17.50
CA SER H 311 -33.54 -16.41 18.42
C SER H 311 -32.20 -17.05 18.83
N TRP H 312 -31.21 -17.02 17.94
CA TRP H 312 -29.90 -17.69 18.13
C TRP H 312 -28.82 -16.70 18.58
N GLU H 313 -29.16 -15.42 18.74
CA GLU H 313 -28.15 -14.37 19.06
C GLU H 313 -28.80 -13.31 19.94
N PRO H 314 -28.53 -13.29 21.27
CA PRO H 314 -27.67 -14.27 21.93
C PRO H 314 -28.35 -15.64 22.10
N TRP H 315 -27.55 -16.71 21.98
CA TRP H 315 -27.99 -18.06 22.29
C TRP H 315 -28.26 -18.12 23.79
N PRO H 316 -29.46 -18.59 24.23
CA PRO H 316 -29.84 -18.52 25.64
C PRO H 316 -29.40 -19.71 26.48
N THR H 317 -29.39 -19.49 27.80
CA THR H 317 -29.17 -20.53 28.78
C THR H 317 -30.44 -21.37 28.89
N GLY H 318 -30.30 -22.68 28.67
CA GLY H 318 -31.42 -23.61 28.73
C GLY H 318 -31.35 -24.48 29.98
N TYR H 319 -32.08 -25.60 29.93
CA TYR H 319 -32.10 -26.60 31.00
C TYR H 319 -32.47 -27.97 30.41
N ASP H 320 -32.46 -28.99 31.27
CA ASP H 320 -32.86 -30.36 30.90
C ASP H 320 -34.29 -30.59 31.40
N SER H 321 -35.21 -30.80 30.46
CA SER H 321 -36.65 -30.87 30.72
C SER H 321 -37.05 -32.29 31.11
N ASP H 322 -37.77 -32.41 32.24
CA ASP H 322 -38.30 -33.69 32.72
C ASP H 322 -39.44 -34.17 31.80
N ILE H 323 -40.40 -33.27 31.50
CA ILE H 323 -41.55 -33.60 30.63
C ILE H 323 -41.05 -34.22 29.32
N CYS H 324 -40.10 -33.53 28.68
CA CYS H 324 -39.57 -33.93 27.35
C CYS H 324 -38.76 -35.23 27.44
N ALA H 325 -38.08 -35.45 28.57
CA ALA H 325 -37.26 -36.65 28.81
C ALA H 325 -38.16 -37.89 28.87
N GLU H 326 -39.35 -37.74 29.47
CA GLU H 326 -40.33 -38.83 29.63
C GLU H 326 -40.97 -39.15 28.27
N LEU H 327 -41.11 -38.11 27.45
CA LEU H 327 -41.76 -38.20 26.14
C LEU H 327 -40.85 -38.92 25.14
N ALA H 328 -39.54 -38.92 25.42
CA ALA H 328 -38.51 -39.46 24.53
C ALA H 328 -38.49 -40.99 24.54
N VAL H 329 -39.01 -41.62 25.61
CA VAL H 329 -38.99 -43.08 25.73
C VAL H 329 -39.80 -43.70 24.58
N ASN H 330 -40.92 -43.06 24.19
CA ASN H 330 -41.79 -43.56 23.10
C ASN H 330 -41.53 -42.79 21.80
N ASN H 331 -41.06 -41.52 21.89
CA ASN H 331 -40.76 -40.68 20.73
C ASN H 331 -39.27 -40.33 20.74
N PRO H 332 -38.39 -41.18 20.15
CA PRO H 332 -36.95 -41.02 20.32
C PRO H 332 -36.34 -39.90 19.46
N SER H 333 -37.18 -39.15 18.74
CA SER H 333 -36.77 -37.96 18.01
C SER H 333 -36.64 -36.75 18.95
N VAL H 334 -37.13 -36.89 20.18
CA VAL H 334 -37.20 -35.80 21.16
C VAL H 334 -35.85 -35.70 21.90
N THR H 335 -35.35 -34.47 22.04
CA THR H 335 -34.24 -34.16 22.97
C THR H 335 -34.84 -33.67 24.30
N ALA H 336 -34.20 -34.04 25.40
CA ALA H 336 -34.60 -33.64 26.73
C ALA H 336 -34.10 -32.23 27.04
N THR H 337 -33.06 -31.79 26.33
CA THR H 337 -32.40 -30.51 26.62
C THR H 337 -33.08 -29.39 25.81
N MET H 338 -33.51 -28.34 26.52
CA MET H 338 -34.09 -27.14 25.92
C MET H 338 -32.99 -26.07 25.80
N ALA H 339 -33.02 -25.29 24.71
CA ALA H 339 -32.11 -24.16 24.50
C ALA H 339 -32.94 -22.90 24.25
N ARG H 340 -33.46 -22.72 23.02
CA ARG H 340 -34.23 -21.51 22.66
C ARG H 340 -35.70 -21.63 23.08
N GLU H 341 -36.12 -22.80 23.58
CA GLU H 341 -37.50 -23.02 23.98
C GLU H 341 -37.82 -22.25 25.27
N VAL H 342 -36.80 -21.63 25.88
CA VAL H 342 -36.96 -20.77 27.07
C VAL H 342 -37.36 -19.35 26.64
N GLU H 343 -37.31 -19.07 25.33
CA GLU H 343 -37.71 -17.80 24.75
C GLU H 343 -39.24 -17.85 24.56
N PRO H 344 -40.04 -17.03 25.28
CA PRO H 344 -41.49 -17.12 25.16
C PRO H 344 -41.94 -16.94 23.70
N LYS H 345 -42.90 -17.75 23.27
CA LYS H 345 -43.53 -17.65 21.97
C LYS H 345 -45.00 -17.22 22.11
N LEU H 346 -45.59 -16.79 21.00
CA LEU H 346 -47.01 -16.46 20.91
C LEU H 346 -47.83 -17.74 21.07
N ALA H 347 -48.84 -17.69 21.95
CA ALA H 347 -49.64 -18.86 22.31
C ALA H 347 -50.45 -19.37 21.10
N ASN H 348 -50.82 -20.65 21.14
CA ASN H 348 -51.55 -21.31 20.04
C ASN H 348 -52.85 -20.57 19.70
N ASN H 349 -53.49 -19.96 20.70
CA ASN H 349 -54.80 -19.33 20.57
C ASN H 349 -54.78 -18.27 19.47
N PHE H 350 -53.60 -17.67 19.23
CA PHE H 350 -53.43 -16.57 18.27
C PHE H 350 -52.88 -17.05 16.92
N LEU H 351 -52.80 -18.38 16.72
CA LEU H 351 -52.24 -19.00 15.51
C LEU H 351 -53.32 -19.84 14.81
N LYS H 352 -54.52 -19.26 14.66
CA LYS H 352 -55.67 -19.94 14.07
C LYS H 352 -56.18 -19.13 12.87
N SER H 353 -56.53 -19.83 11.79
CA SER H 353 -57.22 -19.24 10.63
C SER H 353 -58.57 -18.63 11.07
N ASP H 354 -59.08 -19.14 12.19
CA ASP H 354 -60.35 -18.77 12.83
C ASP H 354 -60.31 -17.34 13.39
N ASN H 355 -59.10 -16.85 13.71
CA ASN H 355 -58.90 -15.59 14.45
C ASN H 355 -59.61 -14.44 13.73
N PRO H 356 -60.30 -13.55 14.49
CA PRO H 356 -61.00 -12.42 13.88
C PRO H 356 -60.07 -11.32 13.35
N GLY H 357 -60.49 -10.65 12.28
CA GLY H 357 -59.86 -9.42 11.80
C GLY H 357 -60.40 -8.24 12.59
N VAL H 358 -59.52 -7.64 13.41
CA VAL H 358 -59.91 -6.62 14.37
C VAL H 358 -59.85 -5.25 13.69
N VAL H 359 -61.02 -4.64 13.51
CA VAL H 359 -61.14 -3.27 13.06
C VAL H 359 -61.09 -2.35 14.29
N MET H 360 -62.09 -2.45 15.18
CA MET H 360 -62.12 -1.62 16.41
C MET H 360 -62.89 -2.32 17.52
N THR H 361 -62.46 -2.08 18.77
CA THR H 361 -63.01 -2.70 19.95
C THR H 361 -63.59 -1.64 20.90
N SER H 362 -64.54 -2.09 21.74
CA SER H 362 -65.15 -1.27 22.79
C SER H 362 -64.08 -0.87 23.81
N ALA H 363 -63.07 -1.73 23.98
CA ALA H 363 -61.99 -1.48 24.92
C ALA H 363 -61.22 -0.22 24.51
N GLU H 364 -60.91 -0.09 23.20
CA GLU H 364 -60.18 1.09 22.65
C GLU H 364 -61.01 2.36 22.92
N VAL H 365 -62.32 2.28 22.66
CA VAL H 365 -63.22 3.41 22.87
C VAL H 365 -63.09 3.87 24.33
N LYS H 366 -63.01 2.92 25.27
CA LYS H 366 -62.88 3.24 26.69
C LYS H 366 -61.55 3.97 26.97
N PHE H 367 -60.45 3.47 26.38
CA PHE H 367 -59.12 4.07 26.56
C PHE H 367 -59.12 5.49 25.98
N LEU H 368 -59.73 5.65 24.80
CA LEU H 368 -59.88 6.96 24.14
C LEU H 368 -60.69 7.91 25.05
N MET H 369 -61.77 7.40 25.66
CA MET H 369 -62.61 8.19 26.56
C MET H 369 -61.78 8.63 27.78
N ALA H 370 -61.02 7.70 28.35
CA ALA H 370 -60.19 7.96 29.53
C ALA H 370 -59.21 9.11 29.22
N GLU H 371 -58.54 9.02 28.07
CA GLU H 371 -57.52 9.97 27.65
C GLU H 371 -58.15 11.33 27.37
N ALA H 372 -59.28 11.32 26.66
CA ALA H 372 -60.05 12.53 26.37
C ALA H 372 -60.44 13.23 27.68
N THR H 373 -60.72 12.43 28.73
CA THR H 373 -61.11 12.98 30.03
C THR H 373 -59.89 13.60 30.73
N VAL H 374 -58.75 12.93 30.65
CA VAL H 374 -57.52 13.43 31.24
C VAL H 374 -57.09 14.71 30.51
N LYS H 375 -57.37 14.78 29.20
CA LYS H 375 -57.07 15.95 28.37
C LYS H 375 -58.10 17.07 28.59
N LYS H 376 -59.16 16.77 29.35
CA LYS H 376 -60.18 17.73 29.73
C LYS H 376 -61.19 18.01 28.61
N TRP H 377 -61.33 17.15 27.60
CA TRP H 377 -62.47 17.27 26.67
C TRP H 377 -63.77 17.27 27.52
N ASN H 378 -64.88 17.76 26.94
CA ASN H 378 -66.22 17.68 27.57
C ASN H 378 -66.89 16.37 27.14
N VAL H 379 -66.72 15.34 27.97
CA VAL H 379 -66.89 13.96 27.51
C VAL H 379 -67.79 13.14 28.45
N GLY H 380 -68.42 13.79 29.44
CA GLY H 380 -69.45 13.13 30.27
C GLY H 380 -69.10 13.11 31.76
N SER H 381 -69.68 12.13 32.47
CA SER H 381 -69.71 12.10 33.94
C SER H 381 -68.72 11.08 34.52
N VAL H 382 -68.31 10.11 33.71
CA VAL H 382 -67.48 9.00 34.18
C VAL H 382 -66.08 9.53 34.47
N SER H 383 -65.52 9.11 35.61
CA SER H 383 -64.16 9.43 36.00
C SER H 383 -63.18 8.77 35.01
N ALA H 384 -62.05 9.44 34.78
CA ALA H 384 -61.04 8.94 33.89
C ALA H 384 -60.55 7.57 34.38
N GLU H 385 -60.45 7.40 35.70
CA GLU H 385 -59.96 6.14 36.31
C GLU H 385 -60.94 4.99 35.99
N ASP H 386 -62.25 5.26 36.05
CA ASP H 386 -63.29 4.27 35.77
C ASP H 386 -63.21 3.84 34.29
N LEU H 387 -63.08 4.82 33.39
CA LEU H 387 -63.00 4.55 31.95
C LEU H 387 -61.76 3.70 31.65
N TYR H 388 -60.63 4.01 32.31
CA TYR H 388 -59.39 3.23 32.18
C TYR H 388 -59.63 1.80 32.68
N LYS H 389 -60.21 1.67 33.89
CA LYS H 389 -60.51 0.34 34.46
C LYS H 389 -61.46 -0.43 33.52
N GLN H 390 -62.46 0.26 32.97
CA GLN H 390 -63.38 -0.34 32.00
C GLN H 390 -62.60 -0.85 30.78
N GLY H 391 -61.63 -0.05 30.31
CA GLY H 391 -60.79 -0.37 29.16
C GLY H 391 -59.95 -1.62 29.38
N VAL H 392 -59.29 -1.69 30.55
CA VAL H 392 -58.44 -2.83 30.90
C VAL H 392 -59.31 -4.09 31.02
N ARG H 393 -60.47 -3.97 31.67
CA ARG H 393 -61.40 -5.10 31.87
C ARG H 393 -61.87 -5.64 30.51
N ALA H 394 -62.27 -4.75 29.60
CA ALA H 394 -62.73 -5.14 28.26
C ALA H 394 -61.58 -5.79 27.48
N ALA H 395 -60.37 -5.21 27.56
CA ALA H 395 -59.17 -5.73 26.86
C ALA H 395 -58.84 -7.16 27.29
N ILE H 396 -58.89 -7.41 28.61
CA ILE H 396 -58.64 -8.74 29.18
C ILE H 396 -59.73 -9.70 28.70
N ASP H 397 -61.00 -9.28 28.79
CA ASP H 397 -62.14 -10.13 28.48
C ASP H 397 -62.21 -10.37 26.96
N PHE H 398 -61.60 -9.47 26.19
CA PHE H 398 -61.51 -9.57 24.72
C PHE H 398 -60.80 -10.87 24.30
N LEU H 399 -59.74 -11.23 25.05
CA LEU H 399 -58.96 -12.46 24.83
C LEU H 399 -59.81 -13.71 25.12
N THR H 400 -60.65 -13.62 26.15
CA THR H 400 -61.50 -14.73 26.59
C THR H 400 -62.62 -14.99 25.59
N ASP H 401 -63.24 -13.91 25.07
CA ASP H 401 -64.41 -13.96 24.22
C ASP H 401 -64.06 -14.34 22.77
N ASN H 402 -62.87 -13.96 22.30
CA ASN H 402 -62.56 -14.03 20.87
C ASN H 402 -61.41 -14.98 20.55
N TYR H 403 -60.67 -15.48 21.56
CA TYR H 403 -59.49 -16.33 21.29
C TYR H 403 -59.44 -17.58 22.18
N GLY H 404 -60.45 -17.77 23.03
CA GLY H 404 -60.59 -18.96 23.86
C GLY H 404 -59.55 -19.02 24.97
N CYS H 405 -59.08 -17.86 25.43
CA CYS H 405 -58.17 -17.79 26.55
C CYS H 405 -58.94 -18.05 27.86
N THR H 406 -58.20 -18.46 28.90
CA THR H 406 -58.71 -18.61 30.27
C THR H 406 -59.36 -17.30 30.75
N ALA H 407 -60.47 -17.41 31.48
CA ALA H 407 -61.13 -16.22 32.02
C ALA H 407 -60.27 -15.66 33.16
N THR H 408 -60.30 -14.33 33.31
CA THR H 408 -59.62 -13.63 34.39
C THR H 408 -60.65 -13.29 35.48
N THR H 409 -60.40 -13.78 36.70
CA THR H 409 -61.31 -13.62 37.84
C THR H 409 -61.32 -12.15 38.30
N ASP H 410 -62.27 -11.81 39.18
CA ASP H 410 -62.39 -10.47 39.75
C ASP H 410 -61.22 -10.22 40.72
N ALA H 411 -60.87 -11.25 41.52
CA ALA H 411 -59.75 -11.18 42.46
C ALA H 411 -58.43 -10.93 41.72
N GLU H 412 -58.25 -11.58 40.56
CA GLU H 412 -57.03 -11.41 39.72
C GLU H 412 -57.01 -10.00 39.11
N PHE H 413 -58.17 -9.52 38.65
CA PHE H 413 -58.25 -8.17 38.11
C PHE H 413 -57.87 -7.15 39.20
N ASP H 414 -58.35 -7.38 40.42
CA ASP H 414 -58.19 -6.44 41.52
C ASP H 414 -56.72 -6.39 41.96
N ALA H 415 -56.08 -7.54 42.10
CA ALA H 415 -54.65 -7.62 42.45
C ALA H 415 -53.84 -6.78 41.44
N PHE H 416 -54.08 -7.03 40.14
CA PHE H 416 -53.38 -6.36 39.06
C PHE H 416 -53.60 -4.84 39.11
N ILE H 417 -54.87 -4.40 39.20
CA ILE H 417 -55.23 -3.00 38.98
C ILE H 417 -54.92 -2.13 40.22
N GLN H 418 -54.70 -2.76 41.38
CA GLN H 418 -54.33 -2.05 42.61
C GLN H 418 -52.81 -1.96 42.77
N ASP H 419 -52.07 -2.66 41.91
CA ASP H 419 -50.61 -2.74 41.95
C ASP H 419 -50.07 -2.12 40.66
N LYS H 420 -49.30 -2.87 39.86
CA LYS H 420 -48.59 -2.33 38.69
C LYS H 420 -49.58 -1.98 37.56
N GLY H 421 -50.84 -2.41 37.67
CA GLY H 421 -51.89 -2.13 36.67
C GLY H 421 -52.58 -0.79 36.86
N ALA H 422 -52.28 -0.08 37.94
CA ALA H 422 -53.02 1.11 38.36
C ALA H 422 -52.87 2.27 37.35
N PHE H 423 -53.96 3.01 37.17
CA PHE H 423 -53.97 4.37 36.62
C PHE H 423 -52.90 5.18 37.36
N GLY H 424 -52.48 6.32 36.79
CA GLY H 424 -51.45 7.17 37.43
C GLY H 424 -51.98 8.09 38.52
N HIS H 425 -51.08 8.92 39.07
CA HIS H 425 -51.39 10.09 39.89
C HIS H 425 -51.39 11.35 39.01
N THR H 426 -50.25 11.58 38.34
CA THR H 426 -50.08 12.69 37.40
C THR H 426 -50.78 12.37 36.08
N ASP H 427 -51.06 13.41 35.31
CA ASP H 427 -51.57 13.28 33.96
C ASP H 427 -50.61 12.39 33.15
N ASN H 428 -49.31 12.67 33.27
CA ASN H 428 -48.25 11.92 32.57
C ASN H 428 -48.40 10.42 32.85
N GLN H 429 -48.43 10.04 34.14
CA GLN H 429 -48.55 8.64 34.57
C GLN H 429 -49.83 8.00 34.01
N LYS H 430 -50.91 8.78 33.90
CA LYS H 430 -52.20 8.27 33.42
C LYS H 430 -52.16 8.05 31.90
N LEU H 431 -51.60 9.02 31.16
CA LEU H 431 -51.45 8.89 29.72
C LEU H 431 -50.53 7.70 29.39
N GLU H 432 -49.48 7.52 30.21
CA GLU H 432 -48.58 6.36 30.09
C GLU H 432 -49.38 5.07 30.27
N ALA H 433 -50.16 5.00 31.36
CA ALA H 433 -50.93 3.80 31.73
C ALA H 433 -51.99 3.49 30.66
N ILE H 434 -52.70 4.52 30.18
CA ILE H 434 -53.72 4.34 29.15
C ILE H 434 -53.07 3.70 27.92
N ASN H 435 -52.06 4.39 27.37
CA ASN H 435 -51.58 4.07 26.05
C ASN H 435 -50.72 2.79 26.10
N THR H 436 -50.07 2.51 27.23
CA THR H 436 -49.35 1.23 27.43
C THR H 436 -50.37 0.07 27.37
N GLN H 437 -51.54 0.27 27.99
CA GLN H 437 -52.60 -0.73 28.04
C GLN H 437 -53.24 -0.89 26.65
N ALA H 438 -53.41 0.20 25.91
CA ALA H 438 -53.93 0.13 24.52
C ALA H 438 -52.94 -0.65 23.65
N TRP H 439 -51.65 -0.50 23.94
CA TRP H 439 -50.56 -1.18 23.23
C TRP H 439 -50.72 -2.70 23.32
N ILE H 440 -50.98 -3.20 24.52
CA ILE H 440 -51.29 -4.63 24.76
C ILE H 440 -52.58 -5.03 24.03
N LEU H 441 -53.59 -4.16 24.08
CA LEU H 441 -54.89 -4.42 23.43
C LEU H 441 -54.69 -4.59 21.90
N HIS H 442 -53.79 -3.79 21.32
CA HIS H 442 -53.65 -3.66 19.85
C HIS H 442 -52.73 -4.73 19.25
N PHE H 443 -52.27 -5.71 20.05
CA PHE H 443 -51.34 -6.74 19.55
C PHE H 443 -51.87 -7.43 18.28
N THR H 444 -53.18 -7.71 18.22
CA THR H 444 -53.77 -8.43 17.06
C THR H 444 -54.25 -7.42 16.01
N ASN H 445 -53.92 -6.14 16.19
CA ASN H 445 -54.28 -5.05 15.27
C ASN H 445 -53.00 -4.24 15.04
N PRO H 446 -51.97 -4.81 14.35
CA PRO H 446 -50.66 -4.17 14.28
C PRO H 446 -50.67 -2.77 13.64
N ALA H 447 -51.54 -2.55 12.64
CA ALA H 447 -51.71 -1.23 12.02
C ALA H 447 -51.99 -0.17 13.08
N GLU H 448 -52.94 -0.46 13.99
CA GLU H 448 -53.39 0.52 14.98
C GLU H 448 -52.34 0.62 16.09
N CYS H 449 -51.76 -0.53 16.47
CA CYS H 449 -50.73 -0.60 17.49
C CYS H 449 -49.61 0.41 17.13
N TRP H 450 -49.07 0.27 15.91
CA TRP H 450 -47.94 1.09 15.49
C TRP H 450 -48.35 2.57 15.44
N ALA H 451 -49.57 2.83 14.94
CA ALA H 451 -50.09 4.19 14.80
C ALA H 451 -50.19 4.86 16.18
N ASN H 452 -50.75 4.14 17.15
CA ASN H 452 -51.01 4.71 18.48
C ASN H 452 -49.71 4.83 19.27
N VAL H 453 -48.75 3.91 19.05
CA VAL H 453 -47.44 4.04 19.69
C VAL H 453 -46.77 5.33 19.21
N ARG H 454 -46.74 5.52 17.89
CA ARG H 454 -46.09 6.69 17.27
C ARG H 454 -46.75 7.97 17.78
N ARG H 455 -48.07 7.95 17.92
CA ARG H 455 -48.86 9.16 18.19
C ARG H 455 -48.68 9.58 19.65
N SER H 456 -48.83 8.62 20.58
CA SER H 456 -48.89 8.88 22.04
C SER H 456 -47.49 9.01 22.65
N GLY H 457 -46.51 8.33 22.05
CA GLY H 457 -45.15 8.21 22.58
C GLY H 457 -45.04 7.15 23.67
N TYR H 458 -46.02 6.24 23.74
CA TYR H 458 -46.09 5.25 24.81
C TYR H 458 -46.35 3.87 24.21
N PRO H 459 -45.69 2.81 24.72
CA PRO H 459 -44.63 2.95 25.71
C PRO H 459 -43.41 3.62 25.06
N LYS H 460 -42.54 4.22 25.90
CA LYS H 460 -41.32 4.87 25.44
C LYS H 460 -40.33 3.80 24.98
N LEU H 461 -40.31 3.53 23.67
CA LEU H 461 -39.46 2.47 23.09
C LEU H 461 -38.06 3.03 22.79
N LYS H 462 -37.05 2.18 22.94
CA LYS H 462 -35.67 2.54 22.70
C LYS H 462 -35.12 1.69 21.55
N SER H 463 -34.19 2.30 20.80
CA SER H 463 -33.61 1.73 19.60
C SER H 463 -32.87 0.43 19.91
N PRO H 464 -32.86 -0.54 18.96
CA PRO H 464 -32.01 -1.72 19.08
C PRO H 464 -30.54 -1.42 19.42
N ALA H 465 -30.07 -0.22 19.05
CA ALA H 465 -28.74 0.29 19.40
C ALA H 465 -28.53 0.30 20.92
N GLU H 466 -29.58 0.66 21.67
CA GLU H 466 -29.52 0.72 23.14
C GLU H 466 -29.29 -0.68 23.72
N TYR H 467 -29.64 -1.75 22.98
CA TYR H 467 -29.47 -3.15 23.41
C TYR H 467 -28.27 -3.81 22.72
N GLY H 468 -27.28 -3.00 22.32
CA GLY H 468 -25.98 -3.49 21.83
C GLY H 468 -26.05 -4.10 20.43
N PHE H 469 -26.90 -3.53 19.56
CA PHE H 469 -27.07 -4.02 18.18
C PHE H 469 -26.91 -2.85 17.20
N GLY H 470 -26.19 -1.81 17.63
CA GLY H 470 -25.95 -0.60 16.84
C GLY H 470 -25.30 -0.85 15.48
N GLN H 471 -24.40 -1.84 15.40
CA GLN H 471 -23.55 -2.06 14.20
C GLN H 471 -24.36 -2.52 12.99
N TYR H 472 -25.52 -3.16 13.22
CA TYR H 472 -26.29 -3.82 12.14
C TYR H 472 -27.31 -2.86 11.52
N LEU H 473 -27.50 -1.68 12.12
CA LEU H 473 -28.63 -0.77 11.81
C LEU H 473 -28.35 0.01 10.51
N THR H 474 -28.57 -0.70 9.39
CA THR H 474 -28.25 -0.25 8.04
C THR H 474 -29.02 1.03 7.72
N GLY H 475 -30.30 1.07 8.09
CA GLY H 475 -31.22 2.14 7.70
C GLY H 475 -31.29 3.27 8.71
N GLY H 476 -30.36 3.30 9.68
CA GLY H 476 -30.26 4.37 10.68
C GLY H 476 -30.53 3.85 12.08
N THR H 477 -30.23 4.70 13.08
CA THR H 477 -30.27 4.34 14.50
C THR H 477 -31.70 4.46 15.06
N GLU H 478 -32.43 5.48 14.62
CA GLU H 478 -33.77 5.78 15.13
C GLU H 478 -34.76 4.73 14.61
N ILE H 479 -35.74 4.35 15.43
CA ILE H 479 -36.82 3.47 14.97
C ILE H 479 -37.61 4.25 13.92
N PRO H 480 -37.80 3.69 12.70
CA PRO H 480 -38.62 4.35 11.67
C PRO H 480 -40.03 4.76 12.16
N VAL H 481 -40.53 5.84 11.58
CA VAL H 481 -41.77 6.45 11.96
C VAL H 481 -42.74 6.45 10.78
N ARG H 482 -42.27 5.97 9.61
CA ARG H 482 -43.10 5.69 8.44
C ARG H 482 -42.37 4.70 7.52
N LEU H 483 -43.08 4.22 6.48
CA LEU H 483 -42.51 3.44 5.38
C LEU H 483 -42.55 4.29 4.10
N CYS H 484 -41.64 3.96 3.17
CA CYS H 484 -41.42 4.73 1.93
C CYS H 484 -42.40 4.29 0.83
N TYR H 485 -42.69 5.23 -0.08
CA TYR H 485 -43.51 4.95 -1.25
C TYR H 485 -42.82 3.90 -2.10
N PRO H 486 -43.56 3.03 -2.83
CA PRO H 486 -42.95 2.15 -3.81
C PRO H 486 -42.14 2.97 -4.82
N VAL H 487 -41.07 2.38 -5.35
CA VAL H 487 -40.20 3.04 -6.32
C VAL H 487 -40.98 3.26 -7.63
N LEU H 488 -41.86 2.32 -7.97
CA LEU H 488 -42.53 2.29 -9.29
C LEU H 488 -43.52 3.46 -9.46
N GLU H 489 -43.94 4.09 -8.37
CA GLU H 489 -44.76 5.32 -8.42
C GLU H 489 -43.96 6.44 -9.12
N SER H 490 -42.63 6.35 -9.06
CA SER H 490 -41.72 7.28 -9.75
C SER H 490 -42.00 7.34 -11.25
N SER H 491 -42.40 6.21 -11.85
CA SER H 491 -42.68 6.14 -13.29
C SER H 491 -44.20 6.16 -13.59
N TYR H 492 -45.02 5.49 -12.76
CA TYR H 492 -46.48 5.41 -12.98
C TYR H 492 -47.14 6.78 -12.78
N ASN H 493 -46.65 7.56 -11.82
CA ASN H 493 -47.36 8.74 -11.32
C ASN H 493 -46.34 9.80 -10.86
N LYS H 494 -45.54 10.29 -11.82
CA LYS H 494 -44.26 10.95 -11.55
C LYS H 494 -44.46 12.29 -10.83
N LYS H 495 -45.22 13.20 -11.46
CA LYS H 495 -45.44 14.55 -10.89
C LYS H 495 -45.96 14.42 -9.46
N SER H 496 -47.09 13.70 -9.31
CA SER H 496 -47.75 13.47 -8.03
C SER H 496 -46.77 12.90 -7.01
N TYR H 497 -45.93 11.97 -7.46
CA TYR H 497 -44.90 11.35 -6.63
C TYR H 497 -43.89 12.41 -6.16
N ASN H 498 -43.36 13.19 -7.12
CA ASN H 498 -42.31 14.17 -6.84
C ASN H 498 -42.86 15.30 -5.95
N GLU H 499 -44.15 15.63 -6.11
CA GLU H 499 -44.82 16.63 -5.26
C GLU H 499 -44.74 16.22 -3.78
N ALA H 500 -45.07 14.96 -3.48
CA ALA H 500 -45.08 14.46 -2.10
C ALA H 500 -43.66 14.49 -1.51
N ILE H 501 -42.67 14.19 -2.35
CA ILE H 501 -41.26 14.12 -1.94
C ILE H 501 -40.77 15.54 -1.59
N GLU H 502 -41.14 16.52 -2.43
CA GLU H 502 -40.73 17.93 -2.27
C GLU H 502 -41.30 18.50 -0.96
N ARG H 503 -42.54 18.11 -0.63
CA ARG H 503 -43.19 18.53 0.62
C ARG H 503 -42.41 18.04 1.86
N MET H 504 -41.77 16.87 1.73
CA MET H 504 -40.98 16.26 2.81
C MET H 504 -39.52 16.76 2.76
N GLY H 505 -39.18 17.57 1.76
CA GLY H 505 -37.91 18.30 1.72
C GLY H 505 -36.88 17.67 0.79
N GLY H 506 -37.34 16.76 -0.09
CA GLY H 506 -36.55 16.28 -1.23
C GLY H 506 -36.22 14.80 -1.18
N THR H 507 -36.45 14.16 -0.03
CA THR H 507 -36.19 12.72 0.18
C THR H 507 -37.50 12.00 0.49
N ASP H 508 -37.49 10.68 0.29
CA ASP H 508 -38.44 9.74 0.86
C ASP H 508 -37.72 8.96 1.97
N ASN H 509 -37.74 9.52 3.18
CA ASN H 509 -36.99 9.00 4.33
C ASN H 509 -37.99 8.42 5.35
N TRP H 510 -37.68 7.25 5.90
CA TRP H 510 -38.56 6.56 6.85
C TRP H 510 -38.29 7.01 8.30
N HIS H 511 -37.48 8.08 8.45
CA HIS H 511 -37.29 8.79 9.72
C HIS H 511 -38.07 10.11 9.74
N SER H 512 -38.76 10.45 8.63
CA SER H 512 -39.61 11.66 8.55
C SER H 512 -40.91 11.43 9.32
N LEU H 513 -41.16 12.26 10.34
CA LEU H 513 -42.39 12.21 11.12
C LEU H 513 -43.61 12.47 10.22
N LEU H 514 -44.64 11.63 10.35
CA LEU H 514 -45.94 11.88 9.70
C LEU H 514 -46.50 13.19 10.27
N TRP H 515 -47.41 13.81 9.51
CA TRP H 515 -48.03 15.07 9.89
C TRP H 515 -48.63 14.98 11.32
N TRP H 516 -49.37 13.90 11.64
CA TRP H 516 -50.02 13.77 12.98
C TRP H 516 -49.02 13.38 14.08
N ASP H 517 -47.79 13.01 13.69
CA ASP H 517 -46.71 12.60 14.61
C ASP H 517 -45.74 13.77 14.81
N THR H 518 -45.75 14.34 16.02
CA THR H 518 -45.09 15.61 16.32
C THR H 518 -43.72 15.41 17.01
N GLU H 519 -43.58 14.34 17.81
CA GLU H 519 -42.30 13.97 18.46
C GLU H 519 -41.90 12.55 18.04
N ASN H 520 -40.58 12.30 18.08
CA ASN H 520 -39.95 11.08 17.55
C ASN H 520 -40.24 9.92 18.50
N ASP I 2 -30.02 -8.35 -32.34
CA ASP I 2 -30.88 -8.30 -31.12
C ASP I 2 -30.09 -7.65 -29.97
N PRO I 3 -30.49 -6.46 -29.47
CA PRO I 3 -29.69 -5.74 -28.47
C PRO I 3 -29.47 -6.46 -27.13
N ASN I 4 -30.37 -7.37 -26.74
CA ASN I 4 -30.27 -8.12 -25.48
C ASN I 4 -29.20 -9.22 -25.59
N ALA I 5 -29.12 -9.90 -26.74
CA ALA I 5 -28.12 -10.96 -27.00
C ALA I 5 -26.72 -10.36 -27.04
N GLN I 6 -26.64 -9.12 -27.55
CA GLN I 6 -25.39 -8.37 -27.62
C GLN I 6 -24.85 -8.17 -26.20
N LEU I 7 -25.74 -7.82 -25.27
CA LEU I 7 -25.39 -7.63 -23.86
C LEU I 7 -24.75 -8.91 -23.30
N THR I 8 -25.39 -10.05 -23.56
CA THR I 8 -24.93 -11.37 -23.08
C THR I 8 -23.50 -11.64 -23.57
N THR I 9 -23.29 -11.54 -24.89
CA THR I 9 -21.98 -11.79 -25.51
C THR I 9 -20.92 -10.91 -24.85
N ALA I 10 -21.25 -9.63 -24.65
CA ALA I 10 -20.32 -8.63 -24.12
C ALA I 10 -19.95 -8.96 -22.66
N GLN I 11 -20.94 -9.40 -21.89
CA GLN I 11 -20.73 -9.82 -20.51
C GLN I 11 -19.80 -11.03 -20.49
N LEU I 12 -20.05 -11.96 -21.43
CA LEU I 12 -19.34 -13.23 -21.48
C LEU I 12 -17.85 -13.00 -21.80
N GLN I 13 -17.57 -12.14 -22.78
CA GLN I 13 -16.19 -11.91 -23.30
C GLN I 13 -15.29 -11.29 -22.21
N THR I 14 -15.88 -10.52 -21.31
CA THR I 14 -15.17 -9.75 -20.29
C THR I 14 -14.11 -10.62 -19.58
N TYR I 15 -14.46 -11.86 -19.24
CA TYR I 15 -13.50 -12.83 -18.70
C TYR I 15 -13.56 -14.16 -19.48
N GLY I 16 -14.35 -14.21 -20.55
CA GLY I 16 -14.60 -15.44 -21.30
C GLY I 16 -13.56 -15.70 -22.39
N ASP I 17 -12.96 -14.62 -22.90
CA ASP I 17 -12.05 -14.63 -24.05
C ASP I 17 -10.66 -15.12 -23.62
N LEU I 18 -10.31 -16.34 -24.04
CA LEU I 18 -9.03 -16.98 -23.70
C LEU I 18 -7.88 -16.16 -24.28
N SER I 19 -8.08 -15.61 -25.49
CA SER I 19 -7.10 -14.75 -26.13
C SER I 19 -6.77 -13.54 -25.24
N MET I 20 -7.80 -12.87 -24.72
CA MET I 20 -7.64 -11.56 -24.08
C MET I 20 -7.00 -11.71 -22.68
N MET I 21 -7.31 -12.81 -21.99
CA MET I 21 -6.89 -13.00 -20.60
C MET I 21 -5.37 -13.17 -20.50
N GLU I 22 -4.70 -13.51 -21.61
CA GLU I 22 -3.24 -13.59 -21.63
C GLU I 22 -2.62 -12.31 -21.06
N ILE I 23 -3.21 -11.15 -21.38
CA ILE I 23 -2.65 -9.86 -20.96
C ILE I 23 -2.57 -9.77 -19.43
N TYR I 24 -3.49 -10.44 -18.72
CA TYR I 24 -3.59 -10.30 -17.27
C TYR I 24 -2.48 -11.14 -16.60
N ARG I 25 -2.27 -12.36 -17.10
CA ARG I 25 -1.23 -13.25 -16.59
C ARG I 25 0.17 -12.69 -16.95
N ASN I 26 0.29 -12.10 -18.15
CA ASN I 26 1.60 -11.62 -18.63
C ASN I 26 2.01 -10.34 -17.87
N TYR I 27 1.06 -9.42 -17.65
CA TYR I 27 1.39 -8.04 -17.25
C TYR I 27 0.77 -7.69 -15.89
N HIS I 28 -0.56 -7.58 -15.85
CA HIS I 28 -1.28 -7.02 -14.70
C HIS I 28 -0.81 -7.65 -13.39
N TYR I 29 -0.82 -8.98 -13.33
CA TYR I 29 -0.52 -9.72 -12.09
C TYR I 29 0.94 -9.54 -11.67
N ALA I 30 1.83 -9.22 -12.62
CA ALA I 30 3.21 -8.87 -12.31
C ALA I 30 3.27 -7.45 -11.76
N PHE I 31 2.64 -6.52 -12.45
CA PHE I 31 2.71 -5.08 -12.13
C PHE I 31 2.13 -4.80 -10.74
N THR I 32 1.16 -5.61 -10.30
CA THR I 32 0.55 -5.50 -8.98
C THR I 32 1.31 -6.37 -7.97
N GLN I 33 2.24 -7.20 -8.48
CA GLN I 33 3.08 -8.05 -7.65
C GLN I 33 2.20 -8.98 -6.80
N GLN I 34 1.19 -9.57 -7.44
CA GLN I 34 0.36 -10.60 -6.84
C GLN I 34 0.83 -11.99 -7.31
N LEU I 35 1.17 -12.12 -8.60
CA LEU I 35 1.73 -13.39 -9.14
C LEU I 35 3.14 -13.13 -9.71
N MET I 36 4.00 -14.15 -9.58
CA MET I 36 5.39 -14.11 -10.07
C MET I 36 6.01 -15.52 -9.99
N GLY I 37 6.75 -15.91 -11.03
CA GLY I 37 7.49 -17.19 -11.09
C GLY I 37 7.12 -18.03 -12.31
N CYS I 38 5.88 -17.89 -12.76
CA CYS I 38 5.37 -18.48 -13.99
C CYS I 38 6.08 -17.82 -15.16
N TRP I 39 6.51 -18.63 -16.14
CA TRP I 39 7.35 -18.12 -17.21
C TRP I 39 6.72 -16.85 -17.77
N ASN I 40 5.42 -16.95 -18.11
CA ASN I 40 4.73 -15.90 -18.82
C ASN I 40 4.76 -14.61 -17.99
N THR I 41 4.33 -14.72 -16.73
CA THR I 41 4.18 -13.57 -15.83
C THR I 41 5.55 -12.87 -15.65
N THR I 42 6.59 -13.66 -15.37
CA THR I 42 7.92 -13.13 -15.05
C THR I 42 8.58 -12.56 -16.32
N ASN I 43 8.40 -13.23 -17.45
CA ASN I 43 9.07 -12.86 -18.69
C ASN I 43 8.59 -11.48 -19.15
N TYR I 44 7.27 -11.29 -19.18
CA TYR I 44 6.69 -10.08 -19.77
C TYR I 44 6.65 -8.97 -18.71
N GLY I 45 5.73 -9.09 -17.74
CA GLY I 45 5.49 -8.03 -16.77
C GLY I 45 6.59 -7.95 -15.71
N GLY I 46 7.13 -9.12 -15.35
CA GLY I 46 8.15 -9.23 -14.31
C GLY I 46 9.48 -8.61 -14.70
N ARG I 47 9.77 -8.58 -16.01
CA ARG I 47 11.04 -8.07 -16.51
C ARG I 47 10.81 -7.00 -17.58
N HIS I 48 9.60 -6.42 -17.61
CA HIS I 48 9.29 -5.24 -18.41
C HIS I 48 9.68 -5.48 -19.89
N THR I 49 9.17 -6.55 -20.50
CA THR I 49 9.35 -6.79 -21.91
C THR I 49 8.27 -6.05 -22.72
N LEU I 50 8.69 -5.08 -23.54
CA LEU I 50 7.83 -4.48 -24.55
C LEU I 50 7.48 -5.51 -25.61
N ASP I 51 6.21 -5.91 -25.67
CA ASP I 51 5.69 -6.75 -26.73
C ASP I 51 4.35 -6.15 -27.17
N ASN I 52 4.37 -5.50 -28.34
CA ASN I 52 3.26 -4.71 -28.81
C ASN I 52 2.03 -5.60 -28.99
N ASN I 53 2.23 -6.79 -29.58
CA ASN I 53 1.13 -7.74 -29.81
C ASN I 53 0.50 -8.14 -28.47
N GLU I 54 1.33 -8.43 -27.46
CA GLU I 54 0.84 -8.87 -26.16
C GLU I 54 0.13 -7.70 -25.45
N MET I 55 0.55 -6.47 -25.72
CA MET I 55 -0.01 -5.27 -25.10
C MET I 55 -1.33 -4.86 -25.80
N SER I 56 -1.60 -5.41 -26.98
CA SER I 56 -2.72 -4.99 -27.83
C SER I 56 -4.03 -5.69 -27.43
N ARG I 57 -3.96 -6.76 -26.64
CA ARG I 57 -5.03 -7.77 -26.57
C ARG I 57 -6.37 -7.14 -26.15
N ILE I 58 -6.35 -6.21 -25.18
CA ILE I 58 -7.58 -5.54 -24.72
C ILE I 58 -8.16 -4.69 -25.85
N TRP I 59 -7.32 -3.83 -26.43
CA TRP I 59 -7.69 -2.94 -27.53
C TRP I 59 -8.37 -3.73 -28.65
N THR I 60 -7.72 -4.81 -29.08
CA THR I 60 -8.17 -5.60 -30.22
C THR I 60 -9.52 -6.25 -29.90
N SER I 61 -9.61 -6.87 -28.72
CA SER I 61 -10.74 -7.72 -28.33
C SER I 61 -12.02 -6.89 -28.25
N PHE I 62 -11.97 -5.74 -27.58
CA PHE I 62 -13.15 -4.94 -27.30
C PHE I 62 -13.55 -4.12 -28.53
N TYR I 63 -12.58 -3.56 -29.27
CA TYR I 63 -12.90 -2.71 -30.43
C TYR I 63 -13.40 -3.55 -31.62
N THR I 64 -13.16 -4.87 -31.62
CA THR I 64 -13.63 -5.75 -32.73
C THR I 64 -14.85 -6.60 -32.33
N GLN I 65 -15.27 -6.55 -31.06
CA GLN I 65 -16.41 -7.38 -30.58
C GLN I 65 -17.28 -6.59 -29.59
N SER I 66 -17.04 -6.77 -28.29
CA SER I 66 -17.98 -6.40 -27.21
C SER I 66 -18.41 -4.93 -27.29
N LEU I 67 -17.42 -4.04 -27.32
CA LEU I 67 -17.67 -2.61 -27.35
C LEU I 67 -18.32 -2.20 -28.68
N LYS I 68 -17.94 -2.88 -29.78
CA LYS I 68 -18.52 -2.63 -31.11
C LYS I 68 -19.99 -3.09 -31.12
N ASN I 69 -20.22 -4.30 -30.62
CA ASN I 69 -21.55 -4.90 -30.47
C ASN I 69 -22.45 -3.95 -29.66
N ILE I 70 -21.93 -3.48 -28.52
CA ILE I 70 -22.67 -2.65 -27.59
C ILE I 70 -22.99 -1.29 -28.23
N ILE I 71 -21.96 -0.63 -28.78
CA ILE I 71 -22.12 0.71 -29.41
C ILE I 71 -23.20 0.63 -30.51
N ASP I 72 -23.28 -0.51 -31.21
CA ASP I 72 -24.31 -0.75 -32.23
C ASP I 72 -25.69 -0.90 -31.56
N ALA I 73 -25.78 -1.77 -30.54
CA ALA I 73 -27.04 -2.08 -29.87
C ALA I 73 -27.65 -0.81 -29.28
N GLN I 74 -26.83 0.00 -28.60
CA GLN I 74 -27.29 1.20 -27.89
C GLN I 74 -27.64 2.29 -28.92
N TYR I 75 -26.91 2.34 -30.03
CA TYR I 75 -27.19 3.30 -31.11
C TYR I 75 -28.58 3.01 -31.69
N ARG I 76 -28.87 1.73 -31.93
CA ARG I 76 -30.17 1.29 -32.49
C ARG I 76 -31.30 1.53 -31.49
N THR I 77 -30.97 1.50 -30.19
CA THR I 77 -31.94 1.41 -29.09
C THR I 77 -32.34 2.81 -28.59
N ALA I 78 -31.56 3.85 -28.91
CA ALA I 78 -31.82 5.21 -28.45
C ALA I 78 -32.95 5.83 -29.27
N ALA I 81 -37.15 4.58 -26.72
CA ALA I 81 -38.36 5.18 -26.16
C ALA I 81 -39.25 4.13 -25.48
N GLU I 82 -39.49 3.02 -26.18
CA GLU I 82 -40.15 1.83 -25.61
C GLU I 82 -39.10 0.77 -25.26
N LYS I 83 -37.82 1.13 -25.43
CA LYS I 83 -36.68 0.23 -25.28
C LYS I 83 -35.61 0.92 -24.42
N VAL I 84 -36.04 1.47 -23.27
CA VAL I 84 -35.26 2.43 -22.48
C VAL I 84 -34.41 1.72 -21.42
N ASN I 85 -34.76 0.49 -21.03
CA ASN I 85 -34.02 -0.25 -19.99
C ASN I 85 -32.77 -0.91 -20.59
N ILE I 86 -32.95 -1.61 -21.72
CA ILE I 86 -31.83 -2.25 -22.40
C ILE I 86 -30.87 -1.17 -22.91
N ASN I 87 -31.41 -0.04 -23.40
CA ASN I 87 -30.59 1.11 -23.78
C ASN I 87 -29.72 1.55 -22.61
N SER I 88 -30.35 1.76 -21.45
CA SER I 88 -29.66 2.24 -20.27
C SER I 88 -28.58 1.25 -19.81
N VAL I 89 -28.91 -0.05 -19.78
CA VAL I 89 -27.97 -1.11 -19.39
C VAL I 89 -26.78 -1.15 -20.38
N LEU I 90 -27.09 -1.07 -21.68
CA LEU I 90 -26.06 -1.03 -22.72
C LEU I 90 -25.12 0.16 -22.48
N ARG I 91 -25.68 1.32 -22.12
CA ARG I 91 -24.90 2.54 -21.83
C ARG I 91 -23.99 2.34 -20.61
N ILE I 92 -24.50 1.64 -19.58
CA ILE I 92 -23.75 1.41 -18.33
C ILE I 92 -22.58 0.46 -18.60
N TYR I 93 -22.82 -0.56 -19.43
CA TYR I 93 -21.78 -1.54 -19.72
C TYR I 93 -20.76 -0.97 -20.71
N ARG I 94 -21.22 -0.12 -21.65
CA ARG I 94 -20.35 0.61 -22.56
C ARG I 94 -19.29 1.37 -21.75
N VAL I 95 -19.73 2.09 -20.72
CA VAL I 95 -18.87 2.84 -19.79
C VAL I 95 -17.86 1.89 -19.13
N TYR I 96 -18.34 0.74 -18.64
CA TYR I 96 -17.49 -0.19 -17.89
C TYR I 96 -16.34 -0.71 -18.77
N LEU I 97 -16.66 -1.12 -20.00
CA LEU I 97 -15.65 -1.65 -20.92
C LEU I 97 -14.66 -0.55 -21.32
N MET I 98 -15.18 0.64 -21.67
CA MET I 98 -14.35 1.76 -22.10
C MET I 98 -13.41 2.18 -20.96
N SER I 99 -13.84 1.99 -19.71
CA SER I 99 -13.02 2.31 -18.54
C SER I 99 -11.76 1.41 -18.53
N ILE I 100 -11.91 0.16 -18.97
CA ILE I 100 -10.79 -0.79 -19.01
C ILE I 100 -9.83 -0.38 -20.14
N ILE I 101 -10.39 0.06 -21.27
CA ILE I 101 -9.58 0.50 -22.40
C ILE I 101 -8.75 1.72 -22.00
N THR I 102 -9.40 2.75 -21.44
CA THR I 102 -8.71 4.04 -21.17
C THR I 102 -7.76 3.90 -19.98
N ASP I 103 -8.08 3.02 -19.02
CA ASP I 103 -7.26 2.80 -17.82
C ASP I 103 -6.03 1.95 -18.14
N THR I 104 -6.03 1.38 -19.37
CA THR I 104 -4.95 0.60 -19.91
C THR I 104 -4.09 1.46 -20.86
N TYR I 105 -4.72 2.16 -21.81
CA TYR I 105 -3.99 2.83 -22.89
C TYR I 105 -3.94 4.36 -22.76
N GLY I 106 -4.96 4.96 -22.14
CA GLY I 106 -5.05 6.43 -22.05
C GLY I 106 -6.12 6.97 -23.00
N ASP I 107 -5.75 7.99 -23.78
CA ASP I 107 -6.66 8.56 -24.76
C ASP I 107 -7.02 7.48 -25.77
N ALA I 108 -8.28 7.46 -26.23
CA ALA I 108 -8.75 6.39 -27.13
C ALA I 108 -10.07 6.78 -27.80
N PRO I 109 -10.44 6.13 -28.92
CA PRO I 109 -11.80 6.26 -29.48
C PRO I 109 -12.89 5.90 -28.47
N PHE I 110 -14.00 6.65 -28.52
CA PHE I 110 -15.16 6.42 -27.69
C PHE I 110 -16.36 7.12 -28.31
N SER I 111 -16.37 8.46 -28.25
CA SER I 111 -17.48 9.27 -28.74
C SER I 111 -17.68 9.07 -30.24
N GLU I 112 -16.60 8.82 -30.99
CA GLU I 112 -16.66 8.66 -32.44
C GLU I 112 -16.57 7.17 -32.83
N ALA I 113 -16.35 6.28 -31.85
CA ALA I 113 -16.13 4.85 -32.11
C ALA I 113 -17.44 4.19 -32.57
N GLY I 114 -17.32 3.30 -33.57
CA GLY I 114 -18.47 2.62 -34.20
C GLY I 114 -18.65 3.06 -35.65
N PHE I 122 -14.69 5.49 -41.58
CA PHE I 122 -14.50 6.44 -40.48
C PHE I 122 -13.20 6.10 -39.73
N ASN I 123 -12.46 7.15 -39.36
CA ASN I 123 -11.24 7.06 -38.56
C ASN I 123 -11.50 7.76 -37.23
N PRO I 124 -11.99 7.04 -36.18
CA PRO I 124 -12.36 7.70 -34.93
C PRO I 124 -11.19 8.47 -34.32
N LYS I 125 -11.45 9.68 -33.82
CA LYS I 125 -10.45 10.44 -33.08
C LYS I 125 -10.31 9.82 -31.69
N TYR I 126 -9.12 9.96 -31.11
CA TYR I 126 -8.84 9.51 -29.76
C TYR I 126 -9.29 10.61 -28.79
N ASP I 127 -10.40 10.37 -28.09
CA ASP I 127 -10.88 11.27 -27.03
C ASP I 127 -9.82 11.32 -25.92
N LYS I 128 -9.58 12.51 -25.37
CA LYS I 128 -8.72 12.68 -24.21
C LYS I 128 -9.37 11.96 -23.02
N GLN I 129 -8.53 11.31 -22.19
CA GLN I 129 -8.99 10.56 -21.04
C GLN I 129 -9.85 11.44 -20.13
N GLU I 130 -9.49 12.72 -20.00
CA GLU I 130 -10.27 13.70 -19.21
C GLU I 130 -11.73 13.70 -19.71
N ASP I 131 -11.91 13.86 -21.03
CA ASP I 131 -13.24 13.99 -21.67
C ASP I 131 -13.99 12.64 -21.62
N ILE I 132 -13.23 11.54 -21.65
CA ILE I 132 -13.79 10.19 -21.53
C ILE I 132 -14.41 10.01 -20.14
N TYR I 133 -13.70 10.48 -19.10
CA TYR I 133 -14.16 10.37 -17.72
C TYR I 133 -15.31 11.36 -17.48
N ASN I 134 -15.22 12.57 -18.05
CA ASN I 134 -16.35 13.53 -18.02
C ASN I 134 -17.63 12.82 -18.50
N ALA I 135 -17.50 12.10 -19.63
CA ALA I 135 -18.60 11.43 -20.32
C ALA I 135 -19.09 10.21 -19.52
N PHE I 136 -18.19 9.56 -18.79
CA PHE I 136 -18.57 8.44 -17.90
C PHE I 136 -19.64 8.91 -16.92
N PHE I 137 -19.39 10.05 -16.26
CA PHE I 137 -20.27 10.56 -15.24
C PHE I 137 -21.63 10.89 -15.87
N LEU I 138 -21.61 11.65 -16.96
CA LEU I 138 -22.82 12.12 -17.64
C LEU I 138 -23.64 10.93 -18.18
N GLU I 139 -22.97 9.87 -18.62
CA GLU I 139 -23.63 8.70 -19.20
C GLU I 139 -24.33 7.88 -18.10
N LEU I 140 -23.66 7.72 -16.95
CA LEU I 140 -24.18 6.91 -15.86
C LEU I 140 -25.37 7.60 -15.20
N GLU I 141 -25.24 8.92 -14.99
CA GLU I 141 -26.29 9.75 -14.38
C GLU I 141 -27.57 9.71 -15.22
N ASP I 142 -27.43 9.92 -16.53
CA ASP I 142 -28.57 9.94 -17.45
C ASP I 142 -29.20 8.54 -17.53
N ALA I 143 -28.36 7.49 -17.49
CA ALA I 143 -28.82 6.10 -17.60
C ALA I 143 -29.64 5.70 -16.37
N VAL I 144 -29.23 6.17 -15.19
CA VAL I 144 -29.90 5.92 -13.92
C VAL I 144 -31.29 6.57 -13.94
N ASN I 145 -31.40 7.73 -14.61
CA ASN I 145 -32.63 8.54 -14.64
C ASN I 145 -33.59 8.05 -15.74
N LYS I 146 -33.07 7.32 -16.75
CA LYS I 146 -33.85 6.81 -17.89
C LYS I 146 -34.52 5.48 -17.54
N ILE I 147 -33.80 4.67 -16.75
CA ILE I 147 -34.27 3.35 -16.27
C ILE I 147 -35.71 3.48 -15.74
N ASP I 148 -36.54 2.46 -16.03
CA ASP I 148 -37.99 2.48 -15.75
C ASP I 148 -38.56 1.05 -15.88
N PRO I 149 -38.71 0.28 -14.78
CA PRO I 149 -39.15 -1.12 -14.85
C PRO I 149 -40.53 -1.42 -15.50
N THR I 150 -41.36 -0.39 -15.74
CA THR I 150 -42.68 -0.57 -16.36
C THR I 150 -42.56 -0.79 -17.88
N LYS I 151 -41.37 -0.49 -18.44
CA LYS I 151 -41.12 -0.60 -19.88
C LYS I 151 -40.54 -1.99 -20.17
N ASP I 152 -39.59 -2.05 -21.12
CA ASP I 152 -39.03 -3.31 -21.65
C ASP I 152 -38.22 -4.04 -20.57
N LYS I 153 -38.35 -5.37 -20.54
CA LYS I 153 -37.59 -6.21 -19.61
C LYS I 153 -36.33 -6.71 -20.32
N VAL I 154 -35.28 -6.99 -19.54
CA VAL I 154 -33.94 -7.28 -20.04
C VAL I 154 -33.64 -8.78 -19.85
N THR I 155 -33.45 -9.49 -20.96
CA THR I 155 -33.64 -10.95 -21.06
C THR I 155 -32.32 -11.73 -20.91
N GLY I 156 -31.20 -11.17 -21.36
CA GLY I 156 -29.92 -11.90 -21.44
C GLY I 156 -28.86 -11.36 -20.51
N ASP I 157 -29.27 -10.83 -19.36
CA ASP I 157 -28.37 -10.20 -18.40
C ASP I 157 -27.82 -11.26 -17.44
N LEU I 158 -26.50 -11.50 -17.53
CA LEU I 158 -25.82 -12.55 -16.79
C LEU I 158 -25.34 -12.05 -15.42
N ILE I 159 -25.45 -10.74 -15.16
CA ILE I 159 -24.96 -10.15 -13.90
C ILE I 159 -26.09 -10.13 -12.86
N TYR I 160 -27.21 -9.48 -13.22
CA TYR I 160 -28.32 -9.19 -12.30
C TYR I 160 -29.64 -9.83 -12.77
N ALA I 161 -29.60 -10.61 -13.86
CA ALA I 161 -30.76 -11.33 -14.38
C ALA I 161 -31.97 -10.39 -14.57
N GLY I 162 -31.72 -9.22 -15.18
CA GLY I 162 -32.77 -8.32 -15.67
C GLY I 162 -33.26 -7.31 -14.65
N ASP I 163 -32.86 -7.48 -13.38
CA ASP I 163 -33.27 -6.61 -12.29
C ASP I 163 -32.59 -5.25 -12.47
N VAL I 164 -33.35 -4.29 -12.99
CA VAL I 164 -32.88 -3.02 -13.49
C VAL I 164 -32.49 -2.08 -12.33
N THR I 165 -33.01 -2.35 -11.13
CA THR I 165 -32.76 -1.55 -9.92
C THR I 165 -31.30 -1.75 -9.45
N LYS I 166 -30.77 -2.95 -9.63
CA LYS I 166 -29.39 -3.26 -9.26
C LYS I 166 -28.43 -2.58 -10.25
N TRP I 167 -28.88 -2.43 -11.50
CA TRP I 167 -28.14 -1.71 -12.53
C TRP I 167 -27.91 -0.26 -12.11
N GLN I 168 -28.94 0.38 -11.57
CA GLN I 168 -28.82 1.72 -10.98
C GLN I 168 -27.77 1.71 -9.86
N GLN I 169 -27.79 0.67 -9.02
CA GLN I 169 -26.84 0.52 -7.91
C GLN I 169 -25.40 0.41 -8.43
N LEU I 170 -25.21 -0.40 -9.49
CA LEU I 170 -23.91 -0.58 -10.12
C LEU I 170 -23.47 0.73 -10.79
N ALA I 171 -24.36 1.33 -11.57
CA ALA I 171 -24.07 2.56 -12.31
C ALA I 171 -23.58 3.65 -11.34
N ASN I 172 -24.22 3.76 -10.17
CA ASN I 172 -23.88 4.80 -9.17
C ASN I 172 -22.59 4.41 -8.43
N SER I 173 -22.36 3.11 -8.22
CA SER I 173 -21.13 2.59 -7.63
C SER I 173 -19.95 2.87 -8.57
N LEU I 174 -20.16 2.63 -9.87
CA LEU I 174 -19.15 2.92 -10.87
C LEU I 174 -18.78 4.40 -10.78
N ARG I 175 -19.78 5.26 -10.57
CA ARG I 175 -19.58 6.71 -10.40
C ARG I 175 -18.65 6.94 -9.21
N LEU I 176 -18.91 6.24 -8.09
CA LEU I 176 -18.03 6.27 -6.90
C LEU I 176 -16.59 5.93 -7.31
N ARG I 177 -16.45 4.82 -8.06
CA ARG I 177 -15.17 4.27 -8.49
C ARG I 177 -14.37 5.33 -9.27
N PHE I 178 -15.02 5.95 -10.27
CA PHE I 178 -14.38 6.88 -11.21
C PHE I 178 -14.15 8.24 -10.53
N ALA I 179 -15.04 8.63 -9.61
CA ALA I 179 -14.91 9.84 -8.81
C ALA I 179 -13.60 9.78 -8.01
N MET I 180 -13.42 8.67 -7.29
CA MET I 180 -12.22 8.46 -6.51
C MET I 180 -10.99 8.32 -7.42
N ARG I 181 -11.19 7.89 -8.68
CA ARG I 181 -10.07 7.73 -9.59
C ARG I 181 -9.48 9.11 -9.94
N ILE I 182 -10.33 10.14 -10.05
CA ILE I 182 -9.87 11.48 -10.45
C ILE I 182 -9.62 12.37 -9.23
N SER I 183 -9.53 11.76 -8.04
CA SER I 183 -9.43 12.53 -6.79
C SER I 183 -8.09 13.29 -6.71
N SER I 184 -7.02 12.73 -7.26
CA SER I 184 -5.70 13.40 -7.35
C SER I 184 -5.76 14.56 -8.34
N VAL I 185 -6.24 14.30 -9.57
CA VAL I 185 -6.08 15.23 -10.69
C VAL I 185 -7.12 16.37 -10.62
N ASN I 186 -8.33 16.06 -10.13
CA ASN I 186 -9.43 17.03 -10.05
C ASN I 186 -10.20 16.83 -8.74
N PRO I 187 -9.60 17.24 -7.61
CA PRO I 187 -10.21 17.04 -6.28
C PRO I 187 -11.65 17.55 -6.11
N THR I 188 -11.98 18.69 -6.75
CA THR I 188 -13.29 19.33 -6.61
C THR I 188 -14.35 18.49 -7.31
N LYS I 189 -14.10 18.15 -8.59
CA LYS I 189 -15.06 17.39 -9.39
C LYS I 189 -15.28 16.01 -8.75
N ALA I 190 -14.19 15.43 -8.22
CA ALA I 190 -14.20 14.13 -7.55
C ALA I 190 -15.20 14.12 -6.39
N GLN I 191 -15.03 15.06 -5.44
CA GLN I 191 -15.90 15.18 -4.27
C GLN I 191 -17.35 15.35 -4.72
N THR I 192 -17.59 16.26 -5.68
CA THR I 192 -18.94 16.58 -6.19
C THR I 192 -19.60 15.36 -6.82
N GLU I 193 -18.84 14.59 -7.62
CA GLU I 193 -19.36 13.40 -8.33
C GLU I 193 -19.66 12.27 -7.34
N PHE I 194 -18.76 12.07 -6.36
CA PHE I 194 -18.90 11.02 -5.35
C PHE I 194 -20.21 11.24 -4.57
N GLU I 195 -20.40 12.48 -4.12
CA GLU I 195 -21.55 12.91 -3.32
C GLU I 195 -22.84 12.84 -4.15
N ASN I 196 -22.76 13.23 -5.44
CA ASN I 196 -23.90 13.17 -6.36
C ASN I 196 -24.38 11.72 -6.55
N ALA I 197 -23.41 10.80 -6.69
CA ALA I 197 -23.71 9.38 -6.91
C ALA I 197 -24.48 8.80 -5.72
N LEU I 198 -24.10 9.18 -4.49
CA LEU I 198 -24.71 8.65 -3.25
C LEU I 198 -26.19 9.05 -3.16
N ALA I 199 -26.58 10.17 -3.79
CA ALA I 199 -27.93 10.74 -3.69
C ALA I 199 -28.73 10.56 -4.99
N ALA I 200 -28.22 9.77 -5.95
CA ALA I 200 -28.90 9.53 -7.23
C ALA I 200 -29.90 8.39 -7.06
N ASN I 201 -30.83 8.27 -8.02
CA ASN I 201 -31.91 7.28 -7.99
C ASN I 201 -31.32 5.87 -7.83
N GLY I 202 -31.90 5.10 -6.91
CA GLY I 202 -31.54 3.70 -6.68
C GLY I 202 -30.39 3.54 -5.71
N GLY I 203 -29.64 4.62 -5.45
CA GLY I 203 -28.48 4.58 -4.56
C GLY I 203 -27.39 3.67 -5.11
N VAL I 204 -26.59 3.11 -4.19
CA VAL I 204 -25.38 2.35 -4.53
C VAL I 204 -25.48 0.95 -3.90
N ILE I 205 -24.44 0.13 -4.13
CA ILE I 205 -24.35 -1.25 -3.62
C ILE I 205 -23.97 -1.21 -2.14
N THR I 206 -24.97 -1.43 -1.27
CA THR I 206 -24.80 -1.31 0.19
C THR I 206 -24.51 -2.67 0.84
N ASP I 207 -24.67 -3.78 0.09
CA ASP I 207 -24.33 -5.12 0.61
C ASP I 207 -24.15 -6.12 -0.55
N ALA I 208 -23.67 -7.32 -0.18
CA ALA I 208 -23.18 -8.37 -1.09
C ALA I 208 -24.25 -8.82 -2.09
N SER I 209 -25.53 -8.74 -1.72
CA SER I 209 -26.63 -9.24 -2.54
C SER I 209 -26.67 -8.53 -3.89
N SER I 210 -26.13 -7.31 -3.96
CA SER I 210 -26.11 -6.50 -5.18
C SER I 210 -24.70 -6.44 -5.82
N ASP I 211 -23.81 -7.37 -5.46
CA ASP I 211 -22.49 -7.42 -6.10
C ASP I 211 -22.72 -7.77 -7.58
N ALA I 212 -21.92 -7.13 -8.45
CA ALA I 212 -22.00 -7.31 -9.90
C ALA I 212 -20.97 -8.35 -10.33
N LEU I 213 -21.46 -9.58 -10.52
CA LEU I 213 -20.65 -10.73 -10.91
C LEU I 213 -21.25 -11.37 -12.17
N ILE I 214 -20.41 -11.54 -13.19
CA ILE I 214 -20.76 -12.26 -14.42
C ILE I 214 -20.69 -13.75 -14.11
N LYS I 215 -21.85 -14.42 -14.20
CA LYS I 215 -21.99 -15.85 -13.95
C LYS I 215 -21.44 -16.60 -15.17
N TYR I 216 -20.50 -17.53 -14.92
CA TYR I 216 -19.85 -18.36 -15.94
C TYR I 216 -20.22 -19.83 -15.69
N MET I 217 -20.33 -20.60 -16.78
CA MET I 217 -20.62 -22.03 -16.74
C MET I 217 -19.34 -22.80 -16.41
N THR I 218 -19.50 -24.04 -15.98
CA THR I 218 -18.41 -24.99 -15.86
C THR I 218 -18.24 -25.68 -17.22
N ILE I 219 -17.05 -25.53 -17.80
CA ILE I 219 -16.67 -26.21 -19.03
C ILE I 219 -15.22 -26.68 -18.87
N ALA I 220 -14.87 -27.79 -19.52
CA ALA I 220 -13.52 -28.33 -19.51
C ALA I 220 -12.55 -27.29 -20.08
N PHE I 221 -11.32 -27.29 -19.55
CA PHE I 221 -10.25 -26.44 -20.06
C PHE I 221 -9.68 -27.06 -21.34
N SER I 222 -9.66 -26.28 -22.42
CA SER I 222 -9.15 -26.68 -23.72
C SER I 222 -8.30 -25.56 -24.30
N PHE I 223 -7.22 -25.91 -25.02
CA PHE I 223 -6.31 -24.93 -25.63
C PHE I 223 -6.20 -25.14 -27.16
N GLY I 224 -7.21 -25.81 -27.74
CA GLY I 224 -7.33 -25.97 -29.20
C GLY I 224 -8.10 -24.80 -29.83
N GLN I 225 -8.05 -24.69 -31.15
CA GLN I 225 -8.66 -23.57 -31.91
C GLN I 225 -10.09 -23.30 -31.41
N GLU I 226 -10.87 -24.37 -31.23
CA GLU I 226 -12.29 -24.30 -30.85
C GLU I 226 -12.48 -23.45 -29.57
N ALA I 227 -11.50 -23.49 -28.66
CA ALA I 227 -11.63 -22.93 -27.31
C ALA I 227 -11.65 -21.39 -27.33
N TYR I 228 -11.04 -20.77 -28.36
CA TYR I 228 -10.79 -19.31 -28.40
C TYR I 228 -12.00 -18.53 -28.93
N SER I 229 -13.10 -19.21 -29.25
CA SER I 229 -14.37 -18.57 -29.65
C SER I 229 -15.52 -18.97 -28.72
N ASP I 230 -15.18 -19.62 -27.59
CA ASP I 230 -16.14 -20.06 -26.58
C ASP I 230 -15.92 -19.27 -25.28
N TYR I 231 -16.85 -18.37 -24.99
CA TYR I 231 -16.70 -17.41 -23.89
C TYR I 231 -17.58 -17.76 -22.68
N ARG I 232 -18.07 -19.00 -22.63
CA ARG I 232 -19.08 -19.41 -21.66
C ARG I 232 -18.47 -19.68 -20.29
N GLY I 233 -17.18 -20.06 -20.29
CA GLY I 233 -16.43 -20.30 -19.07
C GLY I 233 -15.46 -19.17 -18.78
N ASN I 234 -15.03 -19.09 -17.51
CA ASN I 234 -14.05 -18.11 -17.10
C ASN I 234 -12.68 -18.55 -17.62
N SER I 235 -12.17 -17.80 -18.60
CA SER I 235 -10.92 -18.13 -19.27
C SER I 235 -9.73 -17.52 -18.52
N LEU I 236 -9.95 -16.54 -17.64
CA LEU I 236 -8.89 -16.08 -16.76
C LEU I 236 -8.50 -17.22 -15.81
N SER I 237 -9.50 -17.87 -15.21
CA SER I 237 -9.27 -18.96 -14.29
C SER I 237 -8.53 -20.10 -15.02
N GLN I 238 -9.00 -20.44 -16.23
CA GLN I 238 -8.37 -21.46 -17.07
C GLN I 238 -6.88 -21.19 -17.14
N LEU I 239 -6.54 -19.94 -17.44
CA LEU I 239 -5.18 -19.54 -17.79
C LEU I 239 -4.28 -19.54 -16.55
N LEU I 240 -4.83 -19.19 -15.38
CA LEU I 240 -4.07 -19.20 -14.13
C LEU I 240 -3.76 -20.64 -13.73
N PHE I 241 -4.57 -21.59 -14.22
CA PHE I 241 -4.22 -22.99 -14.12
C PHE I 241 -3.03 -23.26 -15.05
N GLY I 242 -3.24 -22.98 -16.34
CA GLY I 242 -2.16 -22.86 -17.32
C GLY I 242 -2.28 -23.81 -18.50
N ASN I 243 -1.65 -23.41 -19.61
CA ASN I 243 -1.45 -24.26 -20.78
C ASN I 243 -0.35 -25.28 -20.47
N ASP I 244 0.58 -24.89 -19.58
CA ASP I 244 1.73 -25.70 -19.14
C ASP I 244 1.68 -25.78 -17.63
N PRO I 245 0.66 -26.43 -17.04
CA PRO I 245 0.37 -26.31 -15.61
C PRO I 245 1.30 -27.07 -14.64
N ALA I 246 2.08 -28.02 -15.14
CA ALA I 246 3.03 -28.77 -14.32
C ALA I 246 4.26 -27.91 -14.01
N ASN I 247 4.84 -27.29 -15.05
CA ASN I 247 6.11 -26.55 -14.93
C ASN I 247 5.87 -25.07 -14.61
N ASN I 248 4.71 -24.54 -15.02
CA ASN I 248 4.42 -23.11 -15.00
C ASN I 248 3.02 -22.84 -14.47
N PRO I 249 2.76 -23.14 -13.17
CA PRO I 249 1.50 -22.75 -12.52
C PRO I 249 1.54 -21.29 -12.04
N SER I 250 0.42 -20.81 -11.46
CA SER I 250 0.36 -19.48 -10.88
C SER I 250 1.02 -19.47 -9.48
N TYR I 251 2.34 -19.23 -9.46
CA TYR I 251 3.10 -18.98 -8.24
C TYR I 251 2.82 -17.55 -7.76
N LEU I 252 2.79 -17.37 -6.44
CA LEU I 252 2.51 -16.05 -5.86
C LEU I 252 3.81 -15.25 -5.72
N CYS I 253 3.66 -13.94 -5.89
CA CYS I 253 4.73 -12.98 -5.69
C CYS I 253 4.87 -12.70 -4.19
N SER I 254 6.12 -12.57 -3.74
CA SER I 254 6.44 -12.44 -2.32
C SER I 254 5.73 -11.24 -1.71
N THR I 255 5.64 -10.13 -2.44
CA THR I 255 5.01 -8.89 -1.97
C THR I 255 3.60 -9.20 -1.44
N PHE I 256 2.86 -10.03 -2.18
CA PHE I 256 1.45 -10.33 -1.91
C PHE I 256 1.33 -11.40 -0.82
N PHE I 257 2.08 -12.50 -0.97
CA PHE I 257 2.07 -13.57 0.03
C PHE I 257 2.52 -13.05 1.39
N ASN I 258 3.58 -12.22 1.42
CA ASN I 258 4.13 -11.69 2.66
C ASN I 258 3.13 -10.70 3.29
N GLN I 259 2.45 -9.90 2.46
CA GLN I 259 1.41 -9.02 2.97
C GLN I 259 0.39 -9.85 3.76
N LEU I 260 0.03 -11.02 3.22
CA LEU I 260 -0.98 -11.88 3.83
C LEU I 260 -0.39 -12.54 5.08
N TYR I 261 0.73 -13.24 4.90
CA TYR I 261 1.30 -14.05 5.97
C TYR I 261 1.68 -13.14 7.15
N ASN I 262 2.53 -12.14 6.91
CA ASN I 262 3.09 -11.28 7.97
C ASN I 262 1.99 -10.44 8.65
N SER I 263 0.85 -10.23 7.99
CA SER I 263 -0.26 -9.46 8.59
C SER I 263 -1.24 -10.39 9.34
N GLY I 264 -0.94 -11.70 9.40
CA GLY I 264 -1.83 -12.68 10.03
C GLY I 264 -3.20 -12.70 9.38
N ASP I 265 -3.23 -12.55 8.05
CA ASP I 265 -4.45 -12.44 7.29
C ASP I 265 -5.08 -13.82 7.16
N PRO I 266 -6.34 -14.03 7.56
CA PRO I 266 -6.99 -15.35 7.44
C PRO I 266 -7.04 -15.88 6.00
N ARG I 267 -6.97 -14.97 5.00
CA ARG I 267 -7.08 -15.31 3.58
C ARG I 267 -5.77 -15.92 3.04
N THR I 268 -4.69 -15.86 3.83
CA THR I 268 -3.35 -16.34 3.42
C THR I 268 -3.44 -17.71 2.74
N PHE I 269 -4.04 -18.67 3.45
CA PHE I 269 -4.07 -20.06 3.01
C PHE I 269 -5.46 -20.43 2.50
N LYS I 270 -6.25 -19.41 2.14
CA LYS I 270 -7.43 -19.56 1.29
C LYS I 270 -7.04 -19.24 -0.15
N ILE I 271 -6.27 -18.15 -0.31
CA ILE I 271 -5.80 -17.67 -1.60
C ILE I 271 -4.72 -18.63 -2.13
N SER I 272 -3.90 -19.19 -1.24
CA SER I 272 -2.70 -19.93 -1.64
C SER I 272 -2.53 -21.21 -0.83
N ARG I 273 -1.89 -22.19 -1.45
CA ARG I 273 -1.40 -23.43 -0.83
C ARG I 273 -0.05 -23.80 -1.45
N CYS I 274 0.67 -24.69 -0.78
CA CYS I 274 1.81 -25.38 -1.37
C CYS I 274 1.38 -26.78 -1.78
N TYR I 275 1.52 -27.07 -3.08
CA TYR I 275 1.07 -28.31 -3.70
C TYR I 275 2.26 -29.05 -4.33
N TYR I 276 2.24 -30.38 -4.21
CA TYR I 276 3.01 -31.27 -5.08
C TYR I 276 2.12 -31.65 -6.27
N ASP I 277 2.61 -31.41 -7.49
CA ASP I 277 1.79 -31.54 -8.70
C ASP I 277 2.30 -32.69 -9.57
N GLY I 278 3.01 -33.65 -8.96
CA GLY I 278 3.54 -34.82 -9.67
C GLY I 278 2.44 -35.67 -10.31
N LEU I 279 1.32 -35.83 -9.60
CA LEU I 279 0.23 -36.69 -10.03
C LEU I 279 -0.93 -35.87 -10.64
N MET I 280 -0.72 -34.55 -10.82
CA MET I 280 -1.75 -33.67 -11.36
C MET I 280 -1.92 -33.96 -12.85
N SER I 281 -3.18 -33.95 -13.31
CA SER I 281 -3.49 -34.07 -14.72
C SER I 281 -3.26 -32.71 -15.39
N ALA I 282 -2.88 -32.74 -16.67
CA ALA I 282 -3.11 -31.62 -17.54
C ALA I 282 -4.62 -31.55 -17.75
N THR I 283 -5.15 -30.33 -17.89
CA THR I 283 -6.56 -30.06 -18.23
C THR I 283 -7.44 -29.76 -17.01
N SER I 284 -7.02 -30.19 -15.81
CA SER I 284 -7.74 -29.78 -14.60
C SER I 284 -6.86 -29.92 -13.36
N PRO I 285 -7.07 -29.07 -12.33
CA PRO I 285 -6.26 -29.12 -11.11
C PRO I 285 -6.71 -30.21 -10.12
N ASP I 286 -6.76 -31.46 -10.60
CA ASP I 286 -7.16 -32.61 -9.81
C ASP I 286 -5.91 -33.40 -9.43
N ASN I 287 -5.98 -34.10 -8.28
CA ASN I 287 -4.97 -35.03 -7.78
C ASN I 287 -3.68 -34.28 -7.42
N ARG I 288 -3.82 -33.03 -6.97
CA ARG I 288 -2.74 -32.27 -6.36
C ARG I 288 -2.62 -32.70 -4.90
N VAL I 289 -1.42 -32.64 -4.36
CA VAL I 289 -1.13 -33.07 -2.99
C VAL I 289 -0.76 -31.84 -2.16
N ASP I 290 -1.61 -31.51 -1.19
CA ASP I 290 -1.48 -30.31 -0.37
C ASP I 290 -0.49 -30.58 0.77
N ILE I 291 0.64 -29.86 0.76
CA ILE I 291 1.72 -30.04 1.73
C ILE I 291 1.79 -28.83 2.66
N THR I 292 0.83 -27.90 2.54
CA THR I 292 0.86 -26.63 3.25
C THR I 292 0.93 -26.85 4.76
N GLN I 293 0.12 -27.77 5.27
CA GLN I 293 0.05 -28.05 6.71
C GLN I 293 1.36 -28.71 7.16
N GLU I 294 1.84 -29.68 6.37
CA GLU I 294 3.06 -30.42 6.67
C GLU I 294 4.23 -29.43 6.83
N MET I 295 4.36 -28.50 5.89
CA MET I 295 5.43 -27.50 5.90
C MET I 295 5.40 -26.72 7.22
N ILE I 296 4.21 -26.26 7.62
CA ILE I 296 4.02 -25.45 8.83
C ILE I 296 4.46 -26.26 10.06
N GLU I 297 4.07 -27.53 10.12
CA GLU I 297 4.39 -28.42 11.26
C GLU I 297 5.91 -28.64 11.36
N LYS I 298 6.55 -28.96 10.22
CA LYS I 298 7.98 -29.30 10.20
C LYS I 298 8.82 -28.01 10.18
N GLY I 299 8.16 -26.85 9.99
CA GLY I 299 8.78 -25.53 10.19
C GLY I 299 9.60 -25.09 8.99
N ILE I 300 9.11 -25.43 7.79
CA ILE I 300 9.78 -25.15 6.52
C ILE I 300 9.30 -23.79 6.02
N ALA I 301 10.25 -22.92 5.68
CA ALA I 301 9.95 -21.56 5.22
C ALA I 301 9.29 -21.62 3.84
N PHE I 302 8.31 -20.72 3.63
CA PHE I 302 7.74 -20.49 2.33
C PHE I 302 8.72 -19.65 1.51
N SER I 303 8.70 -19.85 0.19
CA SER I 303 9.64 -19.18 -0.70
C SER I 303 8.89 -18.56 -1.87
N PRO I 304 8.00 -17.58 -1.64
CA PRO I 304 7.34 -16.88 -2.76
C PRO I 304 8.38 -16.09 -3.55
N ARG I 305 8.06 -15.77 -4.81
CA ARG I 305 9.03 -15.21 -5.74
C ARG I 305 9.02 -13.68 -5.66
N ASP I 306 10.20 -13.09 -5.40
CA ASP I 306 10.40 -11.65 -5.49
C ASP I 306 10.11 -11.20 -6.92
N PRO I 307 9.60 -9.96 -7.15
CA PRO I 307 9.33 -9.47 -8.49
C PRO I 307 10.53 -9.60 -9.45
N GLY I 308 10.34 -10.29 -10.58
CA GLY I 308 11.39 -10.52 -11.57
C GLY I 308 11.98 -11.92 -11.51
N ALA I 309 11.63 -12.70 -10.48
CA ALA I 309 12.16 -14.06 -10.28
C ALA I 309 11.30 -15.11 -11.00
N TYR I 310 11.96 -16.15 -11.51
CA TYR I 310 11.31 -17.35 -12.02
C TYR I 310 11.18 -18.39 -10.91
N SER I 311 10.34 -19.41 -11.13
CA SER I 311 10.17 -20.49 -10.18
C SER I 311 11.51 -21.18 -9.93
N TRP I 312 12.37 -21.22 -10.95
CA TRP I 312 13.59 -22.03 -10.94
C TRP I 312 14.83 -21.24 -10.48
N GLU I 313 14.73 -19.92 -10.34
CA GLU I 313 15.89 -19.14 -9.86
C GLU I 313 15.40 -17.93 -9.07
N PRO I 314 15.82 -17.77 -7.80
CA PRO I 314 16.74 -18.71 -7.13
C PRO I 314 16.04 -20.02 -6.77
N TRP I 315 16.76 -21.14 -6.93
CA TRP I 315 16.23 -22.46 -6.62
C TRP I 315 16.12 -22.61 -5.10
N PRO I 316 14.95 -22.98 -4.56
CA PRO I 316 14.76 -23.06 -3.11
C PRO I 316 15.47 -24.27 -2.48
N THR I 317 15.89 -24.13 -1.22
CA THR I 317 16.18 -25.28 -0.38
C THR I 317 14.84 -25.93 -0.02
N GLY I 318 14.74 -27.24 -0.22
CA GLY I 318 13.52 -27.99 0.02
C GLY I 318 13.54 -28.72 1.34
N TYR I 319 12.72 -29.75 1.42
CA TYR I 319 12.66 -30.66 2.56
C TYR I 319 12.23 -32.03 2.03
N ASP I 320 12.44 -33.08 2.82
CA ASP I 320 11.92 -34.41 2.53
C ASP I 320 10.49 -34.47 3.08
N SER I 321 9.51 -34.64 2.19
CA SER I 321 8.10 -34.75 2.57
C SER I 321 7.80 -36.20 3.00
N ASP I 322 7.13 -36.34 4.15
CA ASP I 322 6.69 -37.63 4.67
C ASP I 322 5.43 -38.08 3.92
N ILE I 323 4.54 -37.11 3.65
CA ILE I 323 3.32 -37.35 2.89
C ILE I 323 3.68 -37.96 1.53
N CYS I 324 4.69 -37.38 0.85
CA CYS I 324 5.14 -37.82 -0.48
C CYS I 324 5.91 -39.15 -0.38
N ALA I 325 6.80 -39.26 0.63
CA ALA I 325 7.56 -40.50 0.88
C ALA I 325 6.62 -41.71 0.92
N GLU I 326 5.48 -41.55 1.63
CA GLU I 326 4.44 -42.56 1.77
C GLU I 326 3.88 -42.93 0.39
N LEU I 327 3.53 -41.90 -0.39
CA LEU I 327 2.98 -42.05 -1.76
C LEU I 327 4.00 -42.76 -2.68
N ALA I 328 5.29 -42.58 -2.39
CA ALA I 328 6.38 -43.06 -3.26
C ALA I 328 6.47 -44.60 -3.23
N VAL I 329 6.19 -45.21 -2.07
CA VAL I 329 6.28 -46.67 -1.95
C VAL I 329 5.29 -47.31 -2.93
N ASN I 330 4.12 -46.68 -3.08
CA ASN I 330 3.00 -47.23 -3.86
C ASN I 330 3.25 -46.97 -5.35
N ASN I 331 3.83 -45.82 -5.71
CA ASN I 331 4.30 -45.64 -7.09
C ASN I 331 5.58 -44.80 -7.08
N PRO I 332 6.72 -45.39 -7.50
CA PRO I 332 8.04 -44.83 -7.22
C PRO I 332 8.48 -43.72 -8.19
N SER I 333 7.56 -43.24 -9.04
CA SER I 333 7.78 -42.07 -9.88
C SER I 333 7.71 -40.78 -9.06
N VAL I 334 7.19 -40.88 -7.83
CA VAL I 334 7.08 -39.74 -6.92
C VAL I 334 8.39 -39.58 -6.15
N THR I 335 8.87 -38.33 -6.06
CA THR I 335 9.97 -37.94 -5.18
C THR I 335 9.41 -37.44 -3.85
N ALA I 336 10.15 -37.72 -2.77
CA ALA I 336 9.90 -37.14 -1.46
C ALA I 336 10.53 -35.74 -1.40
N THR I 337 11.68 -35.57 -2.07
CA THR I 337 12.49 -34.36 -1.98
C THR I 337 11.80 -33.19 -2.71
N MET I 338 11.09 -32.35 -1.94
CA MET I 338 10.45 -31.14 -2.48
C MET I 338 11.53 -30.08 -2.75
N ALA I 339 11.24 -29.18 -3.69
CA ALA I 339 12.09 -28.05 -4.01
C ALA I 339 11.22 -26.83 -4.31
N ARG I 340 10.68 -26.75 -5.54
CA ARG I 340 9.87 -25.61 -5.97
C ARG I 340 8.47 -25.68 -5.36
N GLU I 341 8.15 -26.81 -4.73
CA GLU I 341 6.84 -27.03 -4.14
C GLU I 341 6.64 -26.12 -2.92
N VAL I 342 7.75 -25.64 -2.33
CA VAL I 342 7.72 -24.78 -1.13
C VAL I 342 7.40 -23.33 -1.53
N GLU I 343 7.14 -23.08 -2.81
CA GLU I 343 6.76 -21.76 -3.32
C GLU I 343 5.23 -21.69 -3.39
N PRO I 344 4.57 -20.85 -2.58
CA PRO I 344 3.10 -20.77 -2.58
C PRO I 344 2.49 -20.64 -3.99
N LYS I 345 1.36 -21.31 -4.20
CA LYS I 345 0.62 -21.30 -5.46
C LYS I 345 -0.82 -20.87 -5.20
N LEU I 346 -1.48 -20.33 -6.24
CA LEU I 346 -2.90 -19.99 -6.18
C LEU I 346 -3.68 -21.28 -5.87
N ALA I 347 -4.64 -21.18 -4.95
CA ALA I 347 -5.45 -22.32 -4.52
C ALA I 347 -6.43 -22.73 -5.63
N ASN I 348 -6.80 -24.01 -5.63
CA ASN I 348 -7.73 -24.61 -6.61
C ASN I 348 -9.08 -23.87 -6.65
N ASN I 349 -9.46 -23.20 -5.56
CA ASN I 349 -10.72 -22.47 -5.50
C ASN I 349 -10.81 -21.42 -6.61
N PHE I 350 -9.65 -20.88 -7.05
CA PHE I 350 -9.61 -19.80 -8.04
C PHE I 350 -9.15 -20.31 -9.41
N LEU I 351 -9.13 -21.65 -9.60
CA LEU I 351 -8.76 -22.31 -10.86
C LEU I 351 -9.95 -23.10 -11.41
N LYS I 352 -11.16 -22.54 -11.28
CA LYS I 352 -12.40 -23.19 -11.75
C LYS I 352 -12.97 -22.36 -12.91
N SER I 353 -13.52 -23.05 -13.91
CA SER I 353 -14.25 -22.42 -15.00
C SER I 353 -15.51 -21.73 -14.44
N ASP I 354 -15.98 -22.28 -13.30
CA ASP I 354 -17.14 -21.83 -12.56
C ASP I 354 -16.95 -20.39 -12.05
N ASN I 355 -15.70 -20.01 -11.75
CA ASN I 355 -15.37 -18.76 -11.04
C ASN I 355 -16.08 -17.56 -11.68
N PRO I 356 -16.55 -16.60 -10.86
CA PRO I 356 -17.27 -15.43 -11.39
C PRO I 356 -16.34 -14.35 -11.96
N GLY I 357 -16.92 -13.54 -12.87
CA GLY I 357 -16.29 -12.36 -13.44
C GLY I 357 -16.66 -11.10 -12.66
N VAL I 358 -15.71 -10.63 -11.84
CA VAL I 358 -15.95 -9.57 -10.89
C VAL I 358 -15.94 -8.24 -11.64
N VAL I 359 -17.05 -7.50 -11.52
CA VAL I 359 -17.18 -6.15 -12.06
C VAL I 359 -17.03 -5.16 -10.90
N MET I 360 -17.90 -5.26 -9.88
CA MET I 360 -17.79 -4.40 -8.67
C MET I 360 -18.48 -5.05 -7.47
N THR I 361 -17.93 -4.82 -6.28
CA THR I 361 -18.38 -5.45 -5.05
C THR I 361 -18.78 -4.38 -4.03
N SER I 362 -19.51 -4.83 -3.01
CA SER I 362 -19.93 -4.01 -1.87
C SER I 362 -18.70 -3.61 -1.05
N ALA I 363 -17.74 -4.53 -0.95
CA ALA I 363 -16.52 -4.33 -0.19
C ALA I 363 -15.76 -3.14 -0.77
N GLU I 364 -15.71 -3.03 -2.10
CA GLU I 364 -15.02 -1.91 -2.77
C GLU I 364 -15.69 -0.57 -2.42
N VAL I 365 -17.02 -0.54 -2.49
CA VAL I 365 -17.79 0.66 -2.16
C VAL I 365 -17.45 1.10 -0.74
N LYS I 366 -17.40 0.15 0.18
CA LYS I 366 -16.99 0.41 1.57
C LYS I 366 -15.63 1.14 1.62
N PHE I 367 -14.64 0.59 0.90
CA PHE I 367 -13.30 1.15 0.90
C PHE I 367 -13.35 2.58 0.33
N LEU I 368 -14.09 2.77 -0.76
CA LEU I 368 -14.29 4.10 -1.40
C LEU I 368 -14.91 5.07 -0.39
N MET I 369 -15.94 4.60 0.35
CA MET I 369 -16.62 5.38 1.37
C MET I 369 -15.62 5.78 2.46
N ALA I 370 -14.75 4.84 2.86
CA ALA I 370 -13.78 5.06 3.94
C ALA I 370 -12.74 6.12 3.53
N GLU I 371 -12.31 6.07 2.26
CA GLU I 371 -11.36 7.02 1.74
C GLU I 371 -12.00 8.40 1.64
N ALA I 372 -13.20 8.45 1.03
CA ALA I 372 -13.97 9.67 0.90
C ALA I 372 -14.10 10.36 2.27
N THR I 373 -14.30 9.56 3.32
CA THR I 373 -14.48 10.05 4.69
C THR I 373 -13.16 10.68 5.17
N VAL I 374 -12.04 9.96 4.97
CA VAL I 374 -10.73 10.46 5.35
C VAL I 374 -10.45 11.79 4.64
N LYS I 375 -10.91 11.92 3.38
CA LYS I 375 -10.66 13.11 2.54
C LYS I 375 -11.54 14.30 2.95
N LYS I 376 -12.37 14.14 4.00
CA LYS I 376 -13.19 15.21 4.58
C LYS I 376 -14.36 15.55 3.64
N TRP I 377 -14.86 14.52 2.94
CA TRP I 377 -16.05 14.63 2.09
C TRP I 377 -17.31 14.37 2.94
N ASN I 378 -18.45 14.87 2.44
CA ASN I 378 -19.73 14.81 3.15
C ASN I 378 -20.48 13.56 2.66
N VAL I 379 -20.31 12.46 3.43
CA VAL I 379 -20.54 11.09 2.98
C VAL I 379 -21.37 10.32 4.01
N GLY I 380 -22.18 11.04 4.80
CA GLY I 380 -22.98 10.43 5.87
C GLY I 380 -22.31 10.57 7.23
N SER I 381 -22.71 9.72 8.17
CA SER I 381 -22.24 9.81 9.56
C SER I 381 -21.72 8.46 10.05
N VAL I 382 -21.13 7.68 9.15
CA VAL I 382 -20.40 6.47 9.49
C VAL I 382 -18.90 6.80 9.39
N SER I 383 -18.16 6.53 10.48
CA SER I 383 -16.74 6.86 10.59
C SER I 383 -15.95 6.05 9.56
N ALA I 384 -14.79 6.59 9.14
CA ALA I 384 -13.95 5.89 8.16
C ALA I 384 -13.60 4.49 8.68
N GLU I 385 -13.27 4.42 9.97
CA GLU I 385 -12.79 3.20 10.62
C GLU I 385 -13.84 2.09 10.52
N ASP I 386 -15.12 2.42 10.79
CA ASP I 386 -16.22 1.46 10.67
C ASP I 386 -16.40 1.05 9.20
N LEU I 387 -16.23 2.00 8.27
CA LEU I 387 -16.39 1.72 6.84
C LEU I 387 -15.26 0.80 6.37
N TYR I 388 -14.03 1.07 6.82
CA TYR I 388 -12.86 0.23 6.56
C TYR I 388 -13.12 -1.21 7.03
N LYS I 389 -13.50 -1.35 8.31
CA LYS I 389 -13.81 -2.65 8.94
C LYS I 389 -14.89 -3.38 8.14
N GLN I 390 -15.89 -2.62 7.69
CA GLN I 390 -17.00 -3.14 6.87
C GLN I 390 -16.45 -3.65 5.53
N GLY I 391 -15.52 -2.88 4.95
CA GLY I 391 -14.84 -3.24 3.68
C GLY I 391 -14.10 -4.56 3.77
N VAL I 392 -13.25 -4.68 4.81
CA VAL I 392 -12.39 -5.85 5.04
C VAL I 392 -13.26 -7.09 5.26
N ARG I 393 -14.20 -6.99 6.21
CA ARG I 393 -15.09 -8.10 6.56
C ARG I 393 -15.73 -8.66 5.28
N ALA I 394 -16.27 -7.76 4.46
CA ALA I 394 -16.99 -8.10 3.23
C ALA I 394 -16.05 -8.76 2.22
N ALA I 395 -14.80 -8.24 2.13
CA ALA I 395 -13.78 -8.78 1.22
C ALA I 395 -13.44 -10.23 1.58
N ILE I 396 -13.37 -10.51 2.89
CA ILE I 396 -13.10 -11.85 3.40
C ILE I 396 -14.30 -12.76 3.14
N ASP I 397 -15.50 -12.23 3.36
CA ASP I 397 -16.75 -12.99 3.20
C ASP I 397 -17.03 -13.21 1.70
N PHE I 398 -16.47 -12.34 0.85
CA PHE I 398 -16.57 -12.47 -0.60
C PHE I 398 -15.95 -13.80 -1.05
N LEU I 399 -14.86 -14.20 -0.39
CA LEU I 399 -14.17 -15.47 -0.67
C LEU I 399 -15.08 -16.65 -0.29
N THR I 400 -15.69 -16.57 0.90
CA THR I 400 -16.55 -17.62 1.42
C THR I 400 -17.76 -17.79 0.49
N ASP I 401 -18.29 -16.66 0.02
CA ASP I 401 -19.60 -16.60 -0.63
C ASP I 401 -19.52 -17.01 -2.10
N ASN I 402 -18.35 -16.87 -2.73
CA ASN I 402 -18.23 -16.96 -4.19
C ASN I 402 -17.18 -18.00 -4.66
N TYR I 403 -16.26 -18.43 -3.79
CA TYR I 403 -15.13 -19.27 -4.23
C TYR I 403 -15.06 -20.58 -3.44
N GLY I 404 -16.08 -20.87 -2.64
CA GLY I 404 -16.19 -22.11 -1.89
C GLY I 404 -15.10 -22.23 -0.83
N CYS I 405 -14.68 -21.08 -0.28
CA CYS I 405 -13.60 -21.00 0.70
C CYS I 405 -14.19 -21.16 2.10
N THR I 406 -13.37 -21.71 3.02
CA THR I 406 -13.75 -21.96 4.42
C THR I 406 -14.02 -20.62 5.11
N ALA I 407 -15.19 -20.51 5.73
CA ALA I 407 -15.64 -19.28 6.41
C ALA I 407 -14.59 -18.82 7.42
N THR I 408 -14.51 -17.49 7.59
CA THR I 408 -13.71 -16.86 8.63
C THR I 408 -14.62 -16.58 9.82
N THR I 409 -14.21 -17.05 11.01
CA THR I 409 -14.98 -16.87 12.24
C THR I 409 -14.82 -15.41 12.70
N ASP I 410 -15.75 -14.93 13.54
CA ASP I 410 -15.67 -13.59 14.13
C ASP I 410 -14.43 -13.50 15.01
N ALA I 411 -14.11 -14.61 15.70
CA ALA I 411 -12.92 -14.74 16.56
C ALA I 411 -11.65 -14.45 15.76
N GLU I 412 -11.57 -15.00 14.55
CA GLU I 412 -10.42 -14.86 13.66
C GLU I 412 -10.35 -13.45 13.06
N PHE I 413 -11.50 -12.93 12.63
CA PHE I 413 -11.61 -11.58 12.06
C PHE I 413 -11.25 -10.52 13.12
N ASP I 414 -11.71 -10.74 14.36
CA ASP I 414 -11.42 -9.81 15.45
C ASP I 414 -9.91 -9.75 15.69
N ALA I 415 -9.28 -10.93 15.80
CA ALA I 415 -7.83 -11.06 16.04
C ALA I 415 -7.03 -10.32 14.96
N PHE I 416 -7.51 -10.38 13.71
CA PHE I 416 -6.84 -9.77 12.58
C PHE I 416 -6.98 -8.24 12.65
N ILE I 417 -8.23 -7.77 12.81
CA ILE I 417 -8.57 -6.35 12.66
C ILE I 417 -8.09 -5.53 13.87
N GLN I 418 -7.75 -6.20 14.96
CA GLN I 418 -7.25 -5.55 16.18
C GLN I 418 -5.71 -5.59 16.23
N ASP I 419 -5.06 -6.25 15.27
CA ASP I 419 -3.60 -6.30 15.24
C ASP I 419 -3.11 -5.65 13.93
N LYS I 420 -2.58 -6.46 12.99
CA LYS I 420 -1.90 -5.97 11.78
C LYS I 420 -2.91 -5.49 10.72
N GLY I 421 -4.15 -5.97 10.83
CA GLY I 421 -5.24 -5.60 9.92
C GLY I 421 -5.90 -4.29 10.32
N ALA I 422 -5.43 -3.68 11.41
CA ALA I 422 -6.07 -2.49 11.99
C ALA I 422 -5.91 -1.27 11.07
N PHE I 423 -6.88 -0.35 11.19
CA PHE I 423 -6.89 0.95 10.55
C PHE I 423 -5.65 1.73 11.01
N GLY I 424 -5.23 2.72 10.23
CA GLY I 424 -4.10 3.57 10.61
C GLY I 424 -4.40 4.47 11.80
N HIS I 425 -3.38 5.20 12.27
CA HIS I 425 -3.56 6.28 13.23
C HIS I 425 -3.56 7.62 12.48
N THR I 426 -2.59 7.83 11.59
CA THR I 426 -2.50 9.04 10.76
C THR I 426 -3.36 8.87 9.50
N ASP I 427 -3.63 9.98 8.81
CA ASP I 427 -4.34 10.01 7.54
C ASP I 427 -3.65 9.10 6.51
N ASN I 428 -2.31 9.14 6.47
CA ASN I 428 -1.52 8.37 5.48
C ASN I 428 -1.57 6.87 5.80
N GLN I 429 -1.52 6.51 7.10
CA GLN I 429 -1.62 5.12 7.52
C GLN I 429 -3.00 4.57 7.14
N LYS I 430 -4.03 5.42 7.25
CA LYS I 430 -5.41 5.04 6.94
C LYS I 430 -5.56 4.83 5.42
N LEU I 431 -5.05 5.78 4.63
CA LEU I 431 -5.07 5.71 3.16
C LEU I 431 -4.28 4.46 2.71
N GLU I 432 -3.12 4.24 3.32
CA GLU I 432 -2.30 3.07 3.04
C GLU I 432 -3.13 1.80 3.30
N ALA I 433 -3.75 1.75 4.49
CA ALA I 433 -4.48 0.57 4.94
C ALA I 433 -5.67 0.27 4.03
N ILE I 434 -6.48 1.31 3.76
CA ILE I 434 -7.67 1.18 2.91
C ILE I 434 -7.26 0.54 1.58
N ASN I 435 -6.23 1.11 0.94
CA ASN I 435 -5.93 0.77 -0.44
C ASN I 435 -5.14 -0.55 -0.51
N THR I 436 -4.39 -0.88 0.54
CA THR I 436 -3.71 -2.19 0.64
C THR I 436 -4.76 -3.31 0.66
N GLN I 437 -5.86 -3.08 1.40
CA GLN I 437 -6.94 -4.06 1.56
C GLN I 437 -7.74 -4.22 0.26
N ALA I 438 -7.98 -3.09 -0.42
CA ALA I 438 -8.66 -3.08 -1.72
C ALA I 438 -7.84 -3.92 -2.73
N TRP I 439 -6.51 -3.79 -2.65
CA TRP I 439 -5.54 -4.55 -3.44
C TRP I 439 -5.82 -6.06 -3.33
N ILE I 440 -5.97 -6.55 -2.10
CA ILE I 440 -6.19 -7.98 -1.85
C ILE I 440 -7.54 -8.40 -2.44
N LEU I 441 -8.54 -7.50 -2.27
CA LEU I 441 -9.91 -7.70 -2.75
C LEU I 441 -9.91 -7.85 -4.28
N HIS I 442 -9.14 -6.99 -4.95
CA HIS I 442 -9.13 -6.90 -6.42
C HIS I 442 -8.31 -8.02 -7.07
N PHE I 443 -7.85 -9.03 -6.31
CA PHE I 443 -7.03 -10.10 -6.86
C PHE I 443 -7.70 -10.76 -8.07
N THR I 444 -9.02 -10.97 -8.00
CA THR I 444 -9.77 -11.62 -9.06
C THR I 444 -10.33 -10.58 -10.04
N ASN I 445 -9.97 -9.29 -9.83
CA ASN I 445 -10.33 -8.17 -10.72
C ASN I 445 -9.05 -7.43 -11.16
N PRO I 446 -8.18 -8.04 -11.97
CA PRO I 446 -6.84 -7.47 -12.21
C PRO I 446 -6.86 -6.10 -12.90
N ALA I 447 -7.85 -5.85 -13.76
CA ALA I 447 -8.01 -4.54 -14.43
C ALA I 447 -8.13 -3.41 -13.39
N GLU I 448 -8.96 -3.63 -12.37
CA GLU I 448 -9.22 -2.62 -11.36
C GLU I 448 -8.06 -2.60 -10.34
N CYS I 449 -7.53 -3.79 -10.04
CA CYS I 449 -6.37 -3.90 -9.16
C CYS I 449 -5.27 -2.94 -9.65
N TRP I 450 -4.92 -3.04 -10.93
CA TRP I 450 -3.82 -2.27 -11.48
C TRP I 450 -4.14 -0.77 -11.46
N ALA I 451 -5.38 -0.40 -11.79
CA ALA I 451 -5.81 1.00 -11.80
C ALA I 451 -5.69 1.62 -10.40
N ASN I 452 -6.19 0.91 -9.39
CA ASN I 452 -6.29 1.47 -8.03
C ASN I 452 -4.89 1.64 -7.44
N VAL I 453 -4.01 0.66 -7.71
CA VAL I 453 -2.61 0.67 -7.25
C VAL I 453 -1.90 1.91 -7.83
N ARG I 454 -2.12 2.17 -9.13
CA ARG I 454 -1.48 3.29 -9.82
C ARG I 454 -2.03 4.61 -9.27
N ARG I 455 -3.34 4.63 -8.96
CA ARG I 455 -4.03 5.84 -8.56
C ARG I 455 -3.69 6.19 -7.11
N SER I 456 -3.92 5.25 -6.18
CA SER I 456 -3.75 5.49 -4.74
C SER I 456 -2.27 5.56 -4.38
N GLY I 457 -1.44 4.80 -5.11
CA GLY I 457 -0.01 4.67 -4.84
C GLY I 457 0.26 3.67 -3.72
N TYR I 458 -0.74 2.82 -3.44
CA TYR I 458 -0.66 1.78 -2.42
C TYR I 458 -1.09 0.43 -3.00
N PRO I 459 -0.42 -0.68 -2.64
CA PRO I 459 0.77 -0.64 -1.77
C PRO I 459 1.94 0.00 -2.54
N LYS I 460 2.90 0.58 -1.81
CA LYS I 460 4.12 1.13 -2.40
C LYS I 460 4.97 -0.03 -2.91
N LEU I 461 4.99 -0.23 -4.23
CA LEU I 461 5.72 -1.33 -4.86
C LEU I 461 7.11 -0.85 -5.29
N LYS I 462 8.10 -1.75 -5.17
CA LYS I 462 9.48 -1.50 -5.61
C LYS I 462 9.73 -2.26 -6.92
N SER I 463 10.56 -1.67 -7.79
CA SER I 463 10.86 -2.25 -9.10
C SER I 463 11.57 -3.58 -8.93
N PRO I 464 11.47 -4.52 -9.90
CA PRO I 464 12.32 -5.71 -9.89
C PRO I 464 13.83 -5.38 -9.80
N ALA I 465 14.22 -4.18 -10.24
CA ALA I 465 15.62 -3.72 -10.15
C ALA I 465 16.12 -3.82 -8.71
N GLU I 466 15.23 -3.57 -7.75
CA GLU I 466 15.56 -3.53 -6.34
C GLU I 466 15.67 -4.95 -5.74
N TYR I 467 15.16 -5.95 -6.47
CA TYR I 467 15.23 -7.35 -6.01
C TYR I 467 16.31 -8.12 -6.78
N GLY I 468 17.15 -7.40 -7.54
CA GLY I 468 18.38 -7.93 -8.13
C GLY I 468 18.22 -8.40 -9.57
N PHE I 469 17.25 -7.83 -10.30
CA PHE I 469 16.91 -8.25 -11.67
C PHE I 469 16.97 -7.07 -12.65
N GLY I 470 17.67 -6.00 -12.29
CA GLY I 470 17.88 -4.84 -13.16
C GLY I 470 18.45 -5.20 -14.53
N GLN I 471 19.18 -6.30 -14.62
CA GLN I 471 19.96 -6.66 -15.81
C GLN I 471 19.05 -7.22 -16.91
N TYR I 472 17.80 -7.47 -16.56
CA TYR I 472 16.81 -8.04 -17.46
C TYR I 472 15.78 -7.00 -17.91
N LEU I 473 15.77 -5.84 -17.26
CA LEU I 473 14.69 -4.84 -17.42
C LEU I 473 14.86 -4.11 -18.77
N THR I 474 14.39 -4.80 -19.80
CA THR I 474 14.57 -4.52 -21.21
C THR I 474 13.90 -3.19 -21.60
N GLY I 475 12.69 -2.95 -21.09
CA GLY I 475 11.87 -1.85 -21.55
C GLY I 475 11.90 -0.68 -20.60
N GLY I 476 12.89 -0.66 -19.68
CA GLY I 476 13.04 0.40 -18.69
C GLY I 476 12.98 -0.14 -17.27
N THR I 477 13.49 0.68 -16.33
CA THR I 477 13.71 0.29 -14.94
C THR I 477 12.43 0.49 -14.11
N GLU I 478 11.67 1.55 -14.38
CA GLU I 478 10.47 1.84 -13.60
C GLU I 478 9.36 0.87 -14.03
N ILE I 479 8.49 0.50 -13.09
CA ILE I 479 7.38 -0.37 -13.41
C ILE I 479 6.47 0.39 -14.39
N PRO I 480 6.12 -0.18 -15.56
CA PRO I 480 5.25 0.50 -16.51
C PRO I 480 3.93 0.96 -15.84
N VAL I 481 3.33 2.03 -16.38
CA VAL I 481 2.15 2.68 -15.81
C VAL I 481 1.02 2.77 -16.86
N ARG I 482 1.27 2.26 -18.07
CA ARG I 482 0.27 2.10 -19.12
C ARG I 482 0.80 1.07 -20.13
N LEU I 483 -0.01 0.72 -21.13
CA LEU I 483 0.45 -0.10 -22.27
C LEU I 483 0.31 0.71 -23.56
N CYS I 484 1.15 0.39 -24.54
CA CYS I 484 1.23 1.15 -25.78
C CYS I 484 0.08 0.75 -26.71
N TYR I 485 -0.29 1.67 -27.60
CA TYR I 485 -1.30 1.41 -28.61
C TYR I 485 -0.82 0.30 -29.54
N PRO I 486 -1.73 -0.52 -30.12
CA PRO I 486 -1.35 -1.46 -31.17
C PRO I 486 -0.75 -0.68 -32.34
N VAL I 487 0.36 -1.19 -32.89
CA VAL I 487 1.15 -0.50 -33.87
C VAL I 487 0.35 -0.36 -35.18
N LEU I 488 -0.69 -1.18 -35.36
CA LEU I 488 -1.52 -1.15 -36.58
C LEU I 488 -2.41 0.11 -36.63
N GLU I 489 -2.60 0.79 -35.50
CA GLU I 489 -3.34 2.07 -35.45
C GLU I 489 -2.58 3.15 -36.24
N SER I 490 -1.25 2.98 -36.34
CA SER I 490 -0.35 3.90 -37.06
C SER I 490 -0.74 4.05 -38.53
N SER I 491 -1.36 3.03 -39.11
CA SER I 491 -1.77 3.05 -40.52
C SER I 491 -3.30 2.97 -40.68
N TYR I 492 -4.01 2.38 -39.71
CA TYR I 492 -5.47 2.27 -39.81
C TYR I 492 -6.13 3.61 -39.47
N ASN I 493 -5.48 4.41 -38.62
CA ASN I 493 -6.07 5.62 -38.04
C ASN I 493 -4.97 6.65 -37.77
N LYS I 494 -4.17 6.94 -38.81
CA LYS I 494 -2.87 7.61 -38.67
C LYS I 494 -3.02 8.97 -37.97
N LYS I 495 -3.89 9.84 -38.50
CA LYS I 495 -4.00 11.23 -38.02
C LYS I 495 -4.40 11.24 -36.54
N SER I 496 -5.41 10.44 -36.17
CA SER I 496 -5.91 10.37 -34.80
C SER I 496 -4.81 9.81 -33.88
N TYR I 497 -4.14 8.74 -34.34
CA TYR I 497 -3.06 8.06 -33.62
C TYR I 497 -1.93 9.07 -33.33
N ASN I 498 -1.48 9.74 -34.39
CA ASN I 498 -0.41 10.73 -34.32
C ASN I 498 -0.79 11.85 -33.34
N GLU I 499 -2.05 12.28 -33.36
CA GLU I 499 -2.55 13.32 -32.47
C GLU I 499 -2.35 12.90 -31.00
N ALA I 500 -2.84 11.69 -30.69
CA ALA I 500 -2.79 11.13 -29.34
C ALA I 500 -1.35 11.02 -28.85
N ILE I 501 -0.43 10.77 -29.79
CA ILE I 501 1.00 10.61 -29.49
C ILE I 501 1.67 11.98 -29.36
N GLU I 502 1.14 13.00 -30.07
CA GLU I 502 1.61 14.38 -29.92
C GLU I 502 1.30 14.91 -28.50
N ARG I 503 0.13 14.55 -27.98
CA ARG I 503 -0.33 15.00 -26.66
C ARG I 503 0.59 14.45 -25.56
N MET I 504 1.22 13.29 -25.81
CA MET I 504 2.12 12.65 -24.85
C MET I 504 3.56 13.13 -25.04
N GLY I 505 3.85 13.76 -26.20
CA GLY I 505 5.17 14.34 -26.47
C GLY I 505 5.90 13.68 -27.64
N GLY I 506 5.18 12.91 -28.45
CA GLY I 506 5.68 12.39 -29.73
C GLY I 506 6.17 10.95 -29.65
N THR I 507 6.06 10.34 -28.46
CA THR I 507 6.47 8.95 -28.26
C THR I 507 5.33 8.21 -27.54
N ASP I 508 5.12 6.95 -27.93
CA ASP I 508 4.17 6.03 -27.31
C ASP I 508 4.91 5.21 -26.25
N ASN I 509 5.11 5.81 -25.07
CA ASN I 509 5.94 5.30 -23.97
C ASN I 509 5.06 4.76 -22.84
N TRP I 510 5.35 3.55 -22.35
CA TRP I 510 4.53 2.94 -21.30
C TRP I 510 4.97 3.40 -19.91
N HIS I 511 5.94 4.34 -19.85
CA HIS I 511 6.29 5.04 -18.61
C HIS I 511 5.60 6.40 -18.52
N SER I 512 4.84 6.80 -19.55
CA SER I 512 4.03 8.03 -19.54
C SER I 512 2.81 7.86 -18.63
N LEU I 513 2.75 8.67 -17.57
CA LEU I 513 1.64 8.70 -16.63
C LEU I 513 0.33 9.00 -17.37
N LEU I 514 -0.71 8.20 -17.11
CA LEU I 514 -2.06 8.51 -17.52
C LEU I 514 -2.52 9.81 -16.83
N TRP I 515 -3.53 10.45 -17.44
CA TRP I 515 -4.07 11.72 -16.99
C TRP I 515 -4.47 11.68 -15.50
N TRP I 516 -5.12 10.60 -15.05
CA TRP I 516 -5.59 10.51 -13.65
C TRP I 516 -4.48 10.04 -12.70
N ASP I 517 -3.33 9.62 -13.26
CA ASP I 517 -2.18 9.13 -12.47
C ASP I 517 -1.19 10.28 -12.28
N THR I 518 -1.27 10.96 -11.13
CA THR I 518 -0.48 12.15 -10.84
C THR I 518 0.90 11.80 -10.27
N GLU I 519 0.92 10.88 -9.28
CA GLU I 519 2.16 10.40 -8.64
C GLU I 519 2.61 9.12 -9.36
N ASN I 520 3.93 8.86 -9.33
CA ASN I 520 4.49 7.64 -9.94
C ASN I 520 4.30 6.47 -8.95
N ASP J 2 1.45 24.42 62.04
CA ASP J 2 -0.03 24.35 62.27
C ASP J 2 -0.70 23.69 61.06
N PRO J 3 -1.44 22.57 61.25
CA PRO J 3 -2.03 21.82 60.14
C PRO J 3 -3.05 22.56 59.25
N ASN J 4 -3.75 23.55 59.81
CA ASN J 4 -4.78 24.31 59.08
C ASN J 4 -4.13 25.27 58.10
N ALA J 5 -3.02 25.91 58.52
CA ALA J 5 -2.27 26.84 57.68
C ALA J 5 -1.60 26.09 56.52
N GLN J 6 -1.31 24.80 56.72
CA GLN J 6 -0.71 23.94 55.70
C GLN J 6 -1.69 23.71 54.55
N LEU J 7 -2.99 23.63 54.87
CA LEU J 7 -4.03 23.50 53.85
C LEU J 7 -4.01 24.74 52.95
N THR J 8 -4.00 25.92 53.57
CA THR J 8 -4.07 27.22 52.87
C THR J 8 -2.95 27.31 51.82
N THR J 9 -1.71 27.03 52.27
CA THR J 9 -0.53 27.06 51.41
C THR J 9 -0.73 26.10 50.23
N ALA J 10 -1.16 24.88 50.52
CA ALA J 10 -1.38 23.85 49.51
C ALA J 10 -2.37 24.34 48.44
N GLN J 11 -3.47 24.94 48.89
CA GLN J 11 -4.53 25.42 48.02
C GLN J 11 -4.02 26.56 47.14
N LEU J 12 -3.22 27.46 47.74
CA LEU J 12 -2.73 28.63 47.02
C LEU J 12 -1.71 28.22 45.95
N GLN J 13 -0.80 27.28 46.26
CA GLN J 13 0.25 26.87 45.30
C GLN J 13 -0.39 26.29 44.03
N THR J 14 -1.56 25.65 44.18
CA THR J 14 -2.19 24.88 43.12
C THR J 14 -2.23 25.69 41.81
N TYR J 15 -2.61 26.96 41.88
CA TYR J 15 -2.57 27.87 40.70
C TYR J 15 -1.78 29.16 40.99
N GLY J 16 -1.19 29.29 42.18
CA GLY J 16 -0.51 30.51 42.58
C GLY J 16 0.98 30.52 42.28
N ASP J 17 1.52 29.35 41.92
CA ASP J 17 2.97 29.15 41.75
C ASP J 17 3.38 29.52 40.31
N LEU J 18 3.89 30.75 40.13
CA LEU J 18 4.26 31.27 38.81
C LEU J 18 5.26 30.31 38.13
N SER J 19 6.18 29.76 38.93
CA SER J 19 7.14 28.76 38.47
C SER J 19 6.40 27.56 37.85
N MET J 20 5.47 26.98 38.62
CA MET J 20 4.82 25.72 38.23
C MET J 20 3.91 25.91 37.02
N MET J 21 3.22 27.05 36.93
CA MET J 21 2.19 27.27 35.89
C MET J 21 2.82 27.32 34.49
N GLU J 22 4.14 27.56 34.39
CA GLU J 22 4.87 27.52 33.11
C GLU J 22 4.56 26.23 32.35
N ILE J 23 4.42 25.11 33.07
CA ILE J 23 4.23 23.79 32.44
C ILE J 23 2.92 23.76 31.63
N TYR J 24 1.88 24.44 32.15
CA TYR J 24 0.56 24.40 31.54
C TYR J 24 0.54 25.16 30.20
N ARG J 25 1.18 26.34 30.17
CA ARG J 25 1.26 27.14 28.93
C ARG J 25 2.20 26.48 27.90
N ASN J 26 3.24 25.79 28.37
CA ASN J 26 4.27 25.20 27.48
C ASN J 26 3.77 23.91 26.83
N TYR J 27 3.11 23.05 27.64
CA TYR J 27 2.81 21.68 27.20
C TYR J 27 1.29 21.45 27.11
N HIS J 28 0.58 21.53 28.24
CA HIS J 28 -0.80 21.05 28.36
C HIS J 28 -1.71 21.69 27.30
N TYR J 29 -1.63 23.02 27.18
CA TYR J 29 -2.54 23.80 26.33
C TYR J 29 -2.30 23.54 24.84
N ALA J 30 -1.08 23.09 24.48
CA ALA J 30 -0.75 22.65 23.11
C ALA J 30 -1.27 21.23 22.85
N PHE J 31 -0.99 20.33 23.80
CA PHE J 31 -1.40 18.93 23.70
C PHE J 31 -2.93 18.78 23.63
N THR J 32 -3.69 19.72 24.22
CA THR J 32 -5.15 19.70 24.15
C THR J 32 -5.65 20.55 22.97
N GLN J 33 -4.73 21.25 22.31
CA GLN J 33 -5.02 22.03 21.11
C GLN J 33 -6.10 23.06 21.42
N GLN J 34 -5.94 23.71 22.59
CA GLN J 34 -6.77 24.84 23.00
C GLN J 34 -6.03 26.15 22.72
N LEU J 35 -4.70 26.19 22.98
CA LEU J 35 -3.88 27.37 22.67
C LEU J 35 -2.69 26.99 21.76
N MET J 36 -2.35 27.92 20.87
CA MET J 36 -1.29 27.74 19.90
C MET J 36 -1.00 29.10 19.24
N GLY J 37 0.29 29.41 19.03
CA GLY J 37 0.72 30.64 18.36
C GLY J 37 1.72 31.42 19.19
N CYS J 38 1.52 31.36 20.52
CA CYS J 38 2.42 31.93 21.51
C CYS J 38 3.75 31.18 21.48
N TRP J 39 4.86 31.92 21.45
CA TRP J 39 6.17 31.28 21.26
C TRP J 39 6.32 30.09 22.20
N ASN J 40 6.06 30.30 23.50
CA ASN J 40 6.29 29.29 24.51
C ASN J 40 5.47 28.04 24.18
N THR J 41 4.18 28.25 23.87
CA THR J 41 3.22 27.16 23.66
C THR J 41 3.60 26.37 22.40
N THR J 42 3.89 27.07 21.30
CA THR J 42 4.19 26.41 20.06
C THR J 42 5.55 25.69 20.17
N ASN J 43 6.55 26.37 20.75
CA ASN J 43 7.92 25.86 20.76
C ASN J 43 8.02 24.55 21.53
N TYR J 44 7.28 24.44 22.65
CA TYR J 44 7.43 23.32 23.57
C TYR J 44 6.44 22.21 23.20
N GLY J 45 5.16 22.40 23.49
CA GLY J 45 4.13 21.39 23.28
C GLY J 45 3.71 21.29 21.82
N GLY J 46 3.62 22.43 21.14
CA GLY J 46 3.23 22.49 19.73
C GLY J 46 4.21 21.72 18.82
N ARG J 47 5.49 21.67 19.19
CA ARG J 47 6.52 21.08 18.33
C ARG J 47 7.32 19.99 19.07
N HIS J 48 6.74 19.49 20.17
CA HIS J 48 7.23 18.31 20.89
C HIS J 48 8.72 18.46 21.25
N THR J 49 9.10 19.60 21.84
CA THR J 49 10.43 19.78 22.39
C THR J 49 10.54 19.07 23.75
N LEU J 50 11.40 18.05 23.82
CA LEU J 50 11.81 17.43 25.09
C LEU J 50 12.70 18.42 25.85
N ASP J 51 12.22 18.91 26.98
CA ASP J 51 12.99 19.74 27.91
C ASP J 51 12.67 19.27 29.33
N ASN J 52 13.66 18.65 29.98
CA ASN J 52 13.47 17.92 31.22
C ASN J 52 13.12 18.88 32.36
N ASN J 53 13.82 20.03 32.41
CA ASN J 53 13.57 21.07 33.41
C ASN J 53 12.12 21.56 33.29
N GLU J 54 11.65 21.79 32.06
CA GLU J 54 10.32 22.31 31.83
C GLU J 54 9.27 21.26 32.20
N MET J 55 9.61 19.98 32.01
CA MET J 55 8.69 18.88 32.28
C MET J 55 8.64 18.58 33.79
N SER J 56 9.63 19.08 34.54
CA SER J 56 9.84 18.70 35.94
C SER J 56 9.03 19.58 36.92
N ARG J 57 8.33 20.59 36.42
CA ARG J 57 7.87 21.70 37.26
C ARG J 57 6.78 21.24 38.24
N ILE J 58 5.88 20.33 37.81
CA ILE J 58 4.82 19.84 38.71
C ILE J 58 5.45 19.01 39.84
N TRP J 59 6.26 18.03 39.45
CA TRP J 59 6.99 17.13 40.36
C TRP J 59 7.71 17.95 41.44
N THR J 60 8.65 18.79 41.01
CA THR J 60 9.53 19.57 41.90
C THR J 60 8.67 20.41 42.85
N SER J 61 7.71 21.15 42.29
CA SER J 61 6.92 22.12 43.03
C SER J 61 6.14 21.42 44.15
N PHE J 62 5.45 20.32 43.83
CA PHE J 62 4.58 19.64 44.79
C PHE J 62 5.40 18.80 45.78
N TYR J 63 6.46 18.12 45.33
CA TYR J 63 7.23 17.23 46.23
C TYR J 63 8.08 18.04 47.21
N THR J 64 8.50 19.26 46.83
CA THR J 64 9.31 20.10 47.71
C THR J 64 8.44 20.95 48.65
N GLN J 65 7.13 21.11 48.35
CA GLN J 65 6.27 22.02 49.13
C GLN J 65 4.92 21.36 49.47
N SER J 66 3.87 21.66 48.70
CA SER J 66 2.47 21.38 49.04
C SER J 66 2.30 19.98 49.62
N LEU J 67 2.73 18.97 48.86
CA LEU J 67 2.47 17.57 49.19
C LEU J 67 3.24 17.15 50.45
N LYS J 68 4.46 17.69 50.60
CA LYS J 68 5.30 17.46 51.79
C LYS J 68 4.63 18.06 53.01
N ASN J 69 4.20 19.33 52.88
CA ASN J 69 3.52 20.06 53.94
C ASN J 69 2.28 19.27 54.39
N ILE J 70 1.50 18.81 53.40
CA ILE J 70 0.24 18.11 53.66
C ILE J 70 0.53 16.75 54.32
N ILE J 71 1.41 15.95 53.72
CA ILE J 71 1.73 14.59 54.24
C ILE J 71 2.20 14.69 55.69
N ASP J 72 2.96 15.74 55.99
CA ASP J 72 3.45 16.03 57.34
C ASP J 72 2.25 16.30 58.26
N ALA J 73 1.45 17.31 57.91
CA ALA J 73 0.31 17.76 58.71
C ALA J 73 -0.67 16.61 58.93
N GLN J 74 -0.93 15.82 57.88
CA GLN J 74 -1.82 14.64 57.96
C GLN J 74 -1.25 13.65 58.98
N TYR J 75 0.08 13.46 58.95
CA TYR J 75 0.78 12.52 59.82
C TYR J 75 0.67 12.97 61.29
N ARG J 76 0.70 14.29 61.51
CA ARG J 76 0.62 14.89 62.85
C ARG J 76 -0.83 14.87 63.37
N THR J 77 -1.78 14.82 62.43
CA THR J 77 -3.21 14.93 62.71
C THR J 77 -3.86 13.53 62.74
N ALA J 78 -3.11 12.51 62.33
CA ALA J 78 -3.63 11.14 62.17
C ALA J 78 -3.89 10.51 63.54
N GLU J 79 -4.97 9.71 63.61
CA GLU J 79 -5.39 8.98 64.82
C GLU J 79 -5.48 9.94 66.02
N ASP J 80 -6.03 11.14 65.76
CA ASP J 80 -6.42 12.11 66.78
C ASP J 80 -7.90 12.43 66.55
N ALA J 81 -8.76 11.86 67.41
CA ALA J 81 -10.21 11.97 67.31
C ALA J 81 -10.65 13.44 67.35
N GLU J 82 -9.86 14.30 68.02
CA GLU J 82 -10.18 15.72 68.24
C GLU J 82 -9.82 16.57 67.02
N LYS J 83 -9.07 16.01 66.06
CA LYS J 83 -8.60 16.73 64.87
C LYS J 83 -8.92 15.92 63.61
N VAL J 84 -10.15 15.40 63.51
CA VAL J 84 -10.52 14.43 62.47
C VAL J 84 -10.99 15.16 61.20
N ASN J 85 -11.37 16.43 61.31
CA ASN J 85 -11.89 17.19 60.15
C ASN J 85 -10.72 17.70 59.29
N ILE J 86 -9.81 18.46 59.90
CA ILE J 86 -8.62 18.93 59.17
C ILE J 86 -7.86 17.70 58.64
N ASN J 87 -7.83 16.61 59.41
CA ASN J 87 -7.20 15.36 58.97
C ASN J 87 -7.83 14.85 57.68
N SER J 88 -9.15 14.66 57.70
CA SER J 88 -9.89 14.15 56.56
C SER J 88 -9.70 15.04 55.32
N VAL J 89 -9.71 16.36 55.52
CA VAL J 89 -9.61 17.35 54.43
C VAL J 89 -8.21 17.28 53.82
N LEU J 90 -7.18 17.23 54.68
CA LEU J 90 -5.79 17.06 54.26
C LEU J 90 -5.64 15.78 53.41
N ARG J 91 -6.26 14.69 53.86
CA ARG J 91 -6.24 13.41 53.13
C ARG J 91 -6.90 13.58 51.76
N ILE J 92 -7.98 14.37 51.70
CA ILE J 92 -8.72 14.60 50.46
C ILE J 92 -7.89 15.48 49.52
N TYR J 93 -7.21 16.49 50.06
CA TYR J 93 -6.42 17.39 49.22
C TYR J 93 -5.11 16.70 48.82
N ARG J 94 -4.62 15.77 49.66
CA ARG J 94 -3.45 14.93 49.33
C ARG J 94 -3.76 14.10 48.07
N VAL J 95 -4.96 13.52 48.02
CA VAL J 95 -5.42 12.72 46.89
C VAL J 95 -5.45 13.59 45.64
N TYR J 96 -5.99 14.81 45.75
CA TYR J 96 -6.12 15.68 44.58
C TYR J 96 -4.74 16.04 44.00
N LEU J 97 -3.81 16.47 44.86
CA LEU J 97 -2.48 16.89 44.42
C LEU J 97 -1.73 15.70 43.83
N MET J 98 -1.81 14.54 44.49
CA MET J 98 -1.15 13.32 44.02
C MET J 98 -1.71 12.91 42.65
N SER J 99 -3.02 13.14 42.44
CA SER J 99 -3.69 12.79 41.20
C SER J 99 -3.07 13.59 40.04
N ILE J 100 -2.69 14.84 40.30
CA ILE J 100 -2.07 15.69 39.29
C ILE J 100 -0.69 15.10 38.93
N ILE J 101 0.06 14.64 39.93
CA ILE J 101 1.42 14.11 39.73
C ILE J 101 1.36 12.82 38.92
N THR J 102 0.48 11.88 39.31
CA THR J 102 0.42 10.56 38.66
C THR J 102 -0.19 10.66 37.26
N ASP J 103 -1.04 11.67 37.03
CA ASP J 103 -1.68 11.88 35.71
C ASP J 103 -0.70 12.56 34.75
N THR J 104 0.34 13.22 35.28
CA THR J 104 1.42 13.87 34.52
C THR J 104 2.51 12.84 34.18
N TYR J 105 3.14 12.31 35.22
CA TYR J 105 4.09 11.21 35.16
C TYR J 105 3.35 9.97 35.66
N GLY J 106 3.79 8.76 35.29
CA GLY J 106 3.03 7.56 35.69
C GLY J 106 3.23 7.21 37.16
N ASP J 107 3.97 6.12 37.41
CA ASP J 107 4.35 5.68 38.76
C ASP J 107 5.08 6.83 39.47
N ALA J 108 4.93 6.90 40.79
CA ALA J 108 5.49 7.99 41.60
C ALA J 108 5.38 7.66 43.09
N PRO J 109 6.28 8.23 43.93
CA PRO J 109 6.16 8.10 45.38
C PRO J 109 4.82 8.64 45.89
N PHE J 110 4.24 7.93 46.87
CA PHE J 110 2.99 8.35 47.50
C PHE J 110 2.94 7.77 48.92
N SER J 111 2.88 6.44 49.03
CA SER J 111 2.72 5.74 50.32
C SER J 111 3.93 6.02 51.24
N GLU J 112 5.12 6.18 50.65
CA GLU J 112 6.36 6.33 51.41
C GLU J 112 6.91 7.75 51.34
N ALA J 113 6.26 8.65 50.57
CA ALA J 113 6.70 10.04 50.45
C ALA J 113 6.63 10.72 51.82
N GLY J 114 7.73 11.37 52.23
CA GLY J 114 7.87 11.97 53.56
C GLY J 114 8.66 11.08 54.52
N PHE J 122 13.41 7.59 53.73
CA PHE J 122 14.24 8.09 52.64
C PHE J 122 14.27 7.09 51.49
N ASN J 123 14.52 7.59 50.27
CA ASN J 123 14.48 6.81 49.04
C ASN J 123 13.15 6.09 48.92
N PRO J 124 12.01 6.81 48.89
CA PRO J 124 10.70 6.17 48.80
C PRO J 124 10.48 5.54 47.42
N LYS J 125 9.88 4.35 47.38
CA LYS J 125 9.63 3.66 46.12
C LYS J 125 8.58 4.44 45.30
N TYR J 126 8.59 4.22 43.99
CA TYR J 126 7.58 4.74 43.08
C TYR J 126 6.43 3.73 43.04
N ASP J 127 5.29 4.08 43.66
CA ASP J 127 4.08 3.25 43.63
C ASP J 127 3.57 3.17 42.18
N LYS J 128 3.22 1.96 41.74
CA LYS J 128 2.54 1.76 40.46
C LYS J 128 1.26 2.61 40.45
N GLN J 129 0.91 3.14 39.28
CA GLN J 129 -0.21 4.05 39.14
C GLN J 129 -1.53 3.32 39.53
N GLU J 130 -1.61 2.02 39.24
CA GLU J 130 -2.76 1.20 39.60
C GLU J 130 -2.99 1.26 41.11
N ASP J 131 -1.90 1.12 41.87
CA ASP J 131 -1.91 1.09 43.33
C ASP J 131 -2.20 2.49 43.88
N ILE J 132 -1.70 3.54 43.21
CA ILE J 132 -1.95 4.92 43.58
C ILE J 132 -3.46 5.20 43.49
N TYR J 133 -4.07 4.71 42.42
CA TYR J 133 -5.49 4.95 42.14
C TYR J 133 -6.34 4.12 43.10
N ASN J 134 -5.90 2.89 43.41
CA ASN J 134 -6.56 2.05 44.43
C ASN J 134 -6.67 2.84 45.74
N ALA J 135 -5.58 3.51 46.13
CA ALA J 135 -5.45 4.24 47.38
C ALA J 135 -6.31 5.51 47.36
N PHE J 136 -6.46 6.13 46.19
CA PHE J 136 -7.34 7.30 46.01
C PHE J 136 -8.76 6.96 46.51
N PHE J 137 -9.27 5.81 46.06
CA PHE J 137 -10.61 5.36 46.42
C PHE J 137 -10.69 5.08 47.92
N LEU J 138 -9.69 4.37 48.46
CA LEU J 138 -9.70 3.97 49.88
C LEU J 138 -9.54 5.20 50.79
N GLU J 139 -8.77 6.20 50.35
CA GLU J 139 -8.55 7.42 51.15
C GLU J 139 -9.81 8.28 51.19
N LEU J 140 -10.43 8.49 50.02
CA LEU J 140 -11.59 9.37 49.89
C LEU J 140 -12.81 8.76 50.63
N GLU J 141 -12.92 7.43 50.61
CA GLU J 141 -14.01 6.71 51.28
C GLU J 141 -13.88 6.86 52.80
N ASP J 142 -12.68 6.62 53.32
CA ASP J 142 -12.43 6.67 54.76
C ASP J 142 -12.60 8.12 55.23
N ALA J 143 -12.12 9.07 54.42
CA ALA J 143 -12.18 10.51 54.74
C ALA J 143 -13.63 10.97 54.90
N VAL J 144 -14.50 10.52 53.99
CA VAL J 144 -15.92 10.87 54.00
C VAL J 144 -16.58 10.30 55.27
N ASN J 145 -16.13 9.12 55.70
CA ASN J 145 -16.72 8.40 56.84
C ASN J 145 -16.21 8.96 58.18
N LYS J 146 -15.04 9.62 58.16
CA LYS J 146 -14.39 10.11 59.39
C LYS J 146 -14.84 11.54 59.72
N ILE J 147 -15.20 12.32 58.68
CA ILE J 147 -15.66 13.70 58.84
C ILE J 147 -16.81 13.74 59.87
N ASP J 148 -16.77 14.77 60.72
CA ASP J 148 -17.67 14.92 61.86
C ASP J 148 -17.77 16.40 62.20
N PRO J 149 -18.85 17.12 61.78
CA PRO J 149 -18.97 18.56 62.02
C PRO J 149 -18.95 19.00 63.50
N THR J 150 -19.16 18.06 64.42
CA THR J 150 -19.27 18.33 65.85
C THR J 150 -17.89 18.45 66.51
N LYS J 151 -16.82 18.11 65.77
CA LYS J 151 -15.45 18.10 66.29
C LYS J 151 -14.73 19.39 65.83
N ASP J 152 -13.49 19.27 65.36
CA ASP J 152 -12.60 20.43 65.07
C ASP J 152 -13.10 21.16 63.83
N LYS J 153 -12.89 22.49 63.80
CA LYS J 153 -13.32 23.34 62.69
C LYS J 153 -12.11 23.71 61.82
N VAL J 154 -12.36 23.93 60.53
CA VAL J 154 -11.34 24.20 59.53
C VAL J 154 -11.31 25.72 59.26
N THR J 155 -10.25 26.38 59.73
CA THR J 155 -10.15 27.84 59.79
C THR J 155 -9.64 28.42 58.46
N GLY J 156 -8.77 27.67 57.76
CA GLY J 156 -8.01 28.23 56.64
C GLY J 156 -8.32 27.54 55.31
N ASP J 157 -9.62 27.32 55.06
CA ASP J 157 -10.08 26.65 53.84
C ASP J 157 -10.57 27.71 52.83
N LEU J 158 -9.83 27.84 51.72
CA LEU J 158 -10.08 28.85 50.68
C LEU J 158 -11.04 28.31 49.61
N ILE J 159 -11.48 27.05 49.74
CA ILE J 159 -12.40 26.48 48.77
C ILE J 159 -13.83 26.63 49.31
N TYR J 160 -14.11 26.02 50.48
CA TYR J 160 -15.47 25.90 51.03
C TYR J 160 -15.60 26.62 52.39
N ALA J 161 -14.68 27.53 52.70
CA ALA J 161 -14.71 28.31 53.97
C ALA J 161 -14.90 27.39 55.19
N GLY J 162 -14.44 26.14 55.09
CA GLY J 162 -14.45 25.20 56.21
C GLY J 162 -15.76 24.44 56.35
N ASP J 163 -16.56 24.39 55.28
CA ASP J 163 -17.80 23.62 55.25
C ASP J 163 -17.43 22.16 54.99
N VAL J 164 -17.45 21.35 56.06
CA VAL J 164 -16.91 20.00 56.05
C VAL J 164 -17.83 19.07 55.26
N THR J 165 -19.11 19.46 55.12
CA THR J 165 -20.08 18.68 54.35
C THR J 165 -19.77 18.79 52.84
N LYS J 166 -19.30 19.96 52.39
CA LYS J 166 -18.98 20.19 50.98
C LYS J 166 -17.69 19.46 50.61
N TRP J 167 -16.82 19.23 51.61
CA TRP J 167 -15.62 18.39 51.44
C TRP J 167 -16.00 16.93 51.20
N GLN J 168 -17.10 16.47 51.80
CA GLN J 168 -17.65 15.14 51.52
C GLN J 168 -18.12 15.07 50.06
N GLN J 169 -18.78 16.14 49.61
CA GLN J 169 -19.33 16.23 48.25
C GLN J 169 -18.19 16.17 47.23
N LEU J 170 -17.10 16.90 47.49
CA LEU J 170 -15.92 16.96 46.61
C LEU J 170 -15.25 15.57 46.57
N ALA J 171 -15.04 14.98 47.75
CA ALA J 171 -14.35 13.70 47.87
C ALA J 171 -15.06 12.64 47.02
N ASN J 172 -16.39 12.57 47.14
CA ASN J 172 -17.19 11.58 46.42
C ASN J 172 -17.23 11.94 44.93
N SER J 173 -17.13 13.24 44.62
CA SER J 173 -17.03 13.71 43.23
C SER J 173 -15.68 13.29 42.61
N LEU J 174 -14.58 13.39 43.37
CA LEU J 174 -13.27 12.92 42.91
C LEU J 174 -13.35 11.41 42.64
N ARG J 175 -14.07 10.67 43.50
CA ARG J 175 -14.30 9.23 43.33
C ARG J 175 -14.99 8.95 41.99
N LEU J 176 -15.91 9.83 41.58
CA LEU J 176 -16.56 9.76 40.26
C LEU J 176 -15.53 9.98 39.16
N ARG J 177 -14.71 11.03 39.31
CA ARG J 177 -13.72 11.43 38.30
C ARG J 177 -12.73 10.29 38.04
N PHE J 178 -12.19 9.73 39.12
CA PHE J 178 -11.16 8.68 39.09
C PHE J 178 -11.77 7.33 38.69
N ALA J 179 -13.03 7.08 39.07
CA ALA J 179 -13.76 5.88 38.65
C ALA J 179 -13.87 5.83 37.12
N MET J 180 -14.27 6.96 36.54
CA MET J 180 -14.42 7.08 35.09
C MET J 180 -13.05 7.07 34.40
N ARG J 181 -12.00 7.49 35.11
CA ARG J 181 -10.64 7.52 34.55
C ARG J 181 -10.12 6.10 34.30
N ILE J 182 -10.54 5.14 35.14
CA ILE J 182 -10.04 3.76 35.05
C ILE J 182 -11.08 2.87 34.34
N SER J 183 -12.02 3.50 33.61
CA SER J 183 -13.16 2.79 32.99
C SER J 183 -12.71 1.99 31.75
N SER J 184 -11.60 2.38 31.12
CA SER J 184 -11.00 1.58 30.03
C SER J 184 -10.23 0.39 30.60
N VAL J 185 -9.35 0.67 31.57
CA VAL J 185 -8.33 -0.29 31.99
C VAL J 185 -8.92 -1.33 32.94
N ASN J 186 -9.84 -0.91 33.82
CA ASN J 186 -10.48 -1.80 34.78
C ASN J 186 -11.98 -1.49 34.86
N PRO J 187 -12.78 -1.94 33.87
CA PRO J 187 -14.22 -1.63 33.80
C PRO J 187 -15.07 -2.02 35.03
N THR J 188 -14.79 -3.19 35.61
CA THR J 188 -15.60 -3.72 36.73
C THR J 188 -15.42 -2.81 37.95
N LYS J 189 -14.17 -2.59 38.34
CA LYS J 189 -13.85 -1.74 39.47
C LYS J 189 -14.37 -0.32 39.23
N ALA J 190 -14.31 0.16 37.98
CA ALA J 190 -14.75 1.49 37.61
C ALA J 190 -16.23 1.70 37.98
N GLN J 191 -17.08 0.72 37.62
CA GLN J 191 -18.53 0.79 37.84
C GLN J 191 -18.83 0.72 39.33
N THR J 192 -18.15 -0.20 40.04
CA THR J 192 -18.32 -0.39 41.48
C THR J 192 -17.97 0.89 42.23
N GLU J 193 -16.82 1.50 41.88
CA GLU J 193 -16.33 2.69 42.58
C GLU J 193 -17.23 3.90 42.28
N PHE J 194 -17.72 3.99 41.04
CA PHE J 194 -18.62 5.07 40.62
C PHE J 194 -19.94 4.98 41.41
N GLU J 195 -20.54 3.78 41.45
CA GLU J 195 -21.85 3.56 42.09
C GLU J 195 -21.73 3.75 43.61
N ASN J 196 -20.68 3.21 44.22
CA ASN J 196 -20.41 3.35 45.67
C ASN J 196 -20.33 4.82 46.08
N ALA J 197 -19.75 5.67 45.23
CA ALA J 197 -19.59 7.12 45.52
C ALA J 197 -20.95 7.82 45.57
N LEU J 198 -21.88 7.41 44.71
CA LEU J 198 -23.25 7.99 44.62
C LEU J 198 -24.06 7.69 45.88
N ALA J 199 -23.77 6.56 46.53
CA ALA J 199 -24.48 6.07 47.72
C ALA J 199 -23.73 6.43 49.01
N ALA J 200 -22.58 7.12 48.89
CA ALA J 200 -21.72 7.46 50.02
C ALA J 200 -22.30 8.66 50.80
N ASN J 201 -21.90 8.78 52.06
CA ASN J 201 -22.32 9.88 52.95
C ASN J 201 -22.02 11.22 52.27
N GLY J 202 -23.04 12.09 52.23
CA GLY J 202 -22.90 13.46 51.75
C GLY J 202 -23.22 13.62 50.27
N GLY J 203 -23.22 12.50 49.53
CA GLY J 203 -23.44 12.50 48.09
C GLY J 203 -22.35 13.24 47.34
N VAL J 204 -22.68 13.67 46.11
CA VAL J 204 -21.74 14.34 45.21
C VAL J 204 -22.20 15.79 45.02
N ILE J 205 -21.46 16.54 44.20
CA ILE J 205 -21.81 17.90 43.82
C ILE J 205 -22.95 17.81 42.79
N THR J 206 -24.15 18.26 43.21
CA THR J 206 -25.38 18.16 42.42
C THR J 206 -25.74 19.51 41.79
N ASP J 207 -25.14 20.62 42.28
CA ASP J 207 -25.33 21.93 41.62
C ASP J 207 -24.14 22.87 41.93
N ALA J 208 -24.15 24.05 41.30
CA ALA J 208 -22.98 24.96 41.18
C ALA J 208 -22.60 25.57 42.54
N SER J 209 -23.52 25.59 43.49
CA SER J 209 -23.27 26.15 44.82
C SER J 209 -22.21 25.36 45.59
N SER J 210 -21.89 24.13 45.13
CA SER J 210 -20.91 23.24 45.78
C SER J 210 -19.64 23.04 44.91
N ASP J 211 -19.51 23.84 43.85
CA ASP J 211 -18.30 23.80 43.00
C ASP J 211 -17.06 24.08 43.88
N ALA J 212 -15.99 23.31 43.66
CA ALA J 212 -14.73 23.44 44.38
C ALA J 212 -13.80 24.40 43.61
N LEU J 213 -13.76 25.65 44.07
CA LEU J 213 -13.00 26.73 43.45
C LEU J 213 -12.12 27.40 44.51
N ILE J 214 -10.82 27.41 44.27
CA ILE J 214 -9.86 28.11 45.12
C ILE J 214 -10.05 29.62 44.91
N LYS J 215 -10.15 30.38 46.02
CA LYS J 215 -10.27 31.83 45.97
C LYS J 215 -8.88 32.46 45.89
N TYR J 216 -8.69 33.36 44.93
CA TYR J 216 -7.43 34.10 44.76
C TYR J 216 -7.73 35.60 44.88
N MET J 217 -6.81 36.33 45.51
CA MET J 217 -6.90 37.77 45.66
C MET J 217 -6.41 38.42 44.37
N THR J 218 -6.66 39.74 44.24
CA THR J 218 -6.16 40.55 43.13
C THR J 218 -4.79 41.12 43.52
N ILE J 219 -3.75 40.71 42.78
CA ILE J 219 -2.40 41.28 42.94
C ILE J 219 -1.84 41.61 41.55
N ALA J 220 -1.26 42.81 41.44
CA ALA J 220 -0.67 43.31 40.20
C ALA J 220 0.33 42.28 39.66
N PHE J 221 0.32 42.08 38.34
CA PHE J 221 1.19 41.13 37.70
C PHE J 221 2.62 41.63 37.81
N SER J 222 3.47 40.78 38.41
CA SER J 222 4.90 41.00 38.52
C SER J 222 5.61 39.72 38.09
N PHE J 223 6.70 39.88 37.33
CA PHE J 223 7.54 38.76 36.89
C PHE J 223 8.92 38.85 37.53
N GLY J 224 9.03 39.69 38.57
CA GLY J 224 10.26 39.85 39.34
C GLY J 224 10.52 38.66 40.23
N GLN J 225 11.77 38.54 40.71
CA GLN J 225 12.26 37.37 41.45
C GLN J 225 11.36 37.10 42.67
N GLU J 226 10.86 38.17 43.30
CA GLU J 226 10.02 38.07 44.51
C GLU J 226 8.67 37.42 44.20
N ALA J 227 8.13 37.65 43.00
CA ALA J 227 6.77 37.23 42.63
C ALA J 227 6.61 35.70 42.69
N TYR J 228 7.74 34.98 42.61
CA TYR J 228 7.74 33.51 42.50
C TYR J 228 7.52 32.84 43.86
N SER J 229 7.53 33.60 44.95
CA SER J 229 7.28 33.06 46.29
C SER J 229 5.95 33.57 46.87
N ASP J 230 5.09 34.13 46.00
CA ASP J 230 3.80 34.73 46.37
C ASP J 230 2.67 34.02 45.62
N TYR J 231 1.84 33.26 46.34
CA TYR J 231 0.82 32.40 45.73
C TYR J 231 -0.60 32.93 45.95
N ARG J 232 -0.73 34.21 46.34
CA ARG J 232 -2.01 34.80 46.74
C ARG J 232 -2.93 35.02 45.53
N GLY J 233 -2.35 35.15 44.32
CA GLY J 233 -3.11 35.38 43.09
C GLY J 233 -3.00 34.20 42.12
N ASN J 234 -3.94 34.11 41.18
CA ASN J 234 -3.93 33.09 40.12
C ASN J 234 -2.77 33.40 39.14
N SER J 235 -1.69 32.62 39.24
CA SER J 235 -0.50 32.82 38.41
C SER J 235 -0.70 32.21 37.01
N LEU J 236 -1.68 31.30 36.86
CA LEU J 236 -1.97 30.78 35.54
C LEU J 236 -2.50 31.91 34.66
N SER J 237 -3.44 32.69 35.21
CA SER J 237 -4.03 33.81 34.52
C SER J 237 -2.95 34.83 34.16
N GLN J 238 -2.06 35.12 35.13
CA GLN J 238 -0.90 36.01 34.91
C GLN J 238 -0.14 35.55 33.67
N LEU J 239 0.16 34.25 33.63
CA LEU J 239 1.05 33.71 32.60
C LEU J 239 0.38 33.73 31.23
N LEU J 240 -0.95 33.49 31.19
CA LEU J 240 -1.71 33.52 29.94
C LEU J 240 -1.84 34.97 29.42
N PHE J 241 -1.67 35.94 30.31
CA PHE J 241 -1.48 37.33 29.91
C PHE J 241 -0.13 37.47 29.21
N GLY J 242 0.94 37.06 29.93
CA GLY J 242 2.28 36.88 29.37
C GLY J 242 3.33 37.78 30.02
N ASN J 243 4.52 37.20 30.21
CA ASN J 243 5.76 37.93 30.46
C ASN J 243 6.05 38.88 29.29
N ASP J 244 5.58 38.51 28.08
CA ASP J 244 5.77 39.27 26.84
C ASP J 244 4.42 39.38 26.14
N PRO J 245 3.48 40.19 26.68
CA PRO J 245 2.05 40.13 26.31
C PRO J 245 1.63 40.72 24.95
N ALA J 246 2.39 41.69 24.43
CA ALA J 246 2.11 42.28 23.11
C ALA J 246 2.52 41.29 22.00
N ASN J 247 3.73 40.75 22.09
CA ASN J 247 4.32 39.90 21.04
C ASN J 247 3.79 38.47 21.14
N ASN J 248 3.62 37.98 22.38
CA ASN J 248 3.28 36.57 22.65
C ASN J 248 2.13 36.48 23.65
N PRO J 249 0.90 36.88 23.22
CA PRO J 249 -0.32 36.62 23.99
C PRO J 249 -0.81 35.17 23.86
N SER J 250 -1.96 34.88 24.47
CA SER J 250 -2.61 33.58 24.37
C SER J 250 -3.51 33.52 23.14
N TYR J 251 -2.90 33.18 21.99
CA TYR J 251 -3.60 32.87 20.75
C TYR J 251 -4.27 31.50 20.87
N LEU J 252 -5.49 31.38 20.33
CA LEU J 252 -6.24 30.15 20.38
C LEU J 252 -5.80 29.22 19.22
N CYS J 253 -5.78 27.93 19.52
CA CYS J 253 -5.59 26.89 18.56
C CYS J 253 -6.87 26.72 17.72
N SER J 254 -6.70 26.39 16.44
CA SER J 254 -7.78 26.28 15.47
C SER J 254 -8.76 25.15 15.86
N THR J 255 -8.21 24.05 16.37
CA THR J 255 -9.04 22.92 16.80
C THR J 255 -10.15 23.44 17.76
N PHE J 256 -9.75 24.28 18.71
CA PHE J 256 -10.62 24.78 19.77
C PHE J 256 -11.56 25.85 19.21
N PHE J 257 -10.98 26.91 18.65
CA PHE J 257 -11.77 28.00 18.07
C PHE J 257 -12.78 27.45 17.07
N ASN J 258 -12.34 26.53 16.21
CA ASN J 258 -13.20 25.98 15.16
C ASN J 258 -14.32 25.14 15.77
N GLN J 259 -14.01 24.41 16.86
CA GLN J 259 -15.04 23.65 17.58
C GLN J 259 -16.17 24.62 17.97
N LEU J 260 -15.80 25.69 18.68
CA LEU J 260 -16.76 26.67 19.15
C LEU J 260 -17.48 27.32 17.97
N TYR J 261 -16.71 27.92 17.05
CA TYR J 261 -17.27 28.74 15.97
C TYR J 261 -18.19 27.91 15.08
N ASN J 262 -17.69 26.75 14.61
CA ASN J 262 -18.39 25.91 13.63
C ASN J 262 -19.62 25.24 14.24
N SER J 263 -19.65 25.06 15.57
CA SER J 263 -20.80 24.41 16.26
C SER J 263 -21.83 25.46 16.69
N GLY J 264 -21.52 26.75 16.53
CA GLY J 264 -22.41 27.85 16.94
C GLY J 264 -22.47 28.00 18.45
N ASP J 265 -21.39 27.57 19.13
CA ASP J 265 -21.31 27.57 20.58
C ASP J 265 -21.40 29.00 21.09
N PRO J 266 -22.32 29.30 22.04
CA PRO J 266 -22.46 30.67 22.56
C PRO J 266 -21.24 31.21 23.34
N ARG J 267 -20.25 30.35 23.64
CA ARG J 267 -19.06 30.74 24.39
C ARG J 267 -17.94 31.19 23.44
N THR J 268 -18.14 31.02 22.13
CA THR J 268 -17.16 31.32 21.11
C THR J 268 -16.49 32.67 21.38
N PHE J 269 -17.33 33.70 21.52
CA PHE J 269 -16.86 35.07 21.69
C PHE J 269 -17.02 35.51 23.15
N LYS J 270 -17.13 34.53 24.06
CA LYS J 270 -16.97 34.76 25.49
C LYS J 270 -15.54 34.37 25.87
N ILE J 271 -15.09 33.22 25.36
CA ILE J 271 -13.76 32.67 25.63
C ILE J 271 -12.70 33.46 24.84
N SER J 272 -13.03 33.87 23.60
CA SER J 272 -12.07 34.51 22.71
C SER J 272 -12.62 35.82 22.15
N ARG J 273 -11.68 36.74 21.87
CA ARG J 273 -11.91 37.97 21.11
C ARG J 273 -10.71 38.18 20.18
N CYS J 274 -10.85 39.14 19.26
CA CYS J 274 -9.74 39.67 18.48
C CYS J 274 -9.44 41.10 18.93
N TYR J 275 -8.19 41.33 19.37
CA TYR J 275 -7.76 42.59 19.96
C TYR J 275 -6.61 43.21 19.14
N TYR J 276 -6.64 44.54 19.00
CA TYR J 276 -5.45 45.37 18.73
C TYR J 276 -4.83 45.77 20.08
N ASP J 277 -3.53 45.48 20.25
CA ASP J 277 -2.83 45.63 21.52
C ASP J 277 -1.69 46.66 21.40
N GLY J 278 -1.83 47.59 20.45
CA GLY J 278 -0.84 48.64 20.23
C GLY J 278 -0.74 49.60 21.40
N LEU J 279 -1.87 49.80 22.09
CA LEU J 279 -1.96 50.75 23.21
C LEU J 279 -2.00 50.01 24.56
N MET J 280 -1.93 48.67 24.52
CA MET J 280 -2.08 47.84 25.71
C MET J 280 -0.98 48.16 26.73
N SER J 281 -1.33 48.10 28.01
CA SER J 281 -0.39 48.16 29.12
C SER J 281 0.48 46.90 29.11
N ALA J 282 1.76 47.04 29.46
CA ALA J 282 2.69 45.92 29.55
C ALA J 282 2.47 45.14 30.85
N THR J 283 1.69 45.71 31.78
CA THR J 283 1.50 45.21 33.15
C THR J 283 0.18 44.44 33.29
N SER J 284 -0.81 44.75 32.45
CA SER J 284 -2.16 44.22 32.59
C SER J 284 -2.91 44.32 31.27
N PRO J 285 -4.00 43.55 31.07
CA PRO J 285 -4.74 43.58 29.81
C PRO J 285 -5.71 44.77 29.65
N ASP J 286 -5.21 45.99 29.93
CA ASP J 286 -5.98 47.22 29.83
C ASP J 286 -5.60 47.94 28.54
N ASN J 287 -6.56 48.69 27.98
CA ASN J 287 -6.43 49.56 26.80
C ASN J 287 -6.33 48.72 25.51
N ARG J 288 -6.86 47.50 25.54
CA ARG J 288 -6.98 46.67 24.33
C ARG J 288 -8.14 47.21 23.48
N VAL J 289 -8.02 47.08 22.16
CA VAL J 289 -9.02 47.55 21.22
C VAL J 289 -9.68 46.31 20.61
N ASP J 290 -10.95 46.10 20.95
CA ASP J 290 -11.72 44.95 20.52
C ASP J 290 -12.22 45.23 19.09
N ILE J 291 -11.83 44.34 18.15
CA ILE J 291 -12.18 44.49 16.73
C ILE J 291 -13.05 43.32 16.29
N THR J 292 -13.57 42.54 17.25
CA THR J 292 -14.28 41.30 16.96
C THR J 292 -15.55 41.58 16.14
N GLN J 293 -16.36 42.55 16.62
CA GLN J 293 -17.62 42.91 15.97
C GLN J 293 -17.32 43.48 14.58
N GLU J 294 -16.31 44.35 14.49
CA GLU J 294 -15.91 44.95 13.23
C GLU J 294 -15.60 43.85 12.20
N MET J 295 -14.87 42.82 12.62
CA MET J 295 -14.44 41.75 11.72
C MET J 295 -15.67 40.97 11.22
N ILE J 296 -16.61 40.67 12.13
CA ILE J 296 -17.85 39.95 11.78
C ILE J 296 -18.64 40.78 10.74
N GLU J 297 -18.79 42.09 11.01
CA GLU J 297 -19.54 43.01 10.13
C GLU J 297 -18.91 43.09 8.74
N LYS J 298 -17.58 43.26 8.70
CA LYS J 298 -16.85 43.51 7.46
C LYS J 298 -16.61 42.18 6.72
N GLY J 299 -16.89 41.06 7.39
CA GLY J 299 -16.77 39.71 6.82
C GLY J 299 -15.32 39.23 6.75
N ILE J 300 -14.51 39.60 7.75
CA ILE J 300 -13.10 39.22 7.83
C ILE J 300 -13.00 37.84 8.47
N ALA J 301 -12.22 36.95 7.85
CA ALA J 301 -12.03 35.60 8.35
C ALA J 301 -11.09 35.63 9.55
N PHE J 302 -11.42 34.81 10.55
CA PHE J 302 -10.56 34.57 11.70
C PHE J 302 -9.49 33.57 11.28
N SER J 303 -8.28 33.75 11.82
CA SER J 303 -7.16 32.92 11.42
C SER J 303 -6.53 32.25 12.65
N PRO J 304 -7.23 31.33 13.32
CA PRO J 304 -6.66 30.64 14.48
C PRO J 304 -5.49 29.74 14.05
N ARG J 305 -4.63 29.41 15.01
CA ARG J 305 -3.34 28.76 14.74
C ARG J 305 -3.51 27.24 14.73
N ASP J 306 -3.23 26.62 13.58
CA ASP J 306 -3.16 25.15 13.45
C ASP J 306 -2.06 24.64 14.39
N PRO J 307 -2.22 23.44 15.01
CA PRO J 307 -1.15 22.86 15.83
C PRO J 307 0.23 22.88 15.14
N GLY J 308 1.20 23.48 15.82
CA GLY J 308 2.58 23.56 15.34
C GLY J 308 2.93 24.93 14.79
N ALA J 309 1.93 25.82 14.67
CA ALA J 309 2.09 27.13 14.08
C ALA J 309 2.38 28.17 15.16
N TYR J 310 3.26 29.12 14.81
CA TYR J 310 3.44 30.37 15.53
C TYR J 310 2.45 31.40 14.98
N SER J 311 2.33 32.53 15.68
CA SER J 311 1.51 33.66 15.27
C SER J 311 2.00 34.25 13.94
N TRP J 312 3.31 34.11 13.65
CA TRP J 312 3.94 34.84 12.53
C TRP J 312 4.05 34.00 11.24
N GLU J 313 3.79 32.69 11.28
CA GLU J 313 3.82 31.83 10.07
C GLU J 313 2.76 30.74 10.22
N PRO J 314 1.77 30.65 9.30
CA PRO J 314 1.57 31.62 8.22
C PRO J 314 1.10 32.99 8.75
N TRP J 315 1.67 34.05 8.16
CA TRP J 315 1.29 35.43 8.46
C TRP J 315 -0.06 35.71 7.83
N PRO J 316 -1.12 36.07 8.60
CA PRO J 316 -2.46 36.19 8.05
C PRO J 316 -2.62 37.35 7.06
N THR J 317 -3.43 37.13 6.03
CA THR J 317 -4.08 38.20 5.26
C THR J 317 -4.95 38.98 6.24
N GLY J 318 -4.69 40.29 6.35
CA GLY J 318 -5.39 41.14 7.33
C GLY J 318 -6.56 41.87 6.70
N TYR J 319 -6.75 43.12 7.16
CA TYR J 319 -7.73 44.08 6.64
C TYR J 319 -7.43 45.45 7.27
N ASP J 320 -8.04 46.51 6.72
CA ASP J 320 -7.90 47.87 7.27
C ASP J 320 -9.05 48.13 8.27
N SER J 321 -8.68 48.35 9.53
CA SER J 321 -9.63 48.58 10.63
C SER J 321 -10.02 50.06 10.68
N ASP J 322 -11.35 50.31 10.65
CA ASP J 322 -11.94 51.64 10.71
C ASP J 322 -11.85 52.20 12.15
N ILE J 323 -11.99 51.32 13.14
CA ILE J 323 -11.87 51.68 14.55
C ILE J 323 -10.46 52.24 14.81
N CYS J 324 -9.44 51.49 14.35
CA CYS J 324 -8.04 51.85 14.54
C CYS J 324 -7.68 53.06 13.67
N ALA J 325 -8.30 53.17 12.50
CA ALA J 325 -8.14 54.33 11.60
C ALA J 325 -8.57 55.61 12.33
N GLU J 326 -9.74 55.54 13.01
CA GLU J 326 -10.30 56.67 13.78
C GLU J 326 -9.34 57.03 14.92
N LEU J 327 -8.79 56.00 15.57
CA LEU J 327 -7.91 56.14 16.73
C LEU J 327 -6.58 56.81 16.33
N ALA J 328 -6.21 56.71 15.04
CA ALA J 328 -4.89 57.10 14.54
C ALA J 328 -4.84 58.56 14.08
N VAL J 329 -6.00 59.23 13.99
CA VAL J 329 -6.03 60.63 13.54
C VAL J 329 -5.54 61.52 14.70
N ASN J 330 -5.68 61.06 15.94
CA ASN J 330 -5.22 61.77 17.14
C ASN J 330 -4.07 61.00 17.83
N ASN J 331 -3.59 59.93 17.17
CA ASN J 331 -2.57 59.05 17.75
C ASN J 331 -1.84 58.34 16.61
N PRO J 332 -0.88 59.01 15.93
CA PRO J 332 -0.29 58.48 14.70
C PRO J 332 0.59 57.24 14.94
N SER J 333 0.81 56.94 16.23
CA SER J 333 1.41 55.71 16.75
C SER J 333 0.68 54.45 16.25
N VAL J 334 -0.63 54.57 16.00
CA VAL J 334 -1.54 53.43 15.74
C VAL J 334 -1.58 53.16 14.23
N THR J 335 -1.57 51.87 13.84
CA THR J 335 -1.86 51.43 12.45
C THR J 335 -3.32 51.00 12.29
N ALA J 336 -3.90 51.32 11.14
CA ALA J 336 -5.21 50.83 10.73
C ALA J 336 -5.11 49.42 10.17
N THR J 337 -3.93 49.08 9.62
CA THR J 337 -3.67 47.80 8.96
C THR J 337 -3.43 46.72 10.02
N MET J 338 -4.43 45.84 10.20
CA MET J 338 -4.35 44.70 11.12
C MET J 338 -3.72 43.52 10.37
N ALA J 339 -3.04 42.64 11.11
CA ALA J 339 -2.49 41.41 10.56
C ALA J 339 -2.77 40.24 11.50
N ARG J 340 -1.90 40.07 12.51
CA ARG J 340 -2.01 38.95 13.42
C ARG J 340 -3.19 39.17 14.37
N GLU J 341 -3.79 40.36 14.32
CA GLU J 341 -4.91 40.70 15.18
C GLU J 341 -6.17 39.90 14.77
N VAL J 342 -6.20 39.39 13.53
CA VAL J 342 -7.33 38.55 13.07
C VAL J 342 -7.23 37.13 13.62
N GLU J 343 -6.14 36.82 14.33
CA GLU J 343 -5.99 35.53 15.02
C GLU J 343 -6.68 35.63 16.39
N PRO J 344 -7.72 34.82 16.68
CA PRO J 344 -8.41 34.90 17.97
C PRO J 344 -7.48 34.79 19.18
N LYS J 345 -7.78 35.57 20.22
CA LYS J 345 -7.07 35.56 21.50
C LYS J 345 -8.06 35.30 22.66
N LEU J 346 -7.49 34.84 23.78
CA LEU J 346 -8.22 34.58 25.00
C LEU J 346 -8.77 35.90 25.55
N ALA J 347 -10.06 35.90 25.91
CA ALA J 347 -10.75 37.10 26.37
C ALA J 347 -10.15 37.59 27.69
N ASN J 348 -10.24 38.91 27.91
CA ASN J 348 -9.72 39.59 29.13
C ASN J 348 -10.30 38.98 30.41
N ASN J 349 -11.51 38.41 30.33
CA ASN J 349 -12.18 37.81 31.49
C ASN J 349 -11.32 36.72 32.13
N PHE J 350 -10.43 36.09 31.34
CA PHE J 350 -9.62 34.94 31.78
C PHE J 350 -8.16 35.34 32.03
N LEU J 351 -7.85 36.64 32.02
CA LEU J 351 -6.50 37.18 32.28
C LEU J 351 -6.50 38.03 33.55
N LYS J 352 -7.25 37.58 34.58
CA LYS J 352 -7.39 38.30 35.84
C LYS J 352 -6.78 37.47 36.97
N SER J 353 -6.06 38.15 37.87
CA SER J 353 -5.54 37.57 39.12
C SER J 353 -6.70 37.04 39.97
N ASP J 354 -7.90 37.64 39.81
CA ASP J 354 -9.16 37.25 40.45
C ASP J 354 -9.52 35.79 40.16
N ASN J 355 -9.26 35.35 38.92
CA ASN J 355 -9.79 34.12 38.35
C ASN J 355 -9.67 32.99 39.37
N PRO J 356 -10.72 32.16 39.55
CA PRO J 356 -10.66 31.04 40.49
C PRO J 356 -9.81 29.86 39.98
N GLY J 357 -9.26 29.11 40.95
CA GLY J 357 -8.60 27.83 40.72
C GLY J 357 -9.59 26.68 40.71
N VAL J 358 -9.96 26.25 39.50
CA VAL J 358 -10.95 25.19 39.30
C VAL J 358 -10.35 23.87 39.78
N VAL J 359 -11.01 23.23 40.74
CA VAL J 359 -10.67 21.88 41.17
C VAL J 359 -11.65 20.91 40.49
N MET J 360 -12.94 21.07 40.81
CA MET J 360 -14.00 20.25 40.21
C MET J 360 -15.32 21.03 40.23
N THR J 361 -16.12 20.83 39.18
CA THR J 361 -17.36 21.56 38.97
C THR J 361 -18.53 20.56 38.86
N SER J 362 -19.74 21.07 39.06
CA SER J 362 -21.00 20.31 38.96
C SER J 362 -21.25 19.89 37.50
N ALA J 363 -20.77 20.72 36.57
CA ALA J 363 -20.87 20.46 35.15
C ALA J 363 -20.19 19.12 34.84
N GLU J 364 -18.96 18.94 35.36
CA GLU J 364 -18.19 17.71 35.20
C GLU J 364 -18.99 16.53 35.72
N VAL J 365 -19.46 16.64 36.98
CA VAL J 365 -20.23 15.56 37.64
C VAL J 365 -21.35 15.11 36.71
N LYS J 366 -22.00 16.07 36.03
CA LYS J 366 -23.07 15.79 35.05
C LYS J 366 -22.54 14.96 33.85
N PHE J 367 -21.42 15.40 33.25
CA PHE J 367 -20.84 14.69 32.09
C PHE J 367 -20.44 13.26 32.51
N LEU J 368 -19.88 13.11 33.71
CA LEU J 368 -19.50 11.80 34.27
C LEU J 368 -20.74 10.92 34.47
N MET J 369 -21.84 11.53 34.96
CA MET J 369 -23.14 10.86 35.12
C MET J 369 -23.66 10.42 33.74
N ALA J 370 -23.55 11.31 32.76
CA ALA J 370 -24.02 11.06 31.40
C ALA J 370 -23.26 9.89 30.78
N GLU J 371 -21.94 9.85 30.98
CA GLU J 371 -21.07 8.81 30.40
C GLU J 371 -21.36 7.47 31.10
N ALA J 372 -21.38 7.51 32.44
CA ALA J 372 -21.74 6.35 33.26
C ALA J 372 -23.06 5.74 32.74
N THR J 373 -24.02 6.58 32.39
CA THR J 373 -25.36 6.13 31.94
C THR J 373 -25.24 5.45 30.58
N VAL J 374 -24.45 6.03 29.66
CA VAL J 374 -24.28 5.47 28.33
C VAL J 374 -23.64 4.08 28.44
N LYS J 375 -22.77 3.87 29.44
CA LYS J 375 -22.07 2.58 29.65
C LYS J 375 -22.93 1.58 30.46
N LYS J 376 -24.19 1.93 30.72
CA LYS J 376 -25.20 1.05 31.34
C LYS J 376 -24.84 0.73 32.80
N TRP J 377 -24.31 1.72 33.51
CA TRP J 377 -24.12 1.65 34.96
C TRP J 377 -25.42 2.11 35.66
N ASN J 378 -25.60 1.68 36.92
CA ASN J 378 -26.82 1.95 37.71
C ASN J 378 -26.61 3.26 38.48
N VAL J 379 -27.14 4.35 37.91
CA VAL J 379 -26.67 5.71 38.21
C VAL J 379 -27.85 6.63 38.59
N GLY J 380 -29.06 6.10 38.59
CA GLY J 380 -30.26 6.89 38.90
C GLY J 380 -31.33 6.74 37.84
N SER J 381 -32.30 7.67 37.84
CA SER J 381 -33.47 7.61 36.98
C SER J 381 -33.40 8.67 35.87
N VAL J 382 -32.32 9.47 35.83
CA VAL J 382 -32.19 10.54 34.85
C VAL J 382 -31.46 9.98 33.62
N SER J 383 -32.01 10.32 32.44
CA SER J 383 -31.51 9.85 31.15
C SER J 383 -30.15 10.50 30.84
N ALA J 384 -29.36 9.81 30.00
CA ALA J 384 -28.03 10.27 29.57
C ALA J 384 -28.15 11.64 28.89
N GLU J 385 -29.16 11.77 28.00
CA GLU J 385 -29.41 12.98 27.23
C GLU J 385 -29.65 14.17 28.18
N ASP J 386 -30.51 13.98 29.19
CA ASP J 386 -30.89 15.08 30.09
C ASP J 386 -29.68 15.45 30.96
N LEU J 387 -28.93 14.44 31.43
CA LEU J 387 -27.69 14.68 32.20
C LEU J 387 -26.68 15.48 31.37
N TYR J 388 -26.52 15.12 30.09
CA TYR J 388 -25.61 15.80 29.16
C TYR J 388 -26.05 17.27 29.02
N LYS J 389 -27.35 17.48 28.79
CA LYS J 389 -27.92 18.81 28.59
C LYS J 389 -27.70 19.67 29.84
N GLN J 390 -27.92 19.09 31.02
CA GLN J 390 -27.65 19.75 32.31
C GLN J 390 -26.17 20.13 32.37
N GLY J 391 -25.30 19.22 31.91
CA GLY J 391 -23.86 19.42 31.87
C GLY J 391 -23.45 20.65 31.07
N VAL J 392 -23.99 20.77 29.86
CA VAL J 392 -23.64 21.86 28.94
C VAL J 392 -24.14 23.19 29.53
N ARG J 393 -25.39 23.22 29.99
CA ARG J 393 -25.97 24.43 30.61
C ARG J 393 -25.04 24.90 31.74
N ALA J 394 -24.68 23.97 32.63
CA ALA J 394 -23.86 24.26 33.80
C ALA J 394 -22.49 24.79 33.35
N ALA J 395 -21.92 24.17 32.32
CA ALA J 395 -20.61 24.58 31.76
C ALA J 395 -20.68 26.02 31.22
N ILE J 396 -21.81 26.38 30.61
CA ILE J 396 -22.03 27.72 30.01
C ILE J 396 -22.25 28.75 31.12
N ASP J 397 -23.13 28.43 32.08
CA ASP J 397 -23.47 29.33 33.19
C ASP J 397 -22.22 29.55 34.07
N PHE J 398 -21.30 28.58 34.06
CA PHE J 398 -20.04 28.64 34.83
C PHE J 398 -19.21 29.87 34.44
N LEU J 399 -19.25 30.26 33.15
CA LEU J 399 -18.56 31.45 32.65
C LEU J 399 -19.24 32.72 33.20
N THR J 400 -20.59 32.73 33.18
CA THR J 400 -21.38 33.85 33.70
C THR J 400 -21.10 34.06 35.19
N ASP J 401 -21.03 32.97 35.94
CA ASP J 401 -21.00 33.00 37.40
C ASP J 401 -19.58 33.34 37.91
N ASN J 402 -18.54 32.92 37.21
CA ASN J 402 -17.18 32.91 37.79
C ASN J 402 -16.18 33.78 37.01
N TYR J 403 -16.48 34.19 35.77
CA TYR J 403 -15.53 35.00 34.96
C TYR J 403 -16.18 36.30 34.44
N GLY J 404 -17.43 36.55 34.84
CA GLY J 404 -18.12 37.80 34.55
C GLY J 404 -18.50 37.94 33.08
N CYS J 405 -18.70 36.81 32.39
CA CYS J 405 -19.11 36.79 30.98
C CYS J 405 -20.61 37.09 30.87
N THR J 406 -21.03 37.56 29.69
CA THR J 406 -22.43 37.85 29.42
C THR J 406 -23.24 36.56 29.56
N ALA J 407 -24.45 36.70 30.13
CA ALA J 407 -25.33 35.58 30.35
C ALA J 407 -25.76 35.00 29.00
N THR J 408 -25.93 33.67 28.98
CA THR J 408 -26.45 32.95 27.82
C THR J 408 -27.95 32.76 28.04
N THR J 409 -28.77 33.28 27.11
CA THR J 409 -30.23 33.24 27.22
C THR J 409 -30.73 31.82 26.94
N ASP J 410 -31.94 31.53 27.41
CA ASP J 410 -32.62 30.24 27.17
C ASP J 410 -32.69 29.97 25.66
N ALA J 411 -33.07 31.00 24.90
CA ALA J 411 -33.20 30.95 23.43
C ALA J 411 -31.86 30.59 22.78
N GLU J 412 -30.78 31.22 23.25
CA GLU J 412 -29.42 30.97 22.76
C GLU J 412 -29.01 29.51 23.04
N PHE J 413 -29.22 29.06 24.30
CA PHE J 413 -28.88 27.69 24.69
C PHE J 413 -29.64 26.68 23.83
N ASP J 414 -30.96 26.92 23.68
CA ASP J 414 -31.86 26.02 22.97
C ASP J 414 -31.42 25.87 21.51
N ALA J 415 -31.05 26.98 20.87
CA ALA J 415 -30.61 26.99 19.47
C ALA J 415 -29.40 26.05 19.30
N PHE J 416 -28.44 26.15 20.23
CA PHE J 416 -27.19 25.39 20.19
C PHE J 416 -27.49 23.90 20.43
N ILE J 417 -28.19 23.59 21.53
CA ILE J 417 -28.34 22.22 21.99
C ILE J 417 -29.26 21.43 21.04
N GLN J 418 -30.00 22.13 20.17
CA GLN J 418 -30.93 21.51 19.22
C GLN J 418 -30.27 21.29 17.85
N ASP J 419 -29.06 21.83 17.65
CA ASP J 419 -28.37 21.77 16.37
C ASP J 419 -27.04 21.03 16.60
N LYS J 420 -25.92 21.76 16.64
CA LYS J 420 -24.56 21.17 16.69
C LYS J 420 -24.20 20.74 18.11
N GLY J 421 -24.80 21.42 19.11
CA GLY J 421 -24.62 21.06 20.51
C GLY J 421 -25.35 19.78 20.90
N ALA J 422 -26.03 19.14 19.92
CA ALA J 422 -26.88 18.00 20.16
C ALA J 422 -26.07 16.80 20.65
N PHE J 423 -26.67 16.05 21.58
CA PHE J 423 -26.29 14.69 21.97
C PHE J 423 -26.44 13.80 20.72
N GLY J 424 -25.66 12.72 20.66
CA GLY J 424 -25.72 11.81 19.51
C GLY J 424 -27.00 10.97 19.49
N HIS J 425 -27.06 10.06 18.51
CA HIS J 425 -28.00 8.93 18.46
C HIS J 425 -27.27 7.62 18.84
N THR J 426 -26.08 7.41 18.28
CA THR J 426 -25.25 6.22 18.59
C THR J 426 -24.50 6.46 19.91
N ASP J 427 -23.99 5.36 20.50
CA ASP J 427 -23.16 5.40 21.71
C ASP J 427 -21.90 6.25 21.46
N ASN J 428 -21.24 6.03 20.32
CA ASN J 428 -19.99 6.74 19.95
C ASN J 428 -20.24 8.25 19.91
N GLN J 429 -21.33 8.67 19.26
CA GLN J 429 -21.67 10.10 19.07
C GLN J 429 -21.94 10.77 20.42
N LYS J 430 -22.51 9.99 21.35
CA LYS J 430 -22.85 10.46 22.68
C LYS J 430 -21.57 10.65 23.49
N LEU J 431 -20.71 9.62 23.49
CA LEU J 431 -19.41 9.65 24.18
C LEU J 431 -18.57 10.83 23.64
N GLU J 432 -18.62 11.05 22.32
CA GLU J 432 -17.89 12.14 21.66
C GLU J 432 -18.43 13.51 22.14
N ALA J 433 -19.76 13.64 22.16
CA ALA J 433 -20.40 14.90 22.54
C ALA J 433 -20.03 15.25 23.99
N ILE J 434 -20.30 14.29 24.91
CA ILE J 434 -20.00 14.42 26.34
C ILE J 434 -18.55 14.91 26.52
N ASN J 435 -17.60 14.18 25.92
CA ASN J 435 -16.19 14.41 26.22
C ASN J 435 -15.67 15.63 25.44
N THR J 436 -16.24 15.95 24.28
CA THR J 436 -15.92 17.21 23.59
C THR J 436 -16.39 18.39 24.47
N GLN J 437 -17.61 18.28 24.99
CA GLN J 437 -18.19 19.33 25.82
C GLN J 437 -17.39 19.47 27.14
N ALA J 438 -16.93 18.35 27.71
CA ALA J 438 -16.13 18.38 28.93
C ALA J 438 -14.79 19.06 28.65
N TRP J 439 -14.25 18.82 27.44
CA TRP J 439 -13.01 19.46 26.94
C TRP J 439 -13.10 21.00 27.06
N ILE J 440 -14.20 21.58 26.55
CA ILE J 440 -14.45 23.03 26.60
C ILE J 440 -14.57 23.50 28.06
N LEU J 441 -15.23 22.71 28.89
CA LEU J 441 -15.44 23.03 30.33
C LEU J 441 -14.07 23.15 31.04
N HIS J 442 -13.14 22.26 30.69
CA HIS J 442 -11.88 22.10 31.40
C HIS J 442 -10.82 23.11 30.93
N PHE J 443 -11.17 24.05 30.05
CA PHE J 443 -10.20 25.03 29.55
C PHE J 443 -9.39 25.63 30.70
N THR J 444 -10.08 25.97 31.80
CA THR J 444 -9.44 26.63 32.95
C THR J 444 -8.91 25.60 33.96
N ASN J 445 -8.96 24.31 33.61
CA ASN J 445 -8.42 23.21 34.43
C ASN J 445 -7.48 22.36 33.56
N PRO J 446 -6.33 22.89 33.11
CA PRO J 446 -5.50 22.20 32.10
C PRO J 446 -5.11 20.77 32.50
N ALA J 447 -4.80 20.54 33.78
CA ALA J 447 -4.44 19.20 34.30
C ALA J 447 -5.56 18.20 34.01
N GLU J 448 -6.81 18.59 34.30
CA GLU J 448 -7.96 17.70 34.10
C GLU J 448 -8.30 17.61 32.61
N CYS J 449 -8.16 18.74 31.90
CA CYS J 449 -8.42 18.78 30.45
C CYS J 449 -7.55 17.72 29.74
N TRP J 450 -6.23 17.77 29.97
CA TRP J 450 -5.31 16.84 29.34
C TRP J 450 -5.60 15.39 29.74
N ALA J 451 -5.87 15.16 31.03
CA ALA J 451 -6.09 13.82 31.53
C ALA J 451 -7.29 13.18 30.79
N ASN J 452 -8.40 13.93 30.66
CA ASN J 452 -9.66 13.39 30.13
C ASN J 452 -9.58 13.24 28.61
N VAL J 453 -8.82 14.10 27.92
CA VAL J 453 -8.60 13.97 26.47
C VAL J 453 -7.89 12.64 26.19
N ARG J 454 -6.84 12.35 26.96
CA ARG J 454 -6.06 11.12 26.84
C ARG J 454 -6.91 9.90 27.17
N ARG J 455 -7.75 10.00 28.21
CA ARG J 455 -8.54 8.88 28.73
C ARG J 455 -9.70 8.55 27.76
N SER J 456 -10.51 9.56 27.46
CA SER J 456 -11.74 9.40 26.68
C SER J 456 -11.41 9.17 25.19
N GLY J 457 -10.34 9.82 24.70
CA GLY J 457 -9.95 9.79 23.29
C GLY J 457 -10.64 10.85 22.46
N TYR J 458 -11.27 11.83 23.13
CA TYR J 458 -12.06 12.89 22.46
C TYR J 458 -11.67 14.25 23.03
N PRO J 459 -11.67 15.32 22.20
CA PRO J 459 -11.86 15.20 20.76
C PRO J 459 -10.68 14.47 20.10
N LYS J 460 -10.91 13.86 18.95
CA LYS J 460 -9.87 13.16 18.22
C LYS J 460 -8.89 14.19 17.67
N LEU J 461 -7.70 14.25 18.27
CA LEU J 461 -6.69 15.24 17.90
C LEU J 461 -5.68 14.62 16.94
N LYS J 462 -5.37 15.37 15.87
CA LYS J 462 -4.31 15.02 14.93
C LYS J 462 -3.01 15.71 15.34
N SER J 463 -1.89 15.03 15.08
CA SER J 463 -0.56 15.51 15.41
C SER J 463 -0.19 16.72 14.55
N PRO J 464 0.66 17.65 15.06
CA PRO J 464 1.18 18.75 14.25
C PRO J 464 1.76 18.29 12.91
N ALA J 465 2.24 17.04 12.84
CA ALA J 465 2.74 16.45 11.59
C ALA J 465 1.68 16.54 10.48
N GLU J 466 0.41 16.40 10.86
CA GLU J 466 -0.70 16.36 9.90
C GLU J 466 -1.04 17.77 9.40
N TYR J 467 -0.53 18.81 10.07
CA TYR J 467 -0.78 20.20 9.67
C TYR J 467 0.47 20.81 9.01
N GLY J 468 1.47 19.98 8.72
CA GLY J 468 2.64 20.35 7.89
C GLY J 468 3.83 20.86 8.71
N PHE J 469 3.98 20.38 9.95
CA PHE J 469 5.05 20.82 10.85
C PHE J 469 5.85 19.61 11.36
N GLY J 470 5.81 18.50 10.62
CA GLY J 470 6.57 17.26 10.91
C GLY J 470 8.06 17.51 11.10
N GLN J 471 8.61 18.45 10.32
CA GLN J 471 10.06 18.75 10.23
C GLN J 471 10.59 19.34 11.55
N TYR J 472 9.66 19.85 12.38
CA TYR J 472 10.00 20.53 13.62
C TYR J 472 9.85 19.60 14.83
N LEU J 473 9.22 18.44 14.65
CA LEU J 473 8.82 17.56 15.77
C LEU J 473 10.03 16.76 16.28
N THR J 474 10.90 17.43 17.03
CA THR J 474 12.22 16.91 17.42
C THR J 474 12.09 15.72 18.40
N GLY J 475 11.07 15.73 19.26
CA GLY J 475 10.89 14.70 20.28
C GLY J 475 9.99 13.55 19.82
N GLY J 476 9.62 13.54 18.53
CA GLY J 476 8.79 12.47 17.98
C GLY J 476 7.50 12.98 17.36
N THR J 477 6.88 12.12 16.54
CA THR J 477 5.78 12.47 15.64
C THR J 477 4.44 12.51 16.40
N GLU J 478 4.23 11.54 17.28
CA GLU J 478 2.95 11.42 17.98
C GLU J 478 2.90 12.45 19.11
N ILE J 479 1.69 12.91 19.43
CA ILE J 479 1.48 13.82 20.55
C ILE J 479 1.88 13.06 21.81
N PRO J 480 2.76 13.61 22.67
CA PRO J 480 3.13 12.94 23.92
C PRO J 480 1.90 12.60 24.79
N VAL J 481 2.03 11.58 25.63
CA VAL J 481 0.94 11.09 26.47
C VAL J 481 1.35 11.06 27.95
N ARG J 482 2.59 11.45 28.26
CA ARG J 482 3.04 11.73 29.62
C ARG J 482 4.20 12.71 29.56
N LEU J 483 4.71 13.08 30.74
CA LEU J 483 5.98 13.81 30.84
C LEU J 483 6.97 12.89 31.56
N CYS J 484 8.26 13.14 31.30
CA CYS J 484 9.34 12.33 31.84
C CYS J 484 9.67 12.79 33.27
N TYR J 485 10.21 11.87 34.08
CA TYR J 485 10.67 12.19 35.42
C TYR J 485 11.83 13.18 35.35
N PRO J 486 11.99 14.07 36.36
CA PRO J 486 13.21 14.86 36.49
C PRO J 486 14.46 13.98 36.61
N VAL J 487 15.51 14.34 35.86
CA VAL J 487 16.73 13.54 35.72
C VAL J 487 17.50 13.52 37.06
N LEU J 488 17.26 14.52 37.92
CA LEU J 488 17.88 14.58 39.26
C LEU J 488 17.42 13.41 40.15
N GLU J 489 16.33 12.72 39.76
CA GLU J 489 15.81 11.56 40.50
C GLU J 489 16.73 10.34 40.32
N SER J 490 17.48 10.32 39.21
CA SER J 490 18.47 9.27 38.95
C SER J 490 19.59 9.30 40.00
N SER J 491 19.74 10.43 40.70
CA SER J 491 20.72 10.59 41.78
C SER J 491 20.04 10.43 43.15
N TYR J 492 19.00 11.24 43.42
CA TYR J 492 18.37 11.33 44.75
C TYR J 492 17.68 10.01 45.13
N ASN J 493 17.14 9.28 44.14
CA ASN J 493 16.30 8.11 44.40
C ASN J 493 16.51 7.07 43.30
N LYS J 494 17.78 6.69 43.10
CA LYS J 494 18.25 5.91 41.92
C LYS J 494 17.51 4.56 41.81
N LYS J 495 17.50 3.80 42.92
CA LYS J 495 16.93 2.43 42.93
C LYS J 495 15.44 2.48 42.57
N SER J 496 14.69 3.37 43.22
CA SER J 496 13.26 3.54 42.96
C SER J 496 13.02 4.01 41.52
N TYR J 497 13.77 5.05 41.14
CA TYR J 497 13.73 5.68 39.82
C TYR J 497 13.94 4.64 38.71
N ASN J 498 14.97 3.80 38.88
CA ASN J 498 15.35 2.77 37.90
C ASN J 498 14.25 1.71 37.79
N GLU J 499 13.68 1.30 38.93
CA GLU J 499 12.63 0.28 38.99
C GLU J 499 11.44 0.71 38.13
N ALA J 500 11.03 1.97 38.30
CA ALA J 500 9.87 2.56 37.63
C ALA J 500 10.10 2.64 36.12
N ILE J 501 11.35 2.92 35.72
CA ILE J 501 11.74 3.01 34.32
C ILE J 501 11.85 1.60 33.73
N GLU J 502 12.28 0.64 34.55
CA GLU J 502 12.40 -0.76 34.11
C GLU J 502 11.01 -1.30 33.73
N ARG J 503 9.97 -0.86 34.44
CA ARG J 503 8.57 -1.27 34.20
C ARG J 503 8.03 -0.76 32.86
N MET J 504 8.51 0.42 32.43
CA MET J 504 8.07 1.05 31.18
C MET J 504 8.84 0.47 29.97
N GLY J 505 9.80 -0.43 30.22
CA GLY J 505 10.59 -1.06 29.15
C GLY J 505 12.05 -0.59 29.13
N GLY J 506 12.46 0.17 30.15
CA GLY J 506 13.85 0.55 30.36
C GLY J 506 14.18 1.94 29.82
N THR J 507 13.16 2.67 29.36
CA THR J 507 13.34 4.03 28.87
C THR J 507 12.25 4.92 29.47
N ASP J 508 12.65 6.14 29.87
CA ASP J 508 11.75 7.18 30.34
C ASP J 508 11.25 7.96 29.11
N ASN J 509 10.18 7.46 28.49
CA ASN J 509 9.70 7.92 27.19
C ASN J 509 8.32 8.60 27.36
N TRP J 510 8.13 9.76 26.73
CA TRP J 510 6.86 10.52 26.88
C TRP J 510 5.80 10.09 25.87
N HIS J 511 6.09 9.01 25.11
CA HIS J 511 5.12 8.32 24.26
C HIS J 511 4.60 7.03 24.93
N SER J 512 5.05 6.76 26.16
CA SER J 512 4.60 5.59 26.92
C SER J 512 3.26 5.88 27.59
N LEU J 513 2.24 5.08 27.24
CA LEU J 513 0.90 5.19 27.79
C LEU J 513 0.95 4.93 29.30
N LEU J 514 0.31 5.83 30.05
CA LEU J 514 0.05 5.64 31.46
C LEU J 514 -0.87 4.43 31.61
N TRP J 515 -0.81 3.80 32.79
CA TRP J 515 -1.59 2.61 33.13
C TRP J 515 -3.07 2.77 32.71
N TRP J 516 -3.71 3.90 33.06
CA TRP J 516 -5.16 4.08 32.83
C TRP J 516 -5.48 4.45 31.37
N ASP J 517 -4.45 4.81 30.58
CA ASP J 517 -4.60 5.25 29.17
C ASP J 517 -4.32 4.06 28.24
N THR J 518 -5.38 3.46 27.69
CA THR J 518 -5.33 2.21 26.93
C THR J 518 -5.15 2.48 25.43
N GLU J 519 -5.96 3.39 24.88
CA GLU J 519 -5.99 3.71 23.44
C GLU J 519 -4.99 4.86 23.19
N ASN J 520 -4.83 5.22 21.91
CA ASN J 520 -4.01 6.36 21.48
C ASN J 520 -4.79 7.14 20.41
#